data_1S9L
#
_entry.id   1S9L
#
_cell.length_a   1.000
_cell.length_b   1.000
_cell.length_c   1.000
_cell.angle_alpha   90.00
_cell.angle_beta   90.00
_cell.angle_gamma   90.00
#
_symmetry.space_group_name_H-M   'P 1'
#
_entity_poly.entity_id   1
_entity_poly.type   'polyribonucleotide'
_entity_poly.pdbx_seq_one_letter_code
;(TLN)(LCG)(LCG)(LCG)(TLN)
;
_entity_poly.pdbx_strand_id   A,B,C,D
#
loop_
_chem_comp.id
_chem_comp.type
_chem_comp.name
_chem_comp.formula
LCG RNA linking '[(1R,3R,4R,7S)-7-HYDROXY-3-(GUANIN-9-YL)-2,5-DIOXABICYCLO[2.2.1]HEPT-1-YL]METHYL DIHYDROGEN PHOSPHATE' 'C11 H14 N5 O8 P'
TLN RNA linking '[(1R,3R,4R,7S)-7-HYDROXY-3-(THYMIN-1-YL)-2,5-DIOXABICYCLO[2.2.1]HEPT-1-YL]METHYL DIHYDROGEN PHOSPHATE' 'C11 H15 N2 O9 P'
#
# COMPACT_ATOMS: atom_id res chain seq x y z
O5' TLN A 1 5.07 -0.03 12.48
C5' TLN A 1 6.09 -0.28 11.52
C4' TLN A 1 6.40 0.95 10.66
O4' TLN A 1 7.40 0.63 9.64
C1' TLN A 1 7.33 1.67 8.62
N1 TLN A 1 7.10 1.17 7.23
C6 TLN A 1 6.66 -0.23 7.00
C5 TLN A 1 6.58 -0.73 5.75
C5M TLN A 1 6.28 -2.19 5.50
C4 TLN A 1 6.88 0.23 4.55
O4 TLN A 1 6.78 -0.11 3.38
N3 TLN A 1 7.26 1.50 4.87
C2 TLN A 1 7.38 1.99 6.14
O2 TLN A 1 7.73 3.16 6.27
C3' TLN A 1 5.23 1.51 9.82
C2' TLN A 1 6.21 2.53 9.23
O2' TLN A 1 6.74 3.23 10.39
O3' TLN A 1 4.18 2.11 10.60
C6' TLN A 1 6.88 2.22 11.41
H5' TLN A 1 5.78 -1.13 10.88
H5'' TLN A 1 7.00 -0.63 12.04
H1' TLN A 1 8.28 2.23 8.65
H6 TLN A 1 6.39 -0.82 7.88
H71 TLN A 1 5.67 -2.33 4.58
H72 TLN A 1 7.20 -2.78 5.37
H73 TLN A 1 5.70 -2.65 6.32
H3 TLN A 1 7.47 2.14 4.09
H3' TLN A 1 4.82 0.81 9.07
H2' TLN A 1 5.74 3.18 8.48
H6'1 TLN A 1 6.24 2.46 12.28
H6'2 TLN A 1 7.92 2.13 11.76
HO5' TLN A 1 4.29 0.24 11.97
P LCG A 2 2.80 2.69 9.98
OP1 LCG A 2 1.89 3.19 11.10
O5' LCG A 2 3.11 3.89 8.96
C5' LCG A 2 3.73 5.14 9.33
C3' LCG A 2 2.98 6.18 7.08
C6' LCG A 2 4.82 7.27 8.15
N9 LCG A 2 4.41 4.25 5.14
C8 LCG A 2 3.96 3.03 5.61
C4 LCG A 2 4.40 3.97 3.78
N7 LCG A 2 3.67 1.99 4.77
C5 LCG A 2 3.97 2.62 3.60
C6 LCG A 2 3.89 1.98 2.19
C2' LCG A 2 4.01 6.64 6.05
O6 LCG A 2 3.52 0.82 2.03
C4' LCG A 2 4.14 5.88 8.04
C1' LCG A 2 4.95 5.43 5.91
C2 LCG A 2 4.68 4.22 1.39
N1 LCG A 2 4.25 2.80 1.17
O4' LCG A 2 5.09 5.07 7.30
OP2 LCG A 2 2.08 1.57 9.21
N2 LCG A 2 5.04 5.05 0.33
N3 LCG A 2 4.75 4.71 2.59
O2' LCG A 2 4.73 7.70 6.76
O3' LCG A 2 2.08 7.20 7.55
H5' LCG A 2 4.60 4.97 9.99
H5'' LCG A 2 3.01 5.76 9.90
H3' LCG A 2 2.42 5.27 6.75
H6'1 LCG A 2 4.25 7.95 8.82
H6'2 LCG A 2 5.86 7.21 8.50
H8 LCG A 2 3.87 2.87 6.68
H2' LCG A 2 3.58 6.99 5.09
H1' LCG A 2 5.93 5.73 5.49
H1 LCG A 2 4.19 2.35 0.24
H21 LCG A 2 5.00 4.67 -0.63
H22 LCG A 2 5.33 6.02 0.51
P LCG A 3 0.68 7.55 6.85
OP1 LCG A 3 -0.04 8.64 7.64
O5' LCG A 3 0.95 8.06 5.34
C5' LCG A 3 1.62 9.30 5.00
C3' LCG A 3 0.58 9.19 2.70
C6' LCG A 3 2.56 10.52 2.84
N9 LCG A 3 1.66 6.49 1.67
C8 LCG A 3 1.19 5.68 2.70
C4 LCG A 3 1.52 5.60 0.61
N7 LCG A 3 0.80 4.39 2.48
C5 LCG A 3 1.02 4.37 1.13
C6 LCG A 3 0.85 3.12 0.21
C2' LCG A 3 1.43 9.06 1.45
O6 LCG A 3 0.47 2.04 0.65
C4' LCG A 3 1.88 9.30 3.50
C1' LCG A 3 2.33 7.82 1.76
C2 LCG A 3 1.62 4.67 -1.60
N1 LCG A 3 1.17 3.34 -1.10
O4' LCG A 3 2.68 8.13 3.12
OP2 LCG A 3 -0.20 6.30 6.79
N2 LCG A 3 1.84 4.89 -2.98
N3 LCG A 3 1.80 5.67 -0.81
O2' LCG A 3 2.26 10.25 1.45
O3' LCG A 3 -0.23 10.38 2.75
H5' LCG A 3 2.58 9.38 5.52
H5'' LCG A 3 0.98 10.16 5.24
H3' LCG A 3 0.00 8.28 2.96
H6'1 LCG A 3 2.12 11.48 3.17
H6'2 LCG A 3 3.65 10.55 3.03
H8 LCG A 3 1.19 6.05 3.72
H2' LCG A 3 0.81 8.96 0.55
H1' LCG A 3 3.24 7.83 1.13
H1 LCG A 3 1.02 2.51 -1.70
H21 LCG A 3 1.68 4.11 -3.63
H22 LCG A 3 2.14 5.81 -3.30
P LCG A 4 -1.73 10.47 2.16
OP1 LCG A 4 -2.34 11.84 2.50
O5' LCG A 4 -1.71 10.28 0.55
C5' LCG A 4 -1.05 11.18 -0.36
C3' LCG A 4 -2.35 10.04 -2.29
C6' LCG A 4 -0.39 11.23 -2.95
N9 LCG A 4 -1.37 7.15 -2.02
C8 LCG A 4 -1.61 6.88 -0.68
C4 LCG A 4 -1.65 5.89 -2.55
N7 LCG A 4 -1.97 5.64 -0.24
C5 LCG A 4 -1.97 5.02 -1.46
C6 LCG A 4 -2.27 3.52 -1.70
C2' LCG A 4 -1.63 9.31 -3.41
O6 LCG A 4 -2.54 2.75 -0.77
C4' LCG A 4 -0.99 10.48 -1.73
C1' LCG A 4 -0.70 8.35 -2.63
C2 LCG A 4 -1.92 4.08 -4.12
N1 LCG A 4 -2.22 3.13 -3.01
O4' LCG A 4 -0.22 9.25 -1.61
OP2 LCG A 4 -2.60 9.38 2.78
N2 LCG A 4 -1.95 3.65 -5.46
N3 LCG A 4 -1.63 5.32 -3.87
O2' LCG A 4 -0.81 10.34 -4.02
O3' LCG A 4 -3.19 11.14 -2.74
H5' LCG A 4 -0.04 11.44 0.00
H5'' LCG A 4 -1.62 12.13 -0.42
H3' LCG A 4 -2.91 9.38 -1.60
H6'1 LCG A 4 -0.81 12.24 -3.08
H6'2 LCG A 4 0.71 11.31 -2.90
H8 LCG A 4 -1.46 7.66 0.05
H2' LCG A 4 -2.30 8.80 -4.12
H1' LCG A 4 0.13 8.01 -3.27
H1 LCG A 4 -2.46 2.13 -3.15
H21 LCG A 4 -2.16 2.66 -5.66
H22 LCG A 4 -1.75 4.32 -6.20
P TLN A 5 -4.80 11.12 -2.63
OP1 TLN A 5 -5.36 12.44 -3.16
OP2 TLN A 5 -5.20 10.94 -1.17
O5' TLN A 5 -5.38 9.89 -3.49
C5' TLN A 5 -5.23 9.80 -4.92
C4' TLN A 5 -5.50 8.35 -5.36
O4' TLN A 5 -4.56 7.41 -4.77
C1' TLN A 5 -5.17 6.09 -4.87
N1 TLN A 5 -5.39 5.48 -3.52
C6 TLN A 5 -5.31 6.31 -2.30
C5 TLN A 5 -5.41 5.74 -1.08
C5M TLN A 5 -5.28 6.63 0.13
C4 TLN A 5 -5.66 4.21 -0.99
O4 TLN A 5 -5.75 3.61 0.08
N3 TLN A 5 -5.76 3.53 -2.17
C2 TLN A 5 -5.62 4.11 -3.41
O2 TLN A 5 -5.70 3.38 -4.39
C3' TLN A 5 -6.89 7.76 -5.03
C2' TLN A 5 -6.45 6.44 -5.68
O2' TLN A 5 -6.04 6.83 -7.02
O3' TLN A 5 -7.99 8.38 -5.70
C6' TLN A 5 -5.43 8.14 -6.87
H5' TLN A 5 -4.22 10.10 -5.24
H5'' TLN A 5 -5.93 10.49 -5.43
H1' TLN A 5 -4.51 5.44 -5.47
H6 TLN A 5 -5.17 7.39 -2.39
H71 TLN A 5 -4.87 6.07 0.99
H72 TLN A 5 -4.60 7.48 -0.06
H73 TLN A 5 -6.27 7.05 0.41
H3 TLN A 5 -5.92 2.51 -2.13
H3' TLN A 5 -7.09 7.70 -3.95
H2' TLN A 5 -7.22 5.66 -5.69
HO3' TLN A 5 -8.76 7.82 -5.52
H6'1 TLN A 5 -6.02 8.92 -7.38
H6'2 TLN A 5 -4.39 8.17 -7.22
O5' TLN B 1 3.45 -12.68 1.73
C5' TLN B 1 4.60 -11.85 1.83
C4' TLN B 1 4.58 -10.99 3.11
O4' TLN B 1 5.74 -10.12 3.15
C1' TLN B 1 5.46 -9.07 4.12
N1 TLN B 1 5.55 -7.67 3.59
C6 TLN B 1 5.65 -7.43 2.13
C5 TLN B 1 5.89 -6.18 1.65
C5M TLN B 1 6.13 -5.94 0.18
C4 TLN B 1 5.95 -5.01 2.67
O4 TLN B 1 6.10 -3.84 2.32
N3 TLN B 1 5.83 -5.32 3.99
C2 TLN B 1 5.64 -6.59 4.47
O2 TLN B 1 5.56 -6.72 5.69
C3' TLN B 1 3.40 -10.02 3.27
C2' TLN B 1 4.04 -9.51 4.55
O2' TLN B 1 4.19 -10.70 5.37
O3' TLN B 1 2.12 -10.67 3.48
C6' TLN B 1 4.53 -11.77 4.46
H5' TLN B 1 4.66 -11.19 0.93
H5'' TLN B 1 5.51 -12.47 1.80
H1' TLN B 1 6.16 -9.18 4.97
H6 TLN B 1 5.52 -8.29 1.48
H71 TLN B 1 5.73 -4.97 -0.15
H72 TLN B 1 7.22 -5.93 -0.05
H73 TLN B 1 5.68 -6.71 -0.46
H3 TLN B 1 5.87 -4.56 4.67
H3' TLN B 1 3.33 -9.24 2.48
H2' TLN B 1 3.48 -8.70 5.02
H6'1 TLN B 1 3.75 -12.55 4.46
H6'2 TLN B 1 5.49 -12.24 4.71
HO5' TLN B 1 2.69 -12.09 1.73
P LCG B 2 0.71 -9.87 3.57
OP1 LCG B 2 -0.43 -10.88 3.73
O5' LCG B 2 0.72 -8.86 4.82
C5' LCG B 2 0.85 -9.26 6.20
C3' LCG B 2 0.07 -6.91 6.95
C6' LCG B 2 1.33 -8.13 8.57
N9 LCG B 2 2.22 -5.19 5.57
C8 LCG B 2 2.14 -5.67 4.27
C4 LCG B 2 2.46 -3.85 5.29
N7 LCG B 2 2.29 -4.87 3.19
C5 LCG B 2 2.48 -3.69 3.86
C6 LCG B 2 2.77 -2.32 3.21
C2' LCG B 2 1.01 -5.97 7.72
O6 LCG B 2 2.82 -2.18 1.99
C4' LCG B 2 1.15 -8.00 7.04
C1' LCG B 2 2.29 -5.98 6.86
C2 LCG B 2 2.90 -1.50 5.59
N1 LCG B 2 2.97 -1.29 4.11
O4' LCG B 2 2.37 -7.38 6.57
OP2 LCG B 2 0.49 -9.07 2.29
N2 LCG B 2 3.08 -0.43 6.47
N3 LCG B 2 2.67 -2.67 6.09
O2' LCG B 2 1.28 -6.72 8.95
O3' LCG B 2 -1.16 -7.25 7.65
H5' LCG B 2 1.64 -10.01 6.33
H5'' LCG B 2 -0.09 -9.73 6.55
H3' LCG B 2 -0.14 -6.56 5.92
H6'1 LCG B 2 0.52 -8.71 9.04
H6'2 LCG B 2 2.30 -8.59 8.84
H8 LCG B 2 1.99 -6.73 4.10
H2' LCG B 2 0.61 -4.97 7.91
H1' LCG B 2 3.17 -5.66 7.44
H1 LCG B 2 3.16 -0.38 3.65
H21 LCG B 2 3.28 0.51 6.09
H22 LCG B 2 3.04 -0.59 7.49
P LCG B 3 -2.53 -6.41 7.50
OP1 LCG B 3 -3.63 -7.11 8.30
O5' LCG B 3 -2.33 -4.92 8.04
C5' LCG B 3 -2.05 -4.57 9.41
C3' LCG B 3 -2.71 -2.17 8.95
C6' LCG B 3 -1.27 -2.47 10.83
N9 LCG B 3 -0.74 -1.44 6.69
C8 LCG B 3 -1.05 -2.45 5.80
C4 LCG B 3 -0.47 -0.42 5.80
N7 LCG B 3 -1.01 -2.25 4.45
C5 LCG B 3 -0.62 -0.94 4.47
C6 LCG B 3 -0.30 -0.07 3.23
C2' LCG B 3 -1.70 -1.05 9.06
O6 LCG B 3 -0.38 -0.51 2.09
C4' LCG B 3 -1.61 -3.11 9.47
C1' LCG B 3 -0.52 -1.52 8.18
C2 LCG B 3 0.19 1.73 4.91
N1 LCG B 3 0.10 1.21 3.51
O4' LCG B 3 -0.46 -2.90 8.60
OP2 LCG B 3 -2.93 -6.36 6.02
N2 LCG B 3 0.50 3.07 5.17
N3 LCG B 3 -0.04 0.96 5.92
O2' LCG B 3 -1.28 -1.07 10.46
O3' LCG B 3 -3.85 -2.04 9.83
H5' LCG B 3 -1.24 -5.19 9.83
H5'' LCG B 3 -2.96 -4.70 10.03
H3' LCG B 3 -3.02 -2.42 7.91
H6'1 LCG B 3 -2.03 -2.69 11.61
H6'2 LCG B 3 -0.28 -2.79 11.21
H8 LCG B 3 -1.30 -3.44 6.17
H2' LCG B 3 -2.13 -0.10 8.76
H1' LCG B 3 0.42 -0.99 8.45
H1 LCG B 3 0.29 1.77 2.67
H21 LCG B 3 0.67 3.69 4.37
H22 LCG B 3 0.55 3.40 6.14
P LCG B 4 -5.21 -1.25 9.43
OP1 LCG B 4 -6.23 -1.42 10.56
O5' LCG B 4 -4.90 0.32 9.22
C5' LCG B 4 -4.44 1.23 10.24
C3' LCG B 4 -4.96 3.24 8.69
C6' LCG B 4 -3.36 3.66 10.39
N9 LCG B 4 -3.25 2.51 6.26
C8 LCG B 4 -3.65 1.23 5.96
C4 LCG B 4 -3.13 3.01 4.96
N7 LCG B 4 -3.78 0.79 4.67
C5 LCG B 4 -3.42 1.95 4.05
C6 LCG B 4 -3.26 2.15 2.52
C2' LCG B 4 -3.85 4.15 8.17
O6 LCG B 4 -3.45 1.23 1.71
C4' LCG B 4 -3.92 2.50 9.55
C1' LCG B 4 -2.84 3.13 7.57
C2 LCG B 4 -2.68 4.51 3.14
N1 LCG B 4 -2.89 3.41 2.14
O4' LCG B 4 -2.86 2.13 8.62
OP2 LCG B 4 -5.78 -1.83 8.14
N2 LCG B 4 -2.40 5.82 2.72
N3 LCG B 4 -2.77 4.29 4.40
O2' LCG B 4 -3.26 4.70 9.39
O3' LCG B 4 -5.96 3.99 9.40
H5' LCG B 4 -3.63 0.75 10.83
H5'' LCG B 4 -5.25 1.45 10.95
H3' LCG B 4 -5.42 2.62 7.90
H6'1 LCG B 4 -4.03 3.96 11.22
H6'2 LCG B 4 -2.36 3.42 10.83
H8 LCG B 4 -3.83 0.52 6.76
H2' LCG B 4 -4.18 4.92 7.45
H1' LCG B 4 -1.83 3.57 7.48
H1 LCG B 4 -2.77 3.51 1.12
H21 LCG B 4 -2.30 6.01 1.71
H22 LCG B 4 -2.28 6.56 3.42
P TLN B 5 -7.43 3.43 9.80
OP1 TLN B 5 -7.51 3.26 11.32
OP2 TLN B 5 -7.69 2.07 9.13
O5' TLN B 5 -8.56 4.48 9.32
C5' TLN B 5 -8.43 5.90 9.49
C4' TLN B 5 -8.03 6.59 8.17
O4' TLN B 5 -6.76 6.09 7.64
C1' TLN B 5 -6.71 6.49 6.24
N1 TLN B 5 -6.62 5.33 5.29
C6 TLN B 5 -7.04 3.99 5.75
C5 TLN B 5 -7.04 2.95 4.88
C5M TLN B 5 -7.48 1.59 5.36
C4 TLN B 5 -6.63 3.21 3.41
O4 TLN B 5 -6.61 2.32 2.55
N3 TLN B 5 -6.25 4.48 3.09
C2 TLN B 5 -6.25 5.52 3.97
O2 TLN B 5 -5.88 6.62 3.54
C3' TLN B 5 -9.00 6.50 6.99
C2' TLN B 5 -8.01 7.32 6.15
O2' TLN B 5 -7.82 8.53 6.93
O3' TLN B 5 -10.26 7.14 7.18
C6' TLN B 5 -7.87 8.11 8.31
H5' TLN B 5 -7.68 6.14 10.28
H5'' TLN B 5 -9.38 6.32 9.86
H1' TLN B 5 -5.82 7.15 6.09
H6 TLN B 5 -7.36 3.84 6.78
H71 TLN B 5 -8.50 1.37 5.00
H72 TLN B 5 -6.79 0.81 5.00
H73 TLN B 5 -7.49 1.51 6.46
H3 TLN B 5 -5.98 4.66 2.12
H3' TLN B 5 -9.15 5.46 6.62
H2' TLN B 5 -8.35 7.54 5.11
HO3' TLN B 5 -10.69 7.13 6.32
H6'1 TLN B 5 -8.76 8.52 8.82
H6'2 TLN B 5 -6.95 8.36 8.86
O5' TLN C 1 8.67 10.11 -0.03
C5' TLN C 1 9.36 8.88 0.11
C4' TLN C 1 9.31 8.04 -1.18
O4' TLN C 1 9.98 6.75 -0.98
C1' TLN C 1 9.53 5.86 -2.04
N1 TLN C 1 8.92 4.58 -1.59
C6 TLN C 1 8.54 4.41 -0.16
C5 TLN C 1 8.11 3.20 0.29
C5M TLN C 1 7.87 2.96 1.76
C4 TLN C 1 7.94 2.04 -0.74
O4 TLN C 1 7.49 0.93 -0.42
N3 TLN C 1 8.29 2.31 -2.03
C2 TLN C 1 8.77 3.51 -2.47
O2 TLN C 1 9.04 3.60 -3.66
C3' TLN C 1 7.91 7.62 -1.68
C2' TLN C 1 8.59 6.83 -2.79
O2' TLN C 1 9.40 7.81 -3.49
O3' TLN C 1 7.11 8.73 -2.17
C6' TLN C 1 9.92 8.68 -2.45
H5' TLN C 1 8.92 8.31 0.95
H5'' TLN C 1 10.41 9.07 0.39
H1' TLN C 1 10.41 5.63 -2.68
H6 TLN C 1 8.61 5.27 0.48
H71 TLN C 1 7.61 3.89 2.32
H72 TLN C 1 7.03 2.27 1.93
H73 TLN C 1 8.75 2.52 2.25
H3 TLN C 1 8.18 1.56 -2.72
H3' TLN C 1 7.33 6.99 -0.98
H2' TLN C 1 7.88 6.30 -3.43
H6'1 TLN C 1 9.56 9.72 -2.61
H6'2 TLN C 1 11.02 8.70 -2.43
HO5' TLN C 1 7.77 9.89 -0.26
P LCG C 2 5.57 8.59 -2.65
OP1 LCG C 2 5.03 9.96 -3.05
O5' LCG C 2 5.48 7.59 -3.92
C5' LCG C 2 6.09 7.83 -5.21
C3' LCG C 2 4.63 5.96 -6.25
C6' LCG C 2 6.65 6.46 -7.42
N9 LCG C 2 5.47 3.59 -4.47
C8 LCG C 2 5.26 4.13 -3.21
C4 LCG C 2 5.05 2.29 -4.22
N7 LCG C 2 4.79 3.39 -2.18
C5 LCG C 2 4.66 2.20 -2.85
C6 LCG C 2 4.19 0.87 -2.22
C2' LCG C 2 5.27 4.69 -6.81
O6 LCG C 2 3.87 0.79 -1.03
C4' LCG C 2 6.06 6.50 -6.00
C1' LCG C 2 6.17 4.20 -5.65
C2 LCG C 2 4.56 -0.05 -4.53
N1 LCG C 2 4.16 -0.19 -3.09
O4' LCG C 2 6.76 5.46 -5.28
OP2 LCG C 2 4.73 8.02 -1.52
N2 LCG C 2 4.51 -1.16 -5.39
N3 LCG C 2 4.97 1.08 -5.00
O2' LCG C 2 6.12 5.18 -7.89
O3' LCG C 2 3.88 6.74 -7.20
H5' LCG C 2 7.13 8.17 -5.08
H5'' LCG C 2 5.56 8.62 -5.74
H3' LCG C 2 4.04 5.78 -5.33
H6'1 LCG C 2 6.29 7.30 -8.05
H6'2 LCG C 2 7.75 6.47 -7.42
H8 LCG C 2 5.53 5.16 -3.02
H2' LCG C 2 4.55 3.93 -7.16
H1' LCG C 2 6.96 3.52 -6.03
H1 LCG C 2 3.86 -1.08 -2.65
H21 LCG C 2 4.21 -2.06 -5.02
H22 LCG C 2 4.79 -1.04 -6.37
P LCG C 3 2.30 6.56 -7.45
OP1 LCG C 3 1.81 7.61 -8.46
O5' LCG C 3 1.99 5.08 -8.02
C5' LCG C 3 2.44 4.59 -9.30
C3' LCG C 3 0.76 2.70 -9.15
C6' LCG C 3 2.61 2.28 -10.59
N9 LCG C 3 1.62 1.34 -6.52
C8 LCG C 3 1.53 2.43 -5.68
C4 LCG C 3 1.22 0.34 -5.64
N7 LCG C 3 1.15 2.31 -4.37
C5 LCG C 3 0.97 0.95 -4.36
C6 LCG C 3 0.59 0.09 -3.14
C2' LCG C 3 1.20 1.26 -9.07
O6 LCG C 3 0.41 0.59 -2.03
C4' LCG C 3 2.23 3.08 -9.32
C1' LCG C 3 2.21 1.25 -7.90
C2 LCG C 3 0.70 -1.84 -4.74
N1 LCG C 3 0.48 -1.25 -3.38
O4' LCG C 3 2.94 2.45 -8.22
OP2 LCG C 3 1.54 6.75 -6.13
N2 LCG C 3 0.49 -3.21 -4.98
N3 LCG C 3 1.07 -1.09 -5.73
O2' LCG C 3 1.93 1.04 -10.31
O3' LCG C 3 -0.09 3.01 -10.29
H5' LCG C 3 3.51 4.79 -9.46
H5'' LCG C 3 1.85 5.05 -10.11
H3' LCG C 3 0.33 3.10 -8.21
H6'1 LCG C 3 2.22 2.75 -11.51
H6'2 LCG C 3 3.70 2.14 -10.69
H8 LCG C 3 1.81 3.41 -6.04
H2' LCG C 3 0.36 0.59 -8.94
H1' LCG C 3 2.88 0.37 -7.96
H1 LCG C 3 0.22 -1.80 -2.55
H21 LCG C 3 0.18 -3.80 -4.21
H22 LCG C 3 0.65 -3.58 -5.93
P LCG C 4 -1.70 2.86 -10.29
OP1 LCG C 4 -2.24 3.38 -11.62
O5' LCG C 4 -2.12 1.32 -10.09
C5' LCG C 4 -1.83 0.26 -11.03
C3' LCG C 4 -3.51 -1.27 -9.77
C6' LCG C 4 -1.88 -2.40 -11.06
N9 LCG C 4 -2.30 -1.21 -6.96
C8 LCG C 4 -2.19 0.15 -6.70
C4 LCG C 4 -2.71 -1.64 -5.71
N7 LCG C 4 -2.44 0.68 -5.46
C5 LCG C 4 -2.75 -0.50 -4.83
C6 LCG C 4 -3.08 -0.67 -3.33
C2' LCG C 4 -3.04 -2.53 -9.05
O6 LCG C 4 -3.07 0.28 -2.54
C4' LCG C 4 -2.09 -1.07 -10.31
C1' LCG C 4 -1.89 -2.00 -8.17
C2 LCG C 4 -3.39 -3.09 -3.91
N1 LCG C 4 -3.37 -1.95 -2.94
O4' LCG C 4 -1.23 -1.14 -9.13
OP2 LCG C 4 -2.28 3.69 -9.15
N2 LCG C 4 -3.79 -4.38 -3.51
N3 LCG C 4 -3.07 -2.91 -5.15
O2' LCG C 4 -2.47 -3.34 -10.12
O3' LCG C 4 -4.54 -1.56 -10.74
H5' LCG C 4 -0.79 0.32 -11.37
H5'' LCG C 4 -2.47 0.36 -11.93
H3' LCG C 4 -3.84 -0.47 -9.08
H6'1 LCG C 4 -2.40 -2.43 -12.04
H6'2 LCG C 4 -0.80 -2.62 -11.23
H8 LCG C 4 -1.86 0.82 -7.48
H2' LCG C 4 -3.82 -3.06 -8.48
H1' LCG C 4 -1.20 -2.82 -7.87
H1 LCG C 4 -3.56 -2.04 -1.92
H21 LCG C 4 -4.03 -4.53 -2.52
H22 LCG C 4 -3.82 -5.13 -4.20
P TLN C 5 -5.48 -0.45 -11.45
OP1 TLN C 5 -5.10 -0.35 -12.93
OP2 TLN C 5 -5.30 0.92 -10.79
O5' TLN C 5 -7.04 -0.90 -11.32
C5' TLN C 5 -7.47 -2.27 -11.53
C4' TLN C 5 -7.74 -2.98 -10.19
O4' TLN C 5 -6.55 -3.04 -9.34
C1' TLN C 5 -7.01 -3.34 -7.99
N1 TLN C 5 -6.68 -2.27 -7.00
C6 TLN C 5 -6.36 -0.90 -7.47
C5 TLN C 5 -6.12 0.09 -6.58
C5M TLN C 5 -5.81 1.47 -7.07
C4 TLN C 5 -6.23 -0.24 -5.06
O4 TLN C 5 -6.04 0.59 -4.18
N3 TLN C 5 -6.52 -1.53 -4.72
C2 TLN C 5 -6.75 -2.53 -5.64
O2 TLN C 5 -7.00 -3.66 -5.19
C3' TLN C 5 -8.83 -2.42 -9.27
C2' TLN C 5 -8.53 -3.53 -8.27
O2' TLN C 5 -8.68 -4.74 -9.04
O3' TLN C 5 -10.16 -2.47 -9.80
C6' TLN C 5 -8.21 -4.42 -10.37
H5' TLN C 5 -6.74 -2.84 -12.13
H5'' TLN C 5 -8.40 -2.26 -12.14
H1' TLN C 5 -6.56 -4.29 -7.67
H6 TLN C 5 -6.33 -0.69 -8.54
H71 TLN C 5 -6.71 2.11 -7.02
H72 TLN C 5 -5.01 1.93 -6.47
H73 TLN C 5 -5.46 1.48 -8.13
H3 TLN C 5 -6.59 -1.76 -3.73
H3' TLN C 5 -8.61 -1.40 -8.91
H2' TLN C 5 -9.16 -3.52 -7.36
HO3' TLN C 5 -10.74 -2.23 -9.07
H6'1 TLN C 5 -9.03 -4.45 -11.10
H6'2 TLN C 5 -7.38 -5.08 -10.69
O5' TLN D 1 7.67 -2.72 -10.71
C5' TLN D 1 8.41 -2.84 -9.50
C4' TLN D 1 7.95 -4.04 -8.65
O4' TLN D 1 8.71 -4.10 -7.40
C1' TLN D 1 7.95 -4.94 -6.48
N1 TLN D 1 7.59 -4.30 -5.18
C6 TLN D 1 7.71 -2.83 -5.01
C5 TLN D 1 7.53 -2.27 -3.79
C5M TLN D 1 7.79 -0.80 -3.57
C4 TLN D 1 7.09 -3.18 -2.61
O4 TLN D 1 6.84 -2.75 -1.48
N3 TLN D 1 6.98 -4.52 -2.87
C2 TLN D 1 7.21 -5.09 -4.10
O2 TLN D 1 7.07 -6.31 -4.18
C3' TLN D 1 6.48 -4.02 -8.19
C2' TLN D 1 6.77 -5.30 -7.41
O2' TLN D 1 7.25 -6.23 -8.41
O3' TLN D 1 5.52 -4.17 -9.25
C6' TLN D 1 8.05 -5.44 -9.32
H5' TLN D 1 8.32 -1.90 -8.93
H5'' TLN D 1 9.49 -2.94 -9.75
H1' TLN D 1 8.55 -5.85 -6.29
H6 TLN D 1 7.95 -2.25 -5.89
H71 TLN D 1 7.08 -0.37 -2.82
H72 TLN D 1 8.81 -0.62 -3.19
H73 TLN D 1 7.67 -0.19 -4.48
H3 TLN D 1 6.70 -5.15 -2.11
H3' TLN D 1 6.22 -3.16 -7.53
H2' TLN D 1 5.90 -5.66 -6.84
H6'1 TLN D 1 7.61 -5.45 -10.34
H6'2 TLN D 1 9.09 -5.80 -9.38
HO5' TLN D 1 6.75 -2.62 -10.44
P LCG D 2 3.91 -4.09 -9.02
OP1 LCG D 2 3.20 -4.25 -10.37
O5' LCG D 2 3.43 -5.27 -8.03
C5' LCG D 2 3.55 -6.68 -8.29
C3' LCG D 2 1.89 -7.17 -6.37
C6' LCG D 2 3.32 -8.98 -6.98
N9 LCG D 2 3.43 -5.89 -4.02
C8 LCG D 2 3.65 -4.62 -4.53
C4 LCG D 2 3.19 -5.56 -2.69
N7 LCG D 2 3.62 -3.51 -3.73
C5 LCG D 2 3.32 -4.14 -2.56
C6 LCG D 2 3.16 -3.44 -1.19
C2' LCG D 2 2.33 -7.96 -5.13
O6 LCG D 2 3.27 -2.22 -1.06
C4' LCG D 2 3.28 -7.44 -6.98
C1' LCG D 2 3.62 -7.23 -4.69
C2 LCG D 2 2.74 -5.77 -0.34
N1 LCG D 2 2.88 -4.28 -0.15
O4' LCG D 2 4.24 -7.04 -5.97
OP2 LCG D 2 3.55 -2.73 -8.42
N2 LCG D 2 2.45 -6.61 0.75
N3 LCG D 2 2.89 -6.31 -1.50
O2' LCG D 2 2.72 -9.26 -5.69
O3' LCG D 2 0.81 -7.77 -7.11
H5' LCG D 2 4.55 -6.92 -8.68
H5'' LCG D 2 2.82 -6.97 -9.07
H3' LCG D 2 1.70 -6.11 -6.14
H6'1 LCG D 2 2.73 -9.41 -7.81
H6'2 LCG D 2 4.35 -9.38 -7.05
H8 LCG D 2 3.91 -4.50 -5.57
H2' LCG D 2 1.58 -8.04 -4.34
H1' LCG D 2 4.25 -7.88 -4.05
H1 LCG D 2 2.78 -3.80 0.77
H21 LCG D 2 2.32 -6.20 1.68
H22 LCG D 2 2.35 -7.62 0.59
P LCG D 3 -0.74 -7.47 -6.81
OP1 LCG D 3 -1.61 -8.22 -7.82
O5' LCG D 3 -1.10 -7.95 -5.31
C5' LCG D 3 -1.12 -9.33 -4.88
C3' LCG D 3 -2.56 -8.67 -2.91
C6' LCG D 3 -1.35 -10.70 -2.62
N9 LCG D 3 -0.78 -6.60 -1.50
C8 LCG D 3 -0.59 -5.72 -2.57
C4 LCG D 3 -0.79 -5.68 -0.45
N7 LCG D 3 -0.46 -4.38 -2.38
C5 LCG D 3 -0.59 -4.37 -1.02
C6 LCG D 3 -0.45 -3.13 -0.11
C2' LCG D 3 -2.09 -8.82 -1.48
O6 LCG D 3 -0.24 -2.00 -0.57
C4' LCG D 3 -1.27 -9.35 -3.36
C1' LCG D 3 -0.72 -8.09 -1.48
C2 LCG D 3 -0.87 -4.75 1.76
N1 LCG D 3 -0.60 -3.38 1.23
O4' LCG D 3 -0.20 -8.60 -2.73
OP2 LCG D 3 -1.01 -5.96 -6.92
N2 LCG D 3 -1.11 -4.96 3.13
N3 LCG D 3 -0.93 -5.77 0.97
O2' LCG D 3 -1.86 -10.25 -1.33
O3' LCG D 3 -3.76 -9.42 -3.25
H5' LCG D 3 -0.18 -9.84 -5.14
H5'' LCG D 3 -1.97 -9.87 -5.32
H3' LCG D 3 -2.64 -7.62 -3.27
H6'1 LCG D 3 -2.04 -11.41 -3.09
H6'2 LCG D 3 -0.36 -11.18 -2.52
H8 LCG D 3 -0.50 -6.12 -3.57
H2' LCG D 3 -2.83 -8.43 -0.77
H1' LCG D 3 -0.08 -8.43 -0.64
H1 LCG D 3 -0.54 -2.53 1.82
H21 LCG D 3 -1.09 -4.14 3.76
H22 LCG D 3 -1.30 -5.91 3.47
P LCG D 4 -5.26 -8.85 -3.06
OP1 LCG D 4 -6.26 -9.86 -3.62
O5' LCG D 4 -5.56 -8.59 -1.50
C5' LCG D 4 -5.62 -9.62 -0.50
C3' LCG D 4 -6.77 -7.94 1.10
C6' LCG D 4 -5.71 -9.79 2.16
N9 LCG D 4 -4.62 -5.74 1.26
C8 LCG D 4 -4.39 -5.48 -0.09
C4 LCG D 4 -4.47 -4.45 1.78
N7 LCG D 4 -4.07 -4.22 -0.52
C5 LCG D 4 -4.13 -3.58 0.68
C6 LCG D 4 -3.83 -2.10 0.93
C2' LCG D 4 -6.11 -7.51 2.40
O6 LCG D 4 -3.51 -1.34 0.00
C4' LCG D 4 -5.62 -8.94 0.88
C1' LCG D 4 -4.70 -7.07 1.95
C2 LCG D 4 -4.35 -2.61 3.32
N1 LCG D 4 -3.94 -1.68 2.22
O4' LCG D 4 -4.41 -8.15 1.03
OP2 LCG D 4 -5.40 -7.53 -3.82
N2 LCG D 4 -4.54 -2.14 4.63
N3 LCG D 4 -4.57 -3.87 3.09
O2' LCG D 4 -5.99 -8.76 3.15
O3' LCG D 4 -8.06 -8.56 1.26
H5' LCG D 4 -4.74 -10.30 -0.59
H5'' LCG D 4 -6.52 -10.24 -0.63
H3' LCG D 4 -6.79 -7.14 0.33
H6'1 LCG D 4 -6.54 -10.53 2.13
H6'2 LCG D 4 -4.78 -10.33 2.39
H8 LCG D 4 -4.40 -6.28 -0.80
H2' LCG D 4 -6.67 -6.73 2.95
H1' LCG D 4 -4.00 -7.08 2.80
H1 LCG D 4 -3.79 -0.68 2.36
H21 LCG D 4 -4.37 -1.14 4.82
H22 LCG D 4 -4.83 -2.79 5.37
P TLN D 5 -9.43 -7.85 0.76
OP1 TLN D 5 -10.62 -8.78 1.05
OP2 TLN D 5 -9.35 -7.59 -0.75
O5' TLN D 5 -9.63 -6.45 1.53
C5' TLN D 5 -9.82 -6.36 2.95
C4' TLN D 5 -9.56 -4.91 3.41
O4' TLN D 5 -8.20 -4.49 3.13
C1' TLN D 5 -8.22 -3.02 3.14
N1 TLN D 5 -7.82 -2.44 1.83
C6 TLN D 5 -7.79 -3.29 0.62
C5 TLN D 5 -7.34 -2.80 -0.55
C5M TLN D 5 -7.29 -3.71 -1.76
C4 TLN D 5 -6.90 -1.30 -0.61
O4 TLN D 5 -6.47 -0.77 -1.64
N3 TLN D 5 -7.00 -0.59 0.55
C2 TLN D 5 -7.42 -1.11 1.74
O2 TLN D 5 -7.42 -0.36 2.72
C3' TLN D 5 -10.45 -3.82 2.78
C2' TLN D 5 -9.68 -2.78 3.59
O2' TLN D 5 -9.81 -3.23 4.97
O3' TLN D 5 -11.84 -3.89 3.11
C6' TLN D 5 -9.79 -4.68 4.89
H5' TLN D 5 -9.14 -7.05 3.49
H5'' TLN D 5 -10.84 -6.68 3.22
H1' TLN D 5 -7.51 -2.67 3.93
H6 TLN D 5 -8.14 -4.33 0.68
H71 TLN D 5 -6.48 -3.42 -2.44
H72 TLN D 5 -7.10 -4.76 -1.45
H73 TLN D 5 -8.25 -3.69 -2.29
H3 TLN D 5 -6.70 0.39 0.53
H3' TLN D 5 -10.33 -3.72 1.69
H2' TLN D 5 -10.03 -1.73 3.46
HO3' TLN D 5 -12.23 -3.07 2.79
H6'1 TLN D 5 -10.75 -5.11 5.19
H6'2 TLN D 5 -8.98 -5.12 5.49
O5' TLN A 1 6.56 -1.04 12.35
C5' TLN A 1 5.47 -0.56 11.56
C4' TLN A 1 5.89 0.70 10.78
O4' TLN A 1 7.00 0.42 9.87
C1' TLN A 1 7.02 1.49 8.88
N1 TLN A 1 6.95 1.04 7.46
C6 TLN A 1 6.57 -0.35 7.13
C5 TLN A 1 6.64 -0.81 5.85
C5M TLN A 1 6.38 -2.25 5.52
C4 TLN A 1 7.03 0.21 4.74
O4 TLN A 1 7.07 -0.10 3.54
N3 TLN A 1 7.35 1.47 5.13
C2 TLN A 1 7.32 1.91 6.43
O2 TLN A 1 7.64 3.08 6.64
C3' TLN A 1 4.81 1.28 9.86
C2' TLN A 1 5.83 2.32 9.40
O2' TLN A 1 6.23 2.98 10.62
O3' TLN A 1 3.67 1.83 10.55
C6' TLN A 1 6.27 1.94 11.63
H5' TLN A 1 4.61 -0.35 12.22
H5'' TLN A 1 5.14 -1.35 10.87
H1' TLN A 1 7.96 2.07 9.03
H6 TLN A 1 6.23 -0.98 7.95
H71 TLN A 1 7.32 -2.83 5.44
H72 TLN A 1 5.76 -2.77 6.28
H73 TLN A 1 5.85 -2.37 4.56
H3 TLN A 1 7.62 2.15 4.40
H3' TLN A 1 4.48 0.61 9.04
H2' TLN A 1 5.43 3.00 8.63
H6'1 TLN A 1 5.54 2.15 12.44
H6'2 TLN A 1 7.27 1.85 12.08
HO5' TLN A 1 7.27 -1.24 11.72
P LCG A 2 2.35 2.43 9.81
OP1 LCG A 2 1.34 2.88 10.87
O5' LCG A 2 2.75 3.69 8.89
C5' LCG A 2 3.30 4.93 9.36
C3' LCG A 2 2.78 6.02 7.07
C6' LCG A 2 4.49 7.10 8.34
N9 LCG A 2 4.42 4.13 5.27
C8 LCG A 2 3.96 2.89 5.70
C4 LCG A 2 4.49 3.87 3.91
N7 LCG A 2 3.73 1.86 4.83
C5 LCG A 2 4.07 2.51 3.68
C6 LCG A 2 4.03 1.91 2.26
C2' LCG A 2 3.91 6.52 6.17
O6 LCG A 2 3.68 0.75 2.06
C4' LCG A 2 3.85 5.71 8.14
C1' LCG A 2 4.87 5.30 6.09
C2 LCG A 2 4.82 4.18 1.54
N1 LCG A 2 4.42 2.76 1.26
O4' LCG A 2 4.87 4.94 7.48
OP2 LCG A 2 1.72 1.35 8.93
N2 LCG A 2 5.17 5.05 0.50
N3 LCG A 2 4.86 4.65 2.75
O2' LCG A 2 4.54 7.56 6.97
O3' LCG A 2 1.83 7.03 7.49
H5' LCG A 2 4.11 4.74 10.09
H5'' LCG A 2 2.52 5.52 9.88
H3' LCG A 2 2.27 5.13 6.67
H6'1 LCG A 2 3.86 7.76 8.98
H6'2 LCG A 2 5.50 7.04 8.80
H8 LCG A 2 3.81 2.71 6.75
H2' LCG A 2 3.59 6.88 5.17
H1' LCG A 2 5.88 5.62 5.78
H1 LCG A 2 4.38 2.34 0.31
H21 LCG A 2 5.15 4.69 -0.47
H22 LCG A 2 5.44 6.01 0.70
P LCG A 3 0.46 7.37 6.71
OP1 LCG A 3 -0.35 8.38 7.52
O5' LCG A 3 0.79 7.96 5.25
C5' LCG A 3 1.45 9.21 5.01
C3' LCG A 3 0.66 9.13 2.60
C6' LCG A 3 2.58 10.49 2.96
N9 LCG A 3 1.86 6.44 1.76
C8 LCG A 3 1.46 5.59 2.78
C4 LCG A 3 1.67 5.58 0.69
N7 LCG A 3 1.07 4.31 2.55
C5 LCG A 3 1.19 4.33 1.20
C6 LCG A 3 0.98 3.12 0.26
C2' LCG A 3 1.63 9.00 1.45
O6 LCG A 3 0.59 2.03 0.69
C4' LCG A 3 1.87 9.25 3.54
C1' LCG A 3 2.52 7.79 1.86
C2 LCG A 3 1.76 4.68 -1.54
N1 LCG A 3 1.27 3.35 -1.06
O4' LCG A 3 2.74 8.13 3.24
OP2 LCG A 3 -0.36 6.08 6.56
N2 LCG A 3 2.03 4.89 -2.90
N3 LCG A 3 1.93 5.66 -0.72
O2' LCG A 3 2.44 10.21 1.55
O3' LCG A 3 -0.18 10.31 2.56
H5' LCG A 3 2.36 9.32 5.62
H5'' LCG A 3 0.77 10.05 5.21
H3' LCG A 3 0.06 8.21 2.80
H6'1 LCG A 3 2.08 11.43 3.23
H6'2 LCG A 3 3.64 10.55 3.26
H8 LCG A 3 1.51 5.94 3.81
H2' LCG A 3 1.12 8.89 0.51
H1' LCG A 3 3.47 7.78 1.31
H1 LCG A 3 1.13 2.52 -1.66
H21 LCG A 3 1.90 4.11 -3.57
H22 LCG A 3 2.36 5.81 -3.21
P LCG A 4 -1.63 10.39 1.85
OP1 LCG A 4 -2.27 11.75 2.14
O5' LCG A 4 -1.48 10.21 0.24
C5' LCG A 4 -0.70 11.05 -0.63
C3' LCG A 4 -1.76 9.94 -2.72
C6' LCG A 4 0.40 10.90 -3.05
N9 LCG A 4 -1.12 7.00 -2.12
C8 LCG A 4 -1.62 6.84 -0.83
C4 LCG A 4 -1.43 5.74 -2.62
N7 LCG A 4 -2.18 5.67 -0.41
C5 LCG A 4 -2.01 4.96 -1.57
C6 LCG A 4 -2.33 3.46 -1.78
C2' LCG A 4 -0.91 9.07 -3.65
O6 LCG A 4 -2.77 2.76 -0.87
C4' LCG A 4 -0.47 10.28 -1.94
C1' LCG A 4 -0.23 8.08 -2.67
C2 LCG A 4 -1.52 3.85 -4.12
N1 LCG A 4 -2.06 2.98 -3.03
O4' LCG A 4 0.15 8.99 -1.63
OP2 LCG A 4 -2.53 9.28 2.39
N2 LCG A 4 -1.37 3.36 -5.42
N3 LCG A 4 -1.21 5.09 -3.89
O2' LCG A 4 0.10 9.98 -4.15
O3' LCG A 4 -2.39 11.05 -3.40
H5' LCG A 4 0.26 11.30 -0.15
H5'' LCG A 4 -1.24 12.01 -0.79
H3' LCG A 4 -2.49 9.37 -2.11
H6'1 LCG A 4 0.11 11.93 -3.31
H6'2 LCG A 4 1.47 10.90 -2.80
H8 LCG A 4 -1.52 7.64 -0.11
H2' LCG A 4 -1.46 8.56 -4.45
H1' LCG A 4 0.66 7.62 -3.12
H1 LCG A 4 -2.32 1.99 -3.16
H21 LCG A 4 -1.66 2.38 -5.61
H22 LCG A 4 -1.00 3.97 -6.16
P TLN A 5 -3.90 10.98 -3.96
OP1 TLN A 5 -4.23 12.28 -4.68
OP2 TLN A 5 -4.87 10.78 -2.79
O5' TLN A 5 -4.05 9.73 -4.98
C5' TLN A 5 -3.46 9.69 -6.29
C4' TLN A 5 -3.70 8.30 -6.91
O4' TLN A 5 -3.10 7.24 -6.09
C1' TLN A 5 -3.78 6.00 -6.46
N1 TLN A 5 -4.50 5.38 -5.30
C6 TLN A 5 -4.80 6.21 -4.10
C5 TLN A 5 -5.36 5.65 -3.01
C5M TLN A 5 -5.62 6.54 -1.82
C4 TLN A 5 -5.68 4.12 -3.03
O4 TLN A 5 -6.15 3.53 -2.07
N3 TLN A 5 -5.39 3.45 -4.19
C2 TLN A 5 -4.83 4.04 -5.30
O2 TLN A 5 -4.61 3.30 -6.27
C3' TLN A 5 -5.15 7.86 -7.11
C2' TLN A 5 -4.66 6.51 -7.63
O2' TLN A 5 -3.76 6.88 -8.73
O3' TLN A 5 -5.89 8.62 -8.07
C6' TLN A 5 -3.12 8.11 -8.31
H5' TLN A 5 -2.38 9.91 -6.24
H5'' TLN A 5 -3.90 10.47 -6.95
H1' TLN A 5 -3.02 5.30 -6.85
H6 TLN A 5 -4.56 7.28 -4.10
H71 TLN A 5 -6.33 6.08 -1.12
H72 TLN A 5 -4.68 6.76 -1.30
H73 TLN A 5 -6.05 7.51 -2.15
H3 TLN A 5 -5.60 2.46 -4.22
H3' TLN A 5 -5.73 7.79 -6.17
H2' TLN A 5 -5.45 5.82 -7.95
HO3' TLN A 5 -6.72 8.14 -8.20
H6'1 TLN A 5 -3.43 8.96 -8.94
H6'2 TLN A 5 -2.03 8.03 -8.28
O5' TLN B 1 5.45 -12.77 1.42
C5' TLN B 1 4.34 -11.89 1.50
C4' TLN B 1 4.38 -11.08 2.81
O4' TLN B 1 5.59 -10.26 2.90
C1' TLN B 1 5.34 -9.25 3.90
N1 TLN B 1 5.54 -7.83 3.43
C6 TLN B 1 5.68 -7.54 1.98
C5 TLN B 1 6.01 -6.30 1.56
C5M TLN B 1 6.28 -6.01 0.10
C4 TLN B 1 6.14 -5.17 2.63
O4 TLN B 1 6.37 -4.00 2.32
N3 TLN B 1 5.98 -5.52 3.93
C2 TLN B 1 5.70 -6.80 4.35
O2 TLN B 1 5.58 -6.98 5.57
C3' TLN B 1 3.25 -10.05 2.97
C2' TLN B 1 3.90 -9.62 4.29
O2' TLN B 1 3.95 -10.85 5.07
O3' TLN B 1 1.93 -10.63 3.12
C6' TLN B 1 4.24 -11.89 4.12
H5' TLN B 1 3.40 -12.47 1.42
H5'' TLN B 1 4.36 -11.20 0.63
H1' TLN B 1 6.01 -9.43 4.76
H6 TLN B 1 5.50 -8.37 1.29
H71 TLN B 1 5.91 -5.02 -0.21
H72 TLN B 1 7.37 -6.04 -0.12
H73 TLN B 1 5.81 -6.75 -0.59
H3 TLN B 1 6.07 -4.80 4.65
H3' TLN B 1 3.24 -9.25 2.22
H2' TLN B 1 3.37 -8.80 4.78
H6'1 TLN B 1 3.42 -12.63 4.08
H6'2 TLN B 1 5.18 -12.42 4.38
HO5' TLN B 1 6.23 -12.21 1.47
P LCG B 2 0.56 -9.77 3.23
OP1 LCG B 2 -0.64 -10.73 3.33
O5' LCG B 2 0.60 -8.82 4.54
C5' LCG B 2 0.66 -9.27 5.89
C3' LCG B 2 0.00 -6.91 6.71
C6' LCG B 2 1.13 -8.26 8.31
N9 LCG B 2 2.32 -5.32 5.44
C8 LCG B 2 2.28 -5.77 4.13
C4 LCG B 2 2.60 -3.98 5.20
N7 LCG B 2 2.48 -4.94 3.07
C5 LCG B 2 2.68 -3.78 3.78
C6 LCG B 2 2.97 -2.40 3.18
C2' LCG B 2 0.97 -6.07 7.54
O6 LCG B 2 3.05 -2.23 1.96
C4' LCG B 2 1.01 -8.07 6.78
C1' LCG B 2 2.29 -6.12 6.71
C2 LCG B 2 3.01 -1.64 5.57
N1 LCG B 2 3.12 -1.40 4.10
O4' LCG B 2 2.29 -7.53 6.39
OP2 LCG B 2 0.41 -8.90 1.98
N2 LCG B 2 3.14 -0.58 6.48
N3 LCG B 2 2.79 -2.82 6.03
O2' LCG B 2 1.14 -6.87 8.74
O3' LCG B 2 -1.26 -7.21 7.34
H5' LCG B 2 1.41 -10.08 5.99
H5'' LCG B 2 -0.31 -9.72 6.19
H3' LCG B 2 -0.15 -6.51 5.68
H6'1 LCG B 2 0.27 -8.81 8.73
H6'2 LCG B 2 2.05 -8.79 8.61
H8 LCG B 2 2.11 -6.81 3.93
H2' LCG B 2 0.64 -5.04 7.74
H1' LCG B 2 3.15 -5.87 7.34
H1 LCG B 2 3.32 -0.48 3.66
H21 LCG B 2 3.32 0.36 6.12
H22 LCG B 2 3.05 -0.77 7.49
P LCG B 3 -2.60 -6.31 7.17
OP1 LCG B 3 -3.77 -7.01 7.87
O5' LCG B 3 -2.36 -4.86 7.83
C5' LCG B 3 -2.14 -4.61 9.23
C3' LCG B 3 -2.65 -2.16 8.83
C6' LCG B 3 -1.33 -2.60 10.77
N9 LCG B 3 -0.54 -1.54 6.70
C8 LCG B 3 -0.72 -2.56 5.79
C4 LCG B 3 -0.34 -0.48 5.81
N7 LCG B 3 -0.64 -2.36 4.44
C5 LCG B 3 -0.41 -1.01 4.48
C6 LCG B 3 -0.13 -0.12 3.25
C2' LCG B 3 -1.58 -1.10 9.03
O6 LCG B 3 -0.17 -0.57 2.11
C4' LCG B 3 -1.64 -3.18 9.37
C1' LCG B 3 -0.39 -1.62 8.19
C2 LCG B 3 0.23 1.69 4.96
N1 LCG B 3 0.18 1.18 3.54
O4' LCG B 3 -0.42 -3.00 8.61
OP2 LCG B 3 -2.93 -6.15 5.68
N2 LCG B 3 0.54 3.03 5.23
N3 LCG B 3 0.00 0.91 5.95
O2' LCG B 3 -1.25 -1.18 10.45
O3' LCG B 3 -3.83 -2.00 9.66
H5' LCG B 3 -1.38 -5.30 9.64
H5'' LCG B 3 -3.08 -4.72 9.79
H3' LCG B 3 -2.92 -2.36 7.78
H6'1 LCG B 3 -2.15 -2.80 11.50
H6'2 LCG B 3 -0.39 -2.98 11.20
H8 LCG B 3 -0.87 -3.57 6.15
H2' LCG B 3 -1.96 -0.12 8.74
H1' LCG B 3 0.56 -1.15 8.50
H1 LCG B 3 0.37 1.75 2.71
H21 LCG B 3 0.74 3.67 4.43
H22 LCG B 3 0.56 3.35 6.20
P LCG B 4 -5.15 -1.17 9.24
OP1 LCG B 4 -6.23 -1.37 10.30
O5' LCG B 4 -4.81 0.40 9.09
C5' LCG B 4 -4.29 1.24 10.14
C3' LCG B 4 -4.73 3.36 8.69
C6' LCG B 4 -3.00 3.57 10.33
N9 LCG B 4 -3.20 2.58 6.15
C8 LCG B 4 -3.73 1.32 5.86
C4 LCG B 4 -3.02 3.05 4.87
N7 LCG B 4 -3.88 0.90 4.58
C5 LCG B 4 -3.40 2.01 3.95
C6 LCG B 4 -3.17 2.17 2.43
C2' LCG B 4 -3.56 4.18 8.15
O6 LCG B 4 -3.43 1.27 1.63
C4' LCG B 4 -3.71 2.50 9.48
C1' LCG B 4 -2.68 3.10 7.47
C2 LCG B 4 -2.35 4.47 3.03
N1 LCG B 4 -2.65 3.37 2.05
O4' LCG B 4 -2.73 2.09 8.47
OP2 LCG B 4 -5.67 -1.71 7.90
N2 LCG B 4 -1.93 5.73 2.59
N3 LCG B 4 -2.49 4.27 4.31
O2' LCG B 4 -2.87 4.64 9.35
O3' LCG B 4 -5.63 4.12 9.52
H5' LCG B 4 -3.51 0.71 10.70
H5'' LCG B 4 -5.09 1.50 10.85
H3' LCG B 4 -5.28 2.79 7.92
H6'1 LCG B 4 -3.60 3.89 11.20
H6'2 LCG B 4 -2.01 3.24 10.69
H8 LCG B 4 -3.96 0.64 6.66
H2' LCG B 4 -3.85 5.00 7.47
H1' LCG B 4 -1.65 3.47 7.33
H1 LCG B 4 -2.55 3.48 1.03
H21 LCG B 4 -1.86 5.89 1.58
H22 LCG B 4 -1.72 6.46 3.28
P TLN B 5 -6.98 4.80 8.94
OP1 TLN B 5 -7.67 5.60 10.04
OP2 TLN B 5 -7.93 3.70 8.44
O5' TLN B 5 -6.62 5.78 7.69
C5' TLN B 5 -5.94 7.04 7.82
C4' TLN B 5 -5.64 7.59 6.43
O4' TLN B 5 -4.80 6.69 5.65
C1' TLN B 5 -5.00 7.05 4.25
N1 TLN B 5 -5.56 5.92 3.44
C6 TLN B 5 -6.21 4.79 4.14
C5 TLN B 5 -6.65 3.72 3.45
C5M TLN B 5 -7.30 2.60 4.22
C4 TLN B 5 -6.44 3.68 1.91
O4 TLN B 5 -6.76 2.73 1.20
N3 TLN B 5 -5.85 4.79 1.35
C2 TLN B 5 -5.42 5.88 2.07
O2 TLN B 5 -4.88 6.80 1.44
C3' TLN B 5 -6.85 7.88 5.52
C2' TLN B 5 -5.88 8.31 4.41
O2' TLN B 5 -5.08 9.35 5.03
O3' TLN B 5 -7.71 8.93 5.96
C6' TLN B 5 -4.93 8.95 6.42
H5' TLN B 5 -5.00 6.91 8.40
H5'' TLN B 5 -6.55 7.75 8.40
H1' TLN B 5 -4.01 7.34 3.83
H6 TLN B 5 -6.35 4.82 5.23
H71 TLN B 5 -6.52 2.02 4.75
H72 TLN B 5 -7.99 2.99 4.98
H73 TLN B 5 -7.86 1.93 3.57
H3 TLN B 5 -5.70 4.79 0.34
H3' TLN B 5 -7.45 6.99 5.27
H2' TLN B 5 -6.37 8.65 3.47
HO3' TLN B 5 -8.31 9.10 5.23
H6'1 TLN B 5 -5.44 9.64 7.11
H6'2 TLN B 5 -3.87 8.83 6.72
O5' TLN C 1 8.30 10.22 0.28
C5' TLN C 1 9.08 9.04 0.39
C4' TLN C 1 9.08 8.24 -0.94
O4' TLN C 1 9.84 6.99 -0.77
C1' TLN C 1 9.46 6.11 -1.86
N1 TLN C 1 8.95 4.77 -1.45
C6 TLN C 1 8.58 4.53 -0.03
C5 TLN C 1 8.26 3.28 0.40
C5M TLN C 1 8.01 2.98 1.87
C4 TLN C 1 8.18 2.13 -0.66
O4 TLN C 1 7.84 0.99 -0.39
N3 TLN C 1 8.52 2.47 -1.94
C2 TLN C 1 8.89 3.72 -2.35
O2 TLN C 1 9.17 3.86 -3.55
C3' TLN C 1 7.71 7.75 -1.44
C2' TLN C 1 8.45 7.02 -2.58
O2' TLN C 1 9.18 8.09 -3.25
O3' TLN C 1 6.84 8.81 -1.89
C6' TLN C 1 9.63 8.97 -2.19
H5' TLN C 1 8.68 8.41 1.21
H5'' TLN C 1 10.11 9.31 0.67
H1' TLN C 1 10.35 5.97 -2.51
H6 TLN C 1 8.58 5.39 0.64
H71 TLN C 1 7.20 2.25 2.00
H72 TLN C 1 8.91 2.56 2.34
H73 TLN C 1 7.73 3.89 2.44
H3 TLN C 1 8.47 1.73 -2.66
H3' TLN C 1 7.19 7.06 -0.76
H2' TLN C 1 7.77 6.48 -3.23
H6'1 TLN C 1 9.21 9.98 -2.32
H6'2 TLN C 1 10.74 9.06 -2.17
HO5' TLN C 1 7.41 9.94 0.05
P LCG C 2 5.31 8.58 -2.38
OP1 LCG C 2 4.67 9.93 -2.72
O5' LCG C 2 5.27 7.63 -3.69
C5' LCG C 2 5.86 7.94 -4.97
C3' LCG C 2 4.53 6.01 -6.05
C6' LCG C 2 6.48 6.70 -7.23
N9 LCG C 2 5.60 3.69 -4.33
C8 LCG C 2 5.41 4.19 -3.05
C4 LCG C 2 5.23 2.36 -4.10
N7 LCG C 2 4.98 3.40 -2.02
C5 LCG C 2 4.86 2.24 -2.72
C6 LCG C 2 4.40 0.89 -2.15
C2' LCG C 2 5.24 4.81 -6.65
O6 LCG C 2 4.09 0.76 -0.95
C4' LCG C 2 5.91 6.66 -5.80
C1' LCG C 2 6.22 4.37 -5.52
C2 LCG C 2 4.73 0.05 -4.48
N1 LCG C 2 4.36 -0.14 -3.04
O4' LCG C 2 6.71 5.66 -5.13
OP2 LCG C 2 4.50 7.91 -1.27
N2 LCG C 2 4.64 -1.02 -5.39
N3 LCG C 2 5.13 1.19 -4.92
O2' LCG C 2 6.04 5.40 -7.73
O3' LCG C 2 3.70 6.77 -6.97
H5' LCG C 2 6.88 8.36 -4.83
H5'' LCG C 2 5.26 8.72 -5.47
H3' LCG C 2 3.98 5.77 -5.12
H6'1 LCG C 2 6.05 7.53 -7.83
H6'2 LCG C 2 7.58 6.79 -7.26
H8 LCG C 2 5.65 5.22 -2.83
H2' LCG C 2 4.59 4.00 -7.00
H1' LCG C 2 7.04 3.75 -5.93
H1 LCG C 2 4.04 -1.04 -2.63
H21 LCG C 2 4.31 -1.93 -5.05
H22 LCG C 2 4.88 -0.86 -6.38
P LCG C 3 2.13 6.51 -7.18
OP1 LCG C 3 1.56 7.58 -8.12
O5' LCG C 3 1.89 5.05 -7.83
C5' LCG C 3 2.35 4.65 -9.15
C3' LCG C 3 0.80 2.65 -9.03
C6' LCG C 3 2.63 2.40 -10.54
N9 LCG C 3 1.85 1.34 -6.47
C8 LCG C 3 1.89 2.40 -5.57
C4 LCG C 3 1.38 0.35 -5.61
N7 LCG C 3 1.53 2.26 -4.27
C5 LCG C 3 1.19 0.94 -4.31
C6 LCG C 3 0.76 0.07 -3.11
C2' LCG C 3 1.35 1.23 -9.00
O6 LCG C 3 0.62 0.55 -1.98
C4' LCG C 3 2.24 3.13 -9.24
C1' LCG C 3 2.40 1.27 -7.87
C2 LCG C 3 0.77 -1.81 -4.75
N1 LCG C 3 0.58 -1.25 -3.38
O4' LCG C 3 3.05 2.52 -8.20
OP2 LCG C 3 1.39 6.57 -5.84
N2 LCG C 3 0.55 -3.17 -5.02
N3 LCG C 3 1.14 -1.06 -5.74
O2' LCG C 3 2.05 1.11 -10.28
O3' LCG C 3 -0.08 2.94 -10.14
H5' LCG C 3 3.40 4.94 -9.31
H5'' LCG C 3 1.71 5.11 -9.93
H3' LCG C 3 0.38 3.00 -8.06
H6'1 LCG C 3 2.18 2.87 -11.44
H6'2 LCG C 3 3.72 2.34 -10.69
H8 LCG C 3 2.25 3.36 -5.91
H2' LCG C 3 0.55 0.52 -8.87
H1' LCG C 3 3.12 0.43 -7.95
H1 LCG C 3 0.30 -1.82 -2.56
H21 LCG C 3 0.27 -3.79 -4.24
H22 LCG C 3 0.69 -3.54 -5.98
P LCG C 4 -1.69 2.75 -10.11
OP1 LCG C 4 -2.29 3.31 -11.41
O5' LCG C 4 -2.08 1.19 -9.96
C5' LCG C 4 -1.69 0.15 -10.89
C3' LCG C 4 -3.31 -1.53 -9.72
C6' LCG C 4 -1.46 -2.52 -10.86
N9 LCG C 4 -2.30 -1.29 -6.84
C8 LCG C 4 -2.32 0.08 -6.62
C4 LCG C 4 -2.66 -1.72 -5.57
N7 LCG C 4 -2.62 0.62 -5.39
C5 LCG C 4 -2.80 -0.57 -4.73
C6 LCG C 4 -3.05 -0.72 -3.22
C2' LCG C 4 -2.76 -2.71 -8.94
O6 LCG C 4 -3.11 0.25 -2.45
C4' LCG C 4 -1.86 -1.20 -10.17
C1' LCG C 4 -1.72 -2.06 -8.00
C2 LCG C 4 -3.11 -3.18 -3.70
N1 LCG C 4 -3.19 -2.01 -2.78
O4' LCG C 4 -1.09 -1.17 -8.93
OP2 LCG C 4 -2.27 3.52 -8.92
N2 LCG C 4 -3.38 -4.48 -3.25
N3 LCG C 4 -2.84 -3.01 -4.96
O2' LCG C 4 -2.03 -3.49 -9.95
O3' LCG C 4 -4.20 -1.90 -10.79
H5' LCG C 4 -0.65 0.29 -11.21
H5'' LCG C 4 -2.32 0.20 -11.80
H3' LCG C 4 -3.75 -0.74 -9.09
H6'1 LCG C 4 -1.89 -2.62 -11.87
H6'2 LCG C 4 -0.36 -2.64 -10.94
H8 LCG C 4 -2.05 0.76 -7.41
H2' LCG C 4 -3.52 -3.31 -8.40
H1' LCG C 4 -1.00 -2.80 -7.62
H1 LCG C 4 -3.39 -2.09 -1.77
H21 LCG C 4 -3.64 -4.60 -2.25
H22 LCG C 4 -3.33 -5.27 -3.90
P TLN C 5 -5.81 -1.94 -10.61
OP1 TLN C 5 -6.46 -2.46 -11.89
OP2 TLN C 5 -6.31 -0.53 -10.32
O5' TLN C 5 -6.21 -2.89 -9.37
C5' TLN C 5 -6.09 -4.33 -9.39
C4' TLN C 5 -6.41 -4.88 -7.99
O4' TLN C 5 -5.51 -4.36 -6.98
C1' TLN C 5 -6.18 -4.52 -5.69
N1 TLN C 5 -6.41 -3.22 -5.01
C6 TLN C 5 -6.36 -1.96 -5.79
C5 TLN C 5 -6.48 -0.77 -5.17
C5M TLN C 5 -6.39 0.48 -6.02
C4 TLN C 5 -6.67 -0.73 -3.63
O4 TLN C 5 -6.74 0.31 -2.98
N3 TLN C 5 -6.75 -1.95 -2.99
C2 TLN C 5 -6.63 -3.15 -3.63
O2 TLN C 5 -6.70 -4.18 -2.94
C3' TLN C 5 -7.81 -4.60 -7.44
C2' TLN C 5 -7.43 -5.32 -6.14
O2' TLN C 5 -6.99 -6.63 -6.59
O3' TLN C 5 -8.89 -5.24 -8.14
C6' TLN C 5 -6.34 -6.40 -7.87
H5' TLN C 5 -5.07 -4.64 -9.70
H5'' TLN C 5 -6.77 -4.78 -10.15
H1' TLN C 5 -5.55 -5.17 -5.05
H6 TLN C 5 -6.21 -2.00 -6.87
H71 TLN C 5 -5.34 0.66 -6.30
H72 TLN C 5 -6.96 0.36 -6.96
H73 TLN C 5 -6.78 1.36 -5.50
H3 TLN C 5 -6.87 -1.96 -1.98
H3' TLN C 5 -8.04 -3.53 -7.32
H2' TLN C 5 -8.23 -5.38 -5.39
HO3' TLN C 5 -9.68 -5.10 -7.60
H6'1 TLN C 5 -6.89 -6.87 -8.70
H6'2 TLN C 5 -5.28 -6.75 -7.88
O5' TLN D 1 7.09 -2.04 -10.83
C5' TLN D 1 7.95 -2.26 -9.71
C4' TLN D 1 7.57 -3.54 -8.94
O4' TLN D 1 8.43 -3.70 -7.77
C1' TLN D 1 7.78 -4.63 -6.87
N1 TLN D 1 7.54 -4.11 -5.48
C6 TLN D 1 7.70 -2.68 -5.19
C5 TLN D 1 7.63 -2.22 -3.91
C5M TLN D 1 7.92 -0.78 -3.56
C4 TLN D 1 7.29 -3.25 -2.78
O4 TLN D 1 7.15 -2.92 -1.60
N3 TLN D 1 7.15 -4.55 -3.16
C2 TLN D 1 7.26 -5.00 -4.44
O2 TLN D 1 7.10 -6.21 -4.64
C3' TLN D 1 6.16 -3.57 -8.34
C2' TLN D 1 6.51 -4.92 -7.70
O2' TLN D 1 6.90 -5.75 -8.84
O3' TLN D 1 5.09 -3.65 -9.33
C6' TLN D 1 7.60 -4.86 -9.73
H5' TLN D 1 7.90 -1.38 -9.05
H5'' TLN D 1 9.00 -2.32 -10.06
H1' TLN D 1 8.39 -5.54 -6.81
H6 TLN D 1 7.86 -2.00 -6.03
H71 TLN D 1 7.77 -0.10 -4.43
H72 TLN D 1 7.26 -0.41 -2.76
H73 TLN D 1 8.96 -0.65 -3.22
H3 TLN D 1 6.92 -5.24 -2.43
H3' TLN D 1 5.94 -2.78 -7.59
H2' TLN D 1 5.70 -5.33 -7.11
H6'1 TLN D 1 7.09 -4.80 -10.71
H6'2 TLN D 1 8.64 -5.22 -9.92
HO5' TLN D 1 6.20 -1.97 -10.48
P LCG D 2 3.51 -3.61 -8.97
OP1 LCG D 2 2.69 -3.66 -10.26
O5' LCG D 2 3.12 -4.87 -8.03
C5' LCG D 2 3.21 -6.25 -8.43
C3' LCG D 2 1.75 -6.91 -6.41
C6' LCG D 2 3.11 -8.66 -7.28
N9 LCG D 2 3.51 -5.76 -4.16
C8 LCG D 2 3.73 -4.47 -4.62
C4 LCG D 2 3.34 -5.49 -2.81
N7 LCG D 2 3.74 -3.39 -3.78
C5 LCG D 2 3.48 -4.07 -2.62
C6 LCG D 2 3.34 -3.43 -1.22
C2' LCG D 2 2.31 -7.78 -5.28
O6 LCG D 2 3.45 -2.21 -1.05
C4' LCG D 2 3.07 -7.12 -7.17
C1' LCG D 2 3.62 -7.06 -4.91
C2 LCG D 2 2.91 -5.78 -0.45
N1 LCG D 2 3.07 -4.30 -0.21
O4' LCG D 2 4.12 -6.80 -6.23
OP2 LCG D 2 3.19 -2.31 -8.22
N2 LCG D 2 2.60 -6.65 0.60
N3 LCG D 2 3.06 -6.27 -1.63
O2' LCG D 2 2.63 -9.03 -5.96
O3' LCG D 2 0.60 -7.46 -7.10
H5' LCG D 2 4.18 -6.45 -8.93
H5'' LCG D 2 2.42 -6.50 -9.16
H3' LCG D 2 1.55 -5.86 -6.10
H6'1 LCG D 2 2.45 -9.03 -8.07
H6'2 LCG D 2 4.13 -9.04 -7.47
H8 LCG D 2 3.94 -4.30 -5.66
H2' LCG D 2 1.63 -7.92 -4.42
H1' LCG D 2 4.30 -7.74 -4.37
H1 LCG D 2 2.98 -3.85 0.72
H21 LCG D 2 2.49 -6.26 1.55
H22 LCG D 2 2.49 -7.65 0.41
P LCG D 3 -0.93 -7.15 -6.71
OP1 LCG D 3 -1.87 -7.79 -7.75
O5' LCG D 3 -1.26 -7.76 -5.25
C5' LCG D 3 -1.25 -9.16 -4.92
C3' LCG D 3 -2.51 -8.62 -2.79
C6' LCG D 3 -1.29 -10.67 -2.73
N9 LCG D 3 -0.56 -6.63 -1.53
C8 LCG D 3 -0.30 -5.76 -2.58
C4 LCG D 3 -0.64 -5.71 -0.49
N7 LCG D 3 -0.18 -4.41 -2.38
C5 LCG D 3 -0.42 -4.41 -1.03
C6 LCG D 3 -0.35 -3.16 -0.12
C2' LCG D 3 -1.89 -8.85 -1.44
O6 LCG D 3 -0.13 -2.04 -0.57
C4' LCG D 3 -1.27 -9.29 -3.41
C1' LCG D 3 -0.51 -8.13 -1.54
C2 LCG D 3 -0.76 -4.80 1.74
N1 LCG D 3 -0.51 -3.42 1.22
O4' LCG D 3 -0.12 -8.61 -2.83
OP2 LCG D 3 -1.17 -5.64 -6.69
N2 LCG D 3 -0.94 -5.04 3.11
N3 LCG D 3 -0.80 -5.81 0.93
O2' LCG D 3 -1.66 -10.29 -1.38
O3' LCG D 3 -3.74 -9.36 -3.02
H5' LCG D 3 -0.35 -9.66 -5.30
H5'' LCG D 3 -2.15 -9.67 -5.33
H3' LCG D 3 -2.60 -7.56 -3.08
H6'1 LCG D 3 -2.06 -11.34 -3.17
H6'2 LCG D 3 -0.32 -11.18 -2.76
H8 LCG D 3 -0.13 -6.15 -3.57
H2' LCG D 3 -2.53 -8.49 -0.63
H1' LCG D 3 0.20 -8.49 -0.77
H1 LCG D 3 -0.45 -2.58 1.81
H21 LCG D 3 -0.90 -4.24 3.75
H22 LCG D 3 -1.11 -6.00 3.43
P LCG D 4 -5.22 -8.80 -2.70
OP1 LCG D 4 -6.26 -9.79 -3.23
O5' LCG D 4 -5.42 -8.61 -1.11
C5' LCG D 4 -5.30 -9.65 -0.12
C3' LCG D 4 -6.29 -8.09 1.70
C6' LCG D 4 -4.88 -9.83 2.51
N9 LCG D 4 -4.38 -5.71 1.44
C8 LCG D 4 -4.43 -5.43 0.08
C4 LCG D 4 -4.26 -4.41 1.92
N7 LCG D 4 -4.33 -4.16 -0.41
C5 LCG D 4 -4.19 -3.52 0.79
C6 LCG D 4 -3.89 -2.02 1.00
C2' LCG D 4 -5.42 -7.59 2.86
O6 LCG D 4 -3.77 -1.24 0.05
C4' LCG D 4 -5.12 -8.97 1.25
C1' LCG D 4 -4.18 -7.02 2.14
C2 LCG D 4 -3.94 -2.57 3.45
N1 LCG D 4 -3.78 -1.62 2.30
O4' LCG D 4 -3.97 -8.07 1.17
OP2 LCG D 4 -5.42 -7.45 -3.39
N2 LCG D 4 -3.93 -2.10 4.78
N3 LCG D 4 -4.12 -3.84 3.24
O2' LCG D 4 -5.03 -8.82 3.54
O3' LCG D 4 -7.46 -8.81 2.14
H5' LCG D 4 -4.44 -10.30 -0.35
H5'' LCG D 4 -6.20 -10.29 -0.14
H3' LCG D 4 -6.55 -7.30 0.97
H6'1 LCG D 4 -5.62 -10.64 2.63
H6'2 LCG D 4 -3.87 -10.29 2.53
H8 LCG D 4 -4.49 -6.24 -0.63
H2' LCG D 4 -5.90 -6.86 3.53
H1' LCG D 4 -3.32 -6.95 2.82
H1 LCG D 4 -3.63 -0.61 2.41
H21 LCG D 4 -3.84 -1.09 4.93
H22 LCG D 4 -4.04 -2.78 5.54
P TLN D 5 -8.91 -8.10 2.31
OP1 TLN D 5 -9.92 -9.11 2.85
OP2 TLN D 5 -9.39 -7.59 0.95
O5' TLN D 5 -8.80 -6.84 3.32
C5' TLN D 5 -8.59 -6.96 4.74
C4' TLN D 5 -8.37 -5.57 5.34
O4' TLN D 5 -7.21 -4.89 4.76
C1' TLN D 5 -7.39 -3.46 5.01
N1 TLN D 5 -7.48 -2.69 3.74
C6 TLN D 5 -7.77 -3.38 2.46
C5 TLN D 5 -7.77 -2.70 1.29
C5M TLN D 5 -8.07 -3.48 0.03
C4 TLN D 5 -7.42 -1.19 1.31
O4 TLN D 5 -7.35 -0.51 0.29
N3 TLN D 5 -7.19 -0.63 2.54
C2 TLN D 5 -7.21 -1.31 3.72
O2 TLN D 5 -6.96 -0.69 4.75
C3' TLN D 5 -9.52 -4.55 5.19
C2' TLN D 5 -8.66 -3.51 5.89
O2' TLN D 5 -8.31 -4.14 7.15
O3' TLN D 5 -10.72 -4.88 5.90
C6' TLN D 5 -8.15 -5.55 6.86
H5' TLN D 5 -7.71 -7.61 4.95
H5'' TLN D 5 -9.45 -7.46 5.22
H1' TLN D 5 -6.53 -3.11 5.61
H6 TLN D 5 -8.01 -4.45 2.47
H71 TLN D 5 -8.31 -2.81 -0.81
H72 TLN D 5 -7.19 -4.10 -0.24
H73 TLN D 5 -8.92 -4.17 0.18
H3 TLN D 5 -6.96 0.37 2.57
H3' TLN D 5 -9.77 -4.31 4.14
H2' TLN D 5 -9.15 -2.52 6.04
HO3' TLN D 5 -11.28 -4.10 5.84
H6'1 TLN D 5 -8.92 -6.16 7.35
H6'2 TLN D 5 -7.14 -5.93 7.11
O5' TLN A 1 6.32 -1.13 12.40
C5' TLN A 1 5.26 -0.62 11.60
C4' TLN A 1 5.72 0.63 10.83
O4' TLN A 1 6.82 0.33 9.93
C1' TLN A 1 6.89 1.40 8.95
N1 TLN A 1 6.82 0.95 7.52
C6 TLN A 1 6.42 -0.43 7.19
C5 TLN A 1 6.49 -0.89 5.91
C5M TLN A 1 6.22 -2.33 5.58
C4 TLN A 1 6.91 0.13 4.80
O4 TLN A 1 6.93 -0.17 3.60
N3 TLN A 1 7.24 1.39 5.20
C2 TLN A 1 7.20 1.82 6.50
O2 TLN A 1 7.53 2.99 6.71
C3' TLN A 1 4.66 1.24 9.89
C2' TLN A 1 5.70 2.25 9.45
O2' TLN A 1 6.11 2.91 10.68
O3' TLN A 1 3.52 1.81 10.57
C6' TLN A 1 6.11 1.86 11.69
H5' TLN A 1 4.39 -0.39 12.25
H5'' TLN A 1 4.92 -1.41 10.90
H1' TLN A 1 7.83 1.95 9.11
H6 TLN A 1 6.07 -1.06 8.00
H71 TLN A 1 5.61 -2.85 6.34
H72 TLN A 1 5.69 -2.44 4.62
H73 TLN A 1 7.16 -2.90 5.48
H3 TLN A 1 7.52 2.07 4.47
H3' TLN A 1 4.33 0.57 9.06
H2' TLN A 1 5.33 2.93 8.68
H6'1 TLN A 1 5.37 2.08 12.48
H6'2 TLN A 1 7.10 1.75 12.16
HO5' TLN A 1 7.03 -1.33 11.78
P LCG A 2 2.23 2.44 9.82
OP1 LCG A 2 1.21 2.92 10.87
O5' LCG A 2 2.67 3.69 8.89
C5' LCG A 2 3.25 4.91 9.36
C3' LCG A 2 2.78 6.00 7.06
C6' LCG A 2 4.51 7.03 8.35
N9 LCG A 2 4.35 4.06 5.27
C8 LCG A 2 3.85 2.84 5.69
C4 LCG A 2 4.43 3.79 3.91
N7 LCG A 2 3.60 1.81 4.84
C5 LCG A 2 3.97 2.45 3.68
C6 LCG A 2 3.95 1.84 2.27
C2' LCG A 2 3.92 6.47 6.16
O6 LCG A 2 3.56 0.68 2.08
C4' LCG A 2 3.82 5.67 8.14
C1' LCG A 2 4.83 5.22 6.10
C2 LCG A 2 4.80 4.07 1.54
N1 LCG A 2 4.36 2.66 1.27
O4' LCG A 2 4.83 4.85 7.49
OP2 LCG A 2 1.57 1.37 8.94
N2 LCG A 2 5.18 4.92 0.49
N3 LCG A 2 4.85 4.54 2.75
O2' LCG A 2 4.59 7.49 6.97
O3' LCG A 2 1.86 7.05 7.48
H5' LCG A 2 4.04 4.70 10.10
H5'' LCG A 2 2.48 5.52 9.88
H3' LCG A 2 2.24 5.13 6.67
H6'1 LCG A 2 3.90 7.72 8.96
H6'2 LCG A 2 5.51 6.94 8.80
H8 LCG A 2 3.69 2.66 6.75
H2' LCG A 2 3.61 6.83 5.17
H1' LCG A 2 5.86 5.49 5.79
H1 LCG A 2 4.34 2.23 0.34
H21 LCG A 2 5.14 4.56 -0.48
H22 LCG A 2 5.46 5.89 0.69
P LCG A 3 0.50 7.43 6.69
OP1 LCG A 3 -0.27 8.49 7.48
O5' LCG A 3 0.87 8.00 5.23
C5' LCG A 3 1.59 9.23 4.98
C3' LCG A 3 0.81 9.16 2.58
C6' LCG A 3 2.78 10.44 2.93
N9 LCG A 3 1.89 6.41 1.75
C8 LCG A 3 1.47 5.60 2.78
C4 LCG A 3 1.70 5.55 0.67
N7 LCG A 3 1.02 4.32 2.54
C5 LCG A 3 1.17 4.32 1.18
C6 LCG A 3 0.93 3.11 0.26
C2' LCG A 3 1.79 8.98 1.44
O6 LCG A 3 0.51 2.04 0.68
C4' LCG A 3 2.01 9.24 3.52
C1' LCG A 3 2.61 7.74 1.84
C2 LCG A 3 1.74 4.64 -1.56
N1 LCG A 3 1.24 3.33 -1.06
O4' LCG A 3 2.83 8.07 3.23
OP2 LCG A 3 -0.37 6.18 6.53
N2 LCG A 3 2.00 4.86 -2.92
N3 LCG A 3 1.96 5.62 -0.74
O2' LCG A 3 2.64 10.16 1.52
O3' LCG A 3 0.02 10.39 2.51
H5' LCG A 3 2.50 9.29 5.61
H5'' LCG A 3 0.94 10.10 5.18
H3' LCG A 3 0.16 8.28 2.77
H6'1 LCG A 3 2.33 11.41 3.20
H6'2 LCG A 3 3.85 10.46 3.25
H8 LCG A 3 1.51 5.95 3.79
H2' LCG A 3 1.28 8.90 0.49
H1' LCG A 3 3.57 7.69 1.30
H1 LCG A 3 1.08 2.50 -1.66
H21 LCG A 3 1.83 4.08 -3.58
H22 LCG A 3 2.35 5.77 -3.23
P LCG A 4 -1.40 10.54 1.76
OP1 LCG A 4 -1.98 11.93 2.06
O5' LCG A 4 -1.22 10.38 0.16
C5' LCG A 4 -0.38 11.20 -0.67
C3' LCG A 4 -1.43 10.13 -2.79
C6' LCG A 4 0.77 11.01 -3.08
N9 LCG A 4 -0.95 7.19 -2.14
C8 LCG A 4 -1.38 7.00 -0.83
C4 LCG A 4 -1.36 5.97 -2.67
N7 LCG A 4 -1.97 5.85 -0.41
C5 LCG A 4 -1.91 5.18 -1.61
C6 LCG A 4 -2.29 3.70 -1.86
C2' LCG A 4 -0.61 9.23 -3.70
O6 LCG A 4 -2.70 2.97 -0.95
C4' LCG A 4 -0.15 10.44 -1.99
C1' LCG A 4 0.00 8.22 -2.70
C2 LCG A 4 -1.65 4.17 -4.23
N1 LCG A 4 -2.13 3.26 -3.13
O4' LCG A 4 0.41 9.13 -1.67
OP2 LCG A 4 -2.36 9.46 2.27
N2 LCG A 4 -1.61 3.73 -5.57
N3 LCG A 4 -1.27 5.37 -3.98
O2' LCG A 4 0.46 10.10 -4.18
O3' LCG A 4 -2.00 11.24 -3.52
H5' LCG A 4 0.59 11.41 -0.17
H5'' LCG A 4 -0.86 12.18 -0.84
H3' LCG A 4 -2.20 9.60 -2.21
H6'1 LCG A 4 0.52 12.06 -3.35
H6'2 LCG A 4 1.83 10.96 -2.81
H8 LCG A 4 -1.18 7.77 -0.09
H2' LCG A 4 -1.17 8.75 -4.51
H1' LCG A 4 0.88 7.71 -3.13
H1 LCG A 4 -2.36 2.25 -3.25
H21 LCG A 4 -1.88 2.76 -5.77
H22 LCG A 4 -1.30 4.39 -6.30
P TLN A 5 -3.24 12.15 -3.02
OP1 TLN A 5 -2.77 13.60 -2.90
OP2 TLN A 5 -3.74 11.67 -1.65
O5' TLN A 5 -4.44 12.06 -4.10
C5' TLN A 5 -4.22 12.10 -5.52
C4' TLN A 5 -4.42 10.70 -6.13
O4' TLN A 5 -3.51 9.70 -5.56
C1' TLN A 5 -4.07 8.40 -5.88
N1 TLN A 5 -4.43 7.60 -4.66
C6 TLN A 5 -4.58 8.29 -3.36
C5 TLN A 5 -4.96 7.60 -2.25
C5M TLN A 5 -5.09 8.33 -0.94
C4 TLN A 5 -5.21 6.07 -2.39
O4 TLN A 5 -5.53 5.36 -1.44
N3 TLN A 5 -5.05 5.53 -3.64
C2 TLN A 5 -4.67 6.24 -4.75
O2 TLN A 5 -4.56 5.62 -5.81
C3' TLN A 5 -5.80 10.05 -6.03
C2' TLN A 5 -5.27 8.83 -6.76
O2' TLN A 5 -4.72 9.37 -8.00
O3' TLN A 5 -6.85 10.73 -6.73
C6' TLN A 5 -4.18 10.66 -7.64
H5' TLN A 5 -3.21 12.49 -5.76
H5'' TLN A 5 -4.93 12.82 -5.99
H1' TLN A 5 -3.33 7.83 -6.47
H6 TLN A 5 -4.41 9.37 -3.29
H71 TLN A 5 -5.93 7.94 -0.35
H72 TLN A 5 -4.16 8.22 -0.36
H73 TLN A 5 -5.27 9.41 -1.09
H3 TLN A 5 -5.21 4.52 -3.74
H3' TLN A 5 -6.12 9.85 -4.98
H2' TLN A 5 -6.01 8.02 -6.94
HO3' TLN A 5 -7.61 10.13 -6.70
H6'1 TLN A 5 -4.75 11.48 -8.12
H6'2 TLN A 5 -3.11 10.75 -7.89
O5' TLN B 1 3.04 -12.66 1.37
C5' TLN B 1 4.24 -11.92 1.56
C4' TLN B 1 4.22 -11.13 2.89
O4' TLN B 1 5.44 -10.34 3.02
C1' TLN B 1 5.19 -9.33 4.04
N1 TLN B 1 5.43 -7.92 3.60
C6 TLN B 1 5.58 -7.60 2.17
C5 TLN B 1 5.95 -6.35 1.77
C5M TLN B 1 6.24 -6.04 0.32
C4 TLN B 1 6.10 -5.26 2.86
O4 TLN B 1 6.36 -4.08 2.59
N3 TLN B 1 5.90 -5.64 4.16
C2 TLN B 1 5.59 -6.91 4.55
O2 TLN B 1 5.44 -7.11 5.76
C3' TLN B 1 3.11 -10.09 3.05
C2' TLN B 1 3.73 -9.70 4.39
O2' TLN B 1 3.75 -10.94 5.15
O3' TLN B 1 1.77 -10.66 3.17
C6' TLN B 1 4.06 -11.97 4.18
H5' TLN B 1 4.38 -11.22 0.71
H5'' TLN B 1 5.10 -12.61 1.54
H1' TLN B 1 5.84 -9.55 4.91
H6 TLN B 1 5.40 -8.40 1.45
H71 TLN B 1 7.33 -6.01 0.13
H72 TLN B 1 5.80 -6.77 -0.38
H73 TLN B 1 5.84 -5.05 0.03
H3 TLN B 1 6.00 -4.93 4.89
H3' TLN B 1 3.12 -9.28 2.30
H2' TLN B 1 3.20 -8.88 4.89
H6'1 TLN B 1 3.23 -12.71 4.12
H6'2 TLN B 1 4.98 -12.52 4.45
HO5' TLN B 1 2.32 -12.02 1.37
P LCG B 2 0.42 -9.79 3.26
OP1 LCG B 2 -0.79 -10.73 3.34
O5' LCG B 2 0.44 -8.82 4.56
C5' LCG B 2 0.46 -9.29 5.93
C3' LCG B 2 -0.18 -6.91 6.71
C6' LCG B 2 0.87 -8.26 8.35
N9 LCG B 2 2.20 -5.37 5.50
C8 LCG B 2 2.21 -5.84 4.19
C4 LCG B 2 2.47 -4.02 5.25
N7 LCG B 2 2.44 -5.02 3.13
C5 LCG B 2 2.60 -3.85 3.83
C6 LCG B 2 2.88 -2.47 3.21
C2' LCG B 2 0.76 -6.07 7.56
O6 LCG B 2 2.98 -2.32 1.99
C4' LCG B 2 0.80 -8.08 6.82
C1' LCG B 2 2.10 -6.16 6.78
C2 LCG B 2 2.86 -1.68 5.59
N1 LCG B 2 3.00 -1.46 4.12
O4' LCG B 2 2.11 -7.56 6.47
OP2 LCG B 2 0.28 -8.92 2.01
N2 LCG B 2 2.97 -0.61 6.50
N3 LCG B 2 2.63 -2.86 6.07
O2' LCG B 2 0.89 -6.88 8.77
O3' LCG B 2 -1.47 -7.19 7.31
H5' LCG B 2 1.21 -10.10 6.05
H5'' LCG B 2 -0.52 -9.71 6.19
H3' LCG B 2 -0.31 -6.50 5.68
H6'1 LCG B 2 -0.01 -8.80 8.74
H6'2 LCG B 2 1.78 -8.81 8.67
H8 LCG B 2 2.06 -6.89 4.00
H2' LCG B 2 0.44 -5.04 7.75
H1' LCG B 2 2.95 -5.91 7.43
H1 LCG B 2 3.19 -0.53 3.68
H21 LCG B 2 3.16 0.33 6.13
H22 LCG B 2 2.87 -0.79 7.51
P LCG B 3 -2.78 -6.27 7.10
OP1 LCG B 3 -3.98 -6.94 7.77
O5' LCG B 3 -2.54 -4.82 7.76
C5' LCG B 3 -2.33 -4.59 9.17
C3' LCG B 3 -2.83 -2.13 8.79
C6' LCG B 3 -1.54 -2.60 10.74
N9 LCG B 3 -0.69 -1.50 6.69
C8 LCG B 3 -0.83 -2.53 5.78
C4 LCG B 3 -0.48 -0.45 5.80
N7 LCG B 3 -0.75 -2.32 4.43
C5 LCG B 3 -0.53 -0.98 4.47
C6 LCG B 3 -0.23 -0.09 3.24
C2' LCG B 3 -1.76 -1.08 9.00
O6 LCG B 3 -0.24 -0.54 2.09
C4' LCG B 3 -1.82 -3.16 9.34
C1' LCG B 3 -0.55 -1.59 8.18
C2 LCG B 3 0.11 1.73 4.94
N1 LCG B 3 0.06 1.21 3.54
O4' LCG B 3 -0.59 -2.98 8.59
OP2 LCG B 3 -3.07 -6.09 5.61
N2 LCG B 3 0.41 3.07 5.22
N3 LCG B 3 -0.16 0.94 5.94
O2' LCG B 3 -1.44 -1.17 10.42
O3' LCG B 3 -4.01 -1.98 9.60
H5' LCG B 3 -1.58 -5.27 9.58
H5'' LCG B 3 -3.28 -4.69 9.72
H3' LCG B 3 -3.08 -2.32 7.72
H6'1 LCG B 3 -2.35 -2.78 11.45
H6'2 LCG B 3 -0.60 -2.98 11.18
H8 LCG B 3 -0.99 -3.54 6.13
H2' LCG B 3 -2.12 -0.09 8.72
H1' LCG B 3 0.40 -1.13 8.50
H1 LCG B 3 0.28 1.79 2.70
H21 LCG B 3 0.62 3.69 4.41
H22 LCG B 3 0.42 3.40 6.18
P LCG B 4 -5.34 -1.17 9.16
OP1 LCG B 4 -6.44 -1.38 10.20
O5' LCG B 4 -5.03 0.41 9.02
C5' LCG B 4 -4.49 1.24 10.07
C3' LCG B 4 -4.89 3.39 8.67
C6' LCG B 4 -3.13 3.52 10.28
N9 LCG B 4 -3.41 2.65 6.09
C8 LCG B 4 -3.97 1.42 5.75
C4 LCG B 4 -3.16 3.13 4.79
N7 LCG B 4 -4.09 1.01 4.45
C5 LCG B 4 -3.54 2.10 3.86
C6 LCG B 4 -3.23 2.27 2.35
C2' LCG B 4 -3.72 4.20 8.12
O6 LCG B 4 -3.48 1.39 1.54
C4' LCG B 4 -3.88 2.49 9.40
C1' LCG B 4 -2.88 3.13 7.41
C2 LCG B 4 -2.39 4.54 3.01
N1 LCG B 4 -2.68 3.47 2.00
O4' LCG B 4 -2.94 2.08 8.39
OP2 LCG B 4 -5.83 -1.71 7.80
N2 LCG B 4 -1.95 5.81 2.59
N3 LCG B 4 -2.58 4.34 4.27
O2' LCG B 4 -3.01 4.62 9.33
O3' LCG B 4 -5.76 4.17 9.53
H5' LCG B 4 -3.71 0.68 10.62
H5'' LCG B 4 -5.29 1.50 10.79
H3' LCG B 4 -5.48 2.85 7.90
H6'1 LCG B 4 -3.72 3.84 11.16
H6'2 LCG B 4 -2.15 3.16 10.61
H8 LCG B 4 -4.27 0.75 6.53
H2' LCG B 4 -3.99 5.05 7.47
H1' LCG B 4 -1.84 3.47 7.28
H1 LCG B 4 -2.54 3.59 0.99
H21 LCG B 4 -1.84 6.00 1.59
H22 LCG B 4 -1.78 6.54 3.30
P TLN B 5 -7.16 4.80 9.02
OP1 TLN B 5 -7.79 5.63 10.15
OP2 TLN B 5 -8.12 3.68 8.62
O5' TLN B 5 -6.91 5.76 7.74
C5' TLN B 5 -6.21 7.01 7.79
C4' TLN B 5 -5.92 7.47 6.35
O4' TLN B 5 -5.08 6.52 5.63
C1' TLN B 5 -5.28 6.76 4.21
N1 TLN B 5 -5.84 5.56 3.52
C6 TLN B 5 -6.51 4.50 4.31
C5 TLN B 5 -6.99 3.40 3.70
C5M TLN B 5 -7.64 2.35 4.57
C4 TLN B 5 -6.78 3.24 2.16
O4 TLN B 5 -7.15 2.25 1.54
N3 TLN B 5 -6.16 4.27 1.52
C2 TLN B 5 -5.69 5.40 2.14
O2 TLN B 5 -5.11 6.24 1.44
C3' TLN B 5 -7.13 7.69 5.42
C2' TLN B 5 -6.17 8.03 4.29
O2' TLN B 5 -5.36 9.11 4.82
O3' TLN B 5 -7.99 8.77 5.78
C6' TLN B 5 -5.21 8.82 6.23
H5' TLN B 5 -5.27 6.92 8.35
H5'' TLN B 5 -6.83 7.77 8.32
H1' TLN B 5 -4.30 7.03 3.77
H6 TLN B 5 -6.64 4.62 5.39
H71 TLN B 5 -8.30 2.82 5.32
H72 TLN B 5 -8.25 1.65 3.98
H73 TLN B 5 -6.86 1.78 5.11
H3 TLN B 5 -6.01 4.19 0.52
H3' TLN B 5 -7.73 6.78 5.25
H2' TLN B 5 -6.66 8.30 3.32
HO3' TLN B 5 -8.60 8.88 5.04
H6'1 TLN B 5 -5.73 9.56 6.87
H6'2 TLN B 5 -4.15 8.73 6.54
O5' TLN C 1 8.42 10.11 0.16
C5' TLN C 1 9.18 8.90 0.27
C4' TLN C 1 9.12 8.08 -1.03
O4' TLN C 1 9.86 6.83 -0.86
C1' TLN C 1 9.43 5.93 -1.92
N1 TLN C 1 8.89 4.61 -1.46
C6 TLN C 1 8.56 4.40 -0.03
C5 TLN C 1 8.22 3.17 0.42
C5M TLN C 1 8.01 2.90 1.90
C4 TLN C 1 8.08 2.02 -0.61
O4 TLN C 1 7.72 0.89 -0.31
N3 TLN C 1 8.39 2.31 -1.92
C2 TLN C 1 8.78 3.55 -2.36
O2 TLN C 1 9.02 3.67 -3.56
C3' TLN C 1 7.74 7.62 -1.50
C2' TLN C 1 8.42 6.86 -2.64
O2' TLN C 1 9.18 7.88 -3.34
O3' TLN C 1 6.87 8.69 -1.94
C6' TLN C 1 9.67 8.77 -2.30
H5' TLN C 1 8.78 8.31 1.11
H5'' TLN C 1 10.22 9.15 0.53
H1' TLN C 1 10.30 5.75 -2.59
H6 TLN C 1 8.61 5.27 0.62
H71 TLN C 1 8.92 2.47 2.35
H72 TLN C 1 7.75 3.82 2.46
H73 TLN C 1 7.18 2.18 2.07
H3 TLN C 1 8.31 1.56 -2.62
H3' TLN C 1 7.21 6.95 -0.79
H2' TLN C 1 7.72 6.30 -3.27
H6'1 TLN C 1 9.27 9.79 -2.45
H6'2 TLN C 1 10.78 8.83 -2.31
HO5' TLN C 1 7.52 9.84 -0.04
P LCG C 2 5.35 8.49 -2.43
OP1 LCG C 2 4.74 9.85 -2.77
O5' LCG C 2 5.29 7.53 -3.72
C5' LCG C 2 5.89 7.83 -5.00
C3' LCG C 2 4.47 5.95 -6.06
C6' LCG C 2 6.43 6.55 -7.28
N9 LCG C 2 5.46 3.58 -4.35
C8 LCG C 2 5.31 4.08 -3.07
C4 LCG C 2 5.08 2.26 -4.13
N7 LCG C 2 4.90 3.30 -2.03
C5 LCG C 2 4.75 2.13 -2.73
C6 LCG C 2 4.31 0.78 -2.13
C2' LCG C 2 5.13 4.71 -6.68
O6 LCG C 2 4.04 0.65 -0.94
C4' LCG C 2 5.87 6.53 -5.84
C1' LCG C 2 6.09 4.24 -5.55
C2 LCG C 2 4.60 -0.07 -4.47
N1 LCG C 2 4.26 -0.25 -3.02
O4' LCG C 2 6.64 5.50 -5.17
OP2 LCG C 2 4.54 7.85 -1.30
N2 LCG C 2 4.54 -1.16 -5.37
N3 LCG C 2 4.97 1.08 -4.94
O2' LCG C 2 5.93 5.28 -7.76
O3' LCG C 2 3.67 6.74 -6.98
H5' LCG C 2 6.92 8.20 -4.87
H5'' LCG C 2 5.32 8.63 -5.51
H3' LCG C 2 3.91 5.74 -5.13
H6'1 LCG C 2 6.04 7.40 -7.87
H6'2 LCG C 2 7.54 6.60 -7.31
H8 LCG C 2 5.56 5.11 -2.87
H2' LCG C 2 4.43 3.94 -7.01
H1' LCG C 2 6.87 3.58 -5.97
H1 LCG C 2 3.96 -1.15 -2.61
H21 LCG C 2 4.26 -2.08 -5.02
H22 LCG C 2 4.78 -1.01 -6.36
P LCG C 3 2.09 6.56 -7.19
OP1 LCG C 3 1.56 7.66 -8.12
O5' LCG C 3 1.79 5.11 -7.85
C5' LCG C 3 2.21 4.70 -9.17
C3' LCG C 3 0.57 2.78 -9.04
C6' LCG C 3 2.35 2.46 -10.59
N9 LCG C 3 1.63 1.36 -6.51
C8 LCG C 3 1.62 2.42 -5.63
C4 LCG C 3 1.28 0.34 -5.63
N7 LCG C 3 1.32 2.26 -4.30
C5 LCG C 3 1.12 0.92 -4.33
C6 LCG C 3 0.79 0.04 -3.10
C2' LCG C 3 1.04 1.34 -9.04
O6 LCG C 3 0.67 0.52 -1.97
C4' LCG C 3 2.03 3.19 -9.27
C1' LCG C 3 2.12 1.31 -7.93
C2 LCG C 3 0.78 -1.85 -4.75
N1 LCG C 3 0.65 -1.30 -3.37
O4' LCG C 3 2.81 2.53 -8.24
OP2 LCG C 3 1.37 6.65 -5.84
N2 LCG C 3 0.56 -3.22 -5.01
N3 LCG C 3 1.10 -1.09 -5.75
O2' LCG C 3 1.70 1.19 -10.33
O3' LCG C 3 -0.31 3.14 -10.12
H5' LCG C 3 3.27 4.94 -9.34
H5'' LCG C 3 1.59 5.19 -9.94
H3' LCG C 3 0.18 3.14 -8.05
H6'1 LCG C 3 1.91 2.96 -11.48
H6'2 LCG C 3 3.43 2.34 -10.75
H8 LCG C 3 1.89 3.41 -5.97
H2' LCG C 3 0.21 0.65 -8.90
H1' LCG C 3 2.82 0.45 -8.05
H1 LCG C 3 0.37 -1.86 -2.55
H21 LCG C 3 0.27 -3.82 -4.22
H22 LCG C 3 0.65 -3.57 -5.97
P LCG C 4 -1.93 3.24 -10.02
OP1 LCG C 4 -2.47 3.93 -11.27
O5' LCG C 4 -2.57 1.75 -9.90
C5' LCG C 4 -2.50 0.75 -10.93
C3' LCG C 4 -4.06 -0.75 -9.51
C6' LCG C 4 -2.75 -1.90 -11.13
N9 LCG C 4 -2.41 -0.99 -6.95
C8 LCG C 4 -2.15 0.33 -6.65
C4 LCG C 4 -2.68 -1.47 -5.68
N7 LCG C 4 -2.20 0.80 -5.38
C5 LCG C 4 -2.54 -0.37 -4.76
C6 LCG C 4 -2.74 -0.57 -3.25
C2' LCG C 4 -3.58 -2.10 -8.96
O6 LCG C 4 -2.61 0.38 -2.46
C4' LCG C 4 -2.73 -0.62 -10.26
C1' LCG C 4 -2.26 -1.71 -8.26
C2 LCG C 4 -3.24 -2.95 -3.86
N1 LCG C 4 -3.08 -1.83 -2.87
O4' LCG C 4 -1.71 -0.84 -9.27
OP2 LCG C 4 -2.31 4.05 -8.78
N2 LCG C 4 -3.64 -4.23 -3.44
N3 LCG C 4 -3.03 -2.75 -5.12
O2' LCG C 4 -3.26 -2.85 -10.17
O3' LCG C 4 -5.24 -0.87 -10.34
H5' LCG C 4 -1.51 0.77 -11.43
H5'' LCG C 4 -3.26 0.96 -11.71
H3' LCG C 4 -4.20 0.03 -8.73
H6'1 LCG C 4 -3.42 -1.82 -12.00
H6'2 LCG C 4 -1.74 -2.18 -11.49
H8 LCG C 4 -1.88 1.03 -7.44
H2' LCG C 4 -4.29 -2.61 -8.30
H1' LCG C 4 -1.62 -2.59 -8.11
H1 LCG C 4 -3.29 -1.94 -1.86
H21 LCG C 4 -3.84 -4.38 -2.44
H22 LCG C 4 -3.74 -4.98 -4.14
P TLN C 5 -6.70 -0.36 -9.85
OP1 TLN C 5 -7.75 -0.71 -10.91
OP2 TLN C 5 -6.67 1.16 -9.67
O5' TLN C 5 -7.08 -1.06 -8.45
C5' TLN C 5 -7.41 -2.44 -8.31
C4' TLN C 5 -7.60 -2.77 -6.82
O4' TLN C 5 -6.38 -2.55 -6.05
C1' TLN C 5 -6.80 -2.40 -4.65
N1 TLN C 5 -6.45 -1.05 -4.10
C6 TLN C 5 -6.11 0.05 -5.03
C5 TLN C 5 -5.70 1.25 -4.55
C5M TLN C 5 -5.29 2.30 -5.54
C4 TLN C 5 -5.70 1.47 -3.01
O4 TLN C 5 -5.39 2.54 -2.49
N3 TLN C 5 -6.05 0.39 -2.24
C2 TLN C 5 -6.40 -0.84 -2.72
O2 TLN C 5 -6.63 -1.73 -1.92
C3' TLN C 5 -8.69 -1.99 -6.07
C2' TLN C 5 -8.31 -2.73 -4.79
O2' TLN C 5 -8.43 -4.13 -5.15
O3' TLN C 5 -10.03 -2.24 -6.49
C6' TLN C 5 -8.01 -4.22 -6.53
H5' TLN C 5 -6.61 -3.09 -8.74
H5'' TLN C 5 -8.34 -2.69 -8.87
H1' TLN C 5 -6.30 -3.18 -4.05
H6 TLN C 5 -6.16 -0.12 -6.11
H71 TLN C 5 -4.52 2.96 -5.11
H72 TLN C 5 -4.85 1.85 -6.45
H73 TLN C 5 -6.16 2.91 -5.85
H3 TLN C 5 -6.03 0.51 -1.21
H3' TLN C 5 -8.51 -0.90 -6.03
H2' TLN C 5 -8.91 -2.47 -3.90
HO3' TLN C 5 -10.60 -1.81 -5.85
H6'1 TLN C 5 -8.84 -4.50 -7.19
H6'2 TLN C 5 -7.16 -4.90 -6.68
O5' TLN D 1 7.55 -2.44 -10.70
C5' TLN D 1 8.33 -2.56 -9.51
C4' TLN D 1 7.95 -3.81 -8.70
O4' TLN D 1 8.73 -3.88 -7.46
C1' TLN D 1 8.05 -4.79 -6.57
N1 TLN D 1 7.68 -4.22 -5.23
C6 TLN D 1 7.76 -2.75 -5.01
C5 TLN D 1 7.58 -2.24 -3.76
C5M TLN D 1 7.81 -0.76 -3.49
C4 TLN D 1 7.19 -3.22 -2.61
O4 TLN D 1 6.94 -2.83 -1.47
N3 TLN D 1 7.12 -4.54 -2.92
C2 TLN D 1 7.35 -5.06 -4.17
O2 TLN D 1 7.25 -6.28 -4.30
C3' TLN D 1 6.50 -3.87 -8.20
C2' TLN D 1 6.86 -5.18 -7.47
O2' TLN D 1 7.35 -6.04 -8.52
O3' TLN D 1 5.51 -4.05 -9.24
C6' TLN D 1 8.09 -5.17 -9.42
H5' TLN D 1 8.21 -1.65 -8.90
H5'' TLN D 1 9.40 -2.59 -9.78
H1' TLN D 1 8.69 -5.67 -6.42
H6 TLN D 1 7.96 -2.12 -5.86
H71 TLN D 1 8.84 -0.58 -3.15
H72 TLN D 1 7.64 -0.13 -4.38
H73 TLN D 1 7.14 -0.39 -2.70
H3 TLN D 1 6.86 -5.19 -2.17
H3' TLN D 1 6.20 -3.06 -7.50
H2' TLN D 1 6.02 -5.59 -6.90
H6'1 TLN D 1 7.64 -5.18 -10.43
H6'2 TLN D 1 9.15 -5.49 -9.51
HO5' TLN D 1 6.63 -2.38 -10.41
P LCG D 2 3.91 -4.03 -8.99
OP1 LCG D 2 3.19 -4.16 -10.33
O5' LCG D 2 3.48 -5.25 -8.03
C5' LCG D 2 3.63 -6.64 -8.34
C3' LCG D 2 2.07 -7.27 -6.37
C6' LCG D 2 3.57 -8.98 -7.08
N9 LCG D 2 3.61 -5.94 -4.07
C8 LCG D 2 3.79 -4.65 -4.56
C4 LCG D 2 3.35 -5.63 -2.74
N7 LCG D 2 3.70 -3.55 -3.76
C5 LCG D 2 3.42 -4.20 -2.59
C6 LCG D 2 3.23 -3.53 -1.21
C2' LCG D 2 2.60 -8.06 -5.17
O6 LCG D 2 3.30 -2.31 -1.06
C4' LCG D 2 3.44 -7.44 -7.04
C1' LCG D 2 3.86 -7.26 -4.75
C2 LCG D 2 2.87 -5.88 -0.39
N1 LCG D 2 2.97 -4.39 -0.18
O4' LCG D 2 4.43 -7.02 -6.06
OP2 LCG D 2 3.51 -2.70 -8.34
N2 LCG D 2 2.57 -6.74 0.67
N3 LCG D 2 3.07 -6.40 -1.56
O2' LCG D 2 3.05 -9.33 -5.77
O3' LCG D 2 0.99 -7.92 -7.08
H5' LCG D 2 4.63 -6.83 -8.78
H5'' LCG D 2 2.88 -6.95 -9.09
H3' LCG D 2 1.82 -6.22 -6.12
H6'1 LCG D 2 2.98 -9.43 -7.89
H6'2 LCG D 2 4.63 -9.32 -7.19
H8 LCG D 2 4.03 -4.51 -5.60
H2' LCG D 2 1.89 -8.20 -4.34
H1' LCG D 2 4.55 -7.86 -4.15
H1 LCG D 2 2.86 -3.94 0.74
H21 LCG D 2 2.42 -6.34 1.60
H22 LCG D 2 2.49 -7.76 0.49
P LCG D 3 -0.57 -7.65 -6.77
OP1 LCG D 3 -1.42 -8.44 -7.76
O5' LCG D 3 -0.92 -8.12 -5.26
C5' LCG D 3 -0.85 -9.48 -4.80
C3' LCG D 3 -2.23 -8.89 -2.75
C6' LCG D 3 -0.84 -10.80 -2.51
N9 LCG D 3 -0.55 -6.64 -1.52
C8 LCG D 3 -0.42 -5.77 -2.59
C4 LCG D 3 -0.65 -5.72 -0.49
N7 LCG D 3 -0.39 -4.42 -2.42
C5 LCG D 3 -0.53 -4.40 -1.06
C6 LCG D 3 -0.47 -3.14 -0.16
C2' LCG D 3 -1.65 -8.97 -1.37
O6 LCG D 3 -0.31 -2.02 -0.62
C4' LCG D 3 -0.92 -9.46 -3.28
C1' LCG D 3 -0.35 -8.13 -1.47
C2 LCG D 3 -0.75 -4.78 1.73
N1 LCG D 3 -0.58 -3.39 1.19
O4' LCG D 3 0.14 -8.62 -2.73
OP2 LCG D 3 -0.88 -6.16 -6.91
N2 LCG D 3 -0.94 -5.01 3.10
N3 LCG D 3 -0.76 -5.81 0.94
O2' LCG D 3 -1.28 -10.37 -1.20
O3' LCG D 3 -3.39 -9.73 -2.96
H5' LCG D 3 0.09 -9.96 -5.11
H5'' LCG D 3 -1.70 -10.07 -5.19
H3' LCG D 3 -2.40 -7.86 -3.13
H6'1 LCG D 3 -1.51 -11.57 -2.93
H6'2 LCG D 3 0.19 -11.22 -2.48
H8 LCG D 3 -0.30 -6.18 -3.58
H2' LCG D 3 -2.35 -8.62 -0.62
H1' LCG D 3 0.36 -8.38 -0.66
H1 LCG D 3 -0.53 -2.54 1.77
H21 LCG D 3 -0.93 -4.21 3.75
H22 LCG D 3 -1.06 -5.98 3.43
P LCG D 4 -4.91 -9.26 -2.66
OP1 LCG D 4 -5.88 -10.39 -3.03
O5' LCG D 4 -5.10 -8.88 -1.10
C5' LCG D 4 -4.93 -9.81 0.00
C3' LCG D 4 -6.05 -8.19 1.70
C6' LCG D 4 -4.50 -9.77 2.61
N9 LCG D 4 -4.33 -5.65 1.35
C8 LCG D 4 -4.41 -5.41 -0.01
C4 LCG D 4 -4.26 -4.35 1.82
N7 LCG D 4 -4.36 -4.13 -0.52
C5 LCG D 4 -4.25 -3.47 0.68
C6 LCG D 4 -4.03 -1.95 0.86
C2' LCG D 4 -5.23 -7.57 2.83
O6 LCG D 4 -3.94 -1.18 -0.10
C4' LCG D 4 -4.80 -9.01 1.30
C1' LCG D 4 -4.04 -6.94 2.08
C2 LCG D 4 -4.00 -2.47 3.31
N1 LCG D 4 -3.91 -1.53 2.16
O4' LCG D 4 -3.75 -8.01 1.15
OP2 LCG D 4 -5.24 -8.02 -3.51
N2 LCG D 4 -4.00 -1.99 4.63
N3 LCG D 4 -4.13 -3.74 3.11
O2' LCG D 4 -4.74 -8.71 3.59
O3' LCG D 4 -7.17 -8.99 2.16
H5' LCG D 4 -4.03 -10.43 -0.17
H5'' LCG D 4 -5.79 -10.51 0.03
H3' LCG D 4 -6.37 -7.48 0.92
H6'1 LCG D 4 -5.16 -10.63 2.78
H6'2 LCG D 4 -3.45 -10.11 2.66
H8 LCG D 4 -4.44 -6.23 -0.70
H2' LCG D 4 -5.78 -6.84 3.45
H1' LCG D 4 -3.19 -6.80 2.76
H1 LCG D 4 -3.78 -0.51 2.25
H21 LCG D 4 -3.95 -0.98 4.78
H22 LCG D 4 -4.07 -2.66 5.41
P TLN D 5 -8.64 -8.37 2.39
OP1 TLN D 5 -9.57 -9.46 2.92
OP2 TLN D 5 -9.18 -7.86 1.05
O5' TLN D 5 -8.59 -7.14 3.43
C5' TLN D 5 -8.29 -7.29 4.83
C4' TLN D 5 -8.13 -5.90 5.46
O4' TLN D 5 -7.04 -5.14 4.85
C1' TLN D 5 -7.29 -3.75 5.15
N1 TLN D 5 -7.50 -2.92 3.92
C6 TLN D 5 -7.81 -3.59 2.63
C5 TLN D 5 -7.92 -2.87 1.49
C5M TLN D 5 -8.20 -3.60 0.22
C4 TLN D 5 -7.70 -1.33 1.57
O4 TLN D 5 -7.75 -0.60 0.58
N3 TLN D 5 -7.44 -0.80 2.81
C2 TLN D 5 -7.34 -1.54 3.96
O2 TLN D 5 -7.10 -0.93 5.01
C3' TLN D 5 -9.34 -4.96 5.41
C2' TLN D 5 -8.50 -3.88 6.11
O2' TLN D 5 -8.03 -4.54 7.33
O3' TLN D 5 -10.48 -5.37 6.18
C6' TLN D 5 -7.83 -5.93 6.96
H5' TLN D 5 -7.38 -7.90 4.98
H5'' TLN D 5 -9.11 -7.85 5.34
H1' TLN D 5 -6.42 -3.36 5.72
H6 TLN D 5 -7.94 -4.68 2.60
H71 TLN D 5 -7.27 -4.06 -0.18
H72 TLN D 5 -8.93 -4.43 0.37
H73 TLN D 5 -8.61 -2.93 -0.55
H3 TLN D 5 -7.31 0.21 2.88
H3' TLN D 5 -9.65 -4.69 4.39
H2' TLN D 5 -9.04 -2.93 6.32
HO3' TLN D 5 -11.08 -4.63 6.17
H6'1 TLN D 5 -8.53 -6.60 7.48
H6'2 TLN D 5 -6.78 -6.25 7.14
O5' TLN A 1 6.68 -0.95 12.21
C5' TLN A 1 5.57 -0.45 11.47
C4' TLN A 1 5.99 0.80 10.67
O4' TLN A 1 7.06 0.49 9.72
C1' TLN A 1 7.06 1.55 8.72
N1 TLN A 1 6.92 1.08 7.31
C6 TLN A 1 6.50 -0.30 7.02
C5 TLN A 1 6.50 -0.78 5.75
C5M TLN A 1 6.23 -2.23 5.45
C4 TLN A 1 6.86 0.22 4.60
O4 TLN A 1 6.83 -0.10 3.41
N3 TLN A 1 7.21 1.48 4.95
C2 TLN A 1 7.25 1.94 6.26
O2 TLN A 1 7.58 3.11 6.43
C3' TLN A 1 4.88 1.39 9.78
C2' TLN A 1 5.90 2.41 9.26
O2' TLN A 1 6.35 3.08 10.48
O3' TLN A 1 3.77 1.97 10.52
C6' TLN A 1 6.41 2.04 11.49
H5' TLN A 1 4.74 -0.21 12.16
H5'' TLN A 1 5.21 -1.24 10.79
H1' TLN A 1 8.01 2.11 8.83
H6 TLN A 1 6.20 -0.92 7.86
H71 TLN A 1 5.63 -2.73 6.23
H72 TLN A 1 5.66 -2.35 4.50
H73 TLN A 1 7.16 -2.80 5.34
H3 TLN A 1 7.45 2.16 4.22
H3' TLN A 1 4.52 0.71 8.99
H2' TLN A 1 5.48 3.07 8.51
H6'1 TLN A 1 5.71 2.27 12.32
H6'2 TLN A 1 7.43 1.94 11.90
HO5' TLN A 1 7.36 -1.14 11.56
P LCG A 2 2.44 2.58 9.81
OP1 LCG A 2 1.47 3.05 10.90
O5' LCG A 2 2.84 3.81 8.85
C5' LCG A 2 3.43 5.05 9.29
C3' LCG A 2 2.83 6.13 7.02
C6' LCG A 2 4.62 7.17 8.20
N9 LCG A 2 4.31 4.20 5.14
C8 LCG A 2 3.85 2.97 5.59
C4 LCG A 2 4.34 3.91 3.77
N7 LCG A 2 3.58 1.93 4.74
C5 LCG A 2 3.90 2.56 3.57
C6 LCG A 2 3.88 1.92 2.17
C2' LCG A 2 3.91 6.59 6.06
O6 LCG A 2 3.51 0.76 2.00
C4' LCG A 2 3.93 5.79 8.04
C1' LCG A 2 4.83 5.35 5.94
C2 LCG A 2 4.71 4.16 1.40
N1 LCG A 2 4.28 2.74 1.16
O4' LCG A 2 4.91 4.99 7.33
OP2 LCG A 2 1.76 1.48 8.98
N2 LCG A 2 5.12 4.99 0.34
N3 LCG A 2 4.73 4.66 2.60
O2' LCG A 2 4.62 7.62 6.82
O3' LCG A 2 1.93 7.17 7.48
H5' LCG A 2 4.26 4.84 9.98
H5'' LCG A 2 2.69 5.65 9.84
H3' LCG A 2 2.27 5.24 6.66
H6'1 LCG A 2 4.04 7.85 8.85
H6'2 LCG A 2 5.65 7.09 8.60
H8 LCG A 2 3.75 2.78 6.66
H2' LCG A 2 3.55 6.95 5.08
H1' LCG A 2 5.83 5.64 5.57
H1 LCG A 2 4.27 2.30 0.23
H21 LCG A 2 5.12 4.59 -0.61
H22 LCG A 2 5.41 5.95 0.53
P LCG A 3 0.54 7.53 6.74
OP1 LCG A 3 -0.20 8.60 7.56
O5' LCG A 3 0.83 8.08 5.27
C5' LCG A 3 1.53 9.30 4.96
C3' LCG A 3 0.61 9.22 2.61
C6' LCG A 3 2.62 10.49 2.86
N9 LCG A 3 1.67 6.49 1.65
C8 LCG A 3 1.13 5.70 2.65
C4 LCG A 3 1.58 5.59 0.59
N7 LCG A 3 0.71 4.42 2.42
C5 LCG A 3 1.03 4.37 1.09
C6 LCG A 3 0.88 3.13 0.18
C2' LCG A 3 1.53 9.06 1.41
O6 LCG A 3 0.45 2.05 0.60
C4' LCG A 3 1.87 9.29 3.48
C1' LCG A 3 2.37 7.81 1.76
C2 LCG A 3 1.78 4.64 -1.61
N1 LCG A 3 1.27 3.31 -1.12
O4' LCG A 3 2.65 8.11 3.13
OP2 LCG A 3 -0.34 6.28 6.65
N2 LCG A 3 2.06 4.84 -2.98
N3 LCG A 3 1.94 5.63 -0.81
O2' LCG A 3 2.39 10.23 1.45
O3' LCG A 3 -0.18 10.45 2.61
H5' LCG A 3 2.48 9.36 5.53
H5'' LCG A 3 0.91 10.18 5.18
H3' LCG A 3 -0.01 8.34 2.83
H6'1 LCG A 3 2.18 11.47 3.16
H6'2 LCG A 3 3.69 10.50 3.10
H8 LCG A 3 1.06 6.08 3.66
H2' LCG A 3 0.95 8.98 0.48
H1' LCG A 3 3.31 7.79 1.18
H1 LCG A 3 1.15 2.48 -1.71
H21 LCG A 3 1.91 4.06 -3.62
H22 LCG A 3 2.40 5.75 -3.29
P LCG A 4 -1.64 10.56 1.95
OP1 LCG A 4 -2.22 11.96 2.26
O5' LCG A 4 -1.57 10.37 0.35
C5' LCG A 4 -0.88 11.25 -0.56
C3' LCG A 4 -2.06 10.02 -2.54
C6' LCG A 4 -0.07 11.21 -3.10
N9 LCG A 4 -1.08 7.17 -2.06
C8 LCG A 4 -1.43 6.95 -0.73
C4 LCG A 4 -1.42 5.93 -2.58
N7 LCG A 4 -1.91 5.75 -0.30
C5 LCG A 4 -1.87 5.10 -1.50
C6 LCG A 4 -2.23 3.61 -1.75
C2' LCG A 4 -1.25 9.24 -3.57
O6 LCG A 4 -2.60 2.87 -0.82
C4' LCG A 4 -0.73 10.50 -1.90
C1' LCG A 4 -0.36 8.33 -2.69
C2 LCG A 4 -1.72 4.12 -4.14
N1 LCG A 4 -2.13 3.19 -3.03
O4' LCG A 4 0.04 9.29 -1.68
OP2 LCG A 4 -2.57 9.49 2.54
N2 LCG A 4 -1.71 3.70 -5.48
N3 LCG A 4 -1.37 5.34 -3.89
O2' LCG A 4 -0.39 10.28 -4.17
O3' LCG A 4 -2.88 11.04 -3.14
H5' LCG A 4 0.11 11.52 -0.16
H5'' LCG A 4 -1.45 12.18 -0.68
H3' LCG A 4 -2.66 9.37 -1.88
H6'1 LCG A 4 -0.50 12.21 -3.31
H6'2 LCG A 4 1.02 11.32 -2.98
H8 LCG A 4 -1.28 7.73 0.00
H2' LCG A 4 -1.85 8.70 -4.31
H1' LCG A 4 0.52 7.97 -3.24
H1 LCG A 4 -2.35 2.19 -3.17
H21 LCG A 4 -1.96 2.72 -5.69
H22 LCG A 4 -1.44 4.36 -6.21
P TLN A 5 -4.08 11.82 -2.38
OP1 TLN A 5 -3.68 13.29 -2.21
OP2 TLN A 5 -4.35 11.20 -1.01
O5' TLN A 5 -5.42 11.73 -3.29
C5' TLN A 5 -5.43 11.89 -4.72
C4' TLN A 5 -5.55 10.53 -5.42
O4' TLN A 5 -4.45 9.62 -5.08
C1' TLN A 5 -4.89 8.28 -5.47
N1 TLN A 5 -4.96 7.33 -4.32
C6 TLN A 5 -5.01 7.86 -2.93
C5 TLN A 5 -5.14 7.01 -1.88
C5M TLN A 5 -5.20 7.56 -0.49
C4 TLN A 5 -5.25 5.48 -2.17
O4 TLN A 5 -5.37 4.63 -1.29
N3 TLN A 5 -5.18 5.09 -3.48
C2 TLN A 5 -5.03 5.96 -4.54
O2 TLN A 5 -4.98 5.47 -5.67
C3' TLN A 5 -6.81 9.70 -5.19
C2' TLN A 5 -6.26 8.62 -6.12
O2' TLN A 5 -5.99 9.34 -7.36
O3' TLN A 5 -8.03 10.29 -5.66
C6' TLN A 5 -5.55 10.66 -6.95
H5' TLN A 5 -4.51 12.42 -5.06
H5'' TLN A 5 -6.26 12.55 -5.02
H1' TLN A 5 -4.19 7.89 -6.23
H6 TLN A 5 -4.98 8.93 -2.76
H71 TLN A 5 -4.75 6.88 0.24
H72 TLN A 5 -4.66 8.52 -0.41
H73 TLN A 5 -6.26 7.75 -0.21
H3 TLN A 5 -5.24 4.09 -3.70
H3' TLN A 5 -6.94 9.37 -4.14
H2' TLN A 5 -6.91 7.74 -6.27
HO3' TLN A 5 -8.70 9.60 -5.58
H6'1 TLN A 5 -6.27 11.42 -7.25
H6'2 TLN A 5 -4.54 10.90 -7.34
O5' TLN B 1 5.63 -12.73 1.66
C5' TLN B 1 4.49 -11.89 1.72
C4' TLN B 1 4.50 -11.05 3.02
O4' TLN B 1 5.68 -10.20 3.08
C1' TLN B 1 5.40 -9.16 4.06
N1 TLN B 1 5.54 -7.76 3.55
C6 TLN B 1 5.66 -7.50 2.10
C5 TLN B 1 5.95 -6.25 1.64
C5M TLN B 1 6.22 -6.00 0.18
C4 TLN B 1 6.04 -5.09 2.68
O4 TLN B 1 6.22 -3.93 2.35
N3 TLN B 1 5.88 -5.42 4.00
C2 TLN B 1 5.65 -6.69 4.45
O2 TLN B 1 5.54 -6.85 5.67
C3' TLN B 1 3.33 -10.06 3.16
C2' TLN B 1 3.97 -9.58 4.46
O2' TLN B 1 4.06 -10.78 5.27
O3' TLN B 1 2.04 -10.69 3.33
C6' TLN B 1 4.39 -11.84 4.35
H5' TLN B 1 3.57 -12.50 1.66
H5'' TLN B 1 4.48 -11.23 0.84
H1' TLN B 1 6.08 -9.30 4.92
H6 TLN B 1 5.52 -8.35 1.43
H71 TLN B 1 5.80 -5.02 -0.15
H72 TLN B 1 7.30 -5.98 -0.03
H73 TLN B 1 5.76 -6.76 -0.49
H3 TLN B 1 5.94 -4.67 4.69
H3' TLN B 1 3.29 -9.27 2.38
H2' TLN B 1 3.41 -8.77 4.93
H6'1 TLN B 1 3.60 -12.61 4.34
H6'2 TLN B 1 5.34 -12.33 4.62
HO5' TLN B 1 6.39 -12.15 1.69
P LCG B 2 0.64 -9.87 3.43
OP1 LCG B 2 -0.52 -10.85 3.56
O5' LCG B 2 0.66 -8.88 4.69
C5' LCG B 2 0.75 -9.29 6.07
C3' LCG B 2 0.00 -6.93 6.81
C6' LCG B 2 1.19 -8.19 8.45
N9 LCG B 2 2.22 -5.27 5.50
C8 LCG B 2 2.20 -5.76 4.20
C4 LCG B 2 2.45 -3.93 5.22
N7 LCG B 2 2.37 -4.95 3.12
C5 LCG B 2 2.53 -3.77 3.80
C6 LCG B 2 2.80 -2.40 3.16
C2' LCG B 2 0.93 -6.02 7.62
O6 LCG B 2 2.89 -2.25 1.94
C4' LCG B 2 1.06 -8.05 6.93
C1' LCG B 2 2.23 -6.05 6.79
C2 LCG B 2 2.86 -1.57 5.53
N1 LCG B 2 2.96 -1.36 4.05
O4' LCG B 2 2.32 -7.45 6.51
OP2 LCG B 2 0.45 -9.04 2.15
N2 LCG B 2 3.00 -0.50 6.43
N3 LCG B 2 2.63 -2.75 6.02
O2' LCG B 2 1.15 -6.78 8.85
O3' LCG B 2 -1.25 -7.26 7.47
H5' LCG B 2 1.54 -10.05 6.19
H5'' LCG B 2 -0.19 -9.76 6.38
H3' LCG B 2 -0.17 -6.57 5.78
H6'1 LCG B 2 0.36 -8.76 8.89
H6'2 LCG B 2 2.14 -8.67 8.76
H8 LCG B 2 2.08 -6.82 4.03
H2' LCG B 2 0.54 -5.01 7.80
H1' LCG B 2 3.10 -5.73 7.41
H1 LCG B 2 3.15 -0.46 3.60
H21 LCG B 2 3.19 0.44 6.05
H22 LCG B 2 2.93 -0.68 7.44
P LCG B 3 -2.60 -6.39 7.32
OP1 LCG B 3 -3.74 -7.06 8.09
O5' LCG B 3 -2.34 -4.91 7.90
C5' LCG B 3 -2.08 -4.60 9.29
C3' LCG B 3 -2.74 -2.20 8.84
C6' LCG B 3 -1.34 -2.51 10.74
N9 LCG B 3 -0.73 -1.44 6.64
C8 LCG B 3 -0.99 -2.46 5.73
C4 LCG B 3 -0.47 -0.41 5.74
N7 LCG B 3 -0.91 -2.26 4.38
C5 LCG B 3 -0.58 -0.94 4.41
C6 LCG B 3 -0.25 -0.07 3.18
C2' LCG B 3 -1.75 -1.05 8.99
O6 LCG B 3 -0.30 -0.53 2.03
C4' LCG B 3 -1.65 -3.14 9.37
C1' LCG B 3 -0.54 -1.53 8.12
C2 LCG B 3 0.14 1.75 4.86
N1 LCG B 3 0.10 1.22 3.46
O4' LCG B 3 -0.48 -2.90 8.54
OP2 LCG B 3 -2.97 -6.28 5.84
N2 LCG B 3 0.40 3.10 5.11
N3 LCG B 3 -0.09 0.97 5.87
O2' LCG B 3 -1.35 -1.10 10.38
O3' LCG B 3 -3.90 -2.11 9.70
H5' LCG B 3 -1.27 -5.22 9.69
H5'' LCG B 3 -2.99 -4.74 9.89
H3' LCG B 3 -3.02 -2.43 7.79
H6'1 LCG B 3 -2.11 -2.73 11.50
H6'2 LCG B 3 -0.35 -2.81 11.14
H8 LCG B 3 -1.20 -3.46 6.09
H2' LCG B 3 -2.19 -0.11 8.69
H1' LCG B 3 0.40 -1.00 8.41
H1 LCG B 3 0.29 1.79 2.62
H21 LCG B 3 0.57 3.73 4.31
H22 LCG B 3 0.42 3.44 6.08
P LCG B 4 -5.26 -1.33 9.29
OP1 LCG B 4 -6.31 -1.53 10.39
O5' LCG B 4 -4.96 0.25 9.11
C5' LCG B 4 -4.50 1.12 10.16
C3' LCG B 4 -5.14 3.13 8.68
C6' LCG B 4 -3.54 3.60 10.37
N9 LCG B 4 -3.39 2.60 6.21
C8 LCG B 4 -3.67 1.27 5.90
C4 LCG B 4 -3.22 3.09 4.91
N7 LCG B 4 -3.67 0.81 4.62
C5 LCG B 4 -3.36 2.00 4.00
C6 LCG B 4 -3.16 2.19 2.48
C2' LCG B 4 -4.10 4.12 8.18
O6 LCG B 4 -3.25 1.25 1.69
C4' LCG B 4 -4.05 2.44 9.50
C1' LCG B 4 -3.03 3.19 7.54
C2 LCG B 4 -2.78 4.60 3.08
N1 LCG B 4 -2.86 3.47 2.10
O4' LCG B 4 -2.98 2.16 8.55
OP2 LCG B 4 -5.79 -1.89 7.97
N2 LCG B 4 -2.55 5.91 2.64
N3 LCG B 4 -2.92 4.38 4.35
O2' LCG B 4 -3.54 4.69 9.40
O3' LCG B 4 -6.19 3.73 9.48
H5' LCG B 4 -3.67 0.65 10.72
H5'' LCG B 4 -5.32 1.29 10.89
H3' LCG B 4 -5.57 2.49 7.88
H6'1 LCG B 4 -4.21 3.83 11.22
H6'2 LCG B 4 -2.53 3.42 10.78
H8 LCG B 4 -3.82 0.56 6.70
H2' LCG B 4 -4.48 4.89 7.49
H1' LCG B 4 -2.06 3.70 7.46
H1 LCG B 4 -2.74 3.58 1.08
H21 LCG B 4 -2.41 6.08 1.63
H22 LCG B 4 -2.51 6.67 3.33
P TLN B 5 -7.74 3.69 9.05
OP1 TLN B 5 -8.59 4.32 10.16
OP2 TLN B 5 -8.18 2.24 8.84
O5' TLN B 5 -7.95 4.51 7.68
C5' TLN B 5 -7.66 5.92 7.57
C4' TLN B 5 -7.43 6.28 6.09
O4' TLN B 5 -6.30 5.56 5.52
C1' TLN B 5 -6.47 5.60 4.07
N1 TLN B 5 -6.61 4.24 3.47
C6 TLN B 5 -6.88 3.07 4.34
C5 TLN B 5 -6.91 1.82 3.83
C5M TLN B 5 -7.17 0.66 4.76
C4 TLN B 5 -6.70 1.65 2.30
O4 TLN B 5 -6.67 0.55 1.75
N3 TLN B 5 -6.49 2.78 1.57
C2 TLN B 5 -6.44 4.04 2.11
O2 TLN B 5 -6.22 4.99 1.35
C3' TLN B 5 -8.59 6.00 5.12
C2' TLN B 5 -7.72 6.51 3.97
O2' TLN B 5 -7.32 7.85 4.40
O3' TLN B 5 -9.77 6.78 5.33
C6' TLN B 5 -7.16 7.75 5.84
H5' TLN B 5 -6.75 6.19 8.15
H5'' TLN B 5 -8.47 6.52 8.00
H1' TLN B 5 -5.59 6.10 3.63
H6 TLN B 5 -7.07 3.23 5.42
H71 TLN B 5 -8.26 0.51 4.90
H72 TLN B 5 -6.73 -0.26 4.37
H73 TLN B 5 -6.73 0.84 5.75
H3 TLN B 5 -6.33 2.69 0.56
H3' TLN B 5 -8.86 4.93 5.04
H2' TLN B 5 -8.21 6.52 2.98
HO3' TLN B 5 -10.34 6.63 4.57
H6'1 TLN B 5 -7.92 8.35 6.37
H6'2 TLN B 5 -6.15 8.04 6.18
O5' TLN C 1 9.01 9.99 -0.12
C5' TLN C 1 9.66 8.73 0.05
C4' TLN C 1 9.56 7.88 -1.23
O4' TLN C 1 10.19 6.57 -1.02
C1' TLN C 1 9.69 5.68 -2.05
N1 TLN C 1 9.04 4.43 -1.56
C6 TLN C 1 8.64 4.31 -0.13
C5 TLN C 1 8.19 3.12 0.36
C5M TLN C 1 7.91 2.94 1.83
C4 TLN C 1 8.00 1.94 -0.64
O4 TLN C 1 7.53 0.85 -0.30
N3 TLN C 1 8.37 2.15 -1.93
C2 TLN C 1 8.87 3.34 -2.41
O2 TLN C 1 9.16 3.38 -3.61
C3' TLN C 1 8.15 7.51 -1.71
C2' TLN C 1 8.77 6.66 -2.81
O2' TLN C 1 9.62 7.60 -3.53
O3' TLN C 1 7.38 8.63 -2.19
C6' TLN C 1 10.17 8.47 -2.52
H5' TLN C 1 9.21 8.20 0.90
H5'' TLN C 1 10.72 8.89 0.31
H1' TLN C 1 10.55 5.40 -2.70
H6 TLN C 1 8.73 5.19 0.49
H71 TLN C 1 8.78 2.50 2.35
H72 TLN C 1 7.66 3.89 2.34
H73 TLN C 1 7.05 2.25 2.00
H3 TLN C 1 8.25 1.38 -2.60
H3' TLN C 1 7.55 6.91 -0.99
H2' TLN C 1 8.04 6.15 -3.44
H6'1 TLN C 1 9.86 9.52 -2.70
H6'2 TLN C 1 11.28 8.45 -2.52
HO5' TLN C 1 8.10 9.79 -0.33
P LCG C 2 5.83 8.53 -2.66
OP1 LCG C 2 5.33 9.91 -3.07
O5' LCG C 2 5.69 7.52 -3.92
C5' LCG C 2 6.30 7.73 -5.21
C3' LCG C 2 4.77 5.92 -6.22
C6' LCG C 2 6.75 6.36 -7.44
N9 LCG C 2 5.58 3.51 -4.47
C8 LCG C 2 5.42 4.05 -3.21
C4 LCG C 2 5.16 2.21 -4.21
N7 LCG C 2 4.96 3.30 -2.15
C5 LCG C 2 4.80 2.13 -2.83
C6 LCG C 2 4.33 0.80 -2.22
C2' LCG C 2 5.34 4.62 -6.80
O6 LCG C 2 4.02 0.70 -1.02
C4' LCG C 2 6.20 6.41 -6.00
C1' LCG C 2 6.27 4.11 -5.67
C2 LCG C 2 4.63 -0.11 -4.53
N1 LCG C 2 4.26 -0.26 -3.09
O4' LCG C 2 6.89 5.36 -5.30
OP2 LCG C 2 4.98 7.99 -1.50
N2 LCG C 2 4.56 -1.21 -5.41
N3 LCG C 2 5.04 1.02 -5.01
O2' LCG C 2 6.18 5.10 -7.90
O3' LCG C 2 4.01 6.72 -7.15
H5' LCG C 2 7.35 8.04 -5.10
H5'' LCG C 2 5.78 8.54 -5.74
H3' LCG C 2 4.20 5.75 -5.28
H6'1 LCG C 2 6.41 7.21 -8.05
H6'2 LCG C 2 7.87 6.34 -7.47
H8 LCG C 2 5.70 5.08 -3.01
H2' LCG C 2 4.60 3.88 -7.12
H1' LCG C 2 7.01 3.41 -6.06
H1 LCG C 2 3.95 -1.14 -2.65
H21 LCG C 2 4.24 -2.12 -5.05
H22 LCG C 2 4.81 -1.07 -6.40
P LCG C 3 2.41 6.56 -7.38
OP1 LCG C 3 1.93 7.62 -8.37
O5' LCG C 3 2.09 5.09 -7.96
C5' LCG C 3 2.49 4.62 -9.26
C3' LCG C 3 0.76 2.78 -9.09
C6' LCG C 3 2.53 2.34 -10.61
N9 LCG C 3 1.67 1.32 -6.54
C8 LCG C 3 1.65 2.40 -5.67
C4 LCG C 3 1.31 0.31 -5.65
N7 LCG C 3 1.33 2.25 -4.35
C5 LCG C 3 1.12 0.90 -4.36
C6 LCG C 3 0.79 0.04 -3.13
C2' LCG C 3 1.15 1.32 -9.07
O6 LCG C 3 0.66 0.52 -2.01
C4' LCG C 3 2.23 3.11 -9.32
C1' LCG C 3 2.21 1.24 -7.94
C2 LCG C 3 0.79 -1.86 -4.77
N1 LCG C 3 0.65 -1.30 -3.39
O4' LCG C 3 2.96 2.44 -8.26
OP2 LCG C 3 1.68 6.74 -6.05
N2 LCG C 3 0.56 -3.23 -5.02
N3 LCG C 3 1.12 -1.12 -5.77
O2' LCG C 3 1.81 1.11 -10.35
O3' LCG C 3 -0.10 3.17 -10.20
H5' LCG C 3 3.57 4.79 -9.43
H5'' LCG C 3 1.91 5.11 -10.05
H3' LCG C 3 0.38 3.18 -8.13
H6'1 LCG C 3 2.15 2.84 -11.52
H6'2 LCG C 3 3.62 2.15 -10.76
H8 LCG C 3 1.92 3.38 -6.03
H2' LCG C 3 0.27 0.68 -8.94
H1' LCG C 3 2.85 0.36 -8.04
H1 LCG C 3 0.37 -1.86 -2.56
H21 LCG C 3 0.26 -3.83 -4.23
H22 LCG C 3 0.65 -3.59 -5.98
P LCG C 4 -1.71 3.18 -10.13
OP1 LCG C 4 -2.28 3.80 -11.41
O5' LCG C 4 -2.27 1.68 -9.96
C5' LCG C 4 -2.14 0.64 -10.96
C3' LCG C 4 -3.85 -0.79 -9.64
C6' LCG C 4 -2.44 -1.99 -11.12
N9 LCG C 4 -2.40 -1.05 -6.94
C8 LCG C 4 -2.16 0.27 -6.63
C4 LCG C 4 -2.68 -1.53 -5.67
N7 LCG C 4 -2.22 0.74 -5.35
C5 LCG C 4 -2.54 -0.44 -4.75
C6 LCG C 4 -2.74 -0.64 -3.23
C2' LCG C 4 -3.46 -2.13 -9.03
O6 LCG C 4 -2.63 0.29 -2.43
C4' LCG C 4 -2.46 -0.70 -10.29
C1' LCG C 4 -2.17 -1.78 -8.23
C2 LCG C 4 -3.23 -3.02 -3.86
N1 LCG C 4 -3.07 -1.91 -2.86
O4' LCG C 4 -1.51 -0.93 -9.19
OP2 LCG C 4 -2.17 4.02 -8.93
N2 LCG C 4 -3.64 -4.30 -3.45
N3 LCG C 4 -3.02 -2.81 -5.11
O2' LCG C 4 -3.07 -2.92 -10.19
O3' LCG C 4 -4.96 -0.87 -10.57
H5' LCG C 4 -1.11 0.64 -11.37
H5'' LCG C 4 -2.83 0.84 -11.80
H3' LCG C 4 -4.03 0.01 -8.88
H6'1 LCG C 4 -3.03 -1.92 -12.06
H6'2 LCG C 4 -1.42 -2.32 -11.39
H8 LCG C 4 -1.88 0.97 -7.42
H2' LCG C 4 -4.23 -2.61 -8.42
H1' LCG C 4 -1.57 -2.68 -8.04
H1 LCG C 4 -3.28 -2.01 -1.85
H21 LCG C 4 -3.84 -4.46 -2.45
H22 LCG C 4 -3.75 -5.04 -4.15
P TLN C 5 -6.43 -0.34 -10.20
OP1 TLN C 5 -7.37 -0.61 -11.38
OP2 TLN C 5 -6.39 1.16 -9.91
O5' TLN C 5 -6.98 -1.12 -8.89
C5' TLN C 5 -7.28 -2.52 -8.86
C4' TLN C 5 -7.50 -2.96 -7.41
O4' TLN C 5 -6.31 -2.76 -6.59
C1' TLN C 5 -6.76 -2.74 -5.20
N1 TLN C 5 -6.49 -1.44 -4.52
C6 TLN C 5 -6.15 -0.25 -5.33
C5 TLN C 5 -5.80 0.91 -4.73
C5M TLN C 5 -5.41 2.07 -5.59
C4 TLN C 5 -5.83 0.98 -3.17
O4 TLN C 5 -5.54 1.99 -2.54
N3 TLN C 5 -6.18 -0.17 -2.51
C2 TLN C 5 -6.47 -1.37 -3.13
O2 TLN C 5 -6.70 -2.34 -2.41
C3' TLN C 5 -8.63 -2.28 -6.64
C2' TLN C 5 -8.26 -3.11 -5.40
O2' TLN C 5 -8.33 -4.48 -5.88
O3' TLN C 5 -9.95 -2.54 -7.11
C6' TLN C 5 -7.87 -4.44 -7.25
H5' TLN C 5 -6.46 -3.11 -9.32
H5'' TLN C 5 -8.18 -2.73 -9.47
H1' TLN C 5 -6.25 -3.56 -4.66
H6 TLN C 5 -6.18 -0.30 -6.42
H71 TLN C 5 -4.65 2.69 -5.10
H72 TLN C 5 -4.96 1.73 -6.56
H73 TLN C 5 -6.29 2.69 -5.84
H3 TLN C 5 -6.17 -0.16 -1.48
H3' TLN C 5 -8.49 -1.20 -6.50
H2' TLN C 5 -8.90 -2.94 -4.52
HO3' TLN C 5 -10.55 -2.19 -6.45
H6'1 TLN C 5 -8.68 -4.69 -7.96
H6'2 TLN C 5 -6.99 -5.08 -7.43
O5' TLN D 1 9.57 -2.74 -9.98
C5' TLN D 1 8.20 -2.69 -9.60
C4' TLN D 1 7.83 -3.94 -8.77
O4' TLN D 1 8.63 -4.02 -7.55
C1' TLN D 1 7.93 -4.91 -6.63
N1 TLN D 1 7.61 -4.32 -5.30
C6 TLN D 1 7.73 -2.87 -5.08
C5 TLN D 1 7.58 -2.35 -3.83
C5M TLN D 1 7.83 -0.88 -3.56
C4 TLN D 1 7.20 -3.31 -2.67
O4 TLN D 1 6.98 -2.92 -1.52
N3 TLN D 1 7.08 -4.64 -2.98
C2 TLN D 1 7.28 -5.16 -4.22
O2 TLN D 1 7.16 -6.38 -4.36
C3' TLN D 1 6.39 -3.96 -8.24
C2' TLN D 1 6.72 -5.27 -7.53
O2' TLN D 1 7.18 -6.15 -8.58
O3' TLN D 1 5.38 -4.10 -9.28
C6' TLN D 1 7.92 -5.30 -9.49
H5' TLN D 1 7.56 -2.62 -10.50
H5'' TLN D 1 8.02 -1.77 -9.02
H1' TLN D 1 8.56 -5.81 -6.50
H6 TLN D 1 7.93 -2.25 -5.94
H71 TLN D 1 7.68 -0.24 -4.45
H72 TLN D 1 7.16 -0.49 -2.78
H73 TLN D 1 8.86 -0.71 -3.21
H3 TLN D 1 6.84 -5.29 -2.23
H3' TLN D 1 6.13 -3.14 -7.56
H2' TLN D 1 5.88 -5.66 -6.94
H6'1 TLN D 1 7.44 -5.29 -10.49
H6'2 TLN D 1 8.97 -5.64 -9.61
HO5' TLN D 1 10.07 -2.78 -9.17
P LCG D 2 3.79 -4.06 -9.00
OP1 LCG D 2 3.04 -4.18 -10.34
O5' LCG D 2 3.35 -5.26 -8.03
C5' LCG D 2 3.47 -6.66 -8.34
C3' LCG D 2 1.91 -7.24 -6.36
C6' LCG D 2 3.35 -9.01 -7.08
N9 LCG D 2 3.51 -5.96 -4.08
C8 LCG D 2 3.74 -4.68 -4.57
C4 LCG D 2 3.29 -5.63 -2.74
N7 LCG D 2 3.70 -3.58 -3.77
C5 LCG D 2 3.39 -4.21 -2.60
C6 LCG D 2 3.22 -3.53 -1.24
C2' LCG D 2 2.42 -8.05 -5.16
O6 LCG D 2 3.32 -2.30 -1.09
C4' LCG D 2 3.28 -7.46 -7.04
C1' LCG D 2 3.71 -7.28 -4.76
C2 LCG D 2 2.82 -5.86 -0.39
N1 LCG D 2 2.94 -4.37 -0.19
O4' LCG D 2 4.28 -7.08 -6.07
OP2 LCG D 2 3.43 -2.72 -8.34
N2 LCG D 2 2.51 -6.70 0.68
N3 LCG D 2 2.99 -6.39 -1.55
O2' LCG D 2 2.80 -9.32 -5.77
O3' LCG D 2 0.81 -7.85 -7.08
H5' LCG D 2 4.47 -6.87 -8.78
H5'' LCG D 2 2.71 -6.95 -9.09
H3' LCG D 2 1.69 -6.19 -6.11
H6'1 LCG D 2 2.73 -9.43 -7.88
H6'2 LCG D 2 4.38 -9.38 -7.19
H8 LCG D 2 4.01 -4.55 -5.61
H2' LCG D 2 1.70 -8.16 -4.34
H1' LCG D 2 4.38 -7.93 -4.16
H1 LCG D 2 2.83 -3.90 0.72
H21 LCG D 2 2.38 -6.30 1.62
H22 LCG D 2 2.42 -7.72 0.52
P LCG D 3 -0.75 -7.54 -6.76
OP1 LCG D 3 -1.63 -8.27 -7.77
O5' LCG D 3 -1.11 -8.03 -5.27
C5' LCG D 3 -1.09 -9.40 -4.84
C3' LCG D 3 -2.46 -8.77 -2.80
C6' LCG D 3 -1.18 -10.76 -2.57
N9 LCG D 3 -0.65 -6.64 -1.51
C8 LCG D 3 -0.46 -5.78 -2.59
C4 LCG D 3 -0.71 -5.71 -0.49
N7 LCG D 3 -0.38 -4.43 -2.41
C5 LCG D 3 -0.54 -4.41 -1.06
C6 LCG D 3 -0.45 -3.16 -0.16
C2' LCG D 3 -1.89 -8.90 -1.40
O6 LCG D 3 -0.27 -2.03 -0.63
C4' LCG D 3 -1.17 -9.42 -3.31
C1' LCG D 3 -0.54 -8.14 -1.48
C2 LCG D 3 -0.82 -4.77 1.72
N1 LCG D 3 -0.60 -3.40 1.18
O4' LCG D 3 -0.08 -8.64 -2.74
OP2 LCG D 3 -1.00 -6.03 -6.86
N2 LCG D 3 -1.02 -4.98 3.09
N3 LCG D 3 -0.84 -5.79 0.94
O2' LCG D 3 -1.61 -10.33 -1.26
O3' LCG D 3 -3.66 -9.55 -3.02
H5' LCG D 3 -0.17 -9.91 -5.14
H5'' LCG D 3 -1.97 -9.95 -5.24
H3' LCG D 3 -2.57 -7.72 -3.15
H6'1 LCG D 3 -1.89 -11.49 -3.00
H6'2 LCG D 3 -0.19 -11.24 -2.53
H8 LCG D 3 -0.34 -6.19 -3.58
H2' LCG D 3 -2.58 -8.52 -0.65
H1' LCG D 3 0.14 -8.45 -0.67
H1 LCG D 3 -0.55 -2.53 1.76
H21 LCG D 3 -1.02 -4.16 3.73
H22 LCG D 3 -1.18 -5.94 3.44
P LCG D 4 -5.16 -9.00 -2.73
OP1 LCG D 4 -6.18 -10.06 -3.20
O5' LCG D 4 -5.37 -8.73 -1.15
C5' LCG D 4 -5.29 -9.72 -0.12
C3' LCG D 4 -6.33 -8.08 1.61
C6' LCG D 4 -4.98 -9.81 2.52
N9 LCG D 4 -4.38 -5.72 1.36
C8 LCG D 4 -4.35 -5.46 -0.01
C4 LCG D 4 -4.35 -4.42 1.83
N7 LCG D 4 -4.25 -4.19 -0.50
C5 LCG D 4 -4.23 -3.53 0.71
C6 LCG D 4 -4.01 -2.02 0.91
C2' LCG D 4 -5.50 -7.55 2.78
O6 LCG D 4 -3.83 -1.25 -0.03
C4' LCG D 4 -5.15 -9.00 1.22
C1' LCG D 4 -4.23 -7.03 2.09
C2 LCG D 4 -4.26 -2.56 3.35
N1 LCG D 4 -4.03 -1.60 2.22
O4' LCG D 4 -3.99 -8.11 1.17
OP2 LCG D 4 -5.39 -7.71 -3.50
N2 LCG D 4 -4.38 -2.10 4.67
N3 LCG D 4 -4.36 -3.83 3.15
O2' LCG D 4 -5.16 -8.77 3.52
O3' LCG D 4 -7.53 -8.73 2.05
H5' LCG D 4 -4.42 -10.38 -0.30
H5'' LCG D 4 -6.19 -10.37 -0.14
H3' LCG D 4 -6.55 -7.30 0.85
H6'1 LCG D 4 -5.74 -10.60 2.64
H6'2 LCG D 4 -3.98 -10.29 2.61
H8 LCG D 4 -4.32 -6.29 -0.71
H2' LCG D 4 -6.00 -6.81 3.41
H1' LCG D 4 -3.39 -6.95 2.80
H1 LCG D 4 -3.87 -0.59 2.33
H21 LCG D 4 -4.28 -1.09 4.86
H22 LCG D 4 -4.55 -2.78 5.43
P TLN D 5 -8.82 -9.02 1.12
OP1 TLN D 5 -8.95 -10.52 0.89
OP2 TLN D 5 -8.68 -8.31 -0.24
O5' TLN D 5 -10.15 -8.46 1.87
C5' TLN D 5 -10.38 -8.64 3.28
C4' TLN D 5 -10.09 -7.34 4.06
O4' TLN D 5 -8.72 -6.87 3.89
C1' TLN D 5 -8.70 -5.47 4.29
N1 TLN D 5 -8.30 -4.54 3.19
C6 TLN D 5 -8.38 -5.00 1.78
C5 TLN D 5 -8.12 -4.14 0.77
C5M TLN D 5 -8.21 -4.63 -0.65
C4 TLN D 5 -7.72 -2.69 1.12
O4 TLN D 5 -7.45 -1.83 0.26
N3 TLN D 5 -7.66 -2.36 2.44
C2 TLN D 5 -7.93 -3.23 3.46
O2 TLN D 5 -7.85 -2.80 4.61
C3' TLN D 5 -10.95 -6.10 3.73
C2' TLN D 5 -10.16 -5.31 4.78
O2' TLN D 5 -10.31 -6.09 6.00
O3' TLN D 5 -12.35 -6.22 4.05
C6' TLN D 5 -10.32 -7.47 5.57
H5' TLN D 5 -9.76 -9.46 3.70
H5'' TLN D 5 -11.43 -8.95 3.46
H1' TLN D 5 -8.00 -5.36 5.14
H6 TLN D 5 -8.67 -6.03 1.56
H71 TLN D 5 -8.59 -3.85 -1.33
H72 TLN D 5 -7.21 -4.95 -1.01
H73 TLN D 5 -8.89 -5.50 -0.75
H3 TLN D 5 -7.40 -1.40 2.69
H3' TLN D 5 -10.84 -5.74 2.70
H2' TLN D 5 -10.48 -4.26 4.91
HO3' TLN D 5 -12.72 -5.35 3.94
H6'1 TLN D 5 -11.30 -7.94 5.74
H6'2 TLN D 5 -9.52 -8.07 6.03
O5' TLN A 1 6.72 -0.93 12.24
C5' TLN A 1 5.62 -0.41 11.50
C4' TLN A 1 6.03 0.83 10.70
O4' TLN A 1 7.10 0.52 9.75
C1' TLN A 1 7.11 1.59 8.76
N1 TLN A 1 6.96 1.14 7.34
C6 TLN A 1 6.54 -0.25 7.04
C5 TLN A 1 6.54 -0.71 5.76
C5M TLN A 1 6.26 -2.17 5.45
C4 TLN A 1 6.90 0.29 4.62
O4 TLN A 1 6.87 -0.03 3.43
N3 TLN A 1 7.26 1.56 5.00
C2 TLN A 1 7.29 1.99 6.29
O2 TLN A 1 7.64 3.17 6.48
C3' TLN A 1 4.93 1.43 9.81
C2' TLN A 1 5.95 2.45 9.31
O2' TLN A 1 6.42 3.11 10.52
O3' TLN A 1 3.83 2.02 10.55
C6' TLN A 1 6.47 2.07 11.52
H5' TLN A 1 4.78 -0.18 12.19
H5'' TLN A 1 5.24 -1.20 10.82
H1' TLN A 1 8.06 2.14 8.86
H6 TLN A 1 6.23 -0.87 7.88
H71 TLN A 1 5.66 -2.66 6.23
H72 TLN A 1 5.71 -2.27 4.51
H73 TLN A 1 7.20 -2.74 5.35
H3 TLN A 1 7.49 2.22 4.26
H3' TLN A 1 4.56 0.76 9.02
H2' TLN A 1 5.54 3.13 8.56
H6'1 TLN A 1 5.78 2.29 12.36
H6'2 TLN A 1 7.48 1.96 11.94
HO5' TLN A 1 7.40 -1.13 11.59
P LCG A 2 2.50 2.64 9.86
OP1 LCG A 2 1.54 3.12 10.95
O5' LCG A 2 2.89 3.87 8.90
C5' LCG A 2 3.50 5.11 9.33
C3' LCG A 2 2.91 6.19 7.06
C6' LCG A 2 4.70 7.22 8.25
N9 LCG A 2 4.37 4.24 5.19
C8 LCG A 2 3.90 3.01 5.65
C4 LCG A 2 4.39 3.97 3.82
N7 LCG A 2 3.62 1.99 4.79
C5 LCG A 2 3.94 2.63 3.62
C6 LCG A 2 3.88 2.00 2.22
C2' LCG A 2 4.00 6.65 6.10
O6 LCG A 2 3.50 0.84 2.04
C4' LCG A 2 4.00 5.86 8.08
C1' LCG A 2 4.91 5.40 5.99
C2 LCG A 2 4.73 4.23 1.45
N1 LCG A 2 4.28 2.83 1.20
O4' LCG A 2 4.96 5.04 7.38
OP2 LCG A 2 1.81 1.55 9.02
N2 LCG A 2 5.12 5.07 0.39
N3 LCG A 2 4.76 4.72 2.65
O2' LCG A 2 4.71 7.67 6.86
O3' LCG A 2 2.01 7.24 7.52
H5' LCG A 2 4.32 4.90 10.03
H5'' LCG A 2 2.75 5.72 9.88
H3' LCG A 2 2.34 5.31 6.69
H6'1 LCG A 2 4.13 7.90 8.90
H6'2 LCG A 2 5.72 7.14 8.66
H8 LCG A 2 3.80 2.84 6.71
H2' LCG A 2 3.64 7.02 5.13
H1' LCG A 2 5.92 5.68 5.63
H1 LCG A 2 4.25 2.38 0.27
H21 LCG A 2 5.10 4.68 -0.57
H22 LCG A 2 5.42 6.03 0.59
P LCG A 3 0.62 7.60 6.78
OP1 LCG A 3 -0.12 8.68 7.58
O5' LCG A 3 0.89 8.13 5.29
C5' LCG A 3 1.61 9.33 4.96
C3' LCG A 3 0.69 9.24 2.60
C6' LCG A 3 2.71 10.49 2.84
N9 LCG A 3 1.71 6.49 1.68
C8 LCG A 3 1.18 5.70 2.70
C4 LCG A 3 1.58 5.60 0.63
N7 LCG A 3 0.74 4.43 2.48
C5 LCG A 3 1.01 4.38 1.13
C6 LCG A 3 0.83 3.14 0.22
C2' LCG A 3 1.61 9.05 1.41
O6 LCG A 3 0.39 2.08 0.65
C4' LCG A 3 1.95 9.31 3.48
C1' LCG A 3 2.44 7.79 1.78
C2 LCG A 3 1.73 4.64 -1.57
N1 LCG A 3 1.20 3.33 -1.08
O4' LCG A 3 2.71 8.12 3.16
OP2 LCG A 3 -0.26 6.35 6.71
N2 LCG A 3 2.02 4.83 -2.94
N3 LCG A 3 1.92 5.63 -0.77
O2' LCG A 3 2.49 10.21 1.43
O3' LCG A 3 -0.08 10.46 2.56
H5' LCG A 3 2.55 9.42 5.53
H5'' LCG A 3 0.97 10.21 5.17
H3' LCG A 3 0.06 8.36 2.84
H6'1 LCG A 3 2.28 11.47 3.12
H6'2 LCG A 3 3.79 10.49 3.09
H8 LCG A 3 1.14 6.09 3.71
H2' LCG A 3 1.04 8.96 0.49
H1' LCG A 3 3.37 7.74 1.20
H1 LCG A 3 1.06 2.51 -1.68
H21 LCG A 3 1.85 4.06 -3.60
H22 LCG A 3 2.36 5.75 -3.26
P LCG A 4 -1.54 10.60 1.88
OP1 LCG A 4 -2.10 12.00 2.13
O5' LCG A 4 -1.44 10.34 0.29
C5' LCG A 4 -0.70 11.18 -0.63
C3' LCG A 4 -1.87 9.98 -2.63
C6' LCG A 4 0.19 11.04 -3.14
N9 LCG A 4 -1.07 7.08 -2.07
C8 LCG A 4 -1.46 6.89 -0.76
C4 LCG A 4 -1.46 5.84 -2.59
N7 LCG A 4 -1.99 5.71 -0.31
C5 LCG A 4 -1.96 5.04 -1.52
C6 LCG A 4 -2.36 3.57 -1.75
C2' LCG A 4 -1.07 9.13 -3.62
O6 LCG A 4 -2.75 2.84 -0.84
C4' LCG A 4 -0.55 10.39 -1.96
C1' LCG A 4 -0.27 8.19 -2.69
C2 LCG A 4 -1.78 4.04 -4.15
N1 LCG A 4 -2.24 3.13 -3.05
O4' LCG A 4 0.14 9.14 -1.68
OP2 LCG A 4 -2.49 9.56 2.48
N2 LCG A 4 -1.77 3.62 -5.49
N3 LCG A 4 -1.41 5.26 -3.90
O2' LCG A 4 -0.13 10.10 -4.20
O3' LCG A 4 -2.62 11.02 -3.28
H5' LCG A 4 0.29 11.43 -0.22
H5'' LCG A 4 -1.24 12.13 -0.79
H3' LCG A 4 -2.53 9.37 -1.98
H6'1 LCG A 4 -0.17 12.06 -3.37
H6'2 LCG A 4 1.29 11.09 -2.97
H8 LCG A 4 -1.29 7.67 -0.02
H2' LCG A 4 -1.68 8.61 -4.37
H1' LCG A 4 0.60 7.78 -3.20
H1 LCG A 4 -2.48 2.14 -3.18
H21 LCG A 4 -2.04 2.64 -5.69
H22 LCG A 4 -1.48 4.27 -6.22
P TLN A 5 -3.82 11.87 -2.60
OP1 TLN A 5 -3.36 13.32 -2.41
OP2 TLN A 5 -4.19 11.28 -1.24
O5' TLN A 5 -5.11 11.83 -3.57
C5' TLN A 5 -5.02 12.00 -5.00
C4' TLN A 5 -5.16 10.64 -5.73
O4' TLN A 5 -4.13 9.69 -5.33
C1' TLN A 5 -4.59 8.38 -5.74
N1 TLN A 5 -4.77 7.43 -4.61
C6 TLN A 5 -4.89 7.94 -3.23
C5 TLN A 5 -5.12 7.10 -2.19
C5M TLN A 5 -5.26 7.65 -0.81
C4 TLN A 5 -5.28 5.58 -2.51
O4 TLN A 5 -5.50 4.74 -1.64
N3 TLN A 5 -5.14 5.20 -3.82
C2 TLN A 5 -4.90 6.06 -4.84
O2 TLN A 5 -4.79 5.58 -5.98
C3' TLN A 5 -6.47 9.87 -5.57
C2' TLN A 5 -5.90 8.78 -6.48
O2' TLN A 5 -5.53 9.49 -7.70
O3' TLN A 5 -7.63 10.50 -6.11
C6' TLN A 5 -5.07 10.79 -7.25
H5' TLN A 5 -4.08 12.49 -5.28
H5'' TLN A 5 -5.82 12.69 -5.34
H1' TLN A 5 -3.86 7.96 -6.47
H6 TLN A 5 -4.81 9.02 -3.06
H71 TLN A 5 -6.33 7.72 -0.53
H72 TLN A 5 -4.74 7.01 -0.07
H73 TLN A 5 -4.81 8.66 -0.71
H3 TLN A 5 -5.24 4.20 -4.03
H3' TLN A 5 -6.67 9.54 -4.53
H2' TLN A 5 -6.59 7.93 -6.68
HO3' TLN A 5 -8.33 9.85 -6.08
H6'1 TLN A 5 -5.74 11.58 -7.58
H6'2 TLN A 5 -4.03 10.99 -7.57
O5' TLN B 1 3.59 -12.70 1.73
C5' TLN B 1 4.73 -11.86 1.83
C4' TLN B 1 4.69 -10.99 3.10
O4' TLN B 1 5.85 -10.10 3.14
C1' TLN B 1 5.54 -9.05 4.10
N1 TLN B 1 5.64 -7.65 3.55
C6 TLN B 1 5.72 -7.43 2.10
C5 TLN B 1 5.95 -6.18 1.60
C5M TLN B 1 6.18 -5.95 0.13
C4 TLN B 1 6.04 -5.00 2.61
O4 TLN B 1 6.19 -3.82 2.25
N3 TLN B 1 5.93 -5.31 3.94
C2 TLN B 1 5.74 -6.56 4.43
O2 TLN B 1 5.66 -6.69 5.65
C3' TLN B 1 3.50 -10.03 3.24
C2' TLN B 1 4.13 -9.50 4.52
O2' TLN B 1 4.27 -10.68 5.37
O3' TLN B 1 2.22 -10.69 3.44
C6' TLN B 1 4.63 -11.75 4.45
H5' TLN B 1 4.79 -11.22 0.93
H5'' TLN B 1 5.65 -12.47 1.82
H1' TLN B 1 6.24 -9.14 4.95
H6 TLN B 1 5.58 -8.28 1.45
H71 TLN B 1 7.26 -5.93 -0.12
H72 TLN B 1 5.72 -6.73 -0.51
H73 TLN B 1 5.75 -4.99 -0.21
H3 TLN B 1 5.99 -4.53 4.61
H3' TLN B 1 3.43 -9.26 2.44
H2' TLN B 1 3.55 -8.69 4.99
H6'1 TLN B 1 3.86 -12.54 4.47
H6'2 TLN B 1 5.60 -12.21 4.72
HO5' TLN B 1 2.82 -12.11 1.72
P LCG B 2 0.81 -9.90 3.51
OP1 LCG B 2 -0.33 -10.92 3.68
O5' LCG B 2 0.81 -8.88 4.77
C5' LCG B 2 0.92 -9.28 6.15
C3' LCG B 2 0.11 -6.92 6.88
C6' LCG B 2 1.34 -8.13 8.52
N9 LCG B 2 2.29 -5.21 5.54
C8 LCG B 2 2.26 -5.70 4.24
C4 LCG B 2 2.50 -3.86 5.26
N7 LCG B 2 2.42 -4.88 3.16
C5 LCG B 2 2.57 -3.71 3.83
C6 LCG B 2 2.84 -2.34 3.19
C2' LCG B 2 1.01 -5.98 7.66
O6 LCG B 2 2.91 -2.18 1.97
C4' LCG B 2 1.19 -8.01 6.99
C1' LCG B 2 2.32 -5.98 6.82
C2 LCG B 2 2.89 -1.52 5.57
N1 LCG B 2 2.99 -1.31 4.09
O4' LCG B 2 2.43 -7.39 6.55
OP2 LCG B 2 0.59 -9.11 2.23
N2 LCG B 2 3.03 -0.44 6.47
N3 LCG B 2 2.67 -2.69 6.06
O2' LCG B 2 1.26 -6.72 8.90
O3' LCG B 2 -1.13 -7.28 7.54
H5' LCG B 2 1.73 -10.01 6.28
H5'' LCG B 2 -0.02 -9.76 6.48
H3' LCG B 2 -0.08 -6.58 5.83
H6'1 LCG B 2 0.52 -8.72 8.97
H6'2 LCG B 2 2.30 -8.58 8.83
H8 LCG B 2 2.13 -6.76 4.06
H2' LCG B 2 0.61 -4.98 7.84
H1' LCG B 2 3.17 -5.65 7.44
H1 LCG B 2 3.17 -0.39 3.64
H21 LCG B 2 3.22 0.49 6.09
H22 LCG B 2 2.96 -0.61 7.47
P LCG B 3 -2.49 -6.43 7.39
OP1 LCG B 3 -3.61 -7.12 8.17
O5' LCG B 3 -2.27 -4.94 7.96
C5' LCG B 3 -2.02 -4.62 9.33
C3' LCG B 3 -2.73 -2.24 8.88
C6' LCG B 3 -1.32 -2.50 10.79
N9 LCG B 3 -0.73 -1.43 6.68
C8 LCG B 3 -0.98 -2.46 5.77
C4 LCG B 3 -0.46 -0.41 5.78
N7 LCG B 3 -0.91 -2.26 4.43
C5 LCG B 3 -0.55 -0.93 4.46
C6 LCG B 3 -0.21 -0.07 3.22
C2' LCG B 3 -1.76 -1.07 9.02
O6 LCG B 3 -0.26 -0.52 2.08
C4' LCG B 3 -1.62 -3.15 9.42
C1' LCG B 3 -0.54 -1.52 8.16
C2 LCG B 3 0.16 1.75 4.91
N1 LCG B 3 0.13 1.22 3.51
O4' LCG B 3 -0.46 -2.89 8.58
OP2 LCG B 3 -2.89 -6.34 5.90
N2 LCG B 3 0.42 3.11 5.16
N3 LCG B 3 -0.08 0.98 5.92
O2' LCG B 3 -1.39 -1.10 10.42
O3' LCG B 3 -3.89 -2.17 9.74
H5' LCG B 3 -1.19 -5.23 9.74
H5'' LCG B 3 -2.93 -4.77 9.94
H3' LCG B 3 -3.00 -2.48 7.83
H6'1 LCG B 3 -2.09 -2.75 11.54
H6'2 LCG B 3 -0.33 -2.78 11.19
H8 LCG B 3 -1.21 -3.45 6.13
H2' LCG B 3 -2.22 -0.13 8.71
H1' LCG B 3 0.38 -0.97 8.47
H1 LCG B 3 0.31 1.80 2.66
H21 LCG B 3 0.60 3.73 4.36
H22 LCG B 3 0.43 3.45 6.13
P LCG B 4 -5.28 -1.45 9.30
OP1 LCG B 4 -6.33 -1.67 10.40
O5' LCG B 4 -5.04 0.13 9.10
C5' LCG B 4 -4.65 1.04 10.14
C3' LCG B 4 -5.31 3.00 8.60
C6' LCG B 4 -3.80 3.55 10.35
N9 LCG B 4 -3.43 2.51 6.20
C8 LCG B 4 -3.70 1.19 5.90
C4 LCG B 4 -3.22 3.00 4.92
N7 LCG B 4 -3.66 0.72 4.62
C5 LCG B 4 -3.35 1.89 4.01
C6 LCG B 4 -3.11 2.09 2.50
C2' LCG B 4 -4.27 4.02 8.12
O6 LCG B 4 -3.20 1.14 1.70
C4' LCG B 4 -4.22 2.36 9.48
C1' LCG B 4 -3.16 3.12 7.55
C2 LCG B 4 -2.74 4.49 3.10
N1 LCG B 4 -2.81 3.36 2.12
O4' LCG B 4 -3.10 2.11 8.58
OP2 LCG B 4 -5.78 -2.05 7.99
N2 LCG B 4 -2.51 5.81 2.65
N3 LCG B 4 -2.91 4.29 4.36
O2' LCG B 4 -3.79 4.62 9.36
O3' LCG B 4 -6.41 3.58 9.34
H5' LCG B 4 -3.82 0.61 10.74
H5'' LCG B 4 -5.49 1.20 10.84
H3' LCG B 4 -5.67 2.33 7.79
H6'1 LCG B 4 -4.52 3.77 11.17
H6'2 LCG B 4 -2.80 3.42 10.81
H8 LCG B 4 -3.88 0.47 6.70
H2' LCG B 4 -4.66 4.76 7.41
H1' LCG B 4 -2.19 3.66 7.50
H1 LCG B 4 -2.70 3.48 1.10
H21 LCG B 4 -2.36 5.97 1.65
H22 LCG B 4 -2.47 6.56 3.34
P TLN B 5 -7.91 3.61 8.76
OP1 TLN B 5 -8.84 4.26 9.79
OP2 TLN B 5 -8.39 2.18 8.49
O5' TLN B 5 -7.96 4.45 7.38
C5' TLN B 5 -7.65 5.85 7.31
C4' TLN B 5 -7.39 6.24 5.85
O4' TLN B 5 -6.24 5.53 5.29
C1' TLN B 5 -6.38 5.61 3.84
N1 TLN B 5 -6.51 4.26 3.21
C6 TLN B 5 -6.82 3.07 4.05
C5 TLN B 5 -6.85 1.84 3.51
C5M TLN B 5 -7.13 0.66 4.41
C4 TLN B 5 -6.59 1.69 1.98
O4 TLN B 5 -6.56 0.60 1.40
N3 TLN B 5 -6.33 2.84 1.28
C2 TLN B 5 -6.28 4.09 1.85
O2 TLN B 5 -6.02 5.04 1.11
C3' TLN B 5 -8.53 5.99 4.84
C2' TLN B 5 -7.62 6.53 3.73
O2' TLN B 5 -7.23 7.85 4.21
O3' TLN B 5 -9.71 6.78 5.04
C6' TLN B 5 -7.11 7.73 5.64
H5' TLN B 5 -6.76 6.10 7.93
H5'' TLN B 5 -8.49 6.44 7.73
H1' TLN B 5 -5.49 6.11 3.43
H6 TLN B 5 -7.04 3.21 5.11
H71 TLN B 5 -6.63 -0.25 4.03
H72 TLN B 5 -6.75 0.84 5.43
H73 TLN B 5 -8.21 0.49 4.49
H3 TLN B 5 -6.16 2.77 0.27
H3' TLN B 5 -8.80 4.93 4.73
H2' TLN B 5 -8.09 6.56 2.73
HO3' TLN B 5 -10.25 6.64 4.26
H6'1 TLN B 5 -7.87 8.32 6.17
H6'2 TLN B 5 -6.10 7.99 6.00
O5' TLN C 1 10.71 9.16 0.55
C5' TLN C 1 9.38 8.88 0.16
C4' TLN C 1 9.35 8.03 -1.13
O4' TLN C 1 10.03 6.75 -0.93
C1' TLN C 1 9.59 5.87 -2.00
N1 TLN C 1 8.99 4.57 -1.54
C6 TLN C 1 8.58 4.40 -0.12
C5 TLN C 1 8.18 3.19 0.34
C5M TLN C 1 7.90 2.96 1.81
C4 TLN C 1 8.04 2.03 -0.68
O4 TLN C 1 7.62 0.91 -0.37
N3 TLN C 1 8.41 2.29 -1.97
C2 TLN C 1 8.86 3.51 -2.42
O2 TLN C 1 9.16 3.59 -3.61
C3' TLN C 1 7.95 7.63 -1.62
C2' TLN C 1 8.63 6.82 -2.74
O2' TLN C 1 9.44 7.81 -3.43
O3' TLN C 1 7.15 8.73 -2.09
C6' TLN C 1 9.95 8.69 -2.40
H5' TLN C 1 8.83 9.83 0.00
H5'' TLN C 1 8.85 8.35 0.97
H1' TLN C 1 10.46 5.65 -2.65
H6 TLN C 1 8.64 5.28 0.53
H71 TLN C 1 7.05 2.28 1.96
H72 TLN C 1 8.77 2.51 2.31
H73 TLN C 1 7.66 3.89 2.35
H3 TLN C 1 8.33 1.53 -2.66
H3' TLN C 1 7.39 6.99 -0.92
H2' TLN C 1 7.91 6.30 -3.38
H6'1 TLN C 1 9.58 9.72 -2.56
H6'2 TLN C 1 11.05 8.72 -2.40
HO5' TLN C 1 11.12 8.31 0.68
P LCG C 2 5.61 8.57 -2.58
OP1 LCG C 2 5.06 9.94 -2.96
O5' LCG C 2 5.52 7.58 -3.85
C5' LCG C 2 6.13 7.83 -5.14
C3' LCG C 2 4.66 5.98 -6.17
C6' LCG C 2 6.63 6.50 -7.38
N9 LCG C 2 5.55 3.62 -4.42
C8 LCG C 2 5.41 4.14 -3.14
C4 LCG C 2 5.11 2.31 -4.17
N7 LCG C 2 4.95 3.39 -2.10
C5 LCG C 2 4.76 2.23 -2.79
C6 LCG C 2 4.26 0.89 -2.18
C2' LCG C 2 5.28 4.71 -6.75
O6 LCG C 2 3.96 0.79 -0.99
C4' LCG C 2 6.08 6.53 -5.94
C1' LCG C 2 6.21 4.22 -5.62
C2 LCG C 2 4.56 0.00 -4.51
N1 LCG C 2 4.19 -0.16 -3.06
O4' LCG C 2 6.81 5.49 -5.25
OP2 LCG C 2 4.77 8.00 -1.44
N2 LCG C 2 4.47 -1.09 -5.39
N3 LCG C 2 4.98 1.12 -4.97
O2' LCG C 2 6.11 5.23 -7.85
O3' LCG C 2 3.88 6.77 -7.09
H5' LCG C 2 7.16 8.18 -5.01
H5'' LCG C 2 5.58 8.64 -5.65
H3' LCG C 2 4.08 5.78 -5.23
H6'1 LCG C 2 6.26 7.34 -7.99
H6'2 LCG C 2 7.74 6.51 -7.41
H8 LCG C 2 5.71 5.15 -2.94
H2' LCG C 2 4.55 3.95 -7.08
H1' LCG C 2 6.98 3.54 -6.02
H1 LCG C 2 3.86 -1.04 -2.63
H21 LCG C 2 4.15 -2.00 -5.04
H22 LCG C 2 4.73 -0.95 -6.38
P LCG C 3 2.30 6.56 -7.34
OP1 LCG C 3 1.79 7.60 -8.34
O5' LCG C 3 2.03 5.08 -7.92
C5' LCG C 3 2.47 4.61 -9.21
C3' LCG C 3 0.77 2.75 -9.08
C6' LCG C 3 2.60 2.32 -10.55
N9 LCG C 3 1.64 1.33 -6.49
C8 LCG C 3 1.60 2.41 -5.63
C4 LCG C 3 1.23 0.32 -5.62
N7 LCG C 3 1.25 2.27 -4.31
C5 LCG C 3 1.02 0.93 -4.33
C6 LCG C 3 0.65 0.06 -3.10
C2' LCG C 3 1.18 1.29 -9.04
O6 LCG C 3 0.51 0.55 -1.98
C4' LCG C 3 2.25 3.10 -9.27
C1' LCG C 3 2.21 1.24 -7.88
C2 LCG C 3 0.66 -1.85 -4.74
N1 LCG C 3 0.50 -1.28 -3.37
O4' LCG C 3 2.95 2.44 -8.19
OP2 LCG C 3 1.54 6.71 -6.01
N2 LCG C 3 0.40 -3.20 -5.00
N3 LCG C 3 1.02 -1.09 -5.73
O2' LCG C 3 1.89 1.08 -10.30
O3' LCG C 3 -0.07 3.11 -10.21
H5' LCG C 3 3.54 4.81 -9.36
H5'' LCG C 3 1.88 5.09 -10.01
H3' LCG C 3 0.35 3.14 -8.12
H6'1 LCG C 3 2.22 2.81 -11.46
H6'2 LCG C 3 3.68 2.16 -10.67
H8 LCG C 3 1.91 3.39 -5.98
H2' LCG C 3 0.32 0.63 -8.92
H1' LCG C 3 2.87 0.36 -7.95
H1 LCG C 3 0.21 -1.82 -2.53
H21 LCG C 3 0.08 -3.80 -4.21
H22 LCG C 3 0.51 -3.56 -5.94
P LCG C 4 -1.68 3.04 -10.19
OP1 LCG C 4 -2.23 3.61 -11.49
O5' LCG C 4 -2.16 1.51 -10.02
C5' LCG C 4 -1.92 0.47 -10.97
C3' LCG C 4 -3.69 -0.97 -9.76
C6' LCG C 4 -2.13 -2.19 -11.10
N9 LCG C 4 -2.47 -1.15 -6.94
C8 LCG C 4 -2.24 0.20 -6.65
C4 LCG C 4 -2.81 -1.60 -5.68
N7 LCG C 4 -2.34 0.67 -5.38
C5 LCG C 4 -2.70 -0.49 -4.77
C6 LCG C 4 -2.96 -0.68 -3.26
C2' LCG C 4 -3.32 -2.29 -9.09
O6 LCG C 4 -2.86 0.25 -2.47
C4' LCG C 4 -2.25 -0.88 -10.29
C1' LCG C 4 -2.12 -1.90 -8.20
C2 LCG C 4 -3.47 -3.06 -3.87
N1 LCG C 4 -3.32 -1.94 -2.88
O4' LCG C 4 -1.40 -1.06 -9.13
OP2 LCG C 4 -2.22 3.86 -9.01
N2 LCG C 4 -3.91 -4.32 -3.46
N3 LCG C 4 -3.21 -2.88 -5.13
O2' LCG C 4 -2.81 -3.11 -10.20
O3' LCG C 4 -4.70 -1.10 -10.79
H5' LCG C 4 -0.86 0.48 -11.30
H5'' LCG C 4 -2.53 0.62 -11.88
H3' LCG C 4 -3.95 -0.17 -9.05
H6'1 LCG C 4 -2.64 -2.14 -12.07
H6'2 LCG C 4 -1.08 -2.50 -11.27
H8 LCG C 4 -1.90 0.87 -7.42
H2' LCG C 4 -4.13 -2.78 -8.54
H1' LCG C 4 -1.52 -2.78 -7.93
H1 LCG C 4 -3.53 -2.04 -1.87
H21 LCG C 4 -4.12 -4.47 -2.46
H22 LCG C 4 -4.02 -5.07 -4.16
P TLN C 5 -6.17 -0.47 -10.64
OP1 TLN C 5 -6.98 -0.75 -11.91
OP2 TLN C 5 -6.07 1.04 -10.43
O5' TLN C 5 -6.91 -1.13 -9.37
C5' TLN C 5 -7.24 -2.53 -9.29
C4' TLN C 5 -7.55 -2.89 -7.83
O4' TLN C 5 -6.40 -2.69 -6.96
C1' TLN C 5 -6.91 -2.61 -5.60
N1 TLN C 5 -6.63 -1.30 -4.96
C6 TLN C 5 -6.21 -0.14 -5.79
C5 TLN C 5 -5.87 1.03 -5.21
C5M TLN C 5 -5.40 2.16 -6.09
C4 TLN C 5 -5.97 1.15 -3.66
O4 TLN C 5 -5.65 2.17 -3.04
N3 TLN C 5 -6.40 0.04 -2.98
C2 TLN C 5 -6.72 -1.15 -3.57
O2 TLN C 5 -7.07 -2.07 -2.85
C3' TLN C 5 -8.69 -2.16 -7.14
C2' TLN C 5 -8.41 -2.94 -5.87
O2' TLN C 5 -8.49 -4.33 -6.28
O3' TLN C 5 -10.00 -2.40 -7.68
C6' TLN C 5 -7.96 -4.36 -7.64
H5' TLN C 5 -6.41 -3.15 -9.67
H5'' TLN C 5 -8.11 -2.76 -9.94
H1' TLN C 5 -6.45 -3.42 -5.01
H6 TLN C 5 -6.18 -0.24 -6.87
H71 TLN C 5 -4.69 2.81 -5.56
H72 TLN C 5 -4.88 1.78 -6.98
H73 TLN C 5 -6.26 2.76 -6.44
H3 TLN C 5 -6.46 0.10 -1.95
H3' TLN C 5 -8.53 -1.06 -7.05
H2' TLN C 5 -9.08 -2.72 -5.02
HO3' TLN C 5 -10.62 -2.00 -7.06
H6'1 TLN C 5 -8.73 -4.61 -8.37
H6'2 TLN C 5 -7.09 -5.03 -7.74
O5' TLN D 1 9.33 -2.47 -10.03
C5' TLN D 1 7.98 -2.44 -9.62
C4' TLN D 1 7.63 -3.70 -8.80
O4' TLN D 1 8.45 -3.81 -7.61
C1' TLN D 1 7.77 -4.74 -6.71
N1 TLN D 1 7.48 -4.19 -5.35
C6 TLN D 1 7.61 -2.74 -5.08
C5 TLN D 1 7.48 -2.25 -3.82
C5M TLN D 1 7.75 -0.79 -3.51
C4 TLN D 1 7.10 -3.25 -2.69
O4 TLN D 1 6.90 -2.89 -1.53
N3 TLN D 1 6.98 -4.56 -3.03
C2 TLN D 1 7.16 -5.05 -4.30
O2 TLN D 1 7.02 -6.27 -4.46
C3' TLN D 1 6.19 -3.75 -8.26
C2' TLN D 1 6.55 -5.07 -7.58
O2' TLN D 1 6.98 -5.93 -8.67
O3' TLN D 1 5.17 -3.87 -9.29
C6' TLN D 1 7.71 -5.06 -9.57
H5' TLN D 1 7.32 -2.35 -10.51
H5'' TLN D 1 7.80 -1.54 -9.01
H1' TLN D 1 8.41 -5.64 -6.60
H6 TLN D 1 7.80 -2.09 -5.94
H71 TLN D 1 7.07 -0.42 -2.73
H72 TLN D 1 8.79 -0.66 -3.14
H73 TLN D 1 7.63 -0.13 -4.39
H3 TLN D 1 6.73 -5.23 -2.30
H3' TLN D 1 5.94 -2.94 -7.55
H2' TLN D 1 5.72 -5.48 -6.99
H6'1 TLN D 1 7.22 -5.02 -10.56
H6'2 TLN D 1 8.75 -5.40 -9.71
HO5' TLN D 1 9.85 -2.53 -9.23
P LCG D 2 3.58 -3.85 -8.97
OP1 LCG D 2 2.81 -3.95 -10.30
O5' LCG D 2 3.18 -5.08 -8.02
C5' LCG D 2 3.31 -6.48 -8.36
C3' LCG D 2 1.77 -7.11 -6.37
C6' LCG D 2 3.22 -8.84 -7.13
N9 LCG D 2 3.39 -5.83 -4.09
C8 LCG D 2 3.60 -4.55 -4.58
C4 LCG D 2 3.17 -5.52 -2.74
N7 LCG D 2 3.56 -3.45 -3.77
C5 LCG D 2 3.29 -4.09 -2.60
C6 LCG D 2 3.14 -3.43 -1.21
C2' LCG D 2 2.29 -7.92 -5.19
O6 LCG D 2 3.25 -2.20 -1.07
C4' LCG D 2 3.13 -7.30 -7.07
C1' LCG D 2 3.58 -7.14 -4.79
C2 LCG D 2 2.77 -5.76 -0.38
N1 LCG D 2 2.90 -4.28 -0.18
O4' LCG D 2 4.13 -6.91 -6.10
OP2 LCG D 2 3.22 -2.54 -8.28
N2 LCG D 2 2.52 -6.63 0.69
N3 LCG D 2 2.91 -6.29 -1.56
O2' LCG D 2 2.69 -9.18 -5.81
O3' LCG D 2 0.66 -7.71 -7.09
H5' LCG D 2 4.29 -6.67 -8.82
H5'' LCG D 2 2.54 -6.75 -9.11
H3' LCG D 2 1.54 -6.04 -6.11
H6'1 LCG D 2 2.59 -9.26 -7.93
H6'2 LCG D 2 4.26 -9.20 -7.26
H8 LCG D 2 3.85 -4.40 -5.62
H2' LCG D 2 1.59 -8.05 -4.37
H1' LCG D 2 4.26 -7.79 -4.20
H1 LCG D 2 2.82 -3.82 0.74
H21 LCG D 2 2.42 -6.22 1.64
H22 LCG D 2 2.43 -7.63 0.52
P LCG D 3 -0.88 -7.43 -6.75
OP1 LCG D 3 -1.76 -8.16 -7.77
O5' LCG D 3 -1.22 -7.95 -5.26
C5' LCG D 3 -1.18 -9.32 -4.85
C3' LCG D 3 -2.54 -8.75 -2.80
C6' LCG D 3 -1.23 -10.73 -2.60
N9 LCG D 3 -0.74 -6.61 -1.50
C8 LCG D 3 -0.63 -5.73 -2.57
C4 LCG D 3 -0.75 -5.69 -0.46
N7 LCG D 3 -0.54 -4.38 -2.38
C5 LCG D 3 -0.61 -4.37 -1.02
C6 LCG D 3 -0.49 -3.12 -0.12
C2' LCG D 3 -1.95 -8.88 -1.41
O6 LCG D 3 -0.34 -2.00 -0.58
C4' LCG D 3 -1.24 -9.36 -3.33
C1' LCG D 3 -0.62 -8.10 -1.48
C2 LCG D 3 -0.78 -4.76 1.77
N1 LCG D 3 -0.58 -3.38 1.23
O4' LCG D 3 -0.16 -8.58 -2.76
OP2 LCG D 3 -1.16 -5.92 -6.83
N2 LCG D 3 -0.96 -4.98 3.14
N3 LCG D 3 -0.82 -5.79 0.98
O2' LCG D 3 -1.67 -10.30 -1.29
O3' LCG D 3 -3.73 -9.53 -3.04
H5' LCG D 3 -0.24 -9.81 -5.17
H5'' LCG D 3 -2.04 -9.89 -5.26
H3' LCG D 3 -2.67 -7.70 -3.14
H6'1 LCG D 3 -1.93 -11.46 -3.04
H6'2 LCG D 3 -0.22 -11.18 -2.57
H8 LCG D 3 -0.56 -6.12 -3.57
H2' LCG D 3 -2.65 -8.52 -0.65
H1' LCG D 3 0.07 -8.41 -0.68
H1 LCG D 3 -0.51 -2.53 1.81
H21 LCG D 3 -0.95 -4.17 3.78
H22 LCG D 3 -1.10 -5.94 3.49
P LCG D 4 -5.24 -9.01 -2.74
OP1 LCG D 4 -6.24 -10.07 -3.22
O5' LCG D 4 -5.44 -8.75 -1.17
C5' LCG D 4 -5.38 -9.76 -0.14
C3' LCG D 4 -6.41 -8.08 1.55
C6' LCG D 4 -5.18 -9.87 2.51
N9 LCG D 4 -4.37 -5.81 1.40
C8 LCG D 4 -4.29 -5.55 0.03
C4 LCG D 4 -4.32 -4.51 1.87
N7 LCG D 4 -4.16 -4.28 -0.45
C5 LCG D 4 -4.16 -3.62 0.75
C6 LCG D 4 -3.96 -2.11 0.96
C2' LCG D 4 -5.62 -7.60 2.76
O6 LCG D 4 -3.77 -1.34 0.03
C4' LCG D 4 -5.26 -9.04 1.22
C1' LCG D 4 -4.30 -7.12 2.12
C2 LCG D 4 -4.25 -2.65 3.40
N1 LCG D 4 -4.00 -1.69 2.26
O4' LCG D 4 -4.07 -8.21 1.21
OP2 LCG D 4 -5.48 -7.71 -3.51
N2 LCG D 4 -4.41 -2.18 4.71
N3 LCG D 4 -4.37 -3.92 3.18
O2' LCG D 4 -5.36 -8.83 3.52
O3' LCG D 4 -7.66 -8.68 1.93
H5' LCG D 4 -4.51 -10.42 -0.31
H5'' LCG D 4 -6.28 -10.40 -0.19
H3' LCG D 4 -6.57 -7.29 0.79
H6'1 LCG D 4 -5.98 -10.63 2.60
H6'2 LCG D 4 -4.20 -10.39 2.63
H8 LCG D 4 -4.28 -6.37 -0.68
H2' LCG D 4 -6.13 -6.83 3.37
H1' LCG D 4 -3.48 -7.08 2.88
H1 LCG D 4 -3.84 -0.67 2.38
H21 LCG D 4 -4.29 -1.19 4.90
H22 LCG D 4 -4.60 -2.87 5.46
P TLN D 5 -8.89 -8.99 0.92
OP1 TLN D 5 -9.04 -10.51 0.77
OP2 TLN D 5 -8.62 -8.37 -0.46
O5' TLN D 5 -10.26 -8.37 1.52
C5' TLN D 5 -10.62 -8.48 2.91
C4' TLN D 5 -10.36 -7.15 3.66
O4' TLN D 5 -8.97 -6.74 3.60
C1' TLN D 5 -8.92 -5.32 3.95
N1 TLN D 5 -8.39 -4.45 2.86
C6 TLN D 5 -8.36 -4.95 1.47
C5 TLN D 5 -7.94 -4.15 0.47
C5M TLN D 5 -7.93 -4.68 -0.95
C4 TLN D 5 -7.53 -2.69 0.81
O4 TLN D 5 -7.15 -1.88 -0.04
N3 TLN D 5 -7.59 -2.32 2.12
C2 TLN D 5 -7.99 -3.15 3.14
O2 TLN D 5 -8.00 -2.68 4.27
C3' TLN D 5 -11.14 -5.91 3.21
C2' TLN D 5 -10.43 -5.10 4.30
O2' TLN D 5 -10.70 -5.82 5.52
O3' TLN D 5 -12.56 -5.98 3.40
C6' TLN D 5 -10.73 -7.22 5.14
H5' TLN D 5 -10.07 -9.31 3.41
H5'' TLN D 5 -11.68 -8.75 3.00
H1' TLN D 5 -8.30 -5.20 4.86
H6 TLN D 5 -8.69 -5.97 1.25
H71 TLN D 5 -8.84 -4.33 -1.49
H72 TLN D 5 -7.03 -4.32 -1.49
H73 TLN D 5 -7.92 -5.78 -0.98
H3 TLN D 5 -7.32 -1.36 2.36
H3' TLN D 5 -10.91 -5.59 2.18
H2' TLN D 5 -10.72 -4.03 4.36
HO3' TLN D 5 -12.89 -5.09 3.23
H6'1 TLN D 5 -11.73 -7.66 5.25
H6'2 TLN D 5 -9.99 -7.82 5.71
O5' TLN A 1 4.35 -0.37 12.41
C5' TLN A 1 5.47 -0.59 11.56
C4' TLN A 1 5.85 0.69 10.79
O4' TLN A 1 6.98 0.41 9.88
C1' TLN A 1 7.01 1.48 8.90
N1 TLN A 1 6.95 1.05 7.47
C6 TLN A 1 6.56 -0.35 7.14
C5 TLN A 1 6.64 -0.81 5.86
C5M TLN A 1 6.37 -2.26 5.53
C4 TLN A 1 7.04 0.21 4.75
O4 TLN A 1 7.07 -0.10 3.56
N3 TLN A 1 7.35 1.48 5.15
C2 TLN A 1 7.31 1.90 6.44
O2 TLN A 1 7.63 3.08 6.66
C3' TLN A 1 4.78 1.27 9.86
C2' TLN A 1 5.81 2.31 9.40
O2' TLN A 1 6.20 2.97 10.64
O3' TLN A 1 3.64 1.83 10.55
C6' TLN A 1 6.24 1.92 11.64
H5' TLN A 1 5.23 -1.42 10.86
H5'' TLN A 1 6.33 -0.94 12.16
H1' TLN A 1 7.94 2.05 9.05
H6 TLN A 1 6.22 -0.98 7.96
H71 TLN A 1 5.76 -2.77 6.29
H72 TLN A 1 5.85 -2.37 4.56
H73 TLN A 1 7.32 -2.82 5.45
H3 TLN A 1 7.62 2.15 4.42
H3' TLN A 1 4.46 0.60 9.04
H2' TLN A 1 5.42 2.99 8.65
H6'1 TLN A 1 5.52 2.13 12.44
H6'2 TLN A 1 7.24 1.83 12.09
HO5' TLN A 1 3.64 -0.09 11.84
P LCG A 2 2.33 2.43 9.80
OP1 LCG A 2 1.30 2.87 10.85
O5' LCG A 2 2.74 3.68 8.88
C5' LCG A 2 3.29 4.92 9.35
C3' LCG A 2 2.77 6.01 7.07
C6' LCG A 2 4.48 7.09 8.35
N9 LCG A 2 4.41 4.12 5.28
C8 LCG A 2 3.96 2.89 5.70
C4 LCG A 2 4.49 3.87 3.91
N7 LCG A 2 3.73 1.86 4.83
C5 LCG A 2 4.07 2.51 3.68
C6 LCG A 2 4.03 1.91 2.26
C2' LCG A 2 3.91 6.51 6.16
O6 LCG A 2 3.69 0.74 2.07
C4' LCG A 2 3.84 5.70 8.15
C1' LCG A 2 4.87 5.30 6.10
C2 LCG A 2 4.82 4.18 1.54
N1 LCG A 2 4.41 2.76 1.27
O4' LCG A 2 4.86 4.92 7.48
OP2 LCG A 2 1.70 1.34 8.93
N2 LCG A 2 5.17 5.05 0.50
N3 LCG A 2 4.86 4.64 2.75
O2' LCG A 2 4.54 7.55 6.97
O3' LCG A 2 1.82 7.03 7.49
H5' LCG A 2 4.09 4.74 10.10
H5'' LCG A 2 2.51 5.51 9.88
H3' LCG A 2 2.25 5.12 6.66
H6'1 LCG A 2 3.85 7.75 8.98
H6'2 LCG A 2 5.49 7.04 8.81
H8 LCG A 2 3.81 2.70 6.75
H2' LCG A 2 3.59 6.88 5.17
H1' LCG A 2 5.88 5.60 5.78
H1 LCG A 2 4.39 2.33 0.32
H21 LCG A 2 5.15 4.69 -0.47
H22 LCG A 2 5.44 6.01 0.71
P LCG A 3 0.45 7.36 6.70
OP1 LCG A 3 -0.35 8.38 7.52
O5' LCG A 3 0.78 7.96 5.25
C5' LCG A 3 1.45 9.21 5.01
C3' LCG A 3 0.66 9.13 2.60
C6' LCG A 3 2.58 10.49 2.96
N9 LCG A 3 1.86 6.44 1.77
C8 LCG A 3 1.47 5.59 2.79
C4 LCG A 3 1.67 5.57 0.68
N7 LCG A 3 1.07 4.31 2.55
C5 LCG A 3 1.19 4.32 1.19
C6 LCG A 3 0.98 3.12 0.26
C2' LCG A 3 1.64 8.99 1.45
O6 LCG A 3 0.59 2.03 0.69
C4' LCG A 3 1.87 9.25 3.54
C1' LCG A 3 2.52 7.78 1.86
C2 LCG A 3 1.76 4.67 -1.55
N1 LCG A 3 1.27 3.35 -1.06
O4' LCG A 3 2.74 8.12 3.24
OP2 LCG A 3 -0.37 6.08 6.54
N2 LCG A 3 2.04 4.89 -2.90
N3 LCG A 3 1.94 5.66 -0.72
O2' LCG A 3 2.45 10.20 1.54
O3' LCG A 3 -0.18 10.31 2.56
H5' LCG A 3 2.36 9.31 5.63
H5'' LCG A 3 0.77 10.06 5.20
H3' LCG A 3 0.06 8.21 2.80
H6'1 LCG A 3 2.09 11.43 3.24
H6'2 LCG A 3 3.65 10.55 3.27
H8 LCG A 3 1.52 5.94 3.81
H2' LCG A 3 1.13 8.89 0.50
H1' LCG A 3 3.48 7.78 1.31
H1 LCG A 3 1.13 2.51 -1.66
H21 LCG A 3 1.90 4.11 -3.57
H22 LCG A 3 2.36 5.81 -3.21
P LCG A 4 -1.62 10.39 1.84
OP1 LCG A 4 -2.26 11.75 2.14
O5' LCG A 4 -1.47 10.21 0.24
C5' LCG A 4 -0.69 11.05 -0.62
C3' LCG A 4 -1.75 9.94 -2.73
C6' LCG A 4 0.42 10.89 -3.05
N9 LCG A 4 -1.12 7.00 -2.12
C8 LCG A 4 -1.62 6.84 -0.83
C4 LCG A 4 -1.42 5.74 -2.62
N7 LCG A 4 -2.18 5.67 -0.41
C5 LCG A 4 -2.01 4.96 -1.57
C6 LCG A 4 -2.33 3.46 -1.78
C2' LCG A 4 -0.90 9.06 -3.65
O6 LCG A 4 -2.77 2.76 -0.87
C4' LCG A 4 -0.46 10.28 -1.95
C1' LCG A 4 -0.23 8.08 -2.67
C2 LCG A 4 -1.52 3.85 -4.12
N1 LCG A 4 -2.06 2.99 -3.03
O4' LCG A 4 0.15 9.00 -1.64
OP2 LCG A 4 -2.53 9.28 2.38
N2 LCG A 4 -1.37 3.36 -5.42
N3 LCG A 4 -1.21 5.09 -3.89
O2' LCG A 4 0.13 9.98 -4.15
O3' LCG A 4 -2.37 11.05 -3.41
H5' LCG A 4 0.27 11.30 -0.15
H5'' LCG A 4 -1.23 12.00 -0.81
H3' LCG A 4 -2.48 9.38 -2.12
H6'1 LCG A 4 0.12 11.93 -3.31
H6'2 LCG A 4 1.49 10.89 -2.80
H8 LCG A 4 -1.52 7.64 -0.11
H2' LCG A 4 -1.45 8.56 -4.45
H1' LCG A 4 0.67 7.62 -3.12
H1 LCG A 4 -2.32 1.99 -3.16
H21 LCG A 4 -1.66 2.38 -5.61
H22 LCG A 4 -1.00 3.97 -6.16
P TLN A 5 -3.88 10.98 -3.98
OP1 TLN A 5 -4.22 12.29 -4.70
OP2 TLN A 5 -4.85 10.79 -2.81
O5' TLN A 5 -4.04 9.73 -4.99
C5' TLN A 5 -3.45 9.69 -6.30
C4' TLN A 5 -3.69 8.30 -6.90
O4' TLN A 5 -3.09 7.24 -6.09
C1' TLN A 5 -3.78 6.00 -6.45
N1 TLN A 5 -4.50 5.39 -5.29
C6 TLN A 5 -4.79 6.21 -4.10
C5 TLN A 5 -5.36 5.66 -3.00
C5M TLN A 5 -5.62 6.55 -1.83
C4 TLN A 5 -5.68 4.14 -3.02
O4 TLN A 5 -6.15 3.54 -2.06
N3 TLN A 5 -5.40 3.46 -4.18
C2 TLN A 5 -4.83 4.04 -5.29
O2 TLN A 5 -4.61 3.31 -6.26
C3' TLN A 5 -5.15 7.86 -7.11
C2' TLN A 5 -4.66 6.51 -7.63
O2' TLN A 5 -3.76 6.88 -8.73
O3' TLN A 5 -5.89 8.61 -8.07
C6' TLN A 5 -3.11 8.11 -8.31
H5' TLN A 5 -2.36 9.90 -6.25
H5'' TLN A 5 -3.89 10.47 -6.95
H1' TLN A 5 -3.02 5.29 -6.84
H6 TLN A 5 -4.55 7.28 -4.10
H71 TLN A 5 -6.32 6.10 -1.11
H72 TLN A 5 -4.68 6.77 -1.30
H73 TLN A 5 -6.05 7.52 -2.14
H3 TLN A 5 -5.60 2.46 -4.21
H3' TLN A 5 -5.72 7.79 -6.17
H2' TLN A 5 -5.45 5.81 -7.94
HO3' TLN A 5 -6.71 8.14 -8.20
H6'1 TLN A 5 -3.42 8.95 -8.94
H6'2 TLN A 5 -2.02 8.02 -8.28
O5' TLN B 1 3.16 -12.64 1.31
C5' TLN B 1 4.35 -11.88 1.47
C4' TLN B 1 4.36 -11.08 2.79
O4' TLN B 1 5.58 -10.28 2.89
C1' TLN B 1 5.33 -9.25 3.89
N1 TLN B 1 5.54 -7.85 3.43
C6 TLN B 1 5.67 -7.55 1.99
C5 TLN B 1 6.01 -6.30 1.56
C5M TLN B 1 6.28 -6.02 0.10
C4 TLN B 1 6.14 -5.18 2.63
O4 TLN B 1 6.37 -4.01 2.34
N3 TLN B 1 5.97 -5.54 3.94
C2 TLN B 1 5.68 -6.81 4.35
O2 TLN B 1 5.56 -6.99 5.57
C3' TLN B 1 3.23 -10.04 2.96
C2' TLN B 1 3.88 -9.63 4.28
O2' TLN B 1 3.93 -10.86 5.05
O3' TLN B 1 1.92 -10.63 3.11
C6' TLN B 1 4.23 -11.91 4.09
H5' TLN B 1 4.47 -11.21 0.61
H5'' TLN B 1 5.23 -12.56 1.43
H1' TLN B 1 6.00 -9.44 4.75
H6 TLN B 1 5.49 -8.36 1.29
H71 TLN B 1 7.37 -6.03 -0.11
H72 TLN B 1 5.81 -6.75 -0.57
H73 TLN B 1 5.91 -5.02 -0.19
H3 TLN B 1 6.07 -4.80 4.65
H3' TLN B 1 3.22 -9.24 2.21
H2' TLN B 1 3.36 -8.81 4.78
H6'1 TLN B 1 3.41 -12.65 4.06
H6'2 TLN B 1 5.17 -12.44 4.36
HO5' TLN B 1 2.44 -12.00 1.33
P LCG B 2 0.55 -9.76 3.22
OP1 LCG B 2 -0.64 -10.71 3.31
O5' LCG B 2 0.59 -8.81 4.53
C5' LCG B 2 0.65 -9.28 5.89
C3' LCG B 2 0.00 -6.91 6.71
C6' LCG B 2 1.12 -8.27 8.30
N9 LCG B 2 2.32 -5.33 5.44
C8 LCG B 2 2.28 -5.77 4.12
C4 LCG B 2 2.60 -3.98 5.20
N7 LCG B 2 2.48 -4.94 3.07
C5 LCG B 2 2.68 -3.79 3.78
C6 LCG B 2 2.97 -2.40 3.18
C2' LCG B 2 0.97 -6.07 7.54
O6 LCG B 2 3.05 -2.23 1.96
C4' LCG B 2 1.00 -8.08 6.78
C1' LCG B 2 2.28 -6.13 6.71
C2 LCG B 2 3.01 -1.64 5.57
N1 LCG B 2 3.12 -1.40 4.10
O4' LCG B 2 2.28 -7.53 6.39
OP2 LCG B 2 0.40 -8.90 1.97
N2 LCG B 2 3.14 -0.58 6.48
N3 LCG B 2 2.79 -2.83 6.04
O2' LCG B 2 1.14 -6.88 8.74
O3' LCG B 2 -1.26 -7.21 7.34
H5' LCG B 2 1.40 -10.08 5.99
H5'' LCG B 2 -0.32 -9.71 6.18
H3' LCG B 2 -0.15 -6.51 5.68
H6'1 LCG B 2 0.26 -8.82 8.73
H6'2 LCG B 2 2.05 -8.80 8.60
H8 LCG B 2 2.11 -6.82 3.92
H2' LCG B 2 0.63 -5.04 7.75
H1' LCG B 2 3.15 -5.88 7.35
H1 LCG B 2 3.32 -0.48 3.67
H21 LCG B 2 3.31 0.36 6.12
H22 LCG B 2 3.05 -0.78 7.49
P LCG B 3 -2.60 -6.31 7.17
OP1 LCG B 3 -3.77 -7.01 7.87
O5' LCG B 3 -2.37 -4.86 7.83
C5' LCG B 3 -2.14 -4.61 9.23
C3' LCG B 3 -2.64 -2.16 8.84
C6' LCG B 3 -1.33 -2.60 10.77
N9 LCG B 3 -0.54 -1.54 6.70
C8 LCG B 3 -0.72 -2.56 5.79
C4 LCG B 3 -0.34 -0.48 5.81
N7 LCG B 3 -0.64 -2.36 4.44
C5 LCG B 3 -0.41 -1.01 4.48
C6 LCG B 3 -0.13 -0.12 3.25
C2' LCG B 3 -1.58 -1.10 9.03
O6 LCG B 3 -0.17 -0.57 2.11
C4' LCG B 3 -1.64 -3.18 9.37
C1' LCG B 3 -0.39 -1.63 8.19
C2 LCG B 3 0.23 1.68 4.95
N1 LCG B 3 0.18 1.18 3.54
O4' LCG B 3 -0.42 -3.00 8.61
OP2 LCG B 3 -2.93 -6.15 5.68
N2 LCG B 3 0.54 3.03 5.23
N3 LCG B 3 0.00 0.91 5.95
O2' LCG B 3 -1.24 -1.19 10.45
O3' LCG B 3 -3.82 -2.00 9.68
H5' LCG B 3 -1.38 -5.30 9.64
H5'' LCG B 3 -3.08 -4.72 9.80
H3' LCG B 3 -2.92 -2.35 7.78
H6'1 LCG B 3 -2.14 -2.80 11.50
H6'2 LCG B 3 -0.38 -2.99 11.19
H8 LCG B 3 -0.87 -3.57 6.15
H2' LCG B 3 -1.95 -0.12 8.74
H1' LCG B 3 0.57 -1.15 8.50
H1 LCG B 3 0.37 1.75 2.71
H21 LCG B 3 0.74 3.66 4.43
H22 LCG B 3 0.56 3.35 6.20
P LCG B 4 -5.14 -1.17 9.25
OP1 LCG B 4 -6.22 -1.36 10.32
O5' LCG B 4 -4.81 0.41 9.10
C5' LCG B 4 -4.28 1.25 10.14
C3' LCG B 4 -4.71 3.36 8.70
C6' LCG B 4 -2.98 3.57 10.33
N9 LCG B 4 -3.20 2.59 6.16
C8 LCG B 4 -3.72 1.33 5.87
C4 LCG B 4 -3.02 3.05 4.87
N7 LCG B 4 -3.88 0.90 4.58
C5 LCG B 4 -3.40 2.01 3.95
C6 LCG B 4 -3.17 2.17 2.43
C2' LCG B 4 -3.55 4.18 8.15
O6 LCG B 4 -3.44 1.27 1.63
C4' LCG B 4 -3.70 2.50 9.47
C1' LCG B 4 -2.67 3.11 7.46
C2 LCG B 4 -2.35 4.47 3.03
N1 LCG B 4 -2.66 3.38 2.05
O4' LCG B 4 -2.72 2.09 8.48
OP2 LCG B 4 -5.66 -1.70 7.90
N2 LCG B 4 -1.93 5.73 2.59
N3 LCG B 4 -2.49 4.27 4.31
O2' LCG B 4 -2.85 4.65 9.35
O3' LCG B 4 -5.62 4.14 9.53
H5' LCG B 4 -3.50 0.71 10.71
H5'' LCG B 4 -5.08 1.50 10.86
H3' LCG B 4 -5.27 2.80 7.93
H6'1 LCG B 4 -3.58 3.90 11.20
H6'2 LCG B 4 -1.99 3.24 10.69
H8 LCG B 4 -3.96 0.65 6.66
H2' LCG B 4 -3.83 5.00 7.48
H1' LCG B 4 -1.64 3.47 7.32
H1 LCG B 4 -2.55 3.48 1.03
H21 LCG B 4 -1.86 5.89 1.57
H22 LCG B 4 -1.72 6.46 3.28
P TLN B 5 -6.96 4.82 8.95
OP1 TLN B 5 -7.65 5.62 10.06
OP2 TLN B 5 -7.91 3.72 8.45
O5' TLN B 5 -6.61 5.79 7.70
C5' TLN B 5 -5.92 7.04 7.83
C4' TLN B 5 -5.63 7.60 6.43
O4' TLN B 5 -4.79 6.69 5.65
C1' TLN B 5 -4.99 7.05 4.25
N1 TLN B 5 -5.56 5.92 3.44
C6 TLN B 5 -6.22 4.79 4.15
C5 TLN B 5 -6.65 3.72 3.46
C5M TLN B 5 -7.30 2.61 4.23
C4 TLN B 5 -6.44 3.69 1.92
O4 TLN B 5 -6.76 2.74 1.21
N3 TLN B 5 -5.85 4.80 1.36
C2 TLN B 5 -5.42 5.88 2.07
O2 TLN B 5 -4.88 6.80 1.44
C3' TLN B 5 -6.83 7.89 5.52
C2' TLN B 5 -5.88 8.31 4.41
O2' TLN B 5 -5.06 9.35 5.04
O3' TLN B 5 -7.70 8.94 5.96
C6' TLN B 5 -4.91 8.95 6.42
H5' TLN B 5 -4.98 6.92 8.40
H5'' TLN B 5 -6.54 7.76 8.41
H1' TLN B 5 -4.01 7.35 3.82
H6 TLN B 5 -6.34 4.82 5.24
H71 TLN B 5 -6.52 2.02 4.75
H72 TLN B 5 -7.99 3.00 5.00
H73 TLN B 5 -7.87 1.94 3.57
H3 TLN B 5 -5.70 4.80 0.34
H3' TLN B 5 -7.43 6.99 5.28
H2' TLN B 5 -6.36 8.66 3.48
HO3' TLN B 5 -8.30 9.12 5.24
H6'1 TLN B 5 -5.42 9.65 7.10
H6'2 TLN B 5 -3.85 8.84 6.71
O5' TLN C 1 8.30 10.22 0.28
C5' TLN C 1 9.08 9.04 0.39
C4' TLN C 1 9.07 8.24 -0.94
O4' TLN C 1 9.84 7.00 -0.77
C1' TLN C 1 9.45 6.11 -1.86
N1 TLN C 1 8.95 4.77 -1.43
C6 TLN C 1 8.58 4.53 -0.02
C5 TLN C 1 8.26 3.28 0.40
C5M TLN C 1 8.01 2.98 1.87
C4 TLN C 1 8.18 2.14 -0.66
O4 TLN C 1 7.84 0.99 -0.39
N3 TLN C 1 8.52 2.47 -1.94
C2 TLN C 1 8.89 3.72 -2.35
O2 TLN C 1 9.16 3.87 -3.54
C3' TLN C 1 7.71 7.75 -1.44
C2' TLN C 1 8.44 7.02 -2.58
O2' TLN C 1 9.18 8.09 -3.24
O3' TLN C 1 6.83 8.81 -1.89
C6' TLN C 1 9.62 8.97 -2.19
H5' TLN C 1 8.67 8.42 1.20
H5'' TLN C 1 10.10 9.31 0.67
H1' TLN C 1 10.34 5.97 -2.52
H6 TLN C 1 8.58 5.39 0.64
H71 TLN C 1 8.92 2.56 2.34
H72 TLN C 1 7.73 3.88 2.45
H73 TLN C 1 7.20 2.25 2.00
H3 TLN C 1 8.47 1.73 -2.66
H3' TLN C 1 7.19 7.06 -0.75
H2' TLN C 1 7.77 6.48 -3.23
H6'1 TLN C 1 9.21 9.98 -2.32
H6'2 TLN C 1 10.73 9.06 -2.17
HO5' TLN C 1 7.41 9.94 0.05
P LCG C 2 5.31 8.58 -2.38
OP1 LCG C 2 4.66 9.92 -2.72
O5' LCG C 2 5.27 7.62 -3.68
C5' LCG C 2 5.86 7.95 -4.96
C3' LCG C 2 4.53 6.01 -6.04
C6' LCG C 2 6.48 6.70 -7.23
N9 LCG C 2 5.60 3.69 -4.33
C8 LCG C 2 5.41 4.19 -3.05
C4 LCG C 2 5.23 2.36 -4.10
N7 LCG C 2 4.98 3.40 -2.01
C5 LCG C 2 4.86 2.24 -2.72
C6 LCG C 2 4.40 0.88 -2.14
C2' LCG C 2 5.24 4.81 -6.65
O6 LCG C 2 4.09 0.76 -0.95
C4' LCG C 2 5.90 6.66 -5.80
C1' LCG C 2 6.21 4.37 -5.52
C2 LCG C 2 4.73 0.04 -4.48
N1 LCG C 2 4.36 -0.15 -3.03
O4' LCG C 2 6.71 5.66 -5.13
OP2 LCG C 2 4.50 7.91 -1.26
N2 LCG C 2 4.64 -1.02 -5.39
N3 LCG C 2 5.13 1.19 -4.92
O2' LCG C 2 6.03 5.40 -7.73
O3' LCG C 2 3.70 6.77 -6.95
H5' LCG C 2 6.88 8.36 -4.83
H5'' LCG C 2 5.26 8.73 -5.46
H3' LCG C 2 3.97 5.77 -5.11
H6'1 LCG C 2 6.04 7.52 -7.82
H6'2 LCG C 2 7.58 6.79 -7.26
H8 LCG C 2 5.65 5.22 -2.83
H2' LCG C 2 4.58 4.00 -7.00
H1' LCG C 2 7.03 3.75 -5.92
H1 LCG C 2 4.04 -1.04 -2.63
H21 LCG C 2 4.31 -1.93 -5.05
H22 LCG C 2 4.88 -0.86 -6.38
P LCG C 3 2.12 6.51 -7.18
OP1 LCG C 3 1.55 7.58 -8.11
O5' LCG C 3 1.89 5.05 -7.83
C5' LCG C 3 2.34 4.65 -9.15
C3' LCG C 3 0.80 2.65 -9.02
C6' LCG C 3 2.62 2.41 -10.54
N9 LCG C 3 1.85 1.34 -6.47
C8 LCG C 3 1.89 2.40 -5.57
C4 LCG C 3 1.38 0.35 -5.61
N7 LCG C 3 1.53 2.26 -4.27
C5 LCG C 3 1.19 0.94 -4.31
C6 LCG C 3 0.76 0.07 -3.11
C2' LCG C 3 1.34 1.23 -9.00
O6 LCG C 3 0.62 0.55 -1.98
C4' LCG C 3 2.24 3.14 -9.24
C1' LCG C 3 2.40 1.27 -7.87
C2 LCG C 3 0.77 -1.82 -4.76
N1 LCG C 3 0.58 -1.26 -3.39
O4' LCG C 3 3.04 2.52 -8.20
OP2 LCG C 3 1.39 6.57 -5.84
N2 LCG C 3 0.55 -3.17 -5.02
N3 LCG C 3 1.14 -1.06 -5.74
O2' LCG C 3 2.04 1.11 -10.28
O3' LCG C 3 -0.09 2.94 -10.14
H5' LCG C 3 3.39 4.95 -9.31
H5'' LCG C 3 1.70 5.11 -9.93
H3' LCG C 3 0.38 3.00 -8.06
H6'1 LCG C 3 2.17 2.88 -11.44
H6'2 LCG C 3 3.72 2.35 -10.69
H8 LCG C 3 2.25 3.36 -5.91
H2' LCG C 3 0.55 0.52 -8.87
H1' LCG C 3 3.11 0.44 -7.95
H1 LCG C 3 0.30 -1.82 -2.56
H21 LCG C 3 0.27 -3.79 -4.24
H22 LCG C 3 0.69 -3.54 -5.98
P LCG C 4 -1.70 2.75 -10.10
OP1 LCG C 4 -2.30 3.31 -11.39
O5' LCG C 4 -2.09 1.19 -9.96
C5' LCG C 4 -1.71 0.15 -10.89
C3' LCG C 4 -3.32 -1.52 -9.72
C6' LCG C 4 -1.47 -2.51 -10.86
N9 LCG C 4 -2.31 -1.29 -6.84
C8 LCG C 4 -2.33 0.08 -6.62
C4 LCG C 4 -2.66 -1.72 -5.57
N7 LCG C 4 -2.62 0.62 -5.39
C5 LCG C 4 -2.80 -0.57 -4.73
C6 LCG C 4 -3.05 -0.72 -3.21
C2' LCG C 4 -2.77 -2.71 -8.94
O6 LCG C 4 -3.11 0.25 -2.45
C4' LCG C 4 -1.87 -1.19 -10.16
C1' LCG C 4 -1.73 -2.05 -8.00
C2 LCG C 4 -3.11 -3.18 -3.70
N1 LCG C 4 -3.19 -2.01 -2.78
O4' LCG C 4 -1.09 -1.17 -8.93
OP2 LCG C 4 -2.27 3.52 -8.91
N2 LCG C 4 -3.38 -4.48 -3.25
N3 LCG C 4 -2.84 -3.01 -4.96
O2' LCG C 4 -2.05 -3.48 -9.95
O3' LCG C 4 -4.21 -1.90 -10.78
H5' LCG C 4 -0.66 0.29 -11.21
H5'' LCG C 4 -2.34 0.21 -11.80
H3' LCG C 4 -3.76 -0.74 -9.09
H6'1 LCG C 4 -1.91 -2.61 -11.88
H6'2 LCG C 4 -0.38 -2.63 -10.95
H8 LCG C 4 -2.05 0.76 -7.41
H2' LCG C 4 -3.52 -3.31 -8.40
H1' LCG C 4 -1.01 -2.80 -7.62
H1 LCG C 4 -3.39 -2.09 -1.77
H21 LCG C 4 -3.64 -4.60 -2.25
H22 LCG C 4 -3.33 -5.27 -3.90
P TLN C 5 -5.82 -1.93 -10.60
OP1 TLN C 5 -6.48 -2.44 -11.89
OP2 TLN C 5 -6.32 -0.52 -10.32
O5' TLN C 5 -6.22 -2.89 -9.36
C5' TLN C 5 -6.10 -4.32 -9.39
C4' TLN C 5 -6.42 -4.88 -7.99
O4' TLN C 5 -5.52 -4.36 -6.97
C1' TLN C 5 -6.18 -4.52 -5.69
N1 TLN C 5 -6.43 -3.22 -5.00
C6 TLN C 5 -6.36 -1.96 -5.77
C5 TLN C 5 -6.48 -0.76 -5.16
C5M TLN C 5 -6.39 0.48 -6.01
C4 TLN C 5 -6.67 -0.74 -3.62
O4 TLN C 5 -6.74 0.30 -2.96
N3 TLN C 5 -6.75 -1.95 -2.98
C2 TLN C 5 -6.63 -3.16 -3.62
O2 TLN C 5 -6.70 -4.18 -2.94
C3' TLN C 5 -7.83 -4.60 -7.43
C2' TLN C 5 -7.44 -5.31 -6.15
O2' TLN C 5 -7.00 -6.63 -6.59
O3' TLN C 5 -8.90 -5.23 -8.13
C6' TLN C 5 -6.34 -6.40 -7.88
H5' TLN C 5 -5.08 -4.63 -9.69
H5'' TLN C 5 -6.79 -4.76 -10.14
H1' TLN C 5 -5.55 -5.16 -5.05
H6 TLN C 5 -6.21 -1.99 -6.86
H71 TLN C 5 -5.34 0.66 -6.29
H72 TLN C 5 -6.97 0.36 -6.95
H73 TLN C 5 -6.77 1.36 -5.48
H3 TLN C 5 -6.87 -1.96 -1.97
H3' TLN C 5 -8.05 -3.52 -7.30
H2' TLN C 5 -8.24 -5.38 -5.38
HO3' TLN C 5 -9.69 -5.10 -7.59
H6'1 TLN C 5 -6.90 -6.86 -8.70
H6'2 TLN C 5 -5.30 -6.74 -7.88
O5' TLN D 1 9.28 -2.33 -10.19
C5' TLN D 1 7.94 -2.27 -9.72
C4' TLN D 1 7.58 -3.55 -8.93
O4' TLN D 1 8.44 -3.70 -7.76
C1' TLN D 1 7.79 -4.63 -6.86
N1 TLN D 1 7.55 -4.12 -5.47
C6 TLN D 1 7.70 -2.67 -5.18
C5 TLN D 1 7.63 -2.21 -3.90
C5M TLN D 1 7.92 -0.78 -3.56
C4 TLN D 1 7.29 -3.24 -2.77
O4 TLN D 1 7.14 -2.91 -1.60
N3 TLN D 1 7.15 -4.55 -3.15
C2 TLN D 1 7.26 -5.01 -4.43
O2 TLN D 1 7.10 -6.21 -4.62
C3' TLN D 1 6.16 -3.59 -8.34
C2' TLN D 1 6.51 -4.92 -7.69
O2' TLN D 1 6.90 -5.77 -8.81
O3' TLN D 1 5.11 -3.66 -9.33
C6' TLN D 1 7.62 -4.88 -9.72
H5' TLN D 1 7.25 -2.15 -10.59
H5'' TLN D 1 7.80 -1.38 -9.09
H1' TLN D 1 8.41 -5.55 -6.80
H6 TLN D 1 7.86 -2.01 -6.02
H71 TLN D 1 7.26 -0.40 -2.76
H72 TLN D 1 8.96 -0.65 -3.22
H73 TLN D 1 7.79 -0.10 -4.42
H3 TLN D 1 6.92 -5.23 -2.41
H3' TLN D 1 5.96 -2.80 -7.59
H2' TLN D 1 5.70 -5.34 -7.09
H6'1 TLN D 1 7.10 -4.81 -10.69
H6'2 TLN D 1 8.65 -5.24 -9.91
HO5' TLN D 1 9.82 -2.41 -9.40
P LCG D 2 3.53 -3.62 -8.97
OP1 LCG D 2 2.71 -3.67 -10.27
O5' LCG D 2 3.13 -4.88 -8.04
C5' LCG D 2 3.23 -6.26 -8.43
C3' LCG D 2 1.75 -6.92 -6.40
C6' LCG D 2 3.13 -8.66 -7.28
N9 LCG D 2 3.51 -5.76 -4.16
C8 LCG D 2 3.73 -4.47 -4.62
C4 LCG D 2 3.34 -5.49 -2.81
N7 LCG D 2 3.74 -3.39 -3.78
C5 LCG D 2 3.48 -4.07 -2.62
C6 LCG D 2 3.34 -3.43 -1.22
C2' LCG D 2 2.30 -7.78 -5.27
O6 LCG D 2 3.45 -2.21 -1.05
C4' LCG D 2 3.08 -7.13 -7.16
C1' LCG D 2 3.63 -7.06 -4.90
C2 LCG D 2 2.91 -5.78 -0.45
N1 LCG D 2 3.07 -4.30 -0.21
O4' LCG D 2 4.13 -6.80 -6.22
OP2 LCG D 2 3.21 -2.32 -8.22
N2 LCG D 2 2.60 -6.66 0.60
N3 LCG D 2 3.06 -6.28 -1.64
O2' LCG D 2 2.64 -9.03 -5.95
O3' LCG D 2 0.61 -7.47 -7.10
H5' LCG D 2 4.19 -6.46 -8.92
H5'' LCG D 2 2.44 -6.51 -9.16
H3' LCG D 2 1.56 -5.87 -6.10
H6'1 LCG D 2 2.46 -9.04 -8.08
H6'2 LCG D 2 4.14 -9.05 -7.46
H8 LCG D 2 3.94 -4.30 -5.66
H2' LCG D 2 1.63 -7.92 -4.42
H1' LCG D 2 4.31 -7.75 -4.37
H1 LCG D 2 2.98 -3.85 0.72
H21 LCG D 2 2.48 -6.26 1.54
H22 LCG D 2 2.49 -7.66 0.40
P LCG D 3 -0.93 -7.16 -6.71
OP1 LCG D 3 -1.86 -7.80 -7.75
O5' LCG D 3 -1.25 -7.76 -5.26
C5' LCG D 3 -1.24 -9.16 -4.92
C3' LCG D 3 -2.51 -8.63 -2.80
C6' LCG D 3 -1.28 -10.67 -2.73
N9 LCG D 3 -0.56 -6.63 -1.53
C8 LCG D 3 -0.29 -5.76 -2.58
C4 LCG D 3 -0.64 -5.71 -0.49
N7 LCG D 3 -0.18 -4.41 -2.38
C5 LCG D 3 -0.41 -4.40 -1.04
C6 LCG D 3 -0.35 -3.16 -0.12
C2' LCG D 3 -1.88 -8.85 -1.43
O6 LCG D 3 -0.13 -2.04 -0.57
C4' LCG D 3 -1.26 -9.29 -3.40
C1' LCG D 3 -0.51 -8.13 -1.54
C2 LCG D 3 -0.76 -4.81 1.73
N1 LCG D 3 -0.51 -3.42 1.22
O4' LCG D 3 -0.11 -8.61 -2.83
OP2 LCG D 3 -1.16 -5.65 -6.70
N2 LCG D 3 -0.94 -5.04 3.11
N3 LCG D 3 -0.80 -5.81 0.93
O2' LCG D 3 -1.65 -10.29 -1.38
O3' LCG D 3 -3.73 -9.36 -3.02
H5' LCG D 3 -0.34 -9.66 -5.30
H5'' LCG D 3 -2.14 -9.67 -5.33
H3' LCG D 3 -2.60 -7.56 -3.08
H6'1 LCG D 3 -2.05 -11.35 -3.17
H6'2 LCG D 3 -0.31 -11.19 -2.76
H8 LCG D 3 -0.13 -6.15 -3.57
H2' LCG D 3 -2.53 -8.49 -0.63
H1' LCG D 3 0.20 -8.49 -0.77
H1 LCG D 3 -0.45 -2.58 1.81
H21 LCG D 3 -0.90 -4.24 3.75
H22 LCG D 3 -1.11 -6.00 3.43
P LCG D 4 -5.22 -8.80 -2.70
OP1 LCG D 4 -6.26 -9.79 -3.23
O5' LCG D 4 -5.41 -8.61 -1.11
C5' LCG D 4 -5.29 -9.65 -0.12
C3' LCG D 4 -6.29 -8.09 1.70
C6' LCG D 4 -4.87 -9.83 2.52
N9 LCG D 4 -4.38 -5.71 1.44
C8 LCG D 4 -4.43 -5.43 0.08
C4 LCG D 4 -4.26 -4.41 1.92
N7 LCG D 4 -4.33 -4.15 -0.40
C5 LCG D 4 -4.19 -3.52 0.79
C6 LCG D 4 -3.90 -2.02 1.00
C2' LCG D 4 -5.42 -7.59 2.86
O6 LCG D 4 -3.77 -1.24 0.05
C4' LCG D 4 -5.11 -8.97 1.25
C1' LCG D 4 -4.18 -7.02 2.14
C2 LCG D 4 -3.94 -2.57 3.45
N1 LCG D 4 -3.78 -1.62 2.30
O4' LCG D 4 -3.97 -8.07 1.17
OP2 LCG D 4 -5.42 -7.45 -3.39
N2 LCG D 4 -3.93 -2.10 4.78
N3 LCG D 4 -4.12 -3.84 3.24
O2' LCG D 4 -5.02 -8.82 3.54
O3' LCG D 4 -7.46 -8.81 2.14
H5' LCG D 4 -4.43 -10.30 -0.35
H5'' LCG D 4 -6.19 -10.29 -0.13
H3' LCG D 4 -6.55 -7.30 0.97
H6'1 LCG D 4 -5.62 -10.64 2.63
H6'2 LCG D 4 -3.86 -10.29 2.53
H8 LCG D 4 -4.49 -6.24 -0.63
H2' LCG D 4 -5.90 -6.86 3.53
H1' LCG D 4 -3.32 -6.95 2.82
H1 LCG D 4 -3.63 -0.60 2.42
H21 LCG D 4 -3.84 -1.09 4.93
H22 LCG D 4 -4.04 -2.77 5.54
P TLN D 5 -8.90 -8.09 2.31
OP1 TLN D 5 -9.92 -9.11 2.86
OP2 TLN D 5 -9.38 -7.59 0.95
O5' TLN D 5 -8.79 -6.85 3.33
C5' TLN D 5 -8.58 -6.97 4.75
C4' TLN D 5 -8.36 -5.57 5.35
O4' TLN D 5 -7.21 -4.89 4.76
C1' TLN D 5 -7.39 -3.47 5.02
N1 TLN D 5 -7.47 -2.68 3.74
C6 TLN D 5 -7.77 -3.38 2.47
C5 TLN D 5 -7.77 -2.70 1.31
C5M TLN D 5 -8.07 -3.47 0.05
C4 TLN D 5 -7.43 -1.18 1.33
O4 TLN D 5 -7.35 -0.51 0.30
N3 TLN D 5 -7.19 -0.62 2.55
C2 TLN D 5 -7.21 -1.32 3.73
O2 TLN D 5 -6.96 -0.69 4.77
C3' TLN D 5 -9.52 -4.56 5.20
C2' TLN D 5 -8.66 -3.52 5.90
O2' TLN D 5 -8.30 -4.15 7.16
O3' TLN D 5 -10.71 -4.89 5.91
C6' TLN D 5 -8.14 -5.56 6.85
H5' TLN D 5 -7.70 -7.61 4.95
H5'' TLN D 5 -9.44 -7.47 5.23
H1' TLN D 5 -6.53 -3.11 5.62
H6 TLN D 5 -8.00 -4.44 2.47
H71 TLN D 5 -8.31 -2.80 -0.79
H72 TLN D 5 -7.19 -4.08 -0.23
H73 TLN D 5 -8.91 -4.16 0.19
H3 TLN D 5 -6.96 0.38 2.58
H3' TLN D 5 -9.76 -4.32 4.15
H2' TLN D 5 -9.15 -2.53 6.05
HO3' TLN D 5 -11.27 -4.11 5.85
H6'1 TLN D 5 -8.90 -6.18 7.35
H6'2 TLN D 5 -7.14 -5.93 7.11
O5' TLN A 1 4.26 -0.28 12.44
C5' TLN A 1 5.40 -0.46 11.61
C4' TLN A 1 5.77 0.83 10.84
O4' TLN A 1 6.90 0.58 9.96
C1' TLN A 1 6.93 1.66 8.98
N1 TLN A 1 6.90 1.23 7.55
C6 TLN A 1 6.54 -0.15 7.21
C5 TLN A 1 6.65 -0.60 5.92
C5M TLN A 1 6.42 -2.04 5.54
C4 TLN A 1 7.08 0.44 4.83
O4 TLN A 1 7.15 0.15 3.63
N3 TLN A 1 7.37 1.71 5.25
C2 TLN A 1 7.29 2.12 6.55
O2 TLN A 1 7.59 3.29 6.79
C3' TLN A 1 4.71 1.40 9.91
C2' TLN A 1 5.71 2.46 9.49
O2' TLN A 1 6.08 3.12 10.73
O3' TLN A 1 3.54 1.93 10.59
C6' TLN A 1 6.12 2.06 11.72
H5' TLN A 1 5.19 -1.28 10.89
H5'' TLN A 1 6.25 -0.81 12.22
H1' TLN A 1 7.86 2.25 9.16
H6 TLN A 1 6.18 -0.79 8.00
H71 TLN A 1 7.37 -2.59 5.43
H72 TLN A 1 5.82 -2.59 6.31
H73 TLN A 1 5.86 -2.13 4.59
H3 TLN A 1 7.65 2.39 4.54
H3' TLN A 1 4.41 0.73 9.08
H2' TLN A 1 5.31 3.15 8.73
H6'1 TLN A 1 5.37 2.24 12.52
H6'2 TLN A 1 7.12 1.98 12.18
HO5' TLN A 1 3.55 0.00 11.87
P LCG A 2 2.22 2.50 9.84
OP1 LCG A 2 1.19 2.95 10.88
O5' LCG A 2 2.62 3.77 8.90
C5' LCG A 2 3.13 5.02 9.38
C3' LCG A 2 2.61 6.08 7.09
C6' LCG A 2 4.26 7.21 8.37
N9 LCG A 2 4.31 4.22 5.33
C8 LCG A 2 3.92 2.96 5.77
C4 LCG A 2 4.38 3.95 3.96
N7 LCG A 2 3.72 1.92 4.92
C5 LCG A 2 4.02 2.58 3.75
C6 LCG A 2 3.96 1.97 2.35
C2' LCG A 2 3.73 6.60 6.18
O6 LCG A 2 3.64 0.79 2.16
C4' LCG A 2 3.66 5.81 8.18
C1' LCG A 2 4.72 5.42 6.14
C2 LCG A 2 4.69 4.24 1.59
N1 LCG A 2 4.31 2.83 1.33
O4' LCG A 2 4.73 5.06 7.53
OP2 LCG A 2 1.61 1.41 8.96
N2 LCG A 2 5.02 5.12 0.53
N3 LCG A 2 4.73 4.72 2.80
O2' LCG A 2 4.32 7.67 6.99
O3' LCG A 2 1.62 7.06 7.49
H5' LCG A 2 3.93 4.86 10.13
H5'' LCG A 2 2.33 5.59 9.89
H3' LCG A 2 2.12 5.17 6.67
H6'1 LCG A 2 3.60 7.85 8.98
H6'2 LCG A 2 5.26 7.20 8.84
H8 LCG A 2 3.80 2.78 6.82
H2' LCG A 2 3.40 6.94 5.19
H1' LCG A 2 5.73 5.76 5.82
H1 LCG A 2 4.28 2.39 0.40
H21 LCG A 2 5.00 4.75 -0.43
H22 LCG A 2 5.28 6.09 0.74
P LCG A 3 0.25 7.35 6.67
OP1 LCG A 3 -0.60 8.35 7.46
O5' LCG A 3 0.60 7.96 5.23
C5' LCG A 3 1.25 9.23 5.00
C3' LCG A 3 0.48 9.14 2.60
C6' LCG A 3 2.38 10.53 2.97
N9 LCG A 3 1.72 6.47 1.74
C8 LCG A 3 1.35 5.62 2.76
C4 LCG A 3 1.54 5.62 0.66
N7 LCG A 3 0.97 4.34 2.53
C5 LCG A 3 1.08 4.36 1.17
C6 LCG A 3 0.88 3.14 0.24
C2' LCG A 3 1.46 9.03 1.45
O6 LCG A 3 0.51 2.04 0.68
C4' LCG A 3 1.67 9.28 3.53
C1' LCG A 3 2.36 7.83 1.85
C2 LCG A 3 1.62 4.71 -1.57
N1 LCG A 3 1.15 3.37 -1.08
O4' LCG A 3 2.56 8.17 3.23
OP2 LCG A 3 -0.54 6.06 6.51
N2 LCG A 3 1.91 4.92 -2.93
N3 LCG A 3 1.78 5.71 -0.76
O2' LCG A 3 2.25 10.26 1.55
O3' LCG A 3 -0.38 10.31 2.55
H5' LCG A 3 2.15 9.34 5.62
H5'' LCG A 3 0.56 10.06 5.20
H3' LCG A 3 -0.11 8.21 2.78
H6'1 LCG A 3 1.86 11.46 3.24
H6'2 LCG A 3 3.43 10.61 3.28
H8 LCG A 3 1.40 5.96 3.79
H2' LCG A 3 0.95 8.93 0.49
H1' LCG A 3 3.32 7.83 1.31
H1 LCG A 3 1.02 2.55 -1.69
H21 LCG A 3 1.80 4.14 -3.58
H22 LCG A 3 2.22 5.85 -3.25
P LCG A 4 -1.84 10.36 1.85
OP1 LCG A 4 -2.50 11.71 2.17
O5' LCG A 4 -1.71 10.20 0.25
C5' LCG A 4 -0.91 11.05 -0.60
C3' LCG A 4 -1.92 9.97 -2.74
C6' LCG A 4 0.26 10.89 -2.99
N9 LCG A 4 -1.35 7.00 -2.17
C8 LCG A 4 -1.90 6.82 -0.91
C4 LCG A 4 -1.59 5.73 -2.69
N7 LCG A 4 -2.42 5.63 -0.50
C5 LCG A 4 -2.18 4.93 -1.66
C6 LCG A 4 -2.43 3.42 -1.87
C2' LCG A 4 -1.07 9.10 -3.65
O6 LCG A 4 -2.86 2.69 -0.98
C4' LCG A 4 -0.67 10.29 -1.92
C1' LCG A 4 -0.45 8.08 -2.67
C2 LCG A 4 -1.58 3.85 -4.20
N1 LCG A 4 -2.12 2.95 -3.12
O4' LCG A 4 -0.09 8.98 -1.60
OP2 LCG A 4 -2.71 9.23 2.40
N2 LCG A 4 -1.41 3.38 -5.50
N3 LCG A 4 -1.32 5.09 -3.96
O2' LCG A 4 -0.03 10.01 -4.11
O3' LCG A 4 -2.52 11.11 -3.41
H5' LCG A 4 0.05 11.29 -0.12
H5'' LCG A 4 -1.43 12.01 -0.77
H3' LCG A 4 -2.70 9.41 -2.17
H6'1 LCG A 4 -0.01 11.94 -3.24
H6'2 LCG A 4 1.32 10.86 -2.71
H8 LCG A 4 -1.87 7.63 -0.19
H2' LCG A 4 -1.61 8.62 -4.48
H1' LCG A 4 0.46 7.63 -3.11
H1 LCG A 4 -2.32 1.95 -3.27
H21 LCG A 4 -1.65 2.40 -5.71
H22 LCG A 4 -1.06 4.02 -6.23
P TLN A 5 -4.04 11.12 -3.94
OP1 TLN A 5 -4.31 12.43 -4.70
OP2 TLN A 5 -4.99 11.02 -2.75
O5' TLN A 5 -4.30 9.87 -4.93
C5' TLN A 5 -3.73 9.74 -6.25
C4' TLN A 5 -3.98 8.32 -6.76
O4' TLN A 5 -3.35 7.32 -5.89
C1' TLN A 5 -4.04 6.06 -6.13
N1 TLN A 5 -4.72 5.53 -4.91
C6 TLN A 5 -5.01 6.46 -3.79
C5 TLN A 5 -5.57 5.99 -2.65
C5M TLN A 5 -5.81 6.99 -1.54
C4 TLN A 5 -5.89 4.47 -2.55
O4 TLN A 5 -6.37 3.96 -1.52
N3 TLN A 5 -5.60 3.71 -3.64
C2 TLN A 5 -5.03 4.19 -4.78
O2 TLN A 5 -4.78 3.38 -5.67
C3' TLN A 5 -5.44 7.85 -6.88
C2' TLN A 5 -4.96 6.48 -7.32
O2' TLN A 5 -4.09 6.77 -8.47
O3' TLN A 5 -6.21 8.54 -7.88
C6' TLN A 5 -3.45 8.03 -8.17
H5' TLN A 5 -2.65 9.95 -6.23
H5'' TLN A 5 -4.18 10.48 -6.95
H1' TLN A 5 -3.30 5.32 -6.49
H6 TLN A 5 -4.76 7.52 -3.87
H71 TLN A 5 -6.54 6.61 -0.80
H72 TLN A 5 -4.86 7.21 -1.03
H73 TLN A 5 -6.21 7.94 -1.93
H3 TLN A 5 -5.79 2.70 -3.58
H3' TLN A 5 -5.99 7.85 -5.93
H2' TLN A 5 -5.76 5.76 -7.56
HO3' TLN A 5 -7.03 8.05 -7.95
H6'1 TLN A 5 -3.77 8.83 -8.84
H6'2 TLN A 5 -2.35 7.96 -8.16
O5' TLN B 1 3.65 -12.68 1.66
C5' TLN B 1 4.79 -11.84 1.74
C4' TLN B 1 4.80 -11.00 3.03
O4' TLN B 1 5.96 -10.10 3.05
C1' TLN B 1 5.69 -9.07 4.03
N1 TLN B 1 5.75 -7.66 3.52
C6 TLN B 1 5.80 -7.41 2.06
C5 TLN B 1 6.01 -6.16 1.58
C5M TLN B 1 6.20 -5.91 0.10
C4 TLN B 1 6.11 -4.98 2.61
O4 TLN B 1 6.22 -3.81 2.26
N3 TLN B 1 6.03 -5.31 3.93
C2 TLN B 1 5.87 -6.59 4.40
O2 TLN B 1 5.82 -6.74 5.63
C3' TLN B 1 3.62 -10.04 3.23
C2' TLN B 1 4.30 -9.54 4.50
O2' TLN B 1 4.47 -10.74 5.31
O3' TLN B 1 2.35 -10.71 3.47
C6' TLN B 1 4.80 -11.79 4.37
H5' TLN B 1 4.81 -11.17 0.86
H5'' TLN B 1 5.71 -12.45 1.68
H1' TLN B 1 6.41 -9.18 4.86
H6 TLN B 1 5.65 -8.26 1.40
H71 TLN B 1 5.80 -4.93 -0.21
H72 TLN B 1 7.27 -5.92 -0.16
H73 TLN B 1 5.69 -6.67 -0.53
H3 TLN B 1 6.09 -4.56 4.62
H3' TLN B 1 3.51 -9.25 2.46
H2' TLN B 1 3.73 -8.75 5.00
H6'1 TLN B 1 4.04 -12.58 4.39
H6'2 TLN B 1 5.78 -12.24 4.59
HO5' TLN B 1 2.89 -12.10 1.69
P LCG B 2 0.93 -9.94 3.60
OP1 LCG B 2 -0.19 -10.96 3.76
O5' LCG B 2 0.94 -8.93 4.86
C5' LCG B 2 1.09 -9.34 6.24
C3' LCG B 2 0.34 -6.99 7.04
C6' LCG B 2 1.65 -8.25 8.59
N9 LCG B 2 2.46 -5.29 5.61
C8 LCG B 2 2.35 -5.75 4.30
C4 LCG B 2 2.64 -3.93 5.34
N7 LCG B 2 2.47 -4.92 3.23
C5 LCG B 2 2.65 -3.75 3.92
C6 LCG B 2 2.88 -2.36 3.29
C2' LCG B 2 1.31 -6.08 7.79
O6 LCG B 2 2.90 -2.19 2.07
C4' LCG B 2 1.41 -8.10 7.08
C1' LCG B 2 2.56 -6.08 6.88
C2 LCG B 2 3.00 -1.58 5.67
N1 LCG B 2 3.05 -1.35 4.20
O4' LCG B 2 2.63 -7.47 6.58
OP2 LCG B 2 0.68 -9.13 2.32
N2 LCG B 2 3.14 -0.51 6.58
N3 LCG B 2 2.83 -2.76 6.16
O2' LCG B 2 1.61 -6.85 9.00
O3' LCG B 2 -0.87 -7.34 7.76
H5' LCG B 2 1.89 -10.09 6.33
H5'' LCG B 2 0.16 -9.82 6.59
H3' LCG B 2 0.10 -6.63 6.02
H6'1 LCG B 2 0.84 -8.83 9.08
H6'2 LCG B 2 2.61 -8.71 8.83
H8 LCG B 2 2.23 -6.81 4.12
H2' LCG B 2 0.92 -5.08 8.02
H1' LCG B 2 3.46 -5.76 7.45
H1 LCG B 2 3.22 -0.42 3.75
H21 LCG B 2 3.29 0.43 6.21
H22 LCG B 2 3.09 -0.70 7.59
P LCG B 3 -2.24 -6.51 7.64
OP1 LCG B 3 -3.33 -7.19 8.47
O5' LCG B 3 -2.04 -5.00 8.15
C5' LCG B 3 -1.70 -4.64 9.52
C3' LCG B 3 -2.36 -2.23 9.07
C6' LCG B 3 -0.82 -2.55 10.86
N9 LCG B 3 -0.53 -1.53 6.72
C8 LCG B 3 -0.84 -2.54 5.82
C4 LCG B 3 -0.35 -0.47 5.81
N7 LCG B 3 -0.85 -2.33 4.48
C5 LCG B 3 -0.54 -1.00 4.48
C6 LCG B 3 -0.26 -0.12 3.25
C2' LCG B 3 -1.33 -1.12 9.13
O6 LCG B 3 -0.36 -0.55 2.10
C4' LCG B 3 -1.25 -3.19 9.53
C1' LCG B 3 -0.21 -1.61 8.18
C2 LCG B 3 0.23 1.68 4.93
N1 LCG B 3 0.11 1.17 3.52
O4' LCG B 3 -0.15 -2.99 8.60
OP2 LCG B 3 -2.69 -6.48 6.17
N2 LCG B 3 0.54 3.02 5.20
N3 LCG B 3 0.04 0.90 5.94
O2' LCG B 3 -0.83 -1.15 10.49
O3' LCG B 3 -3.45 -2.06 10.01
H5' LCG B 3 -0.89 -5.27 9.90
H5'' LCG B 3 -2.59 -4.75 10.17
H3' LCG B 3 -2.73 -2.48 8.05
H6'1 LCG B 3 -1.54 -2.75 11.68
H6'2 LCG B 3 0.18 -2.89 11.19
H8 LCG B 3 -1.02 -3.53 6.20
H2' LCG B 3 -1.77 -0.17 8.86
H1' LCG B 3 0.74 -1.11 8.39
H1 LCG B 3 0.29 1.75 2.69
H21 LCG B 3 0.70 3.66 4.41
H22 LCG B 3 0.61 3.33 6.18
P LCG B 4 -4.81 -1.26 9.68
OP1 LCG B 4 -5.76 -1.34 10.87
O5' LCG B 4 -4.49 0.29 9.34
C5' LCG B 4 -3.90 1.22 10.28
C3' LCG B 4 -4.49 3.27 8.79
C6' LCG B 4 -2.61 3.54 10.22
N9 LCG B 4 -3.18 2.49 6.10
C8 LCG B 4 -3.73 1.24 5.83
C4 LCG B 4 -3.06 2.95 4.80
N7 LCG B 4 -3.97 0.81 4.56
C5 LCG B 4 -3.50 1.92 3.90
C6 LCG B 4 -3.35 2.09 2.37
C2' LCG B 4 -3.39 4.08 8.10
O6 LCG B 4 -3.65 1.19 1.57
C4' LCG B 4 -3.39 2.44 9.48
C1' LCG B 4 -2.57 3.01 7.37
C2 LCG B 4 -2.47 4.36 2.93
N1 LCG B 4 -2.84 3.28 1.97
O4' LCG B 4 -2.53 1.99 8.39
OP2 LCG B 4 -5.50 -1.90 8.46
N2 LCG B 4 -2.05 5.62 2.48
N3 LCG B 4 -2.55 4.16 4.20
O2' LCG B 4 -2.59 4.59 9.21
O3' LCG B 4 -5.32 4.05 9.68
H5' LCG B 4 -3.06 0.74 10.80
H5'' LCG B 4 -4.64 1.52 11.04
H3' LCG B 4 -5.11 2.68 8.09
H6'1 LCG B 4 -3.12 3.89 11.15
H6'2 LCG B 4 -1.59 3.22 10.49
H8 LCG B 4 -3.94 0.56 6.65
H2' LCG B 4 -3.74 4.88 7.45
H1' LCG B 4 -1.55 3.37 7.16
H1 LCG B 4 -2.75 3.38 0.94
H21 LCG B 4 -2.03 5.80 1.47
H22 LCG B 4 -1.80 6.34 3.16
P TLN B 5 -6.68 4.78 9.19
OP1 TLN B 5 -7.29 5.55 10.36
OP2 TLN B 5 -7.67 3.72 8.70
O5' TLN B 5 -6.36 5.80 7.98
C5' TLN B 5 -5.61 7.02 8.13
C4' TLN B 5 -5.34 7.62 6.74
O4' TLN B 5 -4.59 6.71 5.88
C1' TLN B 5 -4.82 7.14 4.51
N1 TLN B 5 -5.50 6.09 3.69
C6 TLN B 5 -6.17 4.95 4.36
C5 TLN B 5 -6.70 3.95 3.63
C5M TLN B 5 -7.36 2.81 4.36
C4 TLN B 5 -6.60 4.01 2.08
O4 TLN B 5 -7.03 3.13 1.34
N3 TLN B 5 -5.98 5.12 1.55
C2 TLN B 5 -5.45 6.13 2.30
O2 TLN B 5 -4.91 7.06 1.69
C3' TLN B 5 -6.56 8.02 5.90
C2' TLN B 5 -5.63 8.44 4.78
O2' TLN B 5 -4.73 9.40 5.40
O3' TLN B 5 -7.35 9.09 6.43
C6' TLN B 5 -4.55 8.93 6.76
H5' TLN B 5 -4.65 6.83 8.65
H5'' TLN B 5 -6.16 7.74 8.76
H1' TLN B 5 -3.84 7.39 4.06
H6 TLN B 5 -6.22 4.91 5.45
H71 TLN B 5 -6.59 2.11 4.74
H72 TLN B 5 -7.93 3.15 5.24
H73 TLN B 5 -8.05 2.24 3.72
H3 TLN B 5 -5.90 5.18 0.54
H3' TLN B 5 -7.22 7.17 5.65
H2' TLN B 5 -6.13 8.85 3.88
HO3' TLN B 5 -7.97 9.33 5.73
H6'1 TLN B 5 -4.98 9.61 7.49
H6'2 TLN B 5 -3.48 8.73 7.00
O5' TLN C 1 10.19 9.52 0.87
C5' TLN C 1 8.89 9.15 0.44
C4' TLN C 1 8.96 8.33 -0.86
O4' TLN C 1 9.72 7.11 -0.67
C1' TLN C 1 9.37 6.20 -1.76
N1 TLN C 1 8.85 4.86 -1.35
C6 TLN C 1 8.48 4.62 0.07
C5 TLN C 1 8.14 3.38 0.49
C5M TLN C 1 7.89 3.08 1.95
C4 TLN C 1 8.09 2.23 -0.57
O4 TLN C 1 7.73 1.09 -0.29
N3 TLN C 1 8.43 2.56 -1.85
C2 TLN C 1 8.81 3.81 -2.25
O2 TLN C 1 9.10 3.96 -3.44
C3' TLN C 1 7.60 7.83 -1.39
C2' TLN C 1 8.36 7.11 -2.51
O2' TLN C 1 9.11 8.17 -3.17
O3' TLN C 1 6.72 8.88 -1.86
C6' TLN C 1 9.52 9.06 -2.10
H5' TLN C 1 8.27 10.06 0.30
H5'' TLN C 1 8.39 8.57 1.23
H1' TLN C 1 10.27 6.07 -2.40
H6 TLN C 1 8.47 5.48 0.74
H71 TLN C 1 8.79 2.65 2.43
H72 TLN C 1 7.61 3.98 2.53
H73 TLN C 1 7.07 2.36 2.08
H3 TLN C 1 8.39 1.82 -2.56
H3' TLN C 1 7.07 7.14 -0.71
H2' TLN C 1 7.70 6.54 -3.17
H6'1 TLN C 1 9.08 10.07 -2.25
H6'2 TLN C 1 10.61 9.16 -2.08
HO5' TLN C 1 10.66 8.70 1.00
P LCG C 2 5.20 8.63 -2.39
OP1 LCG C 2 4.57 9.96 -2.76
O5' LCG C 2 5.22 7.65 -3.68
C5' LCG C 2 5.82 7.96 -4.95
C3' LCG C 2 4.53 6.01 -6.03
C6' LCG C 2 6.51 6.68 -7.18
N9 LCG C 2 5.54 3.70 -4.26
C8 LCG C 2 5.32 4.22 -2.99
C4 LCG C 2 5.18 2.38 -4.02
N7 LCG C 2 4.86 3.45 -1.96
C5 LCG C 2 4.78 2.27 -2.65
C6 LCG C 2 4.32 0.92 -2.06
C2' LCG C 2 5.27 4.80 -6.61
O6 LCG C 2 3.99 0.81 -0.88
C4' LCG C 2 5.90 6.66 -5.77
C1' LCG C 2 6.20 4.37 -5.44
C2 LCG C 2 4.72 0.04 -4.38
N1 LCG C 2 4.31 -0.12 -2.94
O4' LCG C 2 6.68 5.67 -5.05
OP2 LCG C 2 4.38 7.97 -1.27
N2 LCG C 2 4.64 -1.03 -5.27
N3 LCG C 2 5.12 1.19 -4.82
O2' LCG C 2 6.08 5.38 -7.67
O3' LCG C 2 3.73 6.75 -6.98
H5' LCG C 2 6.84 8.38 -4.79
H5'' LCG C 2 5.23 8.73 -5.48
H3' LCG C 2 3.95 5.78 -5.12
H6'1 LCG C 2 6.10 7.50 -7.80
H6'2 LCG C 2 7.61 6.78 -7.18
H8 LCG C 2 5.54 5.26 -2.79
H2' LCG C 2 4.61 3.98 -6.96
H1' LCG C 2 7.04 3.75 -5.81
H1 LCG C 2 4.01 -1.02 -2.53
H21 LCG C 2 4.31 -1.94 -4.92
H22 LCG C 2 4.91 -0.88 -6.25
P LCG C 3 2.16 6.47 -7.26
OP1 LCG C 3 1.62 7.52 -8.23
O5' LCG C 3 1.96 5.01 -7.89
C5' LCG C 3 2.47 4.59 -9.18
C3' LCG C 3 0.92 2.58 -9.08
C6' LCG C 3 2.82 2.32 -10.51
N9 LCG C 3 1.88 1.31 -6.45
C8 LCG C 3 1.88 2.38 -5.57
C4 LCG C 3 1.39 0.34 -5.60
N7 LCG C 3 1.49 2.26 -4.28
C5 LCG C 3 1.16 0.94 -4.31
C6 LCG C 3 0.71 0.09 -3.10
C2' LCG C 3 1.47 1.17 -9.00
O6 LCG C 3 0.54 0.58 -1.98
C4' LCG C 3 2.37 3.06 -9.25
C1' LCG C 3 2.48 1.22 -7.83
C2 LCG C 3 0.75 -1.83 -4.73
N1 LCG C 3 0.54 -1.25 -3.36
O4' LCG C 3 3.13 2.47 -8.15
OP2 LCG C 3 1.38 6.56 -5.95
N2 LCG C 3 0.52 -3.18 -4.98
N3 LCG C 3 1.16 -1.08 -5.71
O2' LCG C 3 2.22 1.01 -10.26
O3' LCG C 3 0.09 2.84 -10.24
H5' LCG C 3 3.52 4.87 -9.31
H5'' LCG C 3 1.87 5.02 -9.98
H3' LCG C 3 0.46 2.95 -8.14
H6'1 LCG C 3 2.40 2.76 -11.43
H6'2 LCG C 3 3.91 2.25 -10.62
H8 LCG C 3 2.23 3.35 -5.92
H2' LCG C 3 0.69 0.44 -8.89
H1' LCG C 3 3.20 0.38 -7.87
H1 LCG C 3 0.26 -1.80 -2.54
H21 LCG C 3 0.19 -3.78 -4.20
H22 LCG C 3 0.66 -3.55 -5.93
P LCG C 4 -1.52 2.61 -10.28
OP1 LCG C 4 -2.07 3.16 -11.60
O5' LCG C 4 -1.88 1.04 -10.16
C5' LCG C 4 -1.43 0.01 -11.07
C3' LCG C 4 -3.05 -1.69 -9.95
C6' LCG C 4 -1.16 -2.65 -11.02
N9 LCG C 4 -2.16 -1.37 -7.04
C8 LCG C 4 -2.11 0.01 -6.80
C4 LCG C 4 -2.63 -1.78 -5.80
N7 LCG C 4 -2.43 0.55 -5.59
C5 LCG C 4 -2.73 -0.63 -4.95
C6 LCG C 4 -3.06 -0.80 -3.45
C2' LCG C 4 -2.52 -2.85 -9.12
O6 LCG C 4 -3.08 0.16 -2.68
C4' LCG C 4 -1.60 -1.34 -10.35
C1' LCG C 4 -1.53 -2.16 -8.16
C2 LCG C 4 -3.30 -3.23 -4.00
N1 LCG C 4 -3.31 -2.08 -3.05
O4' LCG C 4 -0.87 -1.28 -9.09
OP2 LCG C 4 -2.17 3.36 -9.12
N2 LCG C 4 -3.69 -4.51 -3.61
N3 LCG C 4 -2.94 -3.06 -5.24
O2' LCG C 4 -1.74 -3.62 -10.10
O3' LCG C 4 -3.91 -2.13 -11.02
H5' LCG C 4 -0.37 0.17 -11.34
H5'' LCG C 4 -2.02 0.05 -12.00
H3' LCG C 4 -3.55 -0.91 -9.33
H6'1 LCG C 4 -1.56 -2.78 -12.03
H6'2 LCG C 4 -0.05 -2.75 -11.06
H8 LCG C 4 -1.73 0.67 -7.57
H2' LCG C 4 -3.28 -3.46 -8.62
H1' LCG C 4 -0.81 -2.88 -7.75
H1 LCG C 4 -3.48 -2.16 -2.03
H21 LCG C 4 -3.93 -4.67 -2.61
H22 LCG C 4 -3.68 -5.28 -4.29
P TLN C 5 -4.97 -1.19 -11.81
OP1 TLN C 5 -4.61 -1.17 -13.30
OP2 TLN C 5 -4.94 0.23 -11.26
O5' TLN C 5 -6.47 -1.81 -11.63
C5' TLN C 5 -6.74 -3.22 -11.71
C4' TLN C 5 -7.03 -3.79 -10.31
O4' TLN C 5 -5.91 -3.61 -9.39
C1' TLN C 5 -6.44 -3.77 -8.04
N1 TLN C 5 -6.30 -2.54 -7.20
C6 TLN C 5 -6.06 -1.23 -7.85
C5 TLN C 5 -5.99 -0.10 -7.11
C5M TLN C 5 -5.72 1.20 -7.81
C4 TLN C 5 -6.16 -0.21 -5.57
O4 TLN C 5 -6.08 0.76 -4.82
N3 TLN C 5 -6.39 -1.47 -5.06
C2 TLN C 5 -6.46 -2.61 -5.82
O2 TLN C 5 -6.66 -3.67 -5.23
C3' TLN C 5 -8.24 -3.26 -9.55
C2' TLN C 5 -7.90 -4.19 -8.39
O2' TLN C 5 -7.85 -5.52 -8.99
O3' TLN C 5 -9.52 -3.54 -10.13
C6' TLN C 5 -7.31 -5.30 -10.32
H5' TLN C 5 -5.91 -3.77 -12.19
H5'' TLN C 5 -7.61 -3.40 -12.36
H1' TLN C 5 -5.91 -4.62 -7.55
H6 TLN C 5 -5.96 -1.18 -8.93
H71 TLN C 5 -4.65 1.44 -7.78
H72 TLN C 5 -6.02 1.18 -8.87
H73 TLN C 5 -6.28 2.02 -7.33
H3 TLN C 5 -6.50 -1.55 -4.05
H3' TLN C 5 -8.18 -2.18 -9.30
H2' TLN C 5 -8.60 -4.14 -7.52
HO3' TLN C 5 -10.17 -3.28 -9.48
H6'1 TLN C 5 -8.07 -5.52 -11.09
H6'2 TLN C 5 -6.39 -5.88 -10.50
O5' TLN D 1 7.19 -2.20 -10.73
C5' TLN D 1 8.02 -2.39 -9.59
C4' TLN D 1 7.59 -3.64 -8.78
O4' TLN D 1 8.44 -3.79 -7.60
C1' TLN D 1 7.75 -4.68 -6.68
N1 TLN D 1 7.50 -4.13 -5.32
C6 TLN D 1 7.68 -2.68 -5.05
C5 TLN D 1 7.61 -2.19 -3.79
C5M TLN D 1 7.93 -0.75 -3.48
C4 TLN D 1 7.22 -3.18 -2.64
O4 TLN D 1 7.06 -2.83 -1.48
N3 TLN D 1 7.04 -4.49 -2.99
C2 TLN D 1 7.18 -4.98 -4.26
O2 TLN D 1 6.98 -6.19 -4.42
C3' TLN D 1 6.17 -3.64 -8.21
C2' TLN D 1 6.49 -4.97 -7.54
O2' TLN D 1 6.88 -5.84 -8.63
O3' TLN D 1 5.13 -3.72 -9.21
C6' TLN D 1 7.62 -4.99 -9.55
H5' TLN D 1 7.98 -1.50 -8.95
H5'' TLN D 1 9.06 -2.49 -9.92
H1' TLN D 1 8.35 -5.61 -6.59
H6 TLN D 1 7.89 -2.05 -5.91
H71 TLN D 1 8.97 -0.64 -3.12
H72 TLN D 1 7.81 -0.09 -4.36
H73 TLN D 1 7.27 -0.34 -2.69
H3 TLN D 1 6.79 -5.15 -2.24
H3' TLN D 1 5.96 -2.83 -7.49
H2' TLN D 1 5.65 -5.35 -6.93
H6'1 TLN D 1 7.12 -4.95 -10.52
H6'2 TLN D 1 8.64 -5.37 -9.70
HO5' TLN D 1 6.29 -2.10 -10.38
P LCG D 2 3.54 -3.68 -8.88
OP1 LCG D 2 2.75 -3.73 -10.20
O5' LCG D 2 3.13 -4.91 -7.95
C5' LCG D 2 3.23 -6.30 -8.31
C3' LCG D 2 1.69 -6.91 -6.34
C6' LCG D 2 3.08 -8.69 -7.14
N9 LCG D 2 3.37 -5.75 -4.04
C8 LCG D 2 3.63 -4.46 -4.50
C4 LCG D 2 3.20 -5.46 -2.69
N7 LCG D 2 3.66 -3.38 -3.67
C5 LCG D 2 3.37 -4.04 -2.50
C6 LCG D 2 3.26 -3.40 -1.11
C2' LCG D 2 2.20 -7.76 -5.18
O6 LCG D 2 3.42 -2.19 -0.95
C4' LCG D 2 3.04 -7.15 -7.04
C1' LCG D 2 3.51 -7.05 -4.77
C2 LCG D 2 2.81 -5.74 -0.33
N1 LCG D 2 2.99 -4.27 -0.10
O4' LCG D 2 4.06 -6.83 -6.07
OP2 LCG D 2 3.21 -2.36 -8.16
N2 LCG D 2 2.53 -6.61 0.74
N3 LCG D 2 2.91 -6.24 -1.51
O2' LCG D 2 2.54 -9.03 -5.82
O3' LCG D 2 0.57 -7.48 -7.08
H5' LCG D 2 4.21 -6.51 -8.78
H5'' LCG D 2 2.47 -6.56 -9.07
H3' LCG D 2 1.50 -5.86 -6.07
H6'1 LCG D 2 2.45 -9.07 -7.95
H6'2 LCG D 2 4.11 -9.08 -7.27
H8 LCG D 2 3.86 -4.31 -5.54
H2' LCG D 2 1.48 -7.88 -4.34
H1' LCG D 2 4.15 -7.74 -4.19
H1 LCG D 2 2.91 -3.81 0.84
H21 LCG D 2 2.45 -6.22 1.69
H22 LCG D 2 2.41 -7.62 0.55
P LCG D 3 -0.98 -7.15 -6.75
OP1 LCG D 3 -1.86 -7.80 -7.82
O5' LCG D 3 -1.36 -7.74 -5.30
C5' LCG D 3 -1.38 -9.14 -4.96
C3' LCG D 3 -2.73 -8.55 -2.90
C6' LCG D 3 -1.56 -10.62 -2.76
N9 LCG D 3 -0.78 -6.60 -1.53
C8 LCG D 3 -0.57 -5.71 -2.58
C4 LCG D 3 -0.73 -5.70 -0.47
N7 LCG D 3 -0.39 -4.37 -2.37
C5 LCG D 3 -0.49 -4.39 -1.01
C6 LCG D 3 -0.31 -3.17 -0.08
C2' LCG D 3 -2.18 -8.78 -1.50
O6 LCG D 3 -0.08 -2.03 -0.53
C4' LCG D 3 -1.48 -9.24 -3.44
C1' LCG D 3 -0.79 -8.09 -1.55
C2 LCG D 3 -0.73 -4.80 1.77
N1 LCG D 3 -0.44 -3.42 1.26
O4' LCG D 3 -0.35 -8.57 -2.83
OP2 LCG D 3 -1.20 -5.64 -6.77
N2 LCG D 3 -0.93 -5.02 3.14
N3 LCG D 3 -0.83 -5.81 0.97
O2' LCG D 3 -1.99 -10.22 -1.43
O3' LCG D 3 -3.95 -9.27 -3.20
H5' LCG D 3 -0.47 -9.65 -5.29
H5'' LCG D 3 -2.27 -9.63 -5.40
H3' LCG D 3 -2.79 -7.49 -3.20
H6'1 LCG D 3 -2.31 -11.29 -3.23
H6'2 LCG D 3 -0.59 -11.15 -2.74
H8 LCG D 3 -0.50 -6.09 -3.58
H2' LCG D 3 -2.86 -8.40 -0.74
H1' LCG D 3 -0.12 -8.48 -0.75
H1 LCG D 3 -0.38 -2.58 1.85
H21 LCG D 3 -0.89 -4.23 3.79
H22 LCG D 3 -1.14 -5.98 3.47
P LCG D 4 -5.44 -8.62 -3.15
OP1 LCG D 4 -6.42 -9.59 -3.82
O5' LCG D 4 -5.89 -8.36 -1.63
C5' LCG D 4 -6.10 -9.40 -0.65
C3' LCG D 4 -6.97 -7.61 1.01
C6' LCG D 4 -6.20 -9.63 2.01
N9 LCG D 4 -4.53 -5.77 1.15
C8 LCG D 4 -4.30 -5.52 -0.19
C4 LCG D 4 -4.33 -4.49 1.66
N7 LCG D 4 -3.95 -4.27 -0.63
C5 LCG D 4 -3.97 -3.63 0.58
C6 LCG D 4 -3.63 -2.15 0.81
C2' LCG D 4 -6.24 -7.31 2.31
O6 LCG D 4 -3.32 -1.41 -0.12
C4' LCG D 4 -5.99 -8.77 0.75
C1' LCG D 4 -4.79 -7.08 1.83
C2 LCG D 4 -4.13 -2.66 3.22
N1 LCG D 4 -3.72 -1.75 2.12
O4' LCG D 4 -4.67 -8.17 0.89
OP2 LCG D 4 -5.44 -7.29 -3.91
N2 LCG D 4 -4.26 -2.19 4.54
N3 LCG D 4 -4.38 -3.91 2.98
O2' LCG D 4 -6.29 -8.58 3.03
O3' LCG D 4 -8.35 -8.00 1.21
H5' LCG D 4 -5.34 -10.20 -0.76
H5'' LCG D 4 -7.10 -9.87 -0.80
H3' LCG D 4 -6.90 -6.79 0.26
H6'1 LCG D 4 -7.13 -10.22 1.97
H6'2 LCG D 4 -5.36 -10.31 2.20
H8 LCG D 4 -4.35 -6.31 -0.91
H2' LCG D 4 -6.65 -6.47 2.90
H1' LCG D 4 -4.07 -7.20 2.65
H1 LCG D 4 -3.57 -0.73 2.25
H21 LCG D 4 -4.10 -1.19 4.73
H22 LCG D 4 -4.54 -2.85 5.27
P TLN D 5 -9.59 -7.03 0.84
OP1 TLN D 5 -10.90 -7.69 1.27
OP2 TLN D 5 -9.61 -6.80 -0.68
O5' TLN D 5 -9.42 -5.61 1.59
C5' TLN D 5 -9.58 -5.43 3.00
C4' TLN D 5 -9.23 -3.97 3.37
O4' TLN D 5 -7.85 -3.65 3.05
C1' TLN D 5 -7.77 -2.19 2.97
N1 TLN D 5 -7.37 -1.73 1.61
C6 TLN D 5 -7.43 -2.67 0.46
C5 TLN D 5 -7.00 -2.30 -0.75
C5M TLN D 5 -7.01 -3.32 -1.86
C4 TLN D 5 -6.48 -0.83 -0.95
O4 TLN D 5 -6.10 -0.40 -2.04
N3 TLN D 5 -6.47 -0.04 0.16
C2 TLN D 5 -6.86 -0.45 1.40
O2 TLN D 5 -6.75 0.36 2.33
C3' TLN D 5 -10.06 -2.88 2.70
C2' TLN D 5 -9.20 -1.83 3.42
O2' TLN D 5 -9.33 -2.19 4.83
O3' TLN D 5 -11.44 -2.83 3.06
C6' TLN D 5 -9.41 -3.64 4.85
H5' TLN D 5 -8.93 -6.13 3.57
H5'' TLN D 5 -10.62 -5.66 3.31
H1' TLN D 5 -7.04 -1.83 3.72
H6 TLN D 5 -7.83 -3.67 0.61
H71 TLN D 5 -7.97 -3.31 -2.40
H72 TLN D 5 -6.19 -3.15 -2.58
H73 TLN D 5 -6.88 -4.35 -1.46
H3 TLN D 5 -6.10 0.91 0.06
H3' TLN D 5 -9.96 -2.85 1.60
H2' TLN D 5 -9.50 -0.78 3.23
HO3' TLN D 5 -11.78 -2.02 2.70
H6'1 TLN D 5 -10.39 -3.99 5.20
H6'2 TLN D 5 -8.61 -4.09 5.46
O5' TLN A 1 4.36 -0.37 12.41
C5' TLN A 1 5.48 -0.59 11.56
C4' TLN A 1 5.86 0.68 10.79
O4' TLN A 1 6.98 0.41 9.88
C1' TLN A 1 7.01 1.48 8.90
N1 TLN A 1 6.95 1.05 7.47
C6 TLN A 1 6.56 -0.35 7.14
C5 TLN A 1 6.63 -0.80 5.87
C5M TLN A 1 6.37 -2.25 5.52
C4 TLN A 1 7.04 0.21 4.75
O4 TLN A 1 7.07 -0.09 3.55
N3 TLN A 1 7.35 1.48 5.15
C2 TLN A 1 7.31 1.90 6.44
O2 TLN A 1 7.63 3.08 6.66
C3' TLN A 1 4.79 1.27 9.86
C2' TLN A 1 5.81 2.31 9.40
O2' TLN A 1 6.21 2.98 10.64
O3' TLN A 1 3.64 1.83 10.55
C6' TLN A 1 6.24 1.92 11.64
H5' TLN A 1 5.24 -1.40 10.85
H5'' TLN A 1 6.34 -0.94 12.16
H1' TLN A 1 7.94 2.06 9.04
H6 TLN A 1 6.22 -0.98 7.96
H71 TLN A 1 5.76 -2.77 6.28
H72 TLN A 1 5.85 -2.37 4.56
H73 TLN A 1 7.32 -2.82 5.45
H3 TLN A 1 7.62 2.15 4.42
H3' TLN A 1 4.46 0.60 9.04
H2' TLN A 1 5.42 3.00 8.64
H6'1 TLN A 1 5.52 2.13 12.44
H6'2 TLN A 1 7.24 1.83 12.09
HO5' TLN A 1 3.64 -0.09 11.84
P LCG A 2 2.33 2.43 9.80
OP1 LCG A 2 1.31 2.87 10.85
O5' LCG A 2 2.74 3.68 8.88
C5' LCG A 2 3.29 4.92 9.35
C3' LCG A 2 2.77 6.01 7.07
C6' LCG A 2 4.48 7.09 8.35
N9 LCG A 2 4.40 4.12 5.27
C8 LCG A 2 3.96 2.89 5.70
C4 LCG A 2 4.49 3.87 3.91
N7 LCG A 2 3.73 1.86 4.83
C5 LCG A 2 4.07 2.51 3.68
C6 LCG A 2 4.03 1.91 2.26
C2' LCG A 2 3.91 6.51 6.16
O6 LCG A 2 3.69 0.74 2.07
C4' LCG A 2 3.84 5.70 8.15
C1' LCG A 2 4.86 5.30 6.10
C2 LCG A 2 4.82 4.18 1.54
N1 LCG A 2 4.41 2.76 1.27
O4' LCG A 2 4.86 4.92 7.48
OP2 LCG A 2 1.70 1.34 8.93
N2 LCG A 2 5.17 5.04 0.49
N3 LCG A 2 4.86 4.63 2.75
O2' LCG A 2 4.53 7.56 6.97
O3' LCG A 2 1.82 7.03 7.49
H5' LCG A 2 4.09 4.74 10.10
H5'' LCG A 2 2.51 5.51 9.88
H3' LCG A 2 2.25 5.12 6.66
H6'1 LCG A 2 3.85 7.75 8.97
H6'2 LCG A 2 5.49 7.04 8.81
H8 LCG A 2 3.81 2.70 6.75
H2' LCG A 2 3.59 6.88 5.17
H1' LCG A 2 5.87 5.61 5.78
H1 LCG A 2 4.39 2.33 0.32
H21 LCG A 2 5.15 4.69 -0.47
H22 LCG A 2 5.44 6.01 0.71
P LCG A 3 0.45 7.36 6.70
OP1 LCG A 3 -0.36 8.38 7.51
O5' LCG A 3 0.78 7.96 5.25
C5' LCG A 3 1.45 9.21 5.01
C3' LCG A 3 0.66 9.13 2.60
C6' LCG A 3 2.58 10.49 2.96
N9 LCG A 3 1.86 6.43 1.76
C8 LCG A 3 1.46 5.59 2.78
C4 LCG A 3 1.67 5.57 0.68
N7 LCG A 3 1.07 4.31 2.55
C5 LCG A 3 1.19 4.32 1.19
C6 LCG A 3 0.98 3.12 0.26
C2' LCG A 3 1.64 8.99 1.45
O6 LCG A 3 0.59 2.03 0.69
C4' LCG A 3 1.87 9.25 3.54
C1' LCG A 3 2.52 7.78 1.86
C2 LCG A 3 1.76 4.67 -1.55
N1 LCG A 3 1.27 3.35 -1.06
O4' LCG A 3 2.74 8.12 3.24
OP2 LCG A 3 -0.37 6.08 6.54
N2 LCG A 3 2.04 4.89 -2.90
N3 LCG A 3 1.94 5.66 -0.72
O2' LCG A 3 2.44 10.21 1.54
O3' LCG A 3 -0.18 10.31 2.56
H5' LCG A 3 2.35 9.31 5.63
H5'' LCG A 3 0.77 10.06 5.20
H3' LCG A 3 0.06 8.21 2.80
H6'1 LCG A 3 2.09 11.43 3.24
H6'2 LCG A 3 3.65 10.55 3.27
H8 LCG A 3 1.51 5.94 3.81
H2' LCG A 3 1.13 8.89 0.50
H1' LCG A 3 3.48 7.78 1.31
H1 LCG A 3 1.13 2.51 -1.66
H21 LCG A 3 1.90 4.11 -3.57
H22 LCG A 3 2.36 5.81 -3.21
P LCG A 4 -1.62 10.38 1.84
OP1 LCG A 4 -2.26 11.74 2.13
O5' LCG A 4 -1.47 10.21 0.24
C5' LCG A 4 -0.69 11.06 -0.63
C3' LCG A 4 -1.74 9.93 -2.73
C6' LCG A 4 0.42 10.89 -3.05
N9 LCG A 4 -1.12 7.00 -2.12
C8 LCG A 4 -1.62 6.85 -0.83
C4 LCG A 4 -1.42 5.74 -2.62
N7 LCG A 4 -2.18 5.67 -0.41
C5 LCG A 4 -2.01 4.97 -1.58
C6 LCG A 4 -2.33 3.46 -1.78
C2' LCG A 4 -0.90 9.06 -3.65
O6 LCG A 4 -2.77 2.76 -0.87
C4' LCG A 4 -0.46 10.28 -1.95
C1' LCG A 4 -0.22 8.08 -2.67
C2 LCG A 4 -1.52 3.85 -4.12
N1 LCG A 4 -2.06 2.99 -3.03
O4' LCG A 4 0.15 9.00 -1.64
OP2 LCG A 4 -2.53 9.28 2.38
N2 LCG A 4 -1.37 3.36 -5.42
N3 LCG A 4 -1.21 5.09 -3.89
O2' LCG A 4 0.13 9.98 -4.15
O3' LCG A 4 -2.37 11.05 -3.41
H5' LCG A 4 0.27 11.30 -0.16
H5'' LCG A 4 -1.22 12.01 -0.81
H3' LCG A 4 -2.48 9.37 -2.14
H6'1 LCG A 4 0.13 11.93 -3.31
H6'2 LCG A 4 1.49 10.89 -2.80
H8 LCG A 4 -1.52 7.64 -0.11
H2' LCG A 4 -1.45 8.56 -4.45
H1' LCG A 4 0.67 7.62 -3.12
H1 LCG A 4 -2.32 2.00 -3.15
H21 LCG A 4 -1.66 2.38 -5.61
H22 LCG A 4 -1.00 3.97 -6.16
P TLN A 5 -3.88 10.98 -3.98
OP1 TLN A 5 -4.21 12.29 -4.70
OP2 TLN A 5 -4.85 10.80 -2.80
O5' TLN A 5 -4.04 9.74 -5.00
C5' TLN A 5 -3.44 9.69 -6.30
C4' TLN A 5 -3.68 8.29 -6.90
O4' TLN A 5 -3.09 7.24 -6.09
C1' TLN A 5 -3.78 6.00 -6.45
N1 TLN A 5 -4.50 5.40 -5.29
C6 TLN A 5 -4.79 6.22 -4.10
C5 TLN A 5 -5.36 5.67 -3.00
C5M TLN A 5 -5.62 6.57 -1.83
C4 TLN A 5 -5.68 4.15 -3.02
O4 TLN A 5 -6.15 3.55 -2.05
N3 TLN A 5 -5.40 3.47 -4.18
C2 TLN A 5 -4.83 4.04 -5.29
O2 TLN A 5 -4.61 3.31 -6.26
C3' TLN A 5 -5.14 7.86 -7.11
C2' TLN A 5 -4.65 6.51 -7.63
O2' TLN A 5 -3.75 6.87 -8.72
O3' TLN A 5 -5.89 8.61 -8.07
C6' TLN A 5 -3.11 8.11 -8.31
H5' TLN A 5 -2.36 9.90 -6.25
H5'' TLN A 5 -3.88 10.47 -6.96
H1' TLN A 5 -3.01 5.29 -6.84
H6 TLN A 5 -4.55 7.29 -4.10
H71 TLN A 5 -4.68 6.78 -1.30
H72 TLN A 5 -6.03 7.53 -2.14
H73 TLN A 5 -6.33 6.11 -1.11
H3 TLN A 5 -5.60 2.47 -4.21
H3' TLN A 5 -5.72 7.80 -6.16
H2' TLN A 5 -5.45 5.81 -7.94
HO3' TLN A 5 -6.71 8.13 -8.21
H6'1 TLN A 5 -3.41 8.95 -8.94
H6'2 TLN A 5 -2.01 8.02 -8.28
O5' TLN B 1 5.44 -12.77 1.42
C5' TLN B 1 4.33 -11.89 1.50
C4' TLN B 1 4.37 -11.08 2.81
O4' TLN B 1 5.59 -10.28 2.90
C1' TLN B 1 5.33 -9.25 3.91
N1 TLN B 1 5.54 -7.84 3.44
C6 TLN B 1 5.68 -7.55 1.99
C5 TLN B 1 6.00 -6.31 1.57
C5M TLN B 1 6.28 -6.02 0.10
C4 TLN B 1 6.14 -5.18 2.63
O4 TLN B 1 6.37 -4.01 2.34
N3 TLN B 1 5.97 -5.54 3.94
C2 TLN B 1 5.69 -6.81 4.35
O2 TLN B 1 5.57 -6.99 5.57
C3' TLN B 1 3.24 -10.06 2.98
C2' TLN B 1 3.89 -9.63 4.29
O2' TLN B 1 3.94 -10.86 5.07
O3' TLN B 1 1.92 -10.64 3.13
C6' TLN B 1 4.23 -11.90 4.12
H5' TLN B 1 3.39 -12.47 1.42
H5'' TLN B 1 4.35 -11.21 0.62
H1' TLN B 1 6.01 -9.44 4.77
H6 TLN B 1 5.50 -8.37 1.30
H71 TLN B 1 7.37 -6.03 -0.10
H72 TLN B 1 5.81 -6.75 -0.57
H73 TLN B 1 5.91 -5.03 -0.20
H3 TLN B 1 6.07 -4.80 4.65
H3' TLN B 1 3.24 -9.25 2.22
H2' TLN B 1 3.36 -8.81 4.78
H6'1 TLN B 1 3.41 -12.64 4.08
H6'2 TLN B 1 5.16 -12.44 4.38
HO5' TLN B 1 6.22 -12.22 1.46
P LCG B 2 0.55 -9.77 3.23
OP1 LCG B 2 -0.64 -10.73 3.33
O5' LCG B 2 0.60 -8.82 4.54
C5' LCG B 2 0.66 -9.28 5.90
C3' LCG B 2 0.00 -6.91 6.71
C6' LCG B 2 1.13 -8.27 8.32
N9 LCG B 2 2.32 -5.33 5.45
C8 LCG B 2 2.27 -5.78 4.13
C4 LCG B 2 2.60 -3.98 5.20
N7 LCG B 2 2.48 -4.94 3.07
C5 LCG B 2 2.68 -3.80 3.79
C6 LCG B 2 2.97 -2.40 3.18
C2' LCG B 2 0.97 -6.07 7.54
O6 LCG B 2 3.05 -2.23 1.96
C4' LCG B 2 1.01 -8.08 6.79
C1' LCG B 2 2.28 -6.14 6.72
C2 LCG B 2 3.01 -1.64 5.57
N1 LCG B 2 3.12 -1.40 4.10
O4' LCG B 2 2.29 -7.53 6.39
OP2 LCG B 2 0.40 -8.90 1.98
N2 LCG B 2 3.14 -0.58 6.48
N3 LCG B 2 2.79 -2.82 6.04
O2' LCG B 2 1.14 -6.88 8.75
O3' LCG B 2 -1.26 -7.22 7.35
H5' LCG B 2 1.41 -10.09 6.00
H5'' LCG B 2 -0.32 -9.71 6.19
H3' LCG B 2 -0.16 -6.51 5.69
H6'1 LCG B 2 0.26 -8.81 8.73
H6'2 LCG B 2 2.05 -8.79 8.61
H8 LCG B 2 2.11 -6.83 3.93
H2' LCG B 2 0.63 -5.04 7.75
H1' LCG B 2 3.15 -5.88 7.35
H1 LCG B 2 3.32 -0.48 3.67
H21 LCG B 2 3.31 0.36 6.12
H22 LCG B 2 3.05 -0.78 7.49
P LCG B 3 -2.60 -6.32 7.18
OP1 LCG B 3 -3.77 -7.01 7.88
O5' LCG B 3 -2.36 -4.86 7.83
C5' LCG B 3 -2.14 -4.61 9.23
C3' LCG B 3 -2.64 -2.16 8.84
C6' LCG B 3 -1.33 -2.60 10.77
N9 LCG B 3 -0.54 -1.54 6.70
C8 LCG B 3 -0.72 -2.56 5.79
C4 LCG B 3 -0.34 -0.48 5.81
N7 LCG B 3 -0.64 -2.36 4.44
C5 LCG B 3 -0.41 -1.01 4.48
C6 LCG B 3 -0.13 -0.12 3.25
C2' LCG B 3 -1.58 -1.10 9.03
O6 LCG B 3 -0.17 -0.57 2.11
C4' LCG B 3 -1.64 -3.18 9.37
C1' LCG B 3 -0.39 -1.62 8.19
C2 LCG B 3 0.23 1.68 4.95
N1 LCG B 3 0.18 1.18 3.54
O4' LCG B 3 -0.42 -3.00 8.61
OP2 LCG B 3 -2.93 -6.15 5.69
N2 LCG B 3 0.54 3.03 5.23
N3 LCG B 3 0.00 0.91 5.95
O2' LCG B 3 -1.24 -1.19 10.45
O3' LCG B 3 -3.83 -2.00 9.67
H5' LCG B 3 -1.38 -5.30 9.64
H5'' LCG B 3 -3.08 -4.72 9.80
H3' LCG B 3 -2.92 -2.36 7.78
H6'1 LCG B 3 -2.14 -2.80 11.50
H6'2 LCG B 3 -0.38 -2.98 11.20
H8 LCG B 3 -0.87 -3.57 6.15
H2' LCG B 3 -1.95 -0.12 8.74
H1' LCG B 3 0.56 -1.15 8.50
H1 LCG B 3 0.37 1.75 2.71
H21 LCG B 3 0.74 3.66 4.43
H22 LCG B 3 0.56 3.35 6.20
P LCG B 4 -5.14 -1.18 9.24
OP1 LCG B 4 -6.23 -1.37 10.31
O5' LCG B 4 -4.81 0.40 9.09
C5' LCG B 4 -4.29 1.24 10.14
C3' LCG B 4 -4.72 3.36 8.70
C6' LCG B 4 -2.99 3.57 10.33
N9 LCG B 4 -3.20 2.59 6.16
C8 LCG B 4 -3.72 1.33 5.87
C4 LCG B 4 -3.02 3.05 4.87
N7 LCG B 4 -3.88 0.90 4.58
C5 LCG B 4 -3.40 2.01 3.95
C6 LCG B 4 -3.17 2.17 2.43
C2' LCG B 4 -3.56 4.18 8.15
O6 LCG B 4 -3.43 1.27 1.63
C4' LCG B 4 -3.71 2.50 9.47
C1' LCG B 4 -2.68 3.10 7.47
C2 LCG B 4 -2.35 4.47 3.03
N1 LCG B 4 -2.65 3.37 2.05
O4' LCG B 4 -2.72 2.09 8.48
OP2 LCG B 4 -5.67 -1.70 7.90
N2 LCG B 4 -1.93 5.73 2.59
N3 LCG B 4 -2.49 4.27 4.31
O2' LCG B 4 -2.86 4.65 9.35
O3' LCG B 4 -5.63 4.13 9.52
H5' LCG B 4 -3.50 0.71 10.71
H5'' LCG B 4 -5.09 1.50 10.86
H3' LCG B 4 -5.28 2.79 7.92
H6'1 LCG B 4 -3.59 3.89 11.20
H6'2 LCG B 4 -2.00 3.24 10.69
H8 LCG B 4 -3.96 0.65 6.66
H2' LCG B 4 -3.84 5.00 7.48
H1' LCG B 4 -1.65 3.47 7.32
H1 LCG B 4 -2.55 3.48 1.03
H21 LCG B 4 -1.86 5.89 1.57
H22 LCG B 4 -1.72 6.46 3.28
P TLN B 5 -6.97 4.81 8.94
OP1 TLN B 5 -7.66 5.60 10.04
OP2 TLN B 5 -7.92 3.71 8.45
O5' TLN B 5 -6.62 5.78 7.69
C5' TLN B 5 -5.93 7.03 7.83
C4' TLN B 5 -5.63 7.60 6.43
O4' TLN B 5 -4.80 6.70 5.65
C1' TLN B 5 -4.98 7.06 4.25
N1 TLN B 5 -5.55 5.93 3.45
C6 TLN B 5 -6.21 4.79 4.14
C5 TLN B 5 -6.65 3.74 3.45
C5M TLN B 5 -7.29 2.61 4.21
C4 TLN B 5 -6.43 3.70 1.91
O4 TLN B 5 -6.76 2.74 1.20
N3 TLN B 5 -5.84 4.80 1.35
C2 TLN B 5 -5.41 5.90 2.06
O2 TLN B 5 -4.88 6.82 1.43
C3' TLN B 5 -6.84 7.89 5.52
C2' TLN B 5 -5.88 8.32 4.42
O2' TLN B 5 -5.07 9.36 5.04
O3' TLN B 5 -7.71 8.94 5.96
C6' TLN B 5 -4.92 8.94 6.43
H5' TLN B 5 -4.99 6.92 8.40
H5'' TLN B 5 -6.54 7.76 8.41
H1' TLN B 5 -4.01 7.36 3.83
H6 TLN B 5 -6.34 4.83 5.23
H71 TLN B 5 -7.86 1.93 3.56
H72 TLN B 5 -6.52 2.02 4.75
H73 TLN B 5 -7.99 2.99 4.98
H3 TLN B 5 -5.69 4.81 0.34
H3' TLN B 5 -7.44 7.00 5.28
H2' TLN B 5 -6.36 8.67 3.48
HO3' TLN B 5 -8.30 9.11 5.23
H6'1 TLN B 5 -5.43 9.64 7.11
H6'2 TLN B 5 -3.86 8.83 6.72
O5' TLN C 1 10.38 9.41 0.75
C5' TLN C 1 9.06 9.05 0.35
C4' TLN C 1 9.09 8.23 -0.95
O4' TLN C 1 9.85 7.00 -0.78
C1' TLN C 1 9.46 6.10 -1.87
N1 TLN C 1 8.95 4.76 -1.44
C6 TLN C 1 8.58 4.53 -0.03
C5 TLN C 1 8.26 3.28 0.40
C5M TLN C 1 8.02 2.98 1.87
C4 TLN C 1 8.19 2.14 -0.66
O4 TLN C 1 7.83 0.99 -0.38
N3 TLN C 1 8.52 2.47 -1.94
C2 TLN C 1 8.89 3.71 -2.35
O2 TLN C 1 9.16 3.86 -3.54
C3' TLN C 1 7.72 7.75 -1.45
C2' TLN C 1 8.45 7.02 -2.58
O2' TLN C 1 9.18 8.08 -3.26
O3' TLN C 1 6.84 8.81 -1.89
C6' TLN C 1 9.63 8.96 -2.20
H5' TLN C 1 8.45 9.97 0.23
H5'' TLN C 1 8.58 8.48 1.16
H1' TLN C 1 10.35 5.96 -2.52
H6 TLN C 1 8.59 5.39 0.64
H71 TLN C 1 7.20 2.26 2.01
H72 TLN C 1 8.92 2.56 2.34
H73 TLN C 1 7.73 3.88 2.45
H3 TLN C 1 8.47 1.72 -2.65
H3' TLN C 1 7.19 7.06 -0.76
H2' TLN C 1 7.76 6.47 -3.23
H6'1 TLN C 1 9.21 9.97 -2.34
H6'2 TLN C 1 10.74 9.05 -2.19
HO5' TLN C 1 10.84 8.58 0.88
P LCG C 2 5.32 8.58 -2.38
OP1 LCG C 2 4.67 9.93 -2.73
O5' LCG C 2 5.28 7.63 -3.69
C5' LCG C 2 5.86 7.94 -4.97
C3' LCG C 2 4.53 6.01 -6.04
C6' LCG C 2 6.48 6.69 -7.24
N9 LCG C 2 5.59 3.68 -4.32
C8 LCG C 2 5.41 4.19 -3.05
C4 LCG C 2 5.23 2.36 -4.10
N7 LCG C 2 4.98 3.40 -2.01
C5 LCG C 2 4.86 2.23 -2.72
C6 LCG C 2 4.40 0.88 -2.14
C2' LCG C 2 5.24 4.81 -6.65
O6 LCG C 2 4.09 0.76 -0.95
C4' LCG C 2 5.91 6.65 -5.81
C1' LCG C 2 6.21 4.36 -5.52
C2 LCG C 2 4.73 0.04 -4.48
N1 LCG C 2 4.36 -0.15 -3.03
O4' LCG C 2 6.71 5.65 -5.13
OP2 LCG C 2 4.51 7.91 -1.27
N2 LCG C 2 4.64 -1.02 -5.39
N3 LCG C 2 5.13 1.18 -4.92
O2' LCG C 2 6.03 5.40 -7.72
O3' LCG C 2 3.70 6.76 -6.96
H5' LCG C 2 6.89 8.36 -4.83
H5'' LCG C 2 5.27 8.72 -5.47
H3' LCG C 2 3.98 5.76 -5.11
H6'1 LCG C 2 6.04 7.53 -7.83
H6'2 LCG C 2 7.57 6.78 -7.27
H8 LCG C 2 5.65 5.22 -2.83
H2' LCG C 2 4.58 3.99 -6.99
H1' LCG C 2 7.03 3.75 -5.92
H1 LCG C 2 4.04 -1.04 -2.62
H21 LCG C 2 4.31 -1.94 -5.04
H22 LCG C 2 4.88 -0.87 -6.37
P LCG C 3 2.12 6.51 -7.18
OP1 LCG C 3 1.56 7.58 -8.11
O5' LCG C 3 1.89 5.05 -7.83
C5' LCG C 3 2.34 4.65 -9.15
C3' LCG C 3 0.79 2.66 -9.02
C6' LCG C 3 2.61 2.42 -10.54
N9 LCG C 3 1.84 1.34 -6.47
C8 LCG C 3 1.89 2.39 -5.58
C4 LCG C 3 1.38 0.35 -5.61
N7 LCG C 3 1.53 2.26 -4.28
C5 LCG C 3 1.19 0.93 -4.32
C6 LCG C 3 0.76 0.07 -3.11
C2' LCG C 3 1.33 1.24 -9.01
O6 LCG C 3 0.63 0.55 -1.98
C4' LCG C 3 2.24 3.13 -9.24
C1' LCG C 3 2.39 1.27 -7.87
C2 LCG C 3 0.77 -1.82 -4.76
N1 LCG C 3 0.58 -1.26 -3.39
O4' LCG C 3 3.04 2.51 -8.20
OP2 LCG C 3 1.39 6.57 -5.84
N2 LCG C 3 0.55 -3.18 -5.03
N3 LCG C 3 1.13 -1.06 -5.74
O2' LCG C 3 2.03 1.11 -10.28
O3' LCG C 3 -0.10 2.95 -10.13
H5' LCG C 3 3.39 4.94 -9.31
H5'' LCG C 3 1.70 5.10 -9.92
H3' LCG C 3 0.37 3.00 -8.06
H6'1 LCG C 3 2.17 2.88 -11.44
H6'2 LCG C 3 3.70 2.34 -10.70
H8 LCG C 3 2.25 3.36 -5.91
H2' LCG C 3 0.54 0.52 -8.87
H1' LCG C 3 3.11 0.44 -7.95
H1 LCG C 3 0.30 -1.82 -2.56
H21 LCG C 3 0.27 -3.79 -4.24
H22 LCG C 3 0.69 -3.54 -5.98
P LCG C 4 -1.71 2.76 -10.10
OP1 LCG C 4 -2.31 3.32 -11.39
O5' LCG C 4 -2.10 1.20 -9.96
C5' LCG C 4 -1.72 0.16 -10.89
C3' LCG C 4 -3.33 -1.51 -9.72
C6' LCG C 4 -1.49 -2.50 -10.87
N9 LCG C 4 -2.31 -1.29 -6.84
C8 LCG C 4 -2.33 0.09 -6.62
C4 LCG C 4 -2.66 -1.72 -5.57
N7 LCG C 4 -2.62 0.62 -5.39
C5 LCG C 4 -2.80 -0.57 -4.73
C6 LCG C 4 -3.05 -0.72 -3.21
C2' LCG C 4 -2.78 -2.71 -8.94
O6 LCG C 4 -3.10 0.25 -2.45
C4' LCG C 4 -1.89 -1.19 -10.16
C1' LCG C 4 -1.74 -2.05 -8.00
C2 LCG C 4 -3.11 -3.18 -3.70
N1 LCG C 4 -3.19 -2.01 -2.78
O4' LCG C 4 -1.11 -1.16 -8.94
OP2 LCG C 4 -2.27 3.53 -8.90
N2 LCG C 4 -3.37 -4.48 -3.25
N3 LCG C 4 -2.84 -3.01 -4.96
O2' LCG C 4 -2.06 -3.47 -9.96
O3' LCG C 4 -4.23 -1.88 -10.78
H5' LCG C 4 -0.67 0.30 -11.22
H5'' LCG C 4 -2.35 0.22 -11.79
H3' LCG C 4 -3.77 -0.73 -9.08
H6'1 LCG C 4 -1.93 -2.60 -11.88
H6'2 LCG C 4 -0.39 -2.62 -10.96
H8 LCG C 4 -2.06 0.76 -7.41
H2' LCG C 4 -3.53 -3.30 -8.40
H1' LCG C 4 -1.02 -2.80 -7.63
H1 LCG C 4 -3.39 -2.09 -1.76
H21 LCG C 4 -3.64 -4.60 -2.26
H22 LCG C 4 -3.33 -5.27 -3.90
P TLN C 5 -5.83 -1.91 -10.59
OP1 TLN C 5 -6.50 -2.42 -11.88
OP2 TLN C 5 -6.34 -0.50 -10.30
O5' TLN C 5 -6.24 -2.87 -9.36
C5' TLN C 5 -6.12 -4.31 -9.39
C4' TLN C 5 -6.44 -4.87 -7.99
O4' TLN C 5 -5.53 -4.35 -6.98
C1' TLN C 5 -6.19 -4.52 -5.69
N1 TLN C 5 -6.43 -3.21 -4.99
C6 TLN C 5 -6.36 -1.96 -5.77
C5 TLN C 5 -6.48 -0.76 -5.15
C5M TLN C 5 -6.39 0.48 -5.99
C4 TLN C 5 -6.66 -0.74 -3.60
O4 TLN C 5 -6.73 0.31 -2.96
N3 TLN C 5 -6.74 -1.95 -2.98
C2 TLN C 5 -6.62 -3.16 -3.62
O2 TLN C 5 -6.69 -4.18 -2.93
C3' TLN C 5 -7.84 -4.59 -7.43
C2' TLN C 5 -7.44 -5.31 -6.14
O2' TLN C 5 -7.01 -6.62 -6.60
O3' TLN C 5 -8.92 -5.21 -8.12
C6' TLN C 5 -6.36 -6.39 -7.87
H5' TLN C 5 -5.10 -4.62 -9.70
H5'' TLN C 5 -6.81 -4.74 -10.14
H1' TLN C 5 -5.55 -5.17 -5.05
H6 TLN C 5 -6.22 -1.98 -6.85
H71 TLN C 5 -6.77 1.37 -5.47
H72 TLN C 5 -5.34 0.67 -6.28
H73 TLN C 5 -6.97 0.37 -6.93
H3 TLN C 5 -6.86 -1.96 -1.96
H3' TLN C 5 -8.06 -3.51 -7.29
H2' TLN C 5 -8.24 -5.37 -5.38
HO3' TLN C 5 -9.70 -5.08 -7.58
H6'1 TLN C 5 -6.92 -6.85 -8.71
H6'2 TLN C 5 -5.31 -6.74 -7.89
O5' TLN D 1 9.29 -2.33 -10.16
C5' TLN D 1 7.95 -2.28 -9.71
C4' TLN D 1 7.59 -3.55 -8.92
O4' TLN D 1 8.45 -3.70 -7.75
C1' TLN D 1 7.78 -4.63 -6.85
N1 TLN D 1 7.55 -4.13 -5.46
C6 TLN D 1 7.70 -2.68 -5.17
C5 TLN D 1 7.63 -2.22 -3.90
C5M TLN D 1 7.92 -0.77 -3.56
C4 TLN D 1 7.28 -3.24 -2.77
O4 TLN D 1 7.13 -2.91 -1.59
N3 TLN D 1 7.14 -4.55 -3.14
C2 TLN D 1 7.26 -5.00 -4.42
O2 TLN D 1 7.10 -6.21 -4.62
C3' TLN D 1 6.17 -3.60 -8.33
C2' TLN D 1 6.52 -4.93 -7.68
O2' TLN D 1 6.92 -5.77 -8.80
O3' TLN D 1 5.13 -3.67 -9.32
C6' TLN D 1 7.63 -4.89 -9.71
H5' TLN D 1 7.27 -2.16 -10.58
H5'' TLN D 1 7.81 -1.39 -9.08
H1' TLN D 1 8.41 -5.55 -6.78
H6 TLN D 1 7.87 -2.02 -6.01
H71 TLN D 1 8.96 -0.65 -3.21
H72 TLN D 1 7.78 -0.09 -4.42
H73 TLN D 1 7.25 -0.40 -2.75
H3 TLN D 1 6.92 -5.24 -2.41
H3' TLN D 1 5.97 -2.80 -7.59
H2' TLN D 1 5.71 -5.34 -7.09
H6'1 TLN D 1 7.10 -4.82 -10.68
H6'2 TLN D 1 8.65 -5.25 -9.89
HO5' TLN D 1 9.84 -2.41 -9.38
P LCG D 2 3.54 -3.63 -8.97
OP1 LCG D 2 2.73 -3.68 -10.27
O5' LCG D 2 3.14 -4.88 -8.04
C5' LCG D 2 3.23 -6.27 -8.42
C3' LCG D 2 1.76 -6.92 -6.40
C6' LCG D 2 3.13 -8.67 -7.27
N9 LCG D 2 3.50 -5.77 -4.15
C8 LCG D 2 3.73 -4.47 -4.61
C4 LCG D 2 3.34 -5.49 -2.80
N7 LCG D 2 3.74 -3.40 -3.77
C5 LCG D 2 3.48 -4.07 -2.62
C6 LCG D 2 3.34 -3.43 -1.22
C2' LCG D 2 2.31 -7.79 -5.27
O6 LCG D 2 3.45 -2.21 -1.05
C4' LCG D 2 3.08 -7.13 -7.17
C1' LCG D 2 3.63 -7.07 -4.90
C2 LCG D 2 2.91 -5.78 -0.45
N1 LCG D 2 3.07 -4.30 -0.21
O4' LCG D 2 4.14 -6.81 -6.21
OP2 LCG D 2 3.22 -2.33 -8.23
N2 LCG D 2 2.60 -6.66 0.61
N3 LCG D 2 3.06 -6.29 -1.63
O2' LCG D 2 2.64 -9.04 -5.95
O3' LCG D 2 0.61 -7.47 -7.11
H5' LCG D 2 4.20 -6.47 -8.92
H5'' LCG D 2 2.45 -6.51 -9.16
H3' LCG D 2 1.57 -5.87 -6.10
H6'1 LCG D 2 2.47 -9.05 -8.07
H6'2 LCG D 2 4.15 -9.06 -7.45
H8 LCG D 2 3.94 -4.30 -5.66
H2' LCG D 2 1.64 -7.92 -4.42
H1' LCG D 2 4.31 -7.75 -4.36
H1 LCG D 2 2.98 -3.85 0.72
H21 LCG D 2 2.49 -6.26 1.55
H22 LCG D 2 2.49 -7.65 0.41
P LCG D 3 -0.92 -7.16 -6.71
OP1 LCG D 3 -1.85 -7.80 -7.75
O5' LCG D 3 -1.24 -7.77 -5.26
C5' LCG D 3 -1.24 -9.16 -4.92
C3' LCG D 3 -2.51 -8.63 -2.80
C6' LCG D 3 -1.29 -10.68 -2.74
N9 LCG D 3 -0.55 -6.63 -1.53
C8 LCG D 3 -0.29 -5.76 -2.58
C4 LCG D 3 -0.64 -5.72 -0.49
N7 LCG D 3 -0.18 -4.41 -2.38
C5 LCG D 3 -0.41 -4.40 -1.04
C6 LCG D 3 -0.35 -3.16 -0.12
C2' LCG D 3 -1.89 -8.85 -1.44
O6 LCG D 3 -0.13 -2.04 -0.57
C4' LCG D 3 -1.26 -9.29 -3.40
C1' LCG D 3 -0.51 -8.14 -1.54
C2 LCG D 3 -0.75 -4.81 1.73
N1 LCG D 3 -0.51 -3.42 1.22
O4' LCG D 3 -0.11 -8.61 -2.83
OP2 LCG D 3 -1.16 -5.65 -6.70
N2 LCG D 3 -0.94 -5.04 3.11
N3 LCG D 3 -0.80 -5.81 0.93
O2' LCG D 3 -1.66 -10.29 -1.38
O3' LCG D 3 -3.73 -9.37 -3.03
H5' LCG D 3 -0.34 -9.67 -5.30
H5'' LCG D 3 -2.14 -9.66 -5.33
H3' LCG D 3 -2.60 -7.57 -3.09
H6'1 LCG D 3 -2.05 -11.35 -3.17
H6'2 LCG D 3 -0.31 -11.19 -2.76
H8 LCG D 3 -0.13 -6.15 -3.57
H2' LCG D 3 -2.52 -8.49 -0.64
H1' LCG D 3 0.20 -8.49 -0.77
H1 LCG D 3 -0.45 -2.58 1.81
H21 LCG D 3 -0.90 -4.24 3.75
H22 LCG D 3 -1.11 -6.00 3.43
P LCG D 4 -5.22 -8.79 -2.70
OP1 LCG D 4 -6.26 -9.79 -3.23
O5' LCG D 4 -5.41 -8.60 -1.10
C5' LCG D 4 -5.30 -9.65 -0.12
C3' LCG D 4 -6.29 -8.09 1.70
C6' LCG D 4 -4.88 -9.83 2.51
N9 LCG D 4 -4.38 -5.71 1.44
C8 LCG D 4 -4.43 -5.43 0.08
C4 LCG D 4 -4.26 -4.41 1.92
N7 LCG D 4 -4.32 -4.16 -0.41
C5 LCG D 4 -4.19 -3.52 0.79
C6 LCG D 4 -3.89 -2.02 1.00
C2' LCG D 4 -5.42 -7.59 2.86
O6 LCG D 4 -3.77 -1.24 0.05
C4' LCG D 4 -5.11 -8.97 1.25
C1' LCG D 4 -4.18 -7.02 2.14
C2 LCG D 4 -3.94 -2.57 3.45
N1 LCG D 4 -3.78 -1.62 2.30
O4' LCG D 4 -3.97 -8.07 1.17
OP2 LCG D 4 -5.42 -7.44 -3.40
N2 LCG D 4 -3.93 -2.10 4.78
N3 LCG D 4 -4.12 -3.84 3.24
O2' LCG D 4 -5.03 -8.82 3.54
O3' LCG D 4 -7.46 -8.81 2.14
H5' LCG D 4 -4.43 -10.30 -0.35
H5'' LCG D 4 -6.20 -10.29 -0.14
H3' LCG D 4 -6.55 -7.30 0.97
H6'1 LCG D 4 -5.62 -10.64 2.63
H6'2 LCG D 4 -3.87 -10.29 2.53
H8 LCG D 4 -4.49 -6.24 -0.63
H2' LCG D 4 -5.90 -6.86 3.53
H1' LCG D 4 -3.32 -6.95 2.82
H1 LCG D 4 -3.63 -0.61 2.41
H21 LCG D 4 -3.84 -1.09 4.93
H22 LCG D 4 -4.04 -2.77 5.54
P TLN D 5 -8.90 -8.09 2.31
OP1 TLN D 5 -9.91 -9.10 2.85
OP2 TLN D 5 -9.39 -7.59 0.95
O5' TLN D 5 -8.79 -6.83 3.32
C5' TLN D 5 -8.58 -6.96 4.74
C4' TLN D 5 -8.37 -5.57 5.34
O4' TLN D 5 -7.21 -4.89 4.76
C1' TLN D 5 -7.39 -3.47 5.02
N1 TLN D 5 -7.47 -2.68 3.74
C6 TLN D 5 -7.77 -3.38 2.47
C5 TLN D 5 -7.77 -2.70 1.31
C5M TLN D 5 -8.06 -3.47 0.05
C4 TLN D 5 -7.42 -1.19 1.32
O4 TLN D 5 -7.34 -0.50 0.30
N3 TLN D 5 -7.19 -0.62 2.55
C2 TLN D 5 -7.21 -1.32 3.73
O2 TLN D 5 -6.96 -0.69 4.77
C3' TLN D 5 -9.52 -4.56 5.20
C2' TLN D 5 -8.67 -3.51 5.90
O2' TLN D 5 -8.31 -4.15 7.16
O3' TLN D 5 -10.71 -4.88 5.90
C6' TLN D 5 -8.14 -5.56 6.85
H5' TLN D 5 -7.71 -7.61 4.95
H5'' TLN D 5 -9.44 -7.47 5.23
H1' TLN D 5 -6.53 -3.11 5.61
H6 TLN D 5 -8.00 -4.45 2.47
H71 TLN D 5 -7.19 -4.08 -0.24
H72 TLN D 5 -8.90 -4.17 0.19
H73 TLN D 5 -8.32 -2.80 -0.79
H3 TLN D 5 -6.96 0.38 2.58
H3' TLN D 5 -9.76 -4.32 4.15
H2' TLN D 5 -9.16 -2.53 6.05
HO3' TLN D 5 -11.28 -4.11 5.85
H6'1 TLN D 5 -8.91 -6.17 7.34
H6'2 TLN D 5 -7.14 -5.93 7.11
O5' TLN A 1 6.68 -0.94 12.22
C5' TLN A 1 5.58 -0.48 11.46
C4' TLN A 1 5.96 0.77 10.64
O4' TLN A 1 7.06 0.49 9.72
C1' TLN A 1 7.05 1.54 8.71
N1 TLN A 1 6.95 1.06 7.30
C6 TLN A 1 6.58 -0.35 7.02
C5 TLN A 1 6.63 -0.83 5.74
C5M TLN A 1 6.40 -2.29 5.45
C4 TLN A 1 6.99 0.17 4.60
O4 TLN A 1 7.00 -0.16 3.42
N3 TLN A 1 7.29 1.45 4.96
C2 TLN A 1 7.28 1.91 6.25
O2 TLN A 1 7.58 3.09 6.43
C3' TLN A 1 4.85 1.32 9.73
C2' TLN A 1 5.85 2.37 9.23
O2' TLN A 1 6.27 3.06 10.44
O3' TLN A 1 3.72 1.88 10.45
C6' TLN A 1 6.34 2.03 11.46
H5' TLN A 1 4.72 -0.27 12.14
H5'' TLN A 1 5.24 -1.29 10.78
H1' TLN A 1 7.98 2.12 8.83
H6 TLN A 1 6.27 -0.96 7.85
H71 TLN A 1 5.79 -2.80 6.23
H72 TLN A 1 5.84 -2.43 4.50
H73 TLN A 1 7.35 -2.84 5.35
H3 TLN A 1 7.53 2.11 4.22
H3' TLN A 1 4.52 0.63 8.94
H2' TLN A 1 5.43 3.02 8.46
H6'1 TLN A 1 5.62 2.25 12.28
H6'2 TLN A 1 7.35 1.96 11.90
HO5' TLN A 1 7.38 -1.13 11.60
P LCG A 2 2.40 2.47 9.73
OP1 LCG A 2 1.40 2.92 10.81
O5' LCG A 2 2.77 3.72 8.79
C5' LCG A 2 3.35 4.96 9.25
C3' LCG A 2 2.74 6.04 6.99
C6' LCG A 2 4.49 7.13 8.21
N9 LCG A 2 4.32 4.16 5.12
C8 LCG A 2 3.91 2.90 5.57
C4 LCG A 2 4.38 3.89 3.76
N7 LCG A 2 3.70 1.87 4.71
C5 LCG A 2 4.00 2.52 3.55
C6 LCG A 2 3.99 1.91 2.15
C2' LCG A 2 3.82 6.54 6.03
O6 LCG A 2 3.67 0.73 1.96
C4' LCG A 2 3.84 5.73 8.02
C1' LCG A 2 4.79 5.33 5.93
C2 LCG A 2 4.75 4.18 1.39
N1 LCG A 2 4.37 2.75 1.14
O4' LCG A 2 4.85 4.97 7.33
OP2 LCG A 2 1.76 1.37 8.87
N2 LCG A 2 5.13 5.03 0.34
N3 LCG A 2 4.75 4.66 2.60
O2' LCG A 2 4.48 7.59 6.82
O3' LCG A 2 1.81 7.05 7.45
H5' LCG A 2 4.18 4.77 9.96
H5'' LCG A 2 2.59 5.54 9.80
H3' LCG A 2 2.21 5.14 6.62
H6'1 LCG A 2 3.89 7.78 8.85
H6'2 LCG A 2 5.51 7.08 8.61
H8 LCG A 2 3.80 2.73 6.63
H2' LCG A 2 3.46 6.90 5.05
H1' LCG A 2 5.79 5.66 5.58
H1 LCG A 2 4.34 2.32 0.20
H21 LCG A 2 5.14 4.65 -0.61
H22 LCG A 2 5.38 6.00 0.55
P LCG A 3 0.40 7.37 6.73
OP1 LCG A 3 -0.38 8.37 7.58
O5' LCG A 3 0.66 7.99 5.27
C5' LCG A 3 1.31 9.25 5.00
C3' LCG A 3 0.40 9.15 2.64
C6' LCG A 3 2.31 10.54 2.92
N9 LCG A 3 1.65 6.49 1.70
C8 LCG A 3 1.21 5.66 2.72
C4 LCG A 3 1.60 5.60 0.64
N7 LCG A 3 0.88 4.36 2.49
C5 LCG A 3 1.14 4.33 1.14
C6 LCG A 3 1.02 3.10 0.23
C2' LCG A 3 1.33 9.06 1.44
O6 LCG A 3 0.65 2.00 0.66
C4' LCG A 3 1.65 9.29 3.51
C1' LCG A 3 2.27 7.87 1.79
C2 LCG A 3 1.79 4.66 -1.57
N1 LCG A 3 1.35 3.31 -1.08
O4' LCG A 3 2.52 8.19 3.18
OP2 LCG A 3 -0.42 6.08 6.60
N2 LCG A 3 2.04 4.87 -2.94
N3 LCG A 3 1.91 5.66 -0.76
O2' LCG A 3 2.10 10.29 1.50
O3' LCG A 3 -0.45 10.32 2.65
H5' LCG A 3 2.23 9.35 5.58
H5'' LCG A 3 0.62 10.09 5.23
H3' LCG A 3 -0.17 8.22 2.86
H6'1 LCG A 3 1.81 11.49 3.22
H6'2 LCG A 3 3.39 10.63 3.17
H8 LCG A 3 1.17 6.02 3.73
H2' LCG A 3 0.77 8.95 0.51
H1' LCG A 3 3.20 7.90 1.22
H1 LCG A 3 1.21 2.49 -1.68
H21 LCG A 3 1.92 4.09 -3.59
H22 LCG A 3 2.33 5.81 -3.26
P LCG A 4 -2.00 10.34 2.21
OP1 LCG A 4 -2.65 11.66 2.66
O5' LCG A 4 -2.12 10.21 0.60
C5' LCG A 4 -1.64 11.19 -0.34
C3' LCG A 4 -2.72 9.81 -2.26
C6' LCG A 4 -0.97 11.28 -2.91
N9 LCG A 4 -1.31 7.14 -1.88
C8 LCG A 4 -1.54 6.88 -0.54
C4 LCG A 4 -1.51 5.87 -2.39
N7 LCG A 4 -1.85 5.63 -0.09
C5 LCG A 4 -1.83 4.99 -1.30
C6 LCG A 4 -2.08 3.49 -1.53
C2' LCG A 4 -1.87 9.17 -3.35
O6 LCG A 4 -2.35 2.73 -0.58
C4' LCG A 4 -1.45 10.48 -1.69
C1' LCG A 4 -0.81 8.40 -2.53
C2 LCG A 4 -1.70 4.03 -3.94
N1 LCG A 4 -2.00 3.08 -2.82
O4' LCG A 4 -0.50 9.39 -1.53
OP2 LCG A 4 -2.75 9.18 2.87
N2 LCG A 4 -1.69 3.58 -5.28
N3 LCG A 4 -1.47 5.28 -3.71
O2' LCG A 4 -1.21 10.32 -3.98
O3' LCG A 4 -3.72 10.73 -2.77
H5' LCG A 4 -0.67 11.61 0.01
H5'' LCG A 4 -2.35 12.02 -0.41
H3' LCG A 4 -3.18 9.09 -1.56
H6'1 LCG A 4 -1.55 12.21 -3.08
H6'2 LCG A 4 0.10 11.54 -2.85
H8 LCG A 4 -1.44 7.67 0.20
H2' LCG A 4 -2.42 8.55 -4.06
H1' LCG A 4 0.07 8.16 -3.13
H1 LCG A 4 -2.26 2.09 -2.97
H21 LCG A 4 -1.91 2.60 -5.48
H22 LCG A 4 -1.48 4.25 -6.02
P TLN A 5 -5.29 10.38 -2.78
OP1 TLN A 5 -6.07 11.49 -3.48
OP2 TLN A 5 -5.79 10.25 -1.34
O5' TLN A 5 -5.55 8.97 -3.54
C5' TLN A 5 -5.40 8.79 -4.96
C4' TLN A 5 -5.60 7.31 -5.30
O4' TLN A 5 -4.60 6.45 -4.67
C1' TLN A 5 -5.16 5.11 -4.65
N1 TLN A 5 -5.33 4.60 -3.25
C6 TLN A 5 -5.30 5.54 -2.11
C5 TLN A 5 -5.36 5.09 -0.84
C5M TLN A 5 -5.23 6.09 0.28
C4 TLN A 5 -5.57 3.56 -0.61
O4 TLN A 5 -5.68 3.07 0.51
N3 TLN A 5 -5.60 2.77 -1.72
C2 TLN A 5 -5.47 3.23 -3.00
O2 TLN A 5 -5.47 2.39 -3.91
C3' TLN A 5 -6.94 6.68 -4.92
C2' TLN A 5 -6.46 5.33 -5.47
O2' TLN A 5 -6.06 5.65 -6.83
O3' TLN A 5 -8.08 7.19 -5.63
C6' TLN A 5 -5.52 6.99 -6.80
H5' TLN A 5 -4.40 9.13 -5.30
H5'' TLN A 5 -6.14 9.41 -5.50
H1' TLN A 5 -4.47 4.44 -5.20
H6 TLN A 5 -5.20 6.61 -2.30
H71 TLN A 5 -4.77 5.64 1.16
H72 TLN A 5 -4.59 6.94 -0.02
H73 TLN A 5 -6.22 6.50 0.55
H3 TLN A 5 -5.71 1.75 -1.58
H3' TLN A 5 -7.14 6.68 -3.83
H2' TLN A 5 -7.18 4.51 -5.40
HO3' TLN A 5 -8.81 6.61 -5.40
H6'1 TLN A 5 -6.15 7.70 -7.36
H6'2 TLN A 5 -4.48 7.04 -7.16
O5' TLN B 1 2.97 -12.66 1.21
C5' TLN B 1 4.18 -11.92 1.35
C4' TLN B 1 4.21 -11.12 2.67
O4' TLN B 1 5.45 -10.33 2.75
C1' TLN B 1 5.23 -9.31 3.78
N1 TLN B 1 5.44 -7.90 3.31
C6 TLN B 1 5.55 -7.60 1.87
C5 TLN B 1 5.89 -6.35 1.45
C5M TLN B 1 6.15 -6.06 -0.01
C4 TLN B 1 6.03 -5.23 2.52
O4 TLN B 1 6.26 -4.06 2.23
N3 TLN B 1 5.88 -5.60 3.83
C2 TLN B 1 5.59 -6.87 4.25
O2 TLN B 1 5.49 -7.06 5.45
C3' TLN B 1 3.10 -10.08 2.88
C2' TLN B 1 3.79 -9.68 4.18
O2' TLN B 1 3.84 -10.91 4.95
O3' TLN B 1 1.79 -10.64 3.05
C6' TLN B 1 4.10 -11.96 3.97
H5' TLN B 1 4.29 -11.23 0.49
H5'' TLN B 1 5.04 -12.61 1.29
H1' TLN B 1 5.92 -9.52 4.61
H6 TLN B 1 5.37 -8.42 1.17
H71 TLN B 1 7.24 -6.07 -0.22
H72 TLN B 1 5.69 -6.80 -0.69
H73 TLN B 1 5.77 -5.07 -0.31
H3 TLN B 1 5.97 -4.88 4.54
H3' TLN B 1 3.09 -9.27 2.13
H2' TLN B 1 3.28 -8.86 4.69
H6'1 TLN B 1 3.28 -12.69 3.96
H6'2 TLN B 1 5.04 -12.50 4.21
HO5' TLN B 1 2.26 -12.02 1.24
P LCG B 2 0.43 -9.77 3.19
OP1 LCG B 2 -0.77 -10.70 3.32
O5' LCG B 2 0.51 -8.81 4.49
C5' LCG B 2 0.60 -9.28 5.85
C3' LCG B 2 -0.01 -6.91 6.69
C6' LCG B 2 1.17 -8.27 8.26
N9 LCG B 2 2.28 -5.33 5.37
C8 LCG B 2 2.18 -5.77 4.05
C4 LCG B 2 2.56 -3.98 5.12
N7 LCG B 2 2.36 -4.93 2.99
C5 LCG B 2 2.60 -3.79 3.69
C6 LCG B 2 2.90 -2.41 3.07
C2' LCG B 2 0.99 -6.08 7.50
O6 LCG B 2 2.95 -2.24 1.86
C4' LCG B 2 0.99 -8.08 6.74
C1' LCG B 2 2.28 -6.14 6.63
C2 LCG B 2 3.03 -1.65 5.47
N1 LCG B 2 3.10 -1.41 3.99
O4' LCG B 2 2.27 -7.54 6.30
OP2 LCG B 2 0.26 -8.89 1.95
N2 LCG B 2 3.19 -0.59 6.38
N3 LCG B 2 2.80 -2.83 5.94
O2' LCG B 2 1.22 -6.89 8.70
O3' LCG B 2 -1.25 -7.20 7.38
H5' LCG B 2 1.35 -10.09 5.94
H5'' LCG B 2 -0.36 -9.70 6.18
H3' LCG B 2 -0.19 -6.51 5.68
H6'1 LCG B 2 0.32 -8.82 8.72
H6'2 LCG B 2 2.10 -8.81 8.52
H8 LCG B 2 1.98 -6.81 3.84
H2' LCG B 2 0.67 -5.05 7.72
H1' LCG B 2 3.17 -5.90 7.23
H1 LCG B 2 3.30 -0.49 3.55
H21 LCG B 2 3.35 0.35 6.00
H22 LCG B 2 3.12 -0.78 7.39
P LCG B 3 -2.58 -6.29 7.26
OP1 LCG B 3 -3.72 -6.97 8.01
O5' LCG B 3 -2.30 -4.84 7.90
C5' LCG B 3 -2.01 -4.59 9.29
C3' LCG B 3 -2.52 -2.14 8.92
C6' LCG B 3 -1.11 -2.60 10.79
N9 LCG B 3 -0.51 -1.52 6.69
C8 LCG B 3 -0.73 -2.55 5.79
C4 LCG B 3 -0.30 -0.48 5.79
N7 LCG B 3 -0.70 -2.35 4.44
C5 LCG B 3 -0.43 -1.00 4.47
C6 LCG B 3 -0.18 -0.11 3.23
C2' LCG B 3 -1.43 -1.09 9.06
O6 LCG B 3 -0.25 -0.56 2.08
C4' LCG B 3 -1.49 -3.17 9.42
C1' LCG B 3 -0.28 -1.62 8.18
C2 LCG B 3 0.25 1.69 4.91
N1 LCG B 3 0.15 1.18 3.51
O4' LCG B 3 -0.30 -3.00 8.59
OP2 LCG B 3 -2.96 -6.13 5.79
N2 LCG B 3 0.53 3.05 5.18
N3 LCG B 3 0.04 0.91 5.92
O2' LCG B 3 -1.03 -1.19 10.47
O3' LCG B 3 -3.65 -1.97 9.81
H5' LCG B 3 -1.24 -5.28 9.67
H5'' LCG B 3 -2.92 -4.69 9.90
H3' LCG B 3 -2.84 -2.33 7.88
H6'1 LCG B 3 -1.89 -2.78 11.56
H6'2 LCG B 3 -0.15 -2.98 11.17
H8 LCG B 3 -0.90 -3.55 6.16
H2' LCG B 3 -1.80 -0.11 8.80
H1' LCG B 3 0.69 -1.15 8.44
H1 LCG B 3 0.35 1.76 2.67
H21 LCG B 3 0.69 3.67 4.38
H22 LCG B 3 0.57 3.37 6.15
P LCG B 4 -4.97 -1.10 9.47
OP1 LCG B 4 -6.01 -1.30 10.58
O5' LCG B 4 -4.60 0.47 9.35
C5' LCG B 4 -4.02 1.27 10.39
C3' LCG B 4 -4.46 3.42 8.99
C6' LCG B 4 -2.67 3.58 10.55
N9 LCG B 4 -3.08 2.60 6.39
C8 LCG B 4 -3.54 1.32 6.11
C4 LCG B 4 -3.01 3.11 5.11
N7 LCG B 4 -3.73 0.90 4.83
C5 LCG B 4 -3.36 2.05 4.19
C6 LCG B 4 -3.21 2.25 2.67
C2' LCG B 4 -3.31 4.22 8.40
O6 LCG B 4 -3.42 1.35 1.86
C4' LCG B 4 -3.44 2.54 9.73
C1' LCG B 4 -2.49 3.13 7.68
C2 LCG B 4 -2.55 4.60 3.28
N1 LCG B 4 -2.79 3.50 2.28
O4' LCG B 4 -2.50 2.12 8.69
OP2 LCG B 4 -5.56 -1.57 8.14
N2 LCG B 4 -2.26 5.91 2.86
N3 LCG B 4 -2.63 4.37 4.54
O2' LCG B 4 -2.56 4.66 9.58
O3' LCG B 4 -5.30 4.25 9.83
H5' LCG B 4 -3.23 0.71 10.92
H5'' LCG B 4 -4.78 1.53 11.15
H3' LCG B 4 -5.06 2.88 8.24
H6'1 LCG B 4 -3.23 3.92 11.45
H6'2 LCG B 4 -1.68 3.23 10.88
H8 LCG B 4 -3.67 0.61 6.90
H2' LCG B 4 -3.61 5.05 7.75
H1' LCG B 4 -1.45 3.47 7.50
H1 LCG B 4 -2.66 3.59 1.26
H21 LCG B 4 -2.17 6.09 1.86
H22 LCG B 4 -2.12 6.64 3.57
P TLN B 5 -6.82 3.87 10.29
OP1 TLN B 5 -6.87 3.79 11.81
OP2 TLN B 5 -7.24 2.53 9.69
O5' TLN B 5 -7.82 5.03 9.77
C5' TLN B 5 -7.51 6.43 9.85
C4' TLN B 5 -7.16 6.99 8.46
O4' TLN B 5 -6.04 6.31 7.84
C1' TLN B 5 -6.10 6.61 6.42
N1 TLN B 5 -6.28 5.38 5.57
C6 TLN B 5 -6.76 4.13 6.19
C5 TLN B 5 -6.98 3.04 5.43
C5M TLN B 5 -7.45 1.77 6.10
C4 TLN B 5 -6.69 3.11 3.91
O4 TLN B 5 -6.84 2.16 3.14
N3 TLN B 5 -6.25 4.32 3.43
C2 TLN B 5 -6.04 5.42 4.19
O2 TLN B 5 -5.64 6.44 3.63
C3' TLN B 5 -8.27 6.96 7.39
C2' TLN B 5 -7.30 7.60 6.40
O2' TLN B 5 -6.86 8.82 7.06
O3' TLN B 5 -9.42 7.77 7.65
C6' TLN B 5 -6.81 8.48 8.48
H5' TLN B 5 -6.67 6.62 10.55
H5'' TLN B 5 -8.37 6.98 10.28
H1' TLN B 5 -5.17 7.12 6.12
H6 TLN B 5 -6.97 4.11 7.26
H71 TLN B 5 -8.16 1.23 5.45
H72 TLN B 5 -6.59 1.11 6.33
H73 TLN B 5 -7.96 1.97 7.06
H3 TLN B 5 -6.06 4.39 2.42
H3' TLN B 5 -8.59 5.93 7.11
H2' TLN B 5 -7.70 7.79 5.39
HO3' TLN B 5 -9.93 7.77 6.85
H6'1 TLN B 5 -7.58 9.04 9.05
H6'2 TLN B 5 -5.82 8.65 8.91
O5' TLN C 1 8.83 10.05 0.07
C5' TLN C 1 9.50 8.80 0.24
C4' TLN C 1 9.48 7.96 -1.06
O4' TLN C 1 10.14 6.68 -0.84
C1' TLN C 1 9.73 5.79 -1.91
N1 TLN C 1 9.08 4.51 -1.47
C6 TLN C 1 8.65 4.35 -0.07
C5 TLN C 1 8.21 3.14 0.38
C5M TLN C 1 7.90 2.92 1.84
C4 TLN C 1 8.06 1.99 -0.66
O4 TLN C 1 7.60 0.87 -0.37
N3 TLN C 1 8.47 2.24 -1.94
C2 TLN C 1 8.97 3.45 -2.36
O2 TLN C 1 9.29 3.53 -3.55
C3' TLN C 1 8.11 7.57 -1.60
C2' TLN C 1 8.82 6.77 -2.69
O2' TLN C 1 9.66 7.74 -3.36
O3' TLN C 1 7.34 8.69 -2.12
C6' TLN C 1 10.15 8.62 -2.30
H5' TLN C 1 9.03 8.24 1.06
H5'' TLN C 1 10.55 8.99 0.56
H1' TLN C 1 10.62 5.55 -2.53
H6 TLN C 1 8.70 5.22 0.57
H71 TLN C 1 7.61 3.84 2.36
H72 TLN C 1 7.07 2.19 1.98
H73 TLN C 1 8.78 2.50 2.37
H3 TLN C 1 8.39 1.49 -2.63
H3' TLN C 1 7.50 6.94 -0.93
H2' TLN C 1 8.13 6.25 -3.36
H6'1 TLN C 1 9.81 9.65 -2.47
H6'2 TLN C 1 11.25 8.62 -2.25
HO5' TLN C 1 7.93 9.82 -0.19
P LCG C 2 5.79 8.55 -2.63
OP1 LCG C 2 5.28 9.94 -3.02
O5' LCG C 2 5.71 7.56 -3.90
C5' LCG C 2 6.36 7.81 -5.17
C3' LCG C 2 4.95 5.93 -6.27
C6' LCG C 2 6.99 6.45 -7.38
N9 LCG C 2 5.74 3.59 -4.45
C8 LCG C 2 5.52 4.12 -3.19
C4 LCG C 2 5.28 2.29 -4.22
N7 LCG C 2 5.00 3.38 -2.17
C5 LCG C 2 4.85 2.20 -2.86
C6 LCG C 2 4.32 0.88 -2.27
C2' LCG C 2 5.60 4.67 -6.81
O6 LCG C 2 3.98 0.77 -1.09
C4' LCG C 2 6.35 6.49 -5.98
C1' LCG C 2 6.47 4.19 -5.62
C2 LCG C 2 4.72 -0.02 -4.59
N1 LCG C 2 4.29 -0.17 -3.15
O4' LCG C 2 7.04 5.46 -5.22
OP2 LCG C 2 4.93 7.99 -1.51
N2 LCG C 2 4.62 -1.09 -5.48
N3 LCG C 2 5.18 1.10 -5.03
O2' LCG C 2 6.49 5.17 -7.86
O3' LCG C 2 4.20 6.69 -7.25
H5' LCG C 2 7.39 8.15 -5.02
H5'' LCG C 2 5.82 8.60 -5.72
H3' LCG C 2 4.33 5.75 -5.36
H6'1 LCG C 2 6.64 7.29 -8.02
H6'2 LCG C 2 8.09 6.47 -7.35
H8 LCG C 2 5.79 5.15 -2.99
H2' LCG C 2 4.90 3.89 -7.17
H1' LCG C 2 7.28 3.51 -5.96
H1 LCG C 2 3.95 -1.06 -2.73
H21 LCG C 2 4.28 -2.01 -5.13
H22 LCG C 2 4.92 -0.96 -6.46
P LCG C 3 2.62 6.51 -7.52
OP1 LCG C 3 2.16 7.54 -8.56
O5' LCG C 3 2.32 5.02 -8.06
C5' LCG C 3 2.80 4.49 -9.31
C3' LCG C 3 1.13 2.59 -9.17
C6' LCG C 3 3.06 2.16 -10.51
N9 LCG C 3 1.85 1.33 -6.49
C8 LCG C 3 1.78 2.42 -5.64
C4 LCG C 3 1.36 0.35 -5.62
N7 LCG C 3 1.34 2.31 -4.35
C5 LCG C 3 1.08 0.97 -4.36
C6 LCG C 3 0.65 0.12 -3.14
C2' LCG C 3 1.60 1.15 -9.04
O6 LCG C 3 0.46 0.62 -2.04
C4' LCG C 3 2.60 2.98 -9.29
C1' LCG C 3 2.54 1.19 -7.81
C2 LCG C 3 0.77 -1.81 -4.74
N1 LCG C 3 0.51 -1.22 -3.39
O4' LCG C 3 3.27 2.40 -8.14
OP2 LCG C 3 1.85 6.75 -6.21
N2 LCG C 3 0.55 -3.17 -4.99
N3 LCG C 3 1.17 -1.07 -5.72
O2' LCG C 3 2.39 0.91 -10.23
O3' LCG C 3 0.34 2.84 -10.37
H5' LCG C 3 3.87 4.71 -9.44
H5'' LCG C 3 2.23 4.92 -10.15
H3' LCG C 3 0.65 3.01 -8.27
H6'1 LCG C 3 2.72 2.59 -11.46
H6'2 LCG C 3 4.17 2.02 -10.55
H8 LCG C 3 2.11 3.38 -6.00
H2' LCG C 3 0.76 0.47 -8.93
H1' LCG C 3 3.22 0.33 -7.81
H1 LCG C 3 0.22 -1.77 -2.56
H21 LCG C 3 0.23 -3.78 -4.23
H22 LCG C 3 0.73 -3.54 -5.94
P LCG C 4 -1.27 2.68 -10.43
OP1 LCG C 4 -1.77 3.07 -11.82
O5' LCG C 4 -1.70 1.15 -10.11
C5' LCG C 4 -1.33 0.02 -10.91
C3' LCG C 4 -3.06 -1.54 -9.74
C6' LCG C 4 -1.16 -2.63 -10.67
N9 LCG C 4 -2.27 -1.21 -6.77
C8 LCG C 4 -2.31 0.17 -6.58
C4 LCG C 4 -2.68 -1.61 -5.50
N7 LCG C 4 -2.66 0.73 -5.38
C5 LCG C 4 -2.87 -0.44 -4.69
C6 LCG C 4 -3.18 -0.56 -3.18
C2' LCG C 4 -2.60 -2.69 -8.85
O6 LCG C 4 -3.28 0.41 -2.44
C4' LCG C 4 -1.58 -1.26 -10.09
C1' LCG C 4 -1.62 -2.00 -7.88
C2 LCG C 4 -3.20 -3.03 -3.63
N1 LCG C 4 -3.33 -1.85 -2.73
O4' LCG C 4 -0.92 -1.15 -8.80
OP2 LCG C 4 -1.91 3.60 -9.39
N2 LCG C 4 -3.46 -4.33 -3.16
N3 LCG C 4 -2.87 -2.89 -4.87
O2' LCG C 4 -1.83 -3.53 -9.75
O3' LCG C 4 -3.89 -1.95 -10.85
H5' LCG C 4 -0.26 0.08 -11.19
H5'' LCG C 4 -1.91 0.00 -11.86
H3' LCG C 4 -3.53 -0.70 -9.18
H6'1 LCG C 4 -1.51 -2.79 -11.71
H6'2 LCG C 4 -0.06 -2.77 -10.65
H8 LCG C 4 -2.01 0.83 -7.39
H2' LCG C 4 -3.41 -3.24 -8.35
H1' LCG C 4 -0.93 -2.74 -7.43
H1 LCG C 4 -3.55 -1.91 -1.72
H21 LCG C 4 -3.77 -4.44 -2.18
H22 LCG C 4 -3.37 -5.12 -3.79
P TLN C 5 -5.50 -2.03 -10.76
OP1 TLN C 5 -6.06 -2.54 -12.09
OP2 TLN C 5 -6.06 -0.64 -10.48
O5' TLN C 5 -5.95 -3.02 -9.57
C5' TLN C 5 -5.74 -4.44 -9.59
C4' TLN C 5 -6.10 -5.03 -8.21
O4' TLN C 5 -5.29 -4.46 -7.14
C1' TLN C 5 -6.01 -4.68 -5.91
N1 TLN C 5 -6.37 -3.40 -5.22
C6 TLN C 5 -6.33 -2.12 -5.98
C5 TLN C 5 -6.58 -0.96 -5.36
C5M TLN C 5 -6.49 0.31 -6.16
C4 TLN C 5 -6.89 -0.98 -3.82
O4 TLN C 5 -7.10 0.05 -3.17
N3 TLN C 5 -6.94 -2.20 -3.23
C2 TLN C 5 -6.70 -3.39 -3.87
O2 TLN C 5 -6.77 -4.42 -3.20
C3' TLN C 5 -7.55 -4.84 -7.73
C2' TLN C 5 -7.18 -5.55 -6.43
O2' TLN C 5 -6.63 -6.83 -6.86
O3' TLN C 5 -8.54 -5.54 -8.49
C6' TLN C 5 -5.93 -6.55 -8.10
H5' TLN C 5 -4.69 -4.69 -9.84
H5'' TLN C 5 -6.37 -4.92 -10.38
H1' TLN C 5 -5.37 -5.29 -5.23
H6 TLN C 5 -6.09 -2.14 -7.04
H71 TLN C 5 -7.04 1.14 -5.68
H72 TLN C 5 -5.43 0.61 -6.29
H73 TLN C 5 -6.92 0.17 -7.18
H3 TLN C 5 -7.16 -2.23 -2.22
H3' TLN C 5 -7.84 -3.79 -7.61
H2' TLN C 5 -8.02 -5.68 -5.71
HO3' TLN C 5 -9.36 -5.46 -7.99
H6'1 TLN C 5 -6.42 -7.03 -8.96
H6'2 TLN C 5 -4.86 -6.82 -8.06
O5' TLN D 1 9.17 -2.42 -10.26
C5' TLN D 1 7.83 -2.36 -9.79
C4' TLN D 1 7.47 -3.65 -9.02
O4' TLN D 1 8.34 -3.83 -7.86
C1' TLN D 1 7.67 -4.77 -6.97
N1 TLN D 1 7.45 -4.28 -5.57
C6 TLN D 1 7.62 -2.85 -5.24
C5 TLN D 1 7.58 -2.42 -3.96
C5M TLN D 1 7.87 -0.99 -3.58
C4 TLN D 1 7.25 -3.47 -2.85
O4 TLN D 1 7.13 -3.17 -1.67
N3 TLN D 1 7.09 -4.77 -3.25
C2 TLN D 1 7.19 -5.19 -4.54
O2 TLN D 1 7.01 -6.40 -4.76
C3' TLN D 1 6.05 -3.67 -8.41
C2' TLN D 1 6.40 -5.03 -7.81
O2' TLN D 1 6.76 -5.85 -8.94
O3' TLN D 1 4.99 -3.71 -9.40
C6' TLN D 1 7.47 -4.96 -9.83
H5' TLN D 1 7.15 -2.21 -10.65
H5'' TLN D 1 7.71 -1.48 -9.14
H1' TLN D 1 8.28 -5.70 -6.94
H6 TLN D 1 7.77 -2.17 -6.08
H71 TLN D 1 8.90 -0.88 -3.20
H72 TLN D 1 7.76 -0.29 -4.44
H73 TLN D 1 7.19 -0.63 -2.79
H3 TLN D 1 6.88 -5.46 -2.53
H3' TLN D 1 5.87 -2.89 -7.66
H2' TLN D 1 5.57 -5.44 -7.20
H6'1 TLN D 1 6.94 -4.87 -10.81
H6'2 TLN D 1 8.50 -5.33 -10.03
HO5' TLN D 1 9.73 -2.52 -9.49
P LCG D 2 3.42 -3.65 -9.04
OP1 LCG D 2 2.59 -3.69 -10.33
O5' LCG D 2 3.01 -4.90 -8.10
C5' LCG D 2 3.06 -6.29 -8.50
C3' LCG D 2 1.58 -6.91 -6.47
C6' LCG D 2 2.89 -8.69 -7.36
N9 LCG D 2 3.40 -5.81 -4.23
C8 LCG D 2 3.69 -4.53 -4.69
C4 LCG D 2 3.24 -5.53 -2.88
N7 LCG D 2 3.72 -3.46 -3.86
C5 LCG D 2 3.42 -4.11 -2.70
C6 LCG D 2 3.27 -3.46 -1.31
C2' LCG D 2 2.12 -7.79 -5.34
O6 LCG D 2 3.42 -2.25 -1.16
C4' LCG D 2 2.90 -7.15 -7.24
C1' LCG D 2 3.47 -7.11 -4.98
C2 LCG D 2 2.79 -5.79 -0.53
N1 LCG D 2 2.96 -4.32 -0.30
O4' LCG D 2 3.98 -6.88 -6.30
OP2 LCG D 2 3.12 -2.36 -8.28
N2 LCG D 2 2.44 -6.65 0.52
N3 LCG D 2 2.92 -6.30 -1.71
O2' LCG D 2 2.41 -9.05 -6.03
O3' LCG D 2 0.41 -7.41 -7.16
H5' LCG D 2 4.02 -6.51 -9.00
H5'' LCG D 2 2.26 -6.50 -9.23
H3' LCG D 2 1.42 -5.85 -6.15
H6'1 LCG D 2 2.20 -9.04 -8.15
H6'2 LCG D 2 3.89 -9.11 -7.56
H8 LCG D 2 3.92 -4.38 -5.74
H2' LCG D 2 1.45 -7.91 -4.49
H1' LCG D 2 4.13 -7.82 -4.44
H1 LCG D 2 2.88 -3.86 0.62
H21 LCG D 2 2.33 -6.26 1.46
H22 LCG D 2 2.32 -7.65 0.33
P LCG D 3 -1.10 -7.08 -6.74
OP1 LCG D 3 -2.06 -7.68 -7.76
O5' LCG D 3 -1.41 -7.69 -5.28
C5' LCG D 3 -1.42 -9.10 -4.96
C3' LCG D 3 -2.68 -8.56 -2.83
C6' LCG D 3 -1.48 -10.63 -2.80
N9 LCG D 3 -0.70 -6.61 -1.55
C8 LCG D 3 -0.42 -5.73 -2.58
C4 LCG D 3 -0.79 -5.69 -0.50
N7 LCG D 3 -0.28 -4.39 -2.38
C5 LCG D 3 -0.53 -4.39 -1.04
C6 LCG D 3 -0.45 -3.14 -0.13
C2' LCG D 3 -2.05 -8.81 -1.47
O6 LCG D 3 -0.21 -2.03 -0.58
C4' LCG D 3 -1.44 -9.24 -3.45
C1' LCG D 3 -0.68 -8.11 -1.57
C2 LCG D 3 -0.91 -4.78 1.72
N1 LCG D 3 -0.64 -3.40 1.20
O4' LCG D 3 -0.28 -8.57 -2.87
OP2 LCG D 3 -1.30 -5.56 -6.70
N2 LCG D 3 -1.09 -5.01 3.10
N3 LCG D 3 -0.97 -5.80 0.92
O2' LCG D 3 -1.84 -10.26 -1.44
O3' LCG D 3 -3.91 -9.28 -3.08
H5' LCG D 3 -0.53 -9.61 -5.35
H5'' LCG D 3 -2.32 -9.58 -5.38
H3' LCG D 3 -2.75 -7.50 -3.11
H6'1 LCG D 3 -2.25 -11.29 -3.24
H6'2 LCG D 3 -0.51 -11.15 -2.83
H8 LCG D 3 -0.25 -6.13 -3.58
H2' LCG D 3 -2.69 -8.46 -0.67
H1' LCG D 3 0.03 -8.49 -0.80
H1 LCG D 3 -0.57 -2.56 1.80
H21 LCG D 3 -1.03 -4.21 3.75
H22 LCG D 3 -1.27 -5.97 3.43
P LCG D 4 -5.39 -8.69 -2.77
OP1 LCG D 4 -6.43 -9.66 -3.32
O5' LCG D 4 -5.60 -8.51 -1.18
C5' LCG D 4 -5.47 -9.56 -0.20
C3' LCG D 4 -6.46 -8.05 1.67
C6' LCG D 4 -4.99 -9.77 2.41
N9 LCG D 4 -4.60 -5.61 1.43
C8 LCG D 4 -4.69 -5.29 0.09
C4 LCG D 4 -4.42 -4.33 1.94
N7 LCG D 4 -4.56 -4.00 -0.37
C5 LCG D 4 -4.35 -3.41 0.84
C6 LCG D 4 -3.99 -1.92 1.07
C2' LCG D 4 -5.58 -7.55 2.82
O6 LCG D 4 -3.85 -1.14 0.14
C4' LCG D 4 -5.27 -8.89 1.18
C1' LCG D 4 -4.38 -6.94 2.08
C2 LCG D 4 -4.02 -2.53 3.50
N1 LCG D 4 -3.85 -1.56 2.39
O4' LCG D 4 -4.17 -7.96 1.09
OP2 LCG D 4 -5.55 -7.34 -3.46
N2 LCG D 4 -4.00 -2.11 4.84
N3 LCG D 4 -4.23 -3.79 3.27
O2' LCG D 4 -5.15 -8.78 3.47
O3' LCG D 4 -7.61 -8.81 2.12
H5' LCG D 4 -4.61 -10.20 -0.45
H5'' LCG D 4 -6.36 -10.21 -0.21
H3' LCG D 4 -6.76 -7.25 0.96
H6'1 LCG D 4 -5.71 -10.60 2.53
H6'2 LCG D 4 -3.97 -10.19 2.40
H8 LCG D 4 -4.81 -6.07 -0.65
H2' LCG D 4 -6.07 -6.85 3.50
H1' LCG D 4 -3.50 -6.87 2.76
H1 LCG D 4 -3.66 -0.55 2.52
H21 LCG D 4 -3.86 -1.11 5.04
H22 LCG D 4 -4.13 -2.79 5.60
P TLN D 5 -9.09 -8.17 2.24
OP1 TLN D 5 -10.04 -9.21 2.82
OP2 TLN D 5 -9.58 -7.75 0.85
O5' TLN D 5 -9.06 -6.87 3.20
C5' TLN D 5 -8.83 -6.92 4.62
C4' TLN D 5 -8.59 -5.48 5.13
O4' TLN D 5 -7.42 -4.88 4.50
C1' TLN D 5 -7.57 -3.43 4.64
N1 TLN D 5 -7.65 -2.74 3.31
C6 TLN D 5 -7.99 -3.53 2.10
C5 TLN D 5 -8.01 -2.94 0.89
C5M TLN D 5 -8.34 -3.80 -0.30
C4 TLN D 5 -7.63 -1.44 0.79
O4 TLN D 5 -7.59 -0.83 -0.29
N3 TLN D 5 -7.34 -0.80 1.96
C2 TLN D 5 -7.32 -1.40 3.19
O2 TLN D 5 -7.00 -0.72 4.15
C3' TLN D 5 -9.72 -4.46 4.91
C2' TLN D 5 -8.84 -3.38 5.52
O2' TLN D 5 -8.49 -3.93 6.84
O3' TLN D 5 -10.92 -4.70 5.64
C6' TLN D 5 -8.37 -5.36 6.63
H5' TLN D 5 -7.97 -7.55 4.86
H5'' TLN D 5 -9.70 -7.37 5.14
H1' TLN D 5 -6.71 -3.06 5.21
H6 TLN D 5 -8.24 -4.59 2.19
H71 TLN D 5 -8.63 -3.19 -1.18
H72 TLN D 5 -7.48 -4.43 -0.57
H73 TLN D 5 -9.18 -4.49 -0.08
H3 TLN D 5 -7.08 0.20 1.91
H3' TLN D 5 -9.97 -4.29 3.84
H2' TLN D 5 -9.30 -2.38 5.61
HO3' TLN D 5 -11.47 -3.93 5.53
H6'1 TLN D 5 -9.15 -5.92 7.17
H6'2 TLN D 5 -7.37 -5.75 6.91
O5' TLN A 1 7.14 -0.82 12.13
C5' TLN A 1 6.00 -0.33 11.44
C4' TLN A 1 6.36 0.90 10.59
O4' TLN A 1 7.38 0.58 9.60
C1' TLN A 1 7.33 1.63 8.59
N1 TLN A 1 7.12 1.14 7.19
C6 TLN A 1 6.67 -0.25 6.94
C5 TLN A 1 6.62 -0.74 5.69
C5M TLN A 1 6.30 -2.20 5.42
C4 TLN A 1 6.96 0.21 4.51
O4 TLN A 1 6.88 -0.12 3.32
N3 TLN A 1 7.34 1.48 4.83
C2 TLN A 1 7.44 1.96 6.11
O2 TLN A 1 7.80 3.13 6.25
C3' TLN A 1 5.21 1.47 9.76
C2' TLN A 1 6.19 2.49 9.18
O2' TLN A 1 6.72 3.18 10.35
O3' TLN A 1 4.13 2.06 10.54
C6' TLN A 1 6.82 2.16 11.37
H5' TLN A 1 5.20 -0.09 12.17
H5'' TLN A 1 5.59 -1.14 10.79
H1' TLN A 1 8.29 2.19 8.64
H6 TLN A 1 6.39 -0.84 7.81
H71 TLN A 1 5.70 -2.66 6.24
H72 TLN A 1 5.71 -2.33 4.50
H73 TLN A 1 7.22 -2.80 5.31
H3 TLN A 1 7.57 2.12 4.06
H3' TLN A 1 4.81 0.78 8.99
H2' TLN A 1 5.74 3.15 8.44
H6'1 TLN A 1 6.17 2.39 12.24
H6'2 TLN A 1 7.86 2.07 11.75
HO5' TLN A 1 7.79 -1.01 11.46
P LCG A 2 2.77 2.65 9.89
OP1 LCG A 2 1.85 3.13 11.01
O5' LCG A 2 3.12 3.87 8.89
C5' LCG A 2 3.71 5.11 9.29
C3' LCG A 2 3.01 6.16 7.04
C6' LCG A 2 4.81 7.25 8.15
N9 LCG A 2 4.46 4.24 5.12
C8 LCG A 2 4.04 3.01 5.59
C4 LCG A 2 4.47 3.97 3.76
N7 LCG A 2 3.77 1.96 4.75
C5 LCG A 2 4.05 2.60 3.58
C6 LCG A 2 3.99 1.97 2.17
C2' LCG A 2 4.03 6.64 6.03
O6 LCG A 2 3.64 0.80 2.00
C4' LCG A 2 4.15 5.87 8.03
C1' LCG A 2 4.98 5.42 5.89
C2 LCG A 2 4.77 4.22 1.38
N1 LCG A 2 4.36 2.80 1.15
O4' LCG A 2 5.11 5.08 7.28
OP2 LCG A 2 2.07 1.54 9.10
N2 LCG A 2 5.14 5.05 0.31
N3 LCG A 2 4.81 4.72 2.58
O2' LCG A 2 4.74 7.70 6.76
O3' LCG A 2 2.09 7.18 7.53
H5' LCG A 2 4.58 4.93 9.96
H5'' LCG A 2 2.99 5.72 9.88
H3' LCG A 2 2.45 5.26 6.71
H6'1 LCG A 2 4.24 7.92 8.81
H6'2 LCG A 2 5.85 7.20 8.51
H8 LCG A 2 3.97 2.84 6.65
H2' LCG A 2 3.63 6.99 5.07
H1' LCG A 2 5.96 5.74 5.49
H1 LCG A 2 4.32 2.35 0.21
H21 LCG A 2 5.13 4.67 -0.64
H22 LCG A 2 5.42 6.03 0.50
P LCG A 3 0.68 7.52 6.83
OP1 LCG A 3 -0.06 8.58 7.65
O5' LCG A 3 0.93 8.06 5.33
C5' LCG A 3 1.58 9.31 5.01
C3' LCG A 3 0.57 9.20 2.69
C6' LCG A 3 2.53 10.56 2.86
N9 LCG A 3 1.70 6.52 1.68
C8 LCG A 3 1.24 5.70 2.70
C4 LCG A 3 1.61 5.62 0.62
N7 LCG A 3 0.88 4.40 2.48
C5 LCG A 3 1.14 4.37 1.13
C6 LCG A 3 1.00 3.13 0.22
C2' LCG A 3 1.43 9.08 1.45
O6 LCG A 3 0.63 2.03 0.66
C4' LCG A 3 1.85 9.32 3.50
C1' LCG A 3 2.35 7.87 1.76
C2 LCG A 3 1.78 4.67 -1.59
N1 LCG A 3 1.34 3.33 -1.09
O4' LCG A 3 2.67 8.17 3.14
OP2 LCG A 3 -0.18 6.25 6.76
N2 LCG A 3 2.03 4.88 -2.96
N3 LCG A 3 1.92 5.68 -0.79
O2' LCG A 3 2.24 10.29 1.46
O3' LCG A 3 -0.26 10.39 2.74
H5' LCG A 3 2.54 9.40 5.54
H5'' LCG A 3 0.94 10.16 5.26
H3' LCG A 3 -0.01 8.28 2.94
H6'1 LCG A 3 2.06 11.51 3.19
H6'2 LCG A 3 3.61 10.60 3.06
H8 LCG A 3 1.20 6.07 3.71
H2' LCG A 3 0.82 8.98 0.56
H1' LCG A 3 3.27 7.88 1.15
H1 LCG A 3 1.20 2.51 -1.69
H21 LCG A 3 1.90 4.10 -3.61
H22 LCG A 3 2.33 5.81 -3.28
P LCG A 4 -1.79 10.44 2.21
OP1 LCG A 4 -2.41 11.79 2.58
O5' LCG A 4 -1.83 10.26 0.61
C5' LCG A 4 -1.26 11.19 -0.33
C3' LCG A 4 -2.49 9.94 -2.23
C6' LCG A 4 -0.63 11.26 -2.92
N9 LCG A 4 -1.29 7.13 -1.94
C8 LCG A 4 -1.54 6.87 -0.60
C4 LCG A 4 -1.50 5.86 -2.46
N7 LCG A 4 -1.87 5.62 -0.16
C5 LCG A 4 -1.82 4.98 -1.37
C6 LCG A 4 -2.07 3.48 -1.60
C2' LCG A 4 -1.72 9.25 -3.35
O6 LCG A 4 -2.34 2.71 -0.68
C4' LCG A 4 -1.16 10.48 -1.69
C1' LCG A 4 -0.71 8.37 -2.57
C2 LCG A 4 -1.67 4.03 -4.02
N1 LCG A 4 -1.98 3.07 -2.91
O4' LCG A 4 -0.31 9.31 -1.57
OP2 LCG A 4 -2.60 9.31 2.87
N2 LCG A 4 -1.67 3.60 -5.36
N3 LCG A 4 -1.43 5.28 -3.78
O2' LCG A 4 -0.98 10.34 -3.99
O3' LCG A 4 -3.41 10.95 -2.70
H5' LCG A 4 -0.26 11.52 0.01
H5'' LCG A 4 -1.90 12.09 -0.39
H3' LCG A 4 -2.99 9.24 -1.53
H6'1 LCG A 4 -1.12 12.24 -3.06
H6'2 LCG A 4 0.47 11.42 -2.87
H8 LCG A 4 -1.44 7.65 0.13
H2' LCG A 4 -2.35 8.68 -4.06
H1' LCG A 4 0.14 8.08 -3.20
H1 LCG A 4 -2.23 2.08 -3.06
H21 LCG A 4 -1.87 2.62 -5.56
H22 LCG A 4 -1.44 4.28 -6.11
P TLN A 5 -5.02 10.74 -2.71
OP1 TLN A 5 -5.70 11.98 -3.29
OP2 TLN A 5 -5.50 10.53 -1.27
O5' TLN A 5 -5.39 9.44 -3.58
C5' TLN A 5 -5.20 9.36 -5.01
C4' TLN A 5 -5.39 7.91 -5.47
O4' TLN A 5 -4.41 7.02 -4.86
C1' TLN A 5 -4.96 5.67 -4.97
N1 TLN A 5 -5.20 5.04 -3.63
C6 TLN A 5 -5.22 5.87 -2.41
C5 TLN A 5 -5.33 5.31 -1.20
C5M TLN A 5 -5.27 6.19 0.01
C4 TLN A 5 -5.51 3.76 -1.11
O4 TLN A 5 -5.63 3.16 -0.04
N3 TLN A 5 -5.50 3.07 -2.29
C2 TLN A 5 -5.33 3.66 -3.52
O2 TLN A 5 -5.27 2.92 -4.50
C3' TLN A 5 -6.75 7.26 -5.20
C2' TLN A 5 -6.22 5.96 -5.82
O2' TLN A 5 -5.78 6.38 -7.15
O3' TLN A 5 -7.86 7.82 -5.90
C6' TLN A 5 -5.24 7.72 -6.98
H5' TLN A 5 -4.20 9.73 -5.29
H5'' TLN A 5 -5.92 10.03 -5.53
H1' TLN A 5 -4.25 5.05 -5.55
H6 TLN A 5 -5.13 6.96 -2.50
H71 TLN A 5 -4.81 5.67 0.87
H72 TLN A 5 -4.66 7.10 -0.17
H73 TLN A 5 -6.28 6.53 0.29
H3 TLN A 5 -5.59 2.05 -2.26
H3' TLN A 5 -6.99 7.17 -4.12
H2' TLN A 5 -6.95 5.13 -5.86
HO3' TLN A 5 -8.59 7.22 -5.76
H6'1 TLN A 5 -5.86 8.46 -7.50
H6'2 TLN A 5 -4.19 7.79 -7.29
O5' TLN B 1 5.59 -12.66 1.59
C5' TLN B 1 4.44 -11.82 1.68
C4' TLN B 1 4.48 -10.98 2.97
O4' TLN B 1 5.67 -10.13 3.02
C1' TLN B 1 5.40 -9.09 4.00
N1 TLN B 1 5.53 -7.69 3.49
C6 TLN B 1 5.63 -7.43 2.03
C5 TLN B 1 5.88 -6.19 1.56
C5M TLN B 1 6.13 -5.93 0.09
C4 TLN B 1 5.99 -5.02 2.59
O4 TLN B 1 6.16 -3.85 2.26
N3 TLN B 1 5.86 -5.35 3.91
C2 TLN B 1 5.64 -6.62 4.38
O2 TLN B 1 5.56 -6.77 5.60
C3' TLN B 1 3.32 -9.99 3.14
C2' TLN B 1 3.97 -9.51 4.43
O2' TLN B 1 4.10 -10.71 5.25
O3' TLN B 1 2.03 -10.62 3.34
C6' TLN B 1 4.41 -11.78 4.31
H5' TLN B 1 3.52 -12.44 1.64
H5'' TLN B 1 4.40 -11.15 0.80
H1' TLN B 1 6.10 -9.23 4.85
H6 TLN B 1 5.48 -8.28 1.37
H71 TLN B 1 5.72 -4.97 -0.22
H72 TLN B 1 7.22 -5.93 -0.14
H73 TLN B 1 5.67 -6.71 -0.56
H3 TLN B 1 5.92 -4.60 4.60
H3' TLN B 1 3.26 -9.20 2.37
H2' TLN B 1 3.43 -8.70 4.92
H6'1 TLN B 1 3.61 -12.54 4.31
H6'2 TLN B 1 5.36 -12.26 4.55
HO5' TLN B 1 6.35 -12.07 1.62
P LCG B 2 0.64 -9.80 3.45
OP1 LCG B 2 -0.52 -10.80 3.61
O5' LCG B 2 0.67 -8.81 4.72
C5' LCG B 2 0.79 -9.23 6.10
C3' LCG B 2 0.05 -6.88 6.87
C6' LCG B 2 1.29 -8.13 8.47
N9 LCG B 2 2.24 -5.20 5.50
C8 LCG B 2 2.17 -5.68 4.20
C4 LCG B 2 2.46 -3.85 5.23
N7 LCG B 2 2.33 -4.86 3.12
C5 LCG B 2 2.51 -3.70 3.80
C6 LCG B 2 2.82 -2.32 3.16
C2' LCG B 2 1.00 -5.97 7.65
O6 LCG B 2 2.87 -2.16 1.95
C4' LCG B 2 1.11 -7.99 6.95
C1' LCG B 2 2.28 -5.99 6.79
C2 LCG B 2 2.93 -1.52 5.54
N1 LCG B 2 3.01 -1.30 4.06
O4' LCG B 2 2.35 -7.39 6.49
OP2 LCG B 2 0.41 -8.99 2.18
N2 LCG B 2 3.13 -0.44 6.44
N3 LCG B 2 2.68 -2.69 6.03
O2' LCG B 2 1.25 -6.74 8.87
O3' LCG B 2 -1.18 -7.22 7.55
H5' LCG B 2 1.58 -9.99 6.20
H5'' LCG B 2 -0.16 -9.70 6.44
H3' LCG B 2 -0.16 -6.52 5.84
H6'1 LCG B 2 0.47 -8.71 8.93
H6'2 LCG B 2 2.24 -8.62 8.74
H8 LCG B 2 2.05 -6.74 4.02
H2' LCG B 2 0.62 -4.96 7.85
H1' LCG B 2 3.16 -5.68 7.38
H1 LCG B 2 3.22 -0.39 3.61
H21 LCG B 2 3.33 0.48 6.05
H22 LCG B 2 3.06 -0.61 7.44
P LCG B 3 -2.54 -6.37 7.41
OP1 LCG B 3 -3.66 -7.07 8.19
O5' LCG B 3 -2.33 -4.88 7.99
C5' LCG B 3 -2.04 -4.57 9.36
C3' LCG B 3 -2.69 -2.16 8.93
C6' LCG B 3 -1.24 -2.49 10.80
N9 LCG B 3 -0.71 -1.41 6.68
C8 LCG B 3 -1.05 -2.41 5.78
C4 LCG B 3 -0.41 -0.39 5.79
N7 LCG B 3 -1.00 -2.20 4.43
C5 LCG B 3 -0.57 -0.91 4.46
C6 LCG B 3 -0.22 -0.05 3.23
C2' LCG B 3 -1.68 -1.03 9.05
O6 LCG B 3 -0.31 -0.47 2.08
C4' LCG B 3 -1.60 -3.11 9.43
C1' LCG B 3 -0.50 -1.51 8.16
C2 LCG B 3 0.28 1.75 4.92
N1 LCG B 3 0.19 1.24 3.51
O4' LCG B 3 -0.45 -2.89 8.58
OP2 LCG B 3 -2.94 -6.29 5.94
N2 LCG B 3 0.60 3.09 5.17
N3 LCG B 3 0.03 0.97 5.92
O2' LCG B 3 -1.25 -1.08 10.45
O3' LCG B 3 -3.83 -2.04 9.82
H5' LCG B 3 -1.23 -5.20 9.76
H5'' LCG B 3 -2.94 -4.70 9.98
H3' LCG B 3 -3.01 -2.39 7.89
H6'1 LCG B 3 -2.00 -2.71 11.58
H6'2 LCG B 3 -0.25 -2.81 11.17
H8 LCG B 3 -1.32 -3.39 6.14
H2' LCG B 3 -2.11 -0.08 8.77
H1' LCG B 3 0.45 -1.00 8.44
H1 LCG B 3 0.40 1.80 2.67
H21 LCG B 3 0.77 3.71 4.38
H22 LCG B 3 0.64 3.42 6.15
P LCG B 4 -5.20 -1.26 9.43
OP1 LCG B 4 -6.22 -1.45 10.55
O5' LCG B 4 -4.91 0.31 9.23
C5' LCG B 4 -4.47 1.21 10.27
C3' LCG B 4 -5.00 3.21 8.69
C6' LCG B 4 -3.47 3.67 10.45
N9 LCG B 4 -3.20 2.53 6.32
C8 LCG B 4 -3.57 1.22 6.03
C4 LCG B 4 -3.06 3.02 5.03
N7 LCG B 4 -3.66 0.78 4.74
C5 LCG B 4 -3.31 1.94 4.12
C6 LCG B 4 -3.15 2.14 2.59
C2' LCG B 4 -3.89 4.14 8.21
O6 LCG B 4 -3.31 1.23 1.79
C4' LCG B 4 -3.97 2.50 9.59
C1' LCG B 4 -2.85 3.14 7.65
C2 LCG B 4 -2.61 4.51 3.20
N1 LCG B 4 -2.78 3.40 2.21
O4' LCG B 4 -2.87 2.17 8.70
OP2 LCG B 4 -5.76 -1.84 8.13
N2 LCG B 4 -2.35 5.83 2.79
N3 LCG B 4 -2.71 4.29 4.48
O2' LCG B 4 -3.37 4.71 9.44
O3' LCG B 4 -6.05 3.92 9.36
H5' LCG B 4 -3.66 0.75 10.87
H5'' LCG B 4 -5.31 1.42 10.96
H3' LCG B 4 -5.41 2.57 7.88
H6'1 LCG B 4 -4.18 3.96 11.25
H6'2 LCG B 4 -2.48 3.47 10.92
H8 LCG B 4 -3.75 0.52 6.83
H2' LCG B 4 -4.22 4.90 7.48
H1' LCG B 4 -1.84 3.62 7.59
H1 LCG B 4 -2.64 3.51 1.19
H21 LCG B 4 -2.24 6.01 1.78
H22 LCG B 4 -2.25 6.57 3.49
P TLN B 5 -7.51 3.30 9.72
OP1 TLN B 5 -7.64 3.16 11.23
OP2 TLN B 5 -7.69 1.93 9.06
O5' TLN B 5 -8.66 4.31 9.17
C5' TLN B 5 -8.58 5.74 9.30
C4' TLN B 5 -8.18 6.40 7.97
O4' TLN B 5 -6.89 5.94 7.48
C1' TLN B 5 -6.82 6.29 6.07
N1 TLN B 5 -6.68 5.11 5.16
C6 TLN B 5 -7.04 3.75 5.65
C5 TLN B 5 -6.97 2.69 4.82
C5M TLN B 5 -7.35 1.33 5.34
C4 TLN B 5 -6.54 2.93 3.34
O4 TLN B 5 -6.46 2.02 2.52
N3 TLN B 5 -6.23 4.21 2.99
C2 TLN B 5 -6.28 5.28 3.84
O2 TLN B 5 -5.96 6.38 3.38
C3' TLN B 5 -9.12 6.23 6.77
C2' TLN B 5 -8.16 7.06 5.92
O2' TLN B 5 -8.03 8.31 6.67
O3' TLN B 5 -10.42 6.82 6.92
C6' TLN B 5 -8.09 7.92 8.06
H5' TLN B 5 -7.87 6.03 10.10
H5'' TLN B 5 -9.56 6.14 9.64
H1' TLN B 5 -5.97 6.98 5.92
H6 TLN B 5 -7.38 3.63 6.68
H71 TLN B 5 -8.41 1.13 5.16
H72 TLN B 5 -6.75 0.54 4.85
H73 TLN B 5 -7.17 1.24 6.43
H3 TLN B 5 -5.94 4.38 2.02
H3' TLN B 5 -9.23 5.19 6.43
H2' TLN B 5 -8.48 7.24 4.88
HO3' TLN B 5 -10.83 6.77 6.05
H6'1 TLN B 5 -8.99 8.31 8.55
H6'2 TLN B 5 -7.18 8.23 8.62
O5' TLN C 1 8.86 10.11 -0.11
C5' TLN C 1 9.54 8.86 0.05
C4' TLN C 1 9.48 8.02 -1.24
O4' TLN C 1 10.14 6.73 -1.02
C1' TLN C 1 9.69 5.84 -2.08
N1 TLN C 1 9.06 4.56 -1.60
C6 TLN C 1 8.66 4.41 -0.19
C5 TLN C 1 8.24 3.21 0.28
C5M TLN C 1 7.96 3.00 1.76
C4 TLN C 1 8.08 2.04 -0.73
O4 TLN C 1 7.62 0.93 -0.41
N3 TLN C 1 8.44 2.29 -2.02
C2 TLN C 1 8.92 3.48 -2.48
O2 TLN C 1 9.22 3.56 -3.67
C3' TLN C 1 8.09 7.62 -1.74
C2' TLN C 1 8.75 6.80 -2.84
O2' TLN C 1 9.58 7.77 -3.54
O3' TLN C 1 7.28 8.72 -2.22
C6' TLN C 1 10.09 8.66 -2.52
H5' TLN C 1 9.09 8.31 0.89
H5'' TLN C 1 10.58 9.06 0.33
H1' TLN C 1 10.56 5.60 -2.72
H6 TLN C 1 8.74 5.29 0.45
H71 TLN C 1 7.14 2.29 1.92
H72 TLN C 1 8.85 2.58 2.27
H73 TLN C 1 7.69 3.93 2.28
H3 TLN C 1 8.35 1.52 -2.70
H3' TLN C 1 7.50 7.00 -1.02
H2' TLN C 1 8.04 6.27 -3.47
H6'1 TLN C 1 9.75 9.69 -2.69
H6'2 TLN C 1 11.19 8.66 -2.49
HO5' TLN C 1 7.95 9.89 -0.33
P LCG C 2 5.75 8.58 -2.71
OP1 LCG C 2 5.20 9.96 -3.10
O5' LCG C 2 5.64 7.57 -3.96
C5' LCG C 2 6.24 7.80 -5.25
C3' LCG C 2 4.78 5.93 -6.28
C6' LCG C 2 6.78 6.43 -7.47
N9 LCG C 2 5.63 3.58 -4.49
C8 LCG C 2 5.46 4.12 -3.23
C4 LCG C 2 5.19 2.28 -4.24
N7 LCG C 2 4.97 3.38 -2.18
C5 LCG C 2 4.81 2.21 -2.86
C6 LCG C 2 4.30 0.88 -2.24
C2' LCG C 2 5.41 4.66 -6.84
O6 LCG C 2 3.99 0.79 -1.05
C4' LCG C 2 6.20 6.49 -6.04
C1' LCG C 2 6.32 4.18 -5.68
C2 LCG C 2 4.64 -0.03 -4.56
N1 LCG C 2 4.24 -0.17 -3.12
O4' LCG C 2 6.91 5.45 -5.32
OP2 LCG C 2 4.90 8.02 -1.55
N2 LCG C 2 4.55 -1.13 -5.44
N3 LCG C 2 5.08 1.09 -5.02
O2' LCG C 2 6.25 5.16 -7.93
O3' LCG C 2 4.01 6.70 -7.23
H5' LCG C 2 7.29 8.15 -5.13
H5'' LCG C 2 5.70 8.60 -5.80
H3' LCG C 2 4.20 5.75 -5.35
H6'1 LCG C 2 6.42 7.27 -8.10
H6'2 LCG C 2 7.88 6.44 -7.48
H8 LCG C 2 5.74 5.14 -3.04
H2' LCG C 2 4.69 3.90 -7.17
H1' LCG C 2 7.11 3.50 -6.06
H1 LCG C 2 3.90 -1.05 -2.69
H21 LCG C 2 4.21 -2.03 -5.08
H22 LCG C 2 4.82 -1.00 -6.43
P LCG C 3 2.42 6.52 -7.47
OP1 LCG C 3 1.94 7.57 -8.47
O5' LCG C 3 2.12 5.05 -8.03
C5' LCG C 3 2.56 4.55 -9.31
C3' LCG C 3 0.87 2.66 -9.15
C6' LCG C 3 2.72 2.24 -10.59
N9 LCG C 3 1.75 1.33 -6.52
C8 LCG C 3 1.74 2.42 -5.66
C4 LCG C 3 1.30 0.35 -5.65
N7 LCG C 3 1.36 2.31 -4.36
C5 LCG C 3 1.07 0.96 -4.37
C6 LCG C 3 0.65 0.12 -3.15
C2' LCG C 3 1.32 1.21 -9.06
O6 LCG C 3 0.50 0.62 -2.03
C4' LCG C 3 2.34 3.04 -9.34
C1' LCG C 3 2.35 1.22 -7.89
C2 LCG C 3 0.68 -1.80 -4.75
N1 LCG C 3 0.47 -1.22 -3.39
O4' LCG C 3 3.07 2.42 -8.23
OP2 LCG C 3 1.68 6.71 -6.14
N2 LCG C 3 0.43 -3.16 -5.00
N3 LCG C 3 1.07 -1.07 -5.74
O2' LCG C 3 2.04 0.99 -10.31
O3' LCG C 3 0.03 2.95 -10.28
H5' LCG C 3 3.62 4.76 -9.48
H5'' LCG C 3 1.96 5.00 -10.12
H3' LCG C 3 0.45 3.07 -8.20
H6'1 LCG C 3 2.32 2.70 -11.52
H6'2 LCG C 3 3.81 2.10 -10.71
H8 LCG C 3 2.07 3.38 -6.02
H2' LCG C 3 0.48 0.55 -8.93
H1' LCG C 3 3.02 0.34 -7.95
H1 LCG C 3 0.18 -1.77 -2.56
H21 LCG C 3 0.11 -3.75 -4.23
H22 LCG C 3 0.58 -3.54 -5.95
P LCG C 4 -1.59 2.81 -10.27
OP1 LCG C 4 -2.15 3.32 -11.60
O5' LCG C 4 -2.02 1.27 -10.06
C5' LCG C 4 -1.71 0.20 -10.97
C3' LCG C 4 -3.39 -1.37 -9.74
C6' LCG C 4 -1.64 -2.46 -10.92
N9 LCG C 4 -2.32 -1.18 -6.88
C8 LCG C 4 -2.24 0.18 -6.64
C4 LCG C 4 -2.76 -1.60 -5.62
N7 LCG C 4 -2.53 0.71 -5.41
C5 LCG C 4 -2.84 -0.45 -4.77
C6 LCG C 4 -3.16 -0.61 -3.27
C2' LCG C 4 -2.90 -2.59 -8.96
O6 LCG C 4 -3.15 0.35 -2.49
C4' LCG C 4 -1.95 -1.12 -10.22
C1' LCG C 4 -1.81 -1.98 -8.04
C2 LCG C 4 -3.42 -3.05 -3.82
N1 LCG C 4 -3.42 -1.90 -2.86
O4' LCG C 4 -1.15 -1.13 -9.00
OP2 LCG C 4 -2.17 3.65 -9.13
N2 LCG C 4 -3.80 -4.34 -3.41
N3 LCG C 4 -3.07 -2.89 -5.06
O2' LCG C 4 -2.24 -3.41 -9.98
O3' LCG C 4 -4.35 -1.73 -10.75
H5' LCG C 4 -0.66 0.27 -11.30
H5'' LCG C 4 -2.34 0.27 -11.87
H3' LCG C 4 -3.79 -0.57 -9.08
H6'1 LCG C 4 -2.10 -2.54 -11.91
H6'2 LCG C 4 -0.55 -2.65 -11.03
H8 LCG C 4 -1.89 0.84 -7.42
H2' LCG C 4 -3.68 -3.14 -8.41
H1' LCG C 4 -1.11 -2.77 -7.69
H1 LCG C 4 -3.61 -1.99 -1.85
H21 LCG C 4 -4.04 -4.48 -2.42
H22 LCG C 4 -3.80 -5.10 -4.10
P TLN C 5 -5.38 -0.71 -11.46
OP1 TLN C 5 -4.98 -0.54 -12.92
OP2 TLN C 5 -5.35 0.66 -10.77
O5' TLN C 5 -6.88 -1.33 -11.37
C5' TLN C 5 -7.16 -2.72 -11.60
C4' TLN C 5 -7.40 -3.45 -10.27
O4' TLN C 5 -6.26 -3.39 -9.38
C1' TLN C 5 -6.73 -3.73 -8.05
N1 TLN C 5 -6.55 -2.62 -7.05
C6 TLN C 5 -6.35 -1.23 -7.52
C5 TLN C 5 -6.29 -0.21 -6.64
C5M TLN C 5 -6.08 1.19 -7.15
C4 TLN C 5 -6.42 -0.54 -5.13
O4 TLN C 5 -6.37 0.33 -4.25
N3 TLN C 5 -6.60 -1.85 -4.78
C2 TLN C 5 -6.66 -2.88 -5.68
O2 TLN C 5 -6.83 -4.02 -5.24
C3' TLN C 5 -8.59 -3.01 -9.39
C2' TLN C 5 -8.21 -4.08 -8.37
O2' TLN C 5 -8.20 -5.31 -9.15
O3' TLN C 5 -9.89 -3.20 -9.96
C6' TLN C 5 -7.72 -4.94 -10.46
H5' TLN C 5 -6.36 -3.21 -12.17
H5'' TLN C 5 -8.07 -2.81 -12.25
H1' TLN C 5 -6.18 -4.63 -7.70
H6 TLN C 5 -6.27 -1.04 -8.60
H71 TLN C 5 -6.64 1.91 -6.55
H72 TLN C 5 -5.01 1.45 -7.11
H73 TLN C 5 -6.41 1.30 -8.20
H3 TLN C 5 -6.69 -2.07 -3.79
H3' TLN C 5 -8.50 -1.97 -9.02
H2' TLN C 5 -8.86 -4.14 -7.49
HO3' TLN C 5 -10.51 -3.03 -9.26
H6'1 TLN C 5 -8.50 -5.06 -11.22
H6'2 TLN C 5 -6.82 -5.51 -10.75
O5' TLN D 1 7.38 -2.42 -10.78
C5' TLN D 1 8.17 -2.60 -9.61
C4' TLN D 1 7.74 -3.83 -8.80
O4' TLN D 1 8.53 -3.95 -7.58
C1' TLN D 1 7.82 -4.83 -6.68
N1 TLN D 1 7.52 -4.25 -5.33
C6 TLN D 1 7.67 -2.81 -5.10
C5 TLN D 1 7.54 -2.29 -3.84
C5M TLN D 1 7.84 -0.84 -3.55
C4 TLN D 1 7.12 -3.26 -2.70
O4 TLN D 1 6.92 -2.88 -1.54
N3 TLN D 1 6.98 -4.58 -3.02
C2 TLN D 1 7.16 -5.09 -4.28
O2 TLN D 1 7.00 -6.31 -4.42
C3' TLN D 1 6.29 -3.84 -8.28
C2' TLN D 1 6.60 -5.15 -7.56
O2' TLN D 1 7.03 -6.04 -8.64
O3' TLN D 1 5.28 -3.94 -9.31
C6' TLN D 1 7.79 -5.20 -9.53
H5' TLN D 1 8.10 -1.69 -8.99
H5'' TLN D 1 9.23 -2.69 -9.91
H1' TLN D 1 8.43 -5.75 -6.55
H6 TLN D 1 7.89 -2.18 -5.95
H71 TLN D 1 8.86 -0.71 -3.17
H72 TLN D 1 7.73 -0.19 -4.44
H73 TLN D 1 7.15 -0.44 -2.79
H3 TLN D 1 6.70 -5.23 -2.28
H3' TLN D 1 6.05 -3.01 -7.57
H2' TLN D 1 5.75 -5.53 -6.99
H6'1 TLN D 1 7.33 -5.17 -10.53
H6'2 TLN D 1 8.83 -5.57 -9.65
HO5' TLN D 1 6.47 -2.33 -10.48
P LCG D 2 3.69 -3.88 -9.03
OP1 LCG D 2 2.93 -3.99 -10.36
O5' LCG D 2 3.25 -5.10 -8.05
C5' LCG D 2 3.35 -6.50 -8.39
C3' LCG D 2 1.77 -7.06 -6.42
C6' LCG D 2 3.18 -8.84 -7.14
N9 LCG D 2 3.38 -5.83 -4.11
C8 LCG D 2 3.61 -4.55 -4.60
C4 LCG D 2 3.17 -5.50 -2.77
N7 LCG D 2 3.60 -3.46 -3.79
C5 LCG D 2 3.30 -4.09 -2.62
C6 LCG D 2 3.17 -3.41 -1.24
C2' LCG D 2 2.25 -7.88 -5.23
O6 LCG D 2 3.29 -2.19 -1.10
C4' LCG D 2 3.14 -7.31 -7.09
C1' LCG D 2 3.55 -7.16 -4.80
C2 LCG D 2 2.74 -5.74 -0.41
N1 LCG D 2 2.89 -4.27 -0.21
O4' LCG D 2 4.13 -6.94 -6.11
OP2 LCG D 2 3.33 -2.55 -8.35
N2 LCG D 2 2.45 -6.60 0.66
N3 LCG D 2 2.88 -6.27 -1.59
O2' LCG D 2 2.61 -9.16 -5.83
O3' LCG D 2 0.66 -7.63 -7.15
H5' LCG D 2 4.34 -6.72 -8.81
H5'' LCG D 2 2.60 -6.76 -9.14
H3' LCG D 2 1.58 -6.00 -6.17
H6'1 LCG D 2 2.55 -9.25 -7.95
H6'2 LCG D 2 4.20 -9.24 -7.26
H8 LCG D 2 3.85 -4.41 -5.64
H2' LCG D 2 1.52 -7.98 -4.41
H1' LCG D 2 4.19 -7.81 -4.19
H1 LCG D 2 2.81 -3.79 0.71
H21 LCG D 2 2.34 -6.19 1.61
H22 LCG D 2 2.34 -7.61 0.50
P LCG D 3 -0.88 -7.34 -6.79
OP1 LCG D 3 -1.79 -8.07 -7.80
O5' LCG D 3 -1.21 -7.86 -5.30
C5' LCG D 3 -1.19 -9.25 -4.89
C3' LCG D 3 -2.59 -8.63 -2.88
C6' LCG D 3 -1.35 -10.65 -2.65
N9 LCG D 3 -0.78 -6.56 -1.51
C8 LCG D 3 -0.59 -5.68 -2.57
C4 LCG D 3 -0.79 -5.63 -0.46
N7 LCG D 3 -0.47 -4.33 -2.38
C5 LCG D 3 -0.60 -4.33 -1.03
C6 LCG D 3 -0.47 -3.09 -0.12
C2' LCG D 3 -2.07 -8.79 -1.46
O6 LCG D 3 -0.26 -1.96 -0.58
C4' LCG D 3 -1.30 -9.29 -3.36
C1' LCG D 3 -0.70 -8.05 -1.49
C2 LCG D 3 -0.86 -4.71 1.75
N1 LCG D 3 -0.60 -3.34 1.22
O4' LCG D 3 -0.22 -8.55 -2.76
OP2 LCG D 3 -1.16 -5.84 -6.87
N2 LCG D 3 -1.08 -4.92 3.13
N3 LCG D 3 -0.91 -5.73 0.97
O2' LCG D 3 -1.82 -10.22 -1.34
O3' LCG D 3 -3.79 -9.39 -3.17
H5' LCG D 3 -0.27 -9.74 -5.19
H5'' LCG D 3 -2.06 -9.78 -5.32
H3' LCG D 3 -2.68 -7.57 -3.22
H6'1 LCG D 3 -2.06 -11.35 -3.11
H6'2 LCG D 3 -0.37 -11.13 -2.58
H8 LCG D 3 -0.50 -6.07 -3.57
H2' LCG D 3 -2.78 -8.41 -0.73
H1' LCG D 3 -0.04 -8.39 -0.68
H1 LCG D 3 -0.54 -2.49 1.81
H21 LCG D 3 -1.06 -4.10 3.76
H22 LCG D 3 -1.27 -5.87 3.47
P LCG D 4 -5.29 -8.83 -2.93
OP1 LCG D 4 -6.30 -9.84 -3.45
O5' LCG D 4 -5.53 -8.60 -1.34
C5' LCG D 4 -5.50 -9.64 -0.35
C3' LCG D 4 -6.65 -8.02 1.29
C6' LCG D 4 -5.48 -9.82 2.32
N9 LCG D 4 -4.59 -5.73 1.37
C8 LCG D 4 -4.37 -5.47 0.02
C4 LCG D 4 -4.47 -4.43 1.87
N7 LCG D 4 -4.09 -4.21 -0.43
C5 LCG D 4 -4.15 -3.56 0.78
C6 LCG D 4 -3.88 -2.06 1.01
C2' LCG D 4 -5.97 -7.55 2.58
O6 LCG D 4 -3.58 -1.31 0.08
C4' LCG D 4 -5.47 -8.96 1.03
C1' LCG D 4 -4.59 -7.06 2.06
C2 LCG D 4 -4.39 -2.58 3.41
N1 LCG D 4 -4.00 -1.65 2.30
O4' LCG D 4 -4.28 -8.12 1.14
OP2 LCG D 4 -5.47 -7.50 -3.65
N2 LCG D 4 -4.58 -2.10 4.72
N3 LCG D 4 -4.57 -3.84 3.18
O2' LCG D 4 -5.76 -8.80 3.31
O3' LCG D 4 -7.92 -8.69 1.50
H5' LCG D 4 -4.62 -10.28 -0.49
H5'' LCG D 4 -6.39 -10.28 -0.46
H3' LCG D 4 -6.74 -7.21 0.53
H6'1 LCG D 4 -6.27 -10.59 2.31
H6'2 LCG D 4 -4.51 -10.32 2.50
H8 LCG D 4 -4.36 -6.27 -0.69
H2' LCG D 4 -6.53 -6.80 3.15
H1' LCG D 4 -3.85 -7.04 2.88
H1 LCG D 4 -3.83 -0.64 2.43
H21 LCG D 4 -4.41 -1.11 4.90
H22 LCG D 4 -4.85 -2.75 5.46
P TLN D 5 -9.31 -8.13 0.93
OP1 TLN D 5 -10.43 -9.12 1.24
OP2 TLN D 5 -9.21 -7.93 -0.59
O5' TLN D 5 -9.64 -6.71 1.63
C5' TLN D 5 -9.84 -6.57 3.05
C4' TLN D 5 -9.61 -5.10 3.44
O4' TLN D 5 -8.25 -4.67 3.16
C1' TLN D 5 -8.28 -3.22 3.12
N1 TLN D 5 -7.89 -2.66 1.78
C6 TLN D 5 -7.84 -3.55 0.61
C5 TLN D 5 -7.40 -3.09 -0.58
C5M TLN D 5 -7.34 -4.03 -1.75
C4 TLN D 5 -6.99 -1.59 -0.69
O4 TLN D 5 -6.55 -1.08 -1.72
N3 TLN D 5 -7.11 -0.83 0.45
C2 TLN D 5 -7.54 -1.32 1.66
O2 TLN D 5 -7.57 -0.55 2.61
C3' TLN D 5 -10.51 -4.05 2.78
C2' TLN D 5 -9.75 -2.97 3.56
O2' TLN D 5 -9.87 -3.37 4.95
O3' TLN D 5 -11.90 -4.12 3.12
C6' TLN D 5 -9.83 -4.82 4.93
H5' TLN D 5 -9.14 -7.22 3.61
H5'' TLN D 5 -10.85 -6.89 3.33
H1' TLN D 5 -7.59 -2.82 3.89
H6 TLN D 5 -8.17 -4.60 0.70
H71 TLN D 5 -6.57 -3.73 -2.47
H72 TLN D 5 -7.08 -5.06 -1.43
H73 TLN D 5 -8.32 -4.09 -2.26
H3 TLN D 5 -6.84 0.15 0.40
H3' TLN D 5 -10.39 -3.98 1.69
H2' TLN D 5 -10.12 -1.93 3.39
HO3' TLN D 5 -12.29 -3.32 2.78
H6'1 TLN D 5 -10.79 -5.26 5.24
H6'2 TLN D 5 -9.02 -5.24 5.54
O5' TLN A 1 7.02 -1.02 12.17
C5' TLN A 1 5.90 -0.48 11.46
C4' TLN A 1 6.33 0.76 10.65
O4' TLN A 1 7.35 0.42 9.68
C1' TLN A 1 7.36 1.50 8.69
N1 TLN A 1 7.16 1.05 7.28
C6 TLN A 1 6.68 -0.32 6.98
C5 TLN A 1 6.64 -0.78 5.71
C5M TLN A 1 6.30 -2.23 5.41
C4 TLN A 1 6.99 0.21 4.56
O4 TLN A 1 6.91 -0.10 3.37
N3 TLN A 1 7.39 1.46 4.92
C2 TLN A 1 7.49 1.89 6.22
O2 TLN A 1 7.87 3.05 6.39
C3' TLN A 1 5.21 1.39 9.81
C2' TLN A 1 6.25 2.38 9.28
O2' TLN A 1 6.77 3.02 10.48
O3' TLN A 1 4.15 2.01 10.58
C6' TLN A 1 6.82 1.98 11.48
H5' TLN A 1 5.10 -0.23 12.19
H5'' TLN A 1 5.49 -1.26 10.80
H1' TLN A 1 8.33 2.03 8.76
H6 TLN A 1 6.38 -0.93 7.83
H71 TLN A 1 5.75 -2.34 4.47
H72 TLN A 1 7.21 -2.84 5.34
H73 TLN A 1 5.66 -2.69 6.19
H3 TLN A 1 7.64 2.12 4.17
H3' TLN A 1 4.80 0.74 9.02
H2' TLN A 1 5.83 3.08 8.54
H6'1 TLN A 1 6.16 2.22 12.33
H6'2 TLN A 1 7.85 1.84 11.86
HO5' TLN A 1 7.68 -1.24 11.50
P LCG A 2 2.81 2.63 9.93
OP1 LCG A 2 1.89 3.12 11.05
O5' LCG A 2 3.18 3.87 8.97
C5' LCG A 2 3.80 5.10 9.39
C3' LCG A 2 3.21 6.21 7.12
C6' LCG A 2 5.04 7.18 8.29
N9 LCG A 2 4.60 4.23 5.23
C8 LCG A 2 4.11 3.01 5.67
C4 LCG A 2 4.57 3.98 3.86
N7 LCG A 2 3.78 2.00 4.81
C5 LCG A 2 4.09 2.65 3.65
C6 LCG A 2 3.99 2.05 2.24
C2' LCG A 2 4.31 6.64 6.16
O6 LCG A 2 3.59 0.89 2.04
C4' LCG A 2 4.31 5.84 8.14
C1' LCG A 2 5.18 5.36 6.02
C2 LCG A 2 4.84 4.28 1.49
N1 LCG A 2 4.37 2.89 1.22
O4' LCG A 2 5.25 4.99 7.41
OP2 LCG A 2 2.08 1.56 9.12
N2 LCG A 2 5.19 5.14 0.43
N3 LCG A 2 4.94 4.74 2.69
O2' LCG A 2 5.05 7.64 6.92
O3' LCG A 2 2.35 7.27 7.58
H5' LCG A 2 4.65 4.88 10.07
H5'' LCG A 2 3.09 5.71 9.94
H3' LCG A 2 2.62 5.35 6.76
H6'1 LCG A 2 4.49 7.87 8.95
H6'2 LCG A 2 6.07 7.06 8.70
H8 LCG A 2 4.03 2.82 6.74
H2' LCG A 2 3.95 7.02 5.18
H1' LCG A 2 6.19 5.61 5.65
H1 LCG A 2 4.32 2.45 0.29
H21 LCG A 2 5.14 4.78 -0.53
H22 LCG A 2 5.50 6.09 0.65
P LCG A 3 0.94 7.65 6.87
OP1 LCG A 3 0.26 8.77 7.66
O5' LCG A 3 1.20 8.14 5.36
C5' LCG A 3 1.94 9.33 5.00
C3' LCG A 3 1.01 9.24 2.64
C6' LCG A 3 3.08 10.40 2.86
N9 LCG A 3 1.88 6.45 1.75
C8 LCG A 3 1.37 5.66 2.77
C4 LCG A 3 1.66 5.58 0.69
N7 LCG A 3 0.88 4.41 2.54
C5 LCG A 3 1.08 4.37 1.19
C6 LCG A 3 0.85 3.16 0.26
C2' LCG A 3 1.91 9.00 1.45
O6 LCG A 3 0.41 2.08 0.69
C4' LCG A 3 2.27 9.26 3.51
C1' LCG A 3 2.67 7.71 1.84
C2 LCG A 3 1.74 4.65 -1.54
N1 LCG A 3 1.20 3.35 -1.05
O4' LCG A 3 2.98 8.03 3.21
OP2 LCG A 3 0.03 6.42 6.84
N2 LCG A 3 2.03 4.86 -2.90
N3 LCG A 3 1.96 5.63 -0.72
O2' LCG A 3 2.84 10.13 1.47
O3' LCG A 3 0.28 10.50 2.59
H5' LCG A 3 2.89 9.39 5.56
H5'' LCG A 3 1.34 10.24 5.20
H3' LCG A 3 0.33 8.40 2.91
H6'1 LCG A 3 2.69 11.40 3.15
H6'2 LCG A 3 4.16 10.36 3.12
H8 LCG A 3 1.39 6.04 3.78
H2' LCG A 3 1.34 8.94 0.53
H1' LCG A 3 3.60 7.61 1.25
H1 LCG A 3 1.05 2.52 -1.65
H21 LCG A 3 1.86 4.09 -3.56
H22 LCG A 3 2.39 5.77 -3.20
P LCG A 4 -1.17 10.68 1.90
OP1 LCG A 4 -1.65 12.12 2.08
O5' LCG A 4 -1.09 10.33 0.33
C5' LCG A 4 -0.30 11.04 -0.64
C3' LCG A 4 -1.50 9.93 -2.65
C6' LCG A 4 0.72 10.67 -3.06
N9 LCG A 4 -1.12 6.93 -2.03
C8 LCG A 4 -1.64 6.82 -0.74
C4 LCG A 4 -1.48 5.69 -2.53
N7 LCG A 4 -2.25 5.67 -0.32
C5 LCG A 4 -2.12 4.95 -1.48
C6 LCG A 4 -2.50 3.47 -1.68
C2' LCG A 4 -0.76 8.97 -3.57
O6 LCG A 4 -2.98 2.77 -0.77
C4' LCG A 4 -0.19 10.18 -1.91
C1' LCG A 4 -0.16 7.94 -2.58
C2 LCG A 4 -1.65 3.79 -4.01
N1 LCG A 4 -2.25 2.96 -2.93
O4' LCG A 4 0.29 8.86 -1.55
OP2 LCG A 4 -2.17 9.73 2.57
N2 LCG A 4 -1.51 3.28 -5.31
N3 LCG A 4 -1.28 5.01 -3.79
O2' LCG A 4 0.32 9.77 -4.12
O3' LCG A 4 -2.04 11.08 -3.34
H5' LCG A 4 0.71 11.25 -0.22
H5'' LCG A 4 -0.75 12.03 -0.86
H3' LCG A 4 -2.28 9.45 -2.02
H6'1 LCG A 4 0.53 11.72 -3.34
H6'2 LCG A 4 1.81 10.57 -2.83
H8 LCG A 4 -1.51 7.62 -0.04
H2' LCG A 4 -1.38 8.49 -4.35
H1' LCG A 4 0.70 7.43 -3.03
H1 LCG A 4 -2.53 1.97 -3.04
H21 LCG A 4 -1.85 2.33 -5.50
H22 LCG A 4 -1.10 3.87 -6.04
P TLN A 5 -3.53 11.12 -3.96
OP1 TLN A 5 -3.78 12.46 -4.66
OP2 TLN A 5 -4.56 10.94 -2.83
O5' TLN A 5 -3.72 9.91 -5.03
C5' TLN A 5 -3.06 9.86 -6.30
C4' TLN A 5 -3.32 8.49 -6.95
O4' TLN A 5 -2.84 7.40 -6.12
C1' TLN A 5 -3.55 6.20 -6.56
N1 TLN A 5 -4.38 5.60 -5.46
C6 TLN A 5 -4.69 6.40 -4.25
C5 TLN A 5 -5.37 5.85 -3.22
C5M TLN A 5 -5.65 6.71 -2.02
C4 TLN A 5 -5.79 4.36 -3.33
O4 TLN A 5 -6.39 3.77 -2.42
N3 TLN A 5 -5.48 3.71 -4.49
C2 TLN A 5 -4.80 4.28 -5.53
O2 TLN A 5 -4.57 3.56 -6.51
C3' TLN A 5 -4.78 8.13 -7.26
C2' TLN A 5 -4.31 6.77 -7.77
O2' TLN A 5 -3.33 7.10 -8.79
O3' TLN A 5 -5.42 8.94 -8.25
C6' TLN A 5 -2.66 8.30 -8.31
H5' TLN A 5 -1.97 10.02 -6.18
H5'' TLN A 5 -3.41 10.67 -6.97
H1' TLN A 5 -2.80 5.45 -6.90
H6 TLN A 5 -4.38 7.45 -4.19
H71 TLN A 5 -6.48 6.31 -1.41
H72 TLN A 5 -4.74 6.77 -1.38
H73 TLN A 5 -5.91 7.75 -2.31
H3 TLN A 5 -5.75 2.72 -4.57
H3' TLN A 5 -5.42 8.07 -6.36
H2' TLN A 5 -5.12 6.11 -8.16
HO3' TLN A 5 -6.26 8.49 -8.45
H6'1 TLN A 5 -2.88 9.17 -8.95
H6'2 TLN A 5 -1.58 8.16 -8.21
O5' TLN B 1 3.27 -12.58 1.45
C5' TLN B 1 4.45 -11.80 1.60
C4' TLN B 1 4.42 -10.96 2.89
O4' TLN B 1 5.63 -10.14 2.98
C1' TLN B 1 5.36 -9.09 3.95
N1 TLN B 1 5.55 -7.69 3.45
C6 TLN B 1 5.71 -7.44 1.99
C5 TLN B 1 6.01 -6.21 1.54
C5M TLN B 1 6.32 -5.95 0.07
C4 TLN B 1 6.12 -5.04 2.57
O4 TLN B 1 6.34 -3.87 2.25
N3 TLN B 1 5.93 -5.37 3.89
C2 TLN B 1 5.66 -6.63 4.34
O2 TLN B 1 5.52 -6.77 5.56
C3' TLN B 1 3.29 -9.94 3.02
C2' TLN B 1 3.91 -9.48 4.33
O2' TLN B 1 3.97 -10.68 5.15
O3' TLN B 1 1.97 -10.54 3.18
C6' TLN B 1 4.30 -11.74 4.22
H5' TLN B 1 4.56 -11.15 0.71
H5'' TLN B 1 5.33 -12.48 1.59
H1' TLN B 1 6.02 -9.25 4.82
H6 TLN B 1 5.55 -8.28 1.32
H71 TLN B 1 5.93 -4.97 -0.25
H72 TLN B 1 7.40 -5.96 -0.12
H73 TLN B 1 5.85 -6.71 -0.59
H3 TLN B 1 5.99 -4.62 4.58
H3' TLN B 1 3.27 -9.15 2.25
H2' TLN B 1 3.37 -8.65 4.79
H6'1 TLN B 1 3.49 -12.50 4.20
H6'2 TLN B 1 5.23 -12.25 4.50
HO5' TLN B 1 2.54 -11.96 1.43
P LCG B 2 0.59 -9.70 3.27
OP1 LCG B 2 -0.59 -10.67 3.38
O5' LCG B 2 0.62 -8.73 4.56
C5' LCG B 2 0.69 -9.18 5.93
C3' LCG B 2 -0.04 -6.84 6.71
C6' LCG B 2 1.13 -8.13 8.33
N9 LCG B 2 2.24 -5.18 5.44
C8 LCG B 2 2.22 -5.64 4.14
C4 LCG B 2 2.50 -3.83 5.19
N7 LCG B 2 2.44 -4.82 3.07
C5 LCG B 2 2.62 -3.66 3.77
C6 LCG B 2 2.94 -2.28 3.16
C2' LCG B 2 0.90 -5.95 7.54
O6 LCG B 2 3.05 -2.12 1.94
C4' LCG B 2 1.02 -7.96 6.82
C1' LCG B 2 2.21 -5.96 6.72
C2 LCG B 2 2.95 -1.50 5.55
N1 LCG B 2 3.10 -1.27 4.07
O4' LCG B 2 2.28 -7.38 6.41
OP2 LCG B 2 0.43 -8.84 2.01
N2 LCG B 2 3.12 -0.44 6.47
N3 LCG B 2 2.69 -2.66 6.02
O2' LCG B 2 1.09 -6.73 8.75
O3' LCG B 2 -1.29 -7.18 7.35
H5' LCG B 2 1.48 -9.96 6.04
H5'' LCG B 2 -0.26 -9.64 6.24
H3' LCG B 2 -0.20 -6.46 5.68
H6'1 LCG B 2 0.29 -8.70 8.76
H6'2 LCG B 2 2.08 -8.62 8.64
H8 LCG B 2 2.08 -6.70 3.93
H2' LCG B 2 0.52 -4.92 7.73
H1' LCG B 2 3.07 -5.67 7.35
H1 LCG B 2 3.30 -0.35 3.64
H21 LCG B 2 3.34 0.50 6.09
H22 LCG B 2 3.02 -0.63 7.47
P LCG B 3 -2.66 -6.33 7.17
OP1 LCG B 3 -3.80 -7.08 7.87
O5' LCG B 3 -2.49 -4.87 7.81
C5' LCG B 3 -2.28 -4.60 9.21
C3' LCG B 3 -2.90 -2.18 8.78
C6' LCG B 3 -1.59 -2.54 10.74
N9 LCG B 3 -0.75 -1.45 6.68
C8 LCG B 3 -0.97 -2.47 5.76
C4 LCG B 3 -0.41 -0.44 5.80
N7 LCG B 3 -0.84 -2.28 4.43
C5 LCG B 3 -0.47 -0.96 4.47
C6 LCG B 3 -0.09 -0.10 3.25
C2' LCG B 3 -1.88 -1.06 8.98
O6 LCG B 3 -0.10 -0.55 2.11
C4' LCG B 3 -1.84 -3.14 9.35
C1' LCG B 3 -0.64 -1.55 8.18
C2 LCG B 3 0.27 1.71 4.95
N1 LCG B 3 0.28 1.19 3.55
O4' LCG B 3 -0.63 -2.92 8.59
OP2 LCG B 3 -2.98 -6.20 5.68
N2 LCG B 3 0.57 3.06 5.21
N3 LCG B 3 -0.02 0.94 5.94
O2' LCG B 3 -1.57 -1.12 10.41
O3' LCG B 3 -4.09 -2.08 9.59
H5' LCG B 3 -1.50 -5.24 9.63
H5'' LCG B 3 -3.22 -4.74 9.78
H3' LCG B 3 -3.13 -2.39 7.71
H6'1 LCG B 3 -2.39 -2.76 11.47
H6'2 LCG B 3 -0.63 -2.86 11.19
H8 LCG B 3 -1.22 -3.46 6.11
H2' LCG B 3 -2.30 -0.10 8.67
H1' LCG B 3 0.28 -1.03 8.52
H1 LCG B 3 0.47 1.76 2.71
H21 LCG B 3 0.77 3.68 4.43
H22 LCG B 3 0.56 3.39 6.19
P LCG B 4 -5.51 -1.51 9.08
OP1 LCG B 4 -6.59 -1.85 10.12
O5' LCG B 4 -5.43 0.09 8.89
C5' LCG B 4 -5.23 1.04 9.96
C3' LCG B 4 -5.62 2.97 8.27
C6' LCG B 4 -4.40 3.55 10.23
N9 LCG B 4 -3.43 2.36 6.23
C8 LCG B 4 -3.68 1.03 5.93
C4 LCG B 4 -3.15 2.83 4.95
N7 LCG B 4 -3.59 0.56 4.66
C5 LCG B 4 -3.25 1.73 4.05
C6 LCG B 4 -2.97 1.90 2.54
C2' LCG B 4 -4.51 3.96 7.93
O6 LCG B 4 -3.05 0.96 1.75
C4' LCG B 4 -4.70 2.34 9.33
C1' LCG B 4 -3.33 3.02 7.57
C2 LCG B 4 -2.58 4.31 3.14
N1 LCG B 4 -2.64 3.18 2.17
O4' LCG B 4 -3.46 2.05 8.64
OP2 LCG B 4 -5.88 -2.16 7.75
N2 LCG B 4 -2.30 5.62 2.70
N3 LCG B 4 -2.80 4.11 4.39
O2' LCG B 4 -4.21 4.59 9.22
O3' LCG B 4 -6.82 3.60 8.79
H5' LCG B 4 -4.49 0.63 10.68
H5'' LCG B 4 -6.17 1.20 10.50
H3' LCG B 4 -5.87 2.28 7.44
H6'1 LCG B 4 -5.24 3.81 10.90
H6'2 LCG B 4 -3.48 3.42 10.84
H8 LCG B 4 -3.91 0.33 6.73
H2' LCG B 4 -4.75 4.68 7.15
H1' LCG B 4 -2.37 3.55 7.63
H1 LCG B 4 -2.54 3.30 1.14
H21 LCG B 4 -2.16 5.79 1.69
H22 LCG B 4 -2.26 6.38 3.39
P TLN B 5 -8.17 3.72 7.92
OP1 TLN B 5 -9.21 4.53 8.70
OP2 TLN B 5 -8.72 2.31 7.67
O5' TLN B 5 -7.87 4.42 6.50
C5' TLN B 5 -7.54 5.82 6.37
C4' TLN B 5 -7.21 6.11 4.89
O4' TLN B 5 -6.04 5.37 4.43
C1' TLN B 5 -6.12 5.32 2.97
N1 TLN B 5 -6.24 3.92 2.46
C6 TLN B 5 -6.62 2.83 3.38
C5 TLN B 5 -6.64 1.55 2.96
C5M TLN B 5 -6.95 0.47 3.96
C4 TLN B 5 -6.35 1.25 1.45
O4 TLN B 5 -6.38 0.13 0.97
N3 TLN B 5 -6.01 2.33 0.68
C2 TLN B 5 -5.93 3.62 1.13
O2 TLN B 5 -5.57 4.49 0.33
C3' TLN B 5 -8.30 5.80 3.85
C2' TLN B 5 -7.34 6.24 2.75
O2' TLN B 5 -6.95 7.60 3.14
O3' TLN B 5 -9.47 6.61 3.94
C6' TLN B 5 -6.91 7.57 4.59
H5' TLN B 5 -6.69 6.10 7.01
H5'' TLN B 5 -8.40 6.46 6.69
H1' TLN B 5 -5.20 5.79 2.56
H6 TLN B 5 -6.86 3.05 4.42
H71 TLN B 5 -6.44 -0.47 3.70
H72 TLN B 5 -6.61 0.75 4.98
H73 TLN B 5 -8.04 0.29 4.02
H3 TLN B 5 -5.78 2.15 -0.31
H3' TLN B 5 -8.58 4.74 3.80
H2' TLN B 5 -7.76 6.20 1.72
HO3' TLN B 5 -9.99 6.41 3.15
H6'1 TLN B 5 -7.68 8.21 5.04
H6'2 TLN B 5 -5.91 7.86 4.98
O5' TLN C 1 8.21 10.29 0.20
C5' TLN C 1 9.00 9.11 0.28
C4' TLN C 1 9.00 8.33 -1.05
O4' TLN C 1 9.78 7.11 -0.92
C1' TLN C 1 9.40 6.24 -2.02
N1 TLN C 1 8.92 4.88 -1.62
C6 TLN C 1 8.56 4.60 -0.22
C5 TLN C 1 8.27 3.33 0.18
C5M TLN C 1 8.04 3.00 1.64
C4 TLN C 1 8.24 2.22 -0.89
O4 TLN C 1 7.92 1.05 -0.63
N3 TLN C 1 8.55 2.58 -2.17
C2 TLN C 1 8.89 3.85 -2.56
O2 TLN C 1 9.15 4.02 -3.75
C3' TLN C 1 7.63 7.83 -1.55
C2' TLN C 1 8.36 7.14 -2.71
O2' TLN C 1 9.07 8.23 -3.37
O3' TLN C 1 6.74 8.89 -1.97
C6' TLN C 1 9.52 9.10 -2.29
H5' TLN C 1 8.62 8.47 1.10
H5'' TLN C 1 10.04 9.39 0.55
H1' TLN C 1 10.28 6.13 -2.69
H6 TLN C 1 8.55 5.44 0.47
H71 TLN C 1 7.78 3.88 2.25
H72 TLN C 1 7.21 2.27 1.77
H73 TLN C 1 8.93 2.54 2.10
H3 TLN C 1 8.52 1.84 -2.90
H3' TLN C 1 7.13 7.13 -0.87
H2' TLN C 1 7.69 6.59 -3.38
H6'1 TLN C 1 9.08 10.11 -2.41
H6'2 TLN C 1 10.62 9.20 -2.29
HO5' TLN C 1 7.31 10.00 -0.02
P LCG C 2 5.20 8.65 -2.45
OP1 LCG C 2 4.56 10.00 -2.78
O5' LCG C 2 5.17 7.69 -3.75
C5' LCG C 2 5.71 8.03 -5.04
C3' LCG C 2 4.37 6.08 -6.08
C6' LCG C 2 6.27 6.80 -7.33
N9 LCG C 2 5.53 3.77 -4.40
C8 LCG C 2 5.40 4.26 -3.11
C4 LCG C 2 5.15 2.45 -4.17
N7 LCG C 2 4.99 3.49 -2.08
C5 LCG C 2 4.83 2.33 -2.77
C6 LCG C 2 4.36 0.98 -2.18
C2' LCG C 2 5.08 4.89 -6.72
O6 LCG C 2 4.07 0.86 -0.99
C4' LCG C 2 5.75 6.75 -5.89
C1' LCG C 2 6.09 4.46 -5.62
C2 LCG C 2 4.61 0.13 -4.53
N1 LCG C 2 4.28 -0.05 -3.08
O4' LCG C 2 6.59 5.75 -5.24
OP2 LCG C 2 4.42 7.98 -1.32
N2 LCG C 2 4.50 -0.93 -5.44
N3 LCG C 2 5.02 1.28 -4.98
O2' LCG C 2 5.82 5.50 -7.82
O3' LCG C 2 3.51 6.84 -6.97
H5' LCG C 2 6.73 8.45 -4.93
H5'' LCG C 2 5.09 8.79 -5.52
H3' LCG C 2 3.84 5.83 -5.15
H6'1 LCG C 2 5.81 7.63 -7.91
H6'2 LCG C 2 7.37 6.91 -7.39
H8 LCG C 2 5.65 5.30 -2.90
H2' LCG C 2 4.41 4.07 -7.05
H1' LCG C 2 6.89 3.85 -6.05
H1 LCG C 2 3.96 -0.93 -2.66
H21 LCG C 2 4.19 -1.85 -5.09
H22 LCG C 2 4.74 -0.78 -6.43
P LCG C 3 1.93 6.55 -7.16
OP1 LCG C 3 1.32 7.62 -8.07
O5' LCG C 3 1.72 5.10 -7.82
C5' LCG C 3 2.16 4.71 -9.14
C3' LCG C 3 0.63 2.70 -9.03
C6' LCG C 3 2.43 2.49 -10.57
N9 LCG C 3 1.71 1.37 -6.50
C8 LCG C 3 1.78 2.42 -5.60
C4 LCG C 3 1.24 0.37 -5.64
N7 LCG C 3 1.43 2.27 -4.28
C5 LCG C 3 1.08 0.95 -4.34
C6 LCG C 3 0.67 0.09 -3.13
C2' LCG C 3 1.18 1.29 -9.02
O6 LCG C 3 0.55 0.57 -2.00
C4' LCG C 3 2.06 3.19 -9.25
C1' LCG C 3 2.24 1.32 -7.90
C2 LCG C 3 0.63 -1.80 -4.79
N1 LCG C 3 0.47 -1.23 -3.41
O4' LCG C 3 2.88 2.57 -8.23
OP2 LCG C 3 1.23 6.59 -5.80
N2 LCG C 3 0.43 -3.16 -5.05
N3 LCG C 3 0.98 -1.03 -5.78
O2' LCG C 3 1.86 1.17 -10.31
O3' LCG C 3 -0.27 3.01 -10.12
H5' LCG C 3 3.21 5.01 -9.32
H5'' LCG C 3 1.51 5.17 -9.90
H3' LCG C 3 0.21 3.04 -8.05
H6'1 LCG C 3 1.97 2.96 -11.46
H6'2 LCG C 3 3.53 2.43 -10.73
H8 LCG C 3 2.14 3.38 -5.92
H2' LCG C 3 0.39 0.56 -8.89
H1' LCG C 3 2.97 0.49 -7.99
H1 LCG C 3 0.20 -1.80 -2.58
H21 LCG C 3 0.15 -3.77 -4.26
H22 LCG C 3 0.54 -3.52 -6.00
P LCG C 4 -1.88 2.84 -10.06
OP1 LCG C 4 -2.50 3.41 -11.34
O5' LCG C 4 -2.29 1.28 -9.94
C5' LCG C 4 -1.89 0.25 -10.87
C3' LCG C 4 -3.48 -1.48 -9.74
C6' LCG C 4 -1.59 -2.41 -10.85
N9 LCG C 4 -2.53 -1.27 -6.82
C8 LCG C 4 -2.61 0.10 -6.57
C4 LCG C 4 -2.83 -1.73 -5.54
N7 LCG C 4 -2.88 0.61 -5.34
C5 LCG C 4 -2.98 -0.60 -4.67
C6 LCG C 4 -3.17 -0.79 -3.15
C2' LCG C 4 -2.92 -2.66 -8.95
O6 LCG C 4 -3.22 0.17 -2.38
C4' LCG C 4 -2.04 -1.10 -10.14
C1' LCG C 4 -1.93 -1.98 -7.99
C2 LCG C 4 -3.19 -3.24 -3.70
N1 LCG C 4 -3.27 -2.09 -2.75
O4' LCG C 4 -1.30 -1.06 -8.89
OP2 LCG C 4 -2.43 3.60 -8.85
N2 LCG C 4 -3.44 -4.55 -3.26
N3 LCG C 4 -2.96 -3.04 -4.95
O2' LCG C 4 -2.16 -3.40 -9.96
O3' LCG C 4 -4.34 -1.86 -10.83
H5' LCG C 4 -0.84 0.39 -11.18
H5'' LCG C 4 -2.51 0.29 -11.77
H3' LCG C 4 -3.97 -0.70 -9.11
H6'1 LCG C 4 -2.00 -2.51 -11.87
H6'2 LCG C 4 -0.49 -2.50 -10.90
H8 LCG C 4 -2.40 0.80 -7.37
H2' LCG C 4 -3.68 -3.28 -8.44
H1' LCG C 4 -1.19 -2.72 -7.62
H1 LCG C 4 -3.44 -2.19 -1.73
H21 LCG C 4 -3.67 -4.70 -2.27
H22 LCG C 4 -3.40 -5.31 -3.93
P TLN C 5 -5.95 -1.86 -10.73
OP1 TLN C 5 -6.55 -2.41 -12.03
OP2 TLN C 5 -6.44 -0.41 -10.53
O5' TLN C 5 -6.44 -2.76 -9.47
C5' TLN C 5 -6.34 -4.18 -9.42
C4' TLN C 5 -6.64 -4.64 -7.98
O4' TLN C 5 -5.69 -4.08 -7.03
C1' TLN C 5 -6.32 -4.14 -5.72
N1 TLN C 5 -6.50 -2.78 -5.12
C6 TLN C 5 -6.47 -1.58 -5.99
C5 TLN C 5 -6.58 -0.35 -5.46
C5M TLN C 5 -6.51 0.83 -6.41
C4 TLN C 5 -6.72 -0.21 -3.93
O4 TLN C 5 -6.80 0.89 -3.35
N3 TLN C 5 -6.76 -1.36 -3.20
C2 TLN C 5 -6.65 -2.62 -3.75
O2 TLN C 5 -6.66 -3.57 -2.97
C3' TLN C 5 -8.02 -4.30 -7.41
C2' TLN C 5 -7.61 -4.93 -6.08
O2' TLN C 5 -7.20 -6.29 -6.46
O3' TLN C 5 -9.13 -4.95 -8.03
C6' TLN C 5 -6.59 -6.16 -7.76
H5' TLN C 5 -5.34 -4.53 -9.71
H5'' TLN C 5 -7.05 -4.66 -10.13
H1' TLN C 5 -5.68 -4.76 -5.05
H6 TLN C 5 -6.35 -1.70 -7.08
H71 TLN C 5 -6.91 1.74 -5.95
H72 TLN C 5 -5.46 1.00 -6.71
H73 TLN C 5 -7.08 0.63 -7.34
H3 TLN C 5 -6.86 -1.30 -2.18
H3' TLN C 5 -8.22 -3.21 -7.35
H2' TLN C 5 -8.39 -4.93 -5.29
HO3' TLN C 5 -9.89 -4.76 -7.48
H6'1 TLN C 5 -7.18 -6.67 -8.54
H6'2 TLN C 5 -5.55 -6.52 -7.78
O5' TLN D 1 9.13 -2.16 -10.28
C5' TLN D 1 7.79 -2.13 -9.81
C4' TLN D 1 7.47 -3.42 -9.02
O4' TLN D 1 8.35 -3.55 -7.85
C1' TLN D 1 7.73 -4.50 -6.95
N1 TLN D 1 7.49 -4.00 -5.56
C6 TLN D 1 7.62 -2.55 -5.26
C5 TLN D 1 7.56 -2.10 -3.99
C5M TLN D 1 7.83 -0.65 -3.65
C4 TLN D 1 7.22 -3.13 -2.86
O4 TLN D 1 7.07 -2.80 -1.68
N3 TLN D 1 7.09 -4.43 -3.23
C2 TLN D 1 7.22 -4.88 -4.52
O2 TLN D 1 7.07 -6.10 -4.72
C3' TLN D 1 6.06 -3.49 -8.40
C2' TLN D 1 6.46 -4.82 -7.77
O2' TLN D 1 6.85 -5.65 -8.90
O3' TLN D 1 5.00 -3.59 -9.38
C6' TLN D 1 7.53 -4.75 -9.81
H5' TLN D 1 7.10 -2.03 -10.66
H5'' TLN D 1 7.64 -1.25 -9.17
H1' TLN D 1 8.36 -5.40 -6.89
H6 TLN D 1 7.77 -1.88 -6.10
H71 TLN D 1 7.69 0.02 -4.51
H72 TLN D 1 7.16 -0.28 -2.85
H73 TLN D 1 8.87 -0.52 -3.29
H3 TLN D 1 6.87 -5.12 -2.50
H3' TLN D 1 5.85 -2.70 -7.65
H2' TLN D 1 5.66 -5.24 -7.16
H6'1 TLN D 1 6.99 -4.69 -10.77
H6'2 TLN D 1 8.56 -5.08 -10.01
HO5' TLN D 1 9.68 -2.22 -9.50
P LCG D 2 3.42 -3.58 -9.01
OP1 LCG D 2 2.59 -3.65 -10.29
O5' LCG D 2 3.07 -4.85 -8.06
C5' LCG D 2 3.19 -6.23 -8.44
C3' LCG D 2 1.75 -6.90 -6.41
C6' LCG D 2 3.17 -8.61 -7.26
N9 LCG D 2 3.48 -5.68 -4.17
C8 LCG D 2 3.65 -4.38 -4.64
C4 LCG D 2 3.32 -5.40 -2.81
N7 LCG D 2 3.63 -3.30 -3.82
C5 LCG D 2 3.42 -3.97 -2.64
C6 LCG D 2 3.29 -3.32 -1.25
C2' LCG D 2 2.34 -7.74 -5.27
O6 LCG D 2 3.38 -2.11 -1.09
C4' LCG D 2 3.08 -7.08 -7.17
C1' LCG D 2 3.64 -6.98 -4.91
C2 LCG D 2 2.94 -5.67 -0.45
N1 LCG D 2 3.07 -4.20 -0.23
O4' LCG D 2 4.13 -6.72 -6.24
OP2 LCG D 2 3.07 -2.29 -8.27
N2 LCG D 2 2.64 -6.55 0.62
N3 LCG D 2 3.08 -6.19 -1.64
O2' LCG D 2 2.70 -8.99 -5.94
O3' LCG D 2 0.62 -7.50 -7.09
H5' LCG D 2 4.16 -6.40 -8.95
H5'' LCG D 2 2.40 -6.49 -9.16
H3' LCG D 2 1.53 -5.86 -6.11
H6'1 LCG D 2 2.51 -9.02 -8.05
H6'2 LCG D 2 4.19 -8.98 -7.46
H8 LCG D 2 3.86 -4.23 -5.69
H2' LCG D 2 1.67 -7.90 -4.41
H1' LCG D 2 4.35 -7.64 -4.38
H1 LCG D 2 2.98 -3.75 0.70
H21 LCG D 2 2.53 -6.15 1.55
H22 LCG D 2 2.56 -7.55 0.43
P LCG D 3 -0.92 -7.24 -6.69
OP1 LCG D 3 -1.83 -7.92 -7.70
O5' LCG D 3 -1.21 -7.84 -5.22
C5' LCG D 3 -1.13 -9.24 -4.86
C3' LCG D 3 -2.40 -8.72 -2.73
C6' LCG D 3 -1.09 -10.72 -2.65
N9 LCG D 3 -0.52 -6.62 -1.51
C8 LCG D 3 -0.31 -5.75 -2.56
C4 LCG D 3 -0.61 -5.70 -0.47
N7 LCG D 3 -0.23 -4.41 -2.38
C5 LCG D 3 -0.43 -4.39 -1.03
C6 LCG D 3 -0.38 -3.14 -0.13
C2' LCG D 3 -1.75 -8.90 -1.37
O6 LCG D 3 -0.21 -2.01 -0.59
C4' LCG D 3 -1.14 -9.33 -3.34
C1' LCG D 3 -0.41 -8.13 -1.50
C2 LCG D 3 -0.75 -4.77 1.75
N1 LCG D 3 -0.54 -3.39 1.21
O4' LCG D 3 -0.01 -8.60 -2.79
OP2 LCG D 3 -1.21 -5.74 -6.68
N2 LCG D 3 -0.97 -4.99 3.11
N3 LCG D 3 -0.76 -5.80 0.95
O2' LCG D 3 -1.46 -10.33 -1.30
O3' LCG D 3 -3.60 -9.51 -2.94
H5' LCG D 3 -0.21 -9.69 -5.25
H5'' LCG D 3 -2.01 -9.77 -5.26
H3' LCG D 3 -2.55 -7.67 -3.03
H6'1 LCG D 3 -1.82 -11.43 -3.08
H6'2 LCG D 3 -0.09 -11.18 -2.69
H8 LCG D 3 -0.16 -6.15 -3.56
H2' LCG D 3 -2.40 -8.55 -0.58
H1' LCG D 3 0.31 -8.44 -0.72
H1 LCG D 3 -0.48 -2.54 1.80
H21 LCG D 3 -0.96 -4.17 3.75
H22 LCG D 3 -1.11 -5.95 3.45
P LCG D 4 -5.10 -9.03 -2.57
OP1 LCG D 4 -6.11 -10.06 -3.09
O5' LCG D 4 -5.28 -8.87 -0.97
C5' LCG D 4 -5.08 -9.92 -0.01
C3' LCG D 4 -6.10 -8.39 1.85
C6' LCG D 4 -4.61 -10.08 2.63
N9 LCG D 4 -4.30 -5.94 1.50
C8 LCG D 4 -4.28 -5.68 0.13
C4 LCG D 4 -4.29 -4.65 1.98
N7 LCG D 4 -4.21 -4.40 -0.35
C5 LCG D 4 -4.19 -3.75 0.86
C6 LCG D 4 -3.99 -2.23 1.07
C2' LCG D 4 -5.23 -7.86 2.98
O6 LCG D 4 -3.81 -1.46 0.13
C4' LCG D 4 -4.90 -9.24 1.37
C1' LCG D 4 -4.03 -7.25 2.22
C2 LCG D 4 -4.20 -2.79 3.51
N1 LCG D 4 -3.97 -1.83 2.37
O4' LCG D 4 -3.79 -8.30 1.27
OP2 LCG D 4 -5.38 -7.68 -3.24
N2 LCG D 4 -4.34 -2.34 4.83
N3 LCG D 4 -4.30 -4.06 3.29
O2' LCG D 4 -4.77 -9.07 3.66
O3' LCG D 4 -7.23 -9.13 2.35
H5' LCG D 4 -4.19 -10.53 -0.26
H5'' LCG D 4 -5.95 -10.60 -0.01
H3' LCG D 4 -6.41 -7.62 1.12
H6'1 LCG D 4 -5.32 -10.91 2.77
H6'2 LCG D 4 -3.58 -10.50 2.64
H8 LCG D 4 -4.24 -6.49 -0.58
H2' LCG D 4 -5.74 -7.15 3.65
H1' LCG D 4 -3.16 -7.13 2.88
H1 LCG D 4 -3.78 -0.82 2.49
H21 LCG D 4 -4.21 -1.33 5.01
H22 LCG D 4 -4.50 -3.02 5.58
P TLN D 5 -8.57 -9.48 1.50
OP1 TLN D 5 -8.73 -11.00 1.42
OP2 TLN D 5 -8.47 -8.92 0.08
O5' TLN D 5 -9.86 -8.84 2.24
C5' TLN D 5 -10.04 -8.88 3.67
C4' TLN D 5 -9.78 -7.49 4.29
O4' TLN D 5 -8.44 -7.00 4.01
C1' TLN D 5 -8.47 -5.56 4.26
N1 TLN D 5 -8.15 -4.75 3.03
C6 TLN D 5 -8.25 -5.39 1.69
C5 TLN D 5 -8.02 -4.67 0.57
C5M TLN D 5 -8.09 -5.35 -0.76
C4 TLN D 5 -7.65 -3.17 0.72
O4 TLN D 5 -7.40 -2.44 -0.23
N3 TLN D 5 -7.60 -2.67 1.99
C2 TLN D 5 -7.83 -3.41 3.12
O2 TLN D 5 -7.75 -2.83 4.21
C3' TLN D 5 -10.71 -6.34 3.87
C2' TLN D 5 -9.92 -5.40 4.79
O2' TLN D 5 -9.98 -6.05 6.09
O3' TLN D 5 -12.09 -6.49 4.25
C6' TLN D 5 -9.95 -7.47 5.81
H5' TLN D 5 -9.38 -9.64 4.13
H5'' TLN D 5 -11.07 -9.21 3.91
H1' TLN D 5 -7.75 -5.31 5.05
H6 TLN D 5 -8.52 -6.44 1.62
H71 TLN D 5 -8.53 -4.68 -1.52
H72 TLN D 5 -7.10 -5.68 -1.08
H73 TLN D 5 -8.74 -6.25 -0.73
H3 TLN D 5 -7.35 -1.68 2.12
H3' TLN D 5 -10.65 -6.09 2.80
H2' TLN D 5 -10.29 -4.36 4.81
HO3' TLN D 5 -12.49 -5.64 4.07
H6'1 TLN D 5 -10.90 -7.95 6.08
H6'2 TLN D 5 -9.11 -7.98 6.31
O5' TLN A 1 7.00 -0.87 12.20
C5' TLN A 1 5.86 -0.39 11.49
C4' TLN A 1 6.23 0.86 10.66
O4' TLN A 1 7.27 0.55 9.68
C1' TLN A 1 7.25 1.60 8.68
N1 TLN A 1 7.06 1.13 7.27
C6 TLN A 1 6.62 -0.26 7.01
C5 TLN A 1 6.59 -0.75 5.74
C5M TLN A 1 6.28 -2.20 5.45
C4 TLN A 1 6.94 0.23 4.57
O4 TLN A 1 6.88 -0.10 3.38
N3 TLN A 1 7.31 1.50 4.91
C2 TLN A 1 7.38 1.96 6.20
O2 TLN A 1 7.73 3.14 6.36
C3' TLN A 1 5.10 1.44 9.80
C2' TLN A 1 6.09 2.45 9.25
O2' TLN A 1 6.59 3.14 10.44
O3' TLN A 1 4.01 2.01 10.57
C6' TLN A 1 6.68 2.11 11.46
H5' TLN A 1 5.05 -0.15 12.21
H5'' TLN A 1 5.47 -1.19 10.83
H1' TLN A 1 8.19 2.17 8.75
H6 TLN A 1 6.33 -0.87 7.86
H71 TLN A 1 7.21 -2.79 5.33
H72 TLN A 1 5.70 -2.68 6.27
H73 TLN A 1 5.70 -2.32 4.52
H3 TLN A 1 7.54 2.15 4.16
H3' TLN A 1 4.71 0.74 9.03
H2' TLN A 1 5.65 3.13 8.51
H6'1 TLN A 1 6.01 2.35 12.31
H6'2 TLN A 1 7.72 2.02 11.84
HO5' TLN A 1 7.66 -1.07 11.54
P LCG A 2 2.66 2.61 9.90
OP1 LCG A 2 1.72 3.09 11.01
O5' LCG A 2 3.02 3.84 8.91
C5' LCG A 2 3.61 5.08 9.34
C3' LCG A 2 2.94 6.14 7.07
C6' LCG A 2 4.72 7.22 8.21
N9 LCG A 2 4.41 4.23 5.17
C8 LCG A 2 3.99 2.98 5.63
C4 LCG A 2 4.41 3.95 3.81
N7 LCG A 2 3.72 1.95 4.80
C5 LCG A 2 3.99 2.59 3.62
C6 LCG A 2 3.91 1.98 2.21
C2' LCG A 2 3.98 6.63 6.08
O6 LCG A 2 3.56 0.81 2.04
C4' LCG A 2 4.07 5.83 8.07
C1' LCG A 2 4.93 5.40 5.96
C2 LCG A 2 4.70 4.22 1.44
N1 LCG A 2 4.27 2.81 1.19
O4' LCG A 2 5.04 5.04 7.34
OP2 LCG A 2 1.96 1.50 9.09
N2 LCG A 2 5.05 5.08 0.37
N3 LCG A 2 4.74 4.71 2.63
O2' LCG A 2 4.69 7.67 6.83
O3' LCG A 2 2.01 7.16 7.55
H5' LCG A 2 4.46 4.90 10.01
H5'' LCG A 2 2.87 5.68 9.90
H3' LCG A 2 2.38 5.24 6.72
H6'1 LCG A 2 4.15 7.89 8.87
H6'2 LCG A 2 5.76 7.17 8.59
H8 LCG A 2 3.92 2.81 6.70
H2' LCG A 2 3.59 6.97 5.12
H1' LCG A 2 5.91 5.71 5.55
H1 LCG A 2 4.23 2.37 0.26
H21 LCG A 2 5.02 4.70 -0.59
H22 LCG A 2 5.33 6.04 0.57
P LCG A 3 0.63 7.51 6.81
OP1 LCG A 3 -0.11 8.59 7.61
O5' LCG A 3 0.91 8.04 5.32
C5' LCG A 3 1.60 9.27 5.00
C3' LCG A 3 0.60 9.19 2.68
C6' LCG A 3 2.59 10.50 2.87
N9 LCG A 3 1.68 6.48 1.68
C8 LCG A 3 1.20 5.67 2.69
C4 LCG A 3 1.55 5.60 0.61
N7 LCG A 3 0.81 4.38 2.48
C5 LCG A 3 1.04 4.36 1.13
C6 LCG A 3 0.88 3.12 0.21
C2' LCG A 3 1.47 9.04 1.45
O6 LCG A 3 0.49 2.03 0.64
C4' LCG A 3 1.89 9.28 3.51
C1' LCG A 3 2.36 7.81 1.77
C2 LCG A 3 1.67 4.66 -1.60
N1 LCG A 3 1.21 3.33 -1.10
O4' LCG A 3 2.67 8.12 3.14
OP2 LCG A 3 -0.25 6.25 6.74
N2 LCG A 3 1.89 4.87 -2.98
N3 LCG A 3 1.84 5.66 -0.79
O2' LCG A 3 2.30 10.24 1.46
O3' LCG A 3 -0.21 10.38 2.73
H5' LCG A 3 2.55 9.36 5.54
H5'' LCG A 3 0.96 10.14 5.24
H3' LCG A 3 0.00 8.28 2.93
H6'1 LCG A 3 2.14 11.46 3.18
H6'2 LCG A 3 3.67 10.53 3.07
H8 LCG A 3 1.20 6.04 3.71
H2' LCG A 3 0.86 8.96 0.54
H1' LCG A 3 3.28 7.80 1.16
H1 LCG A 3 1.05 2.51 -1.70
H21 LCG A 3 1.74 4.10 -3.62
H22 LCG A 3 2.20 5.80 -3.29
P LCG A 4 -1.71 10.48 2.12
OP1 LCG A 4 -2.30 11.85 2.45
O5' LCG A 4 -1.67 10.27 0.52
C5' LCG A 4 -1.01 11.17 -0.40
C3' LCG A 4 -2.30 10.02 -2.33
C6' LCG A 4 -0.33 11.19 -2.98
N9 LCG A 4 -1.31 7.12 -2.03
C8 LCG A 4 -1.57 6.87 -0.69
C4 LCG A 4 -1.60 5.86 -2.56
N7 LCG A 4 -1.94 5.63 -0.26
C5 LCG A 4 -1.94 4.99 -1.46
C6 LCG A 4 -2.25 3.50 -1.70
C2' LCG A 4 -1.57 9.28 -3.44
O6 LCG A 4 -2.52 2.74 -0.77
C4' LCG A 4 -0.94 10.45 -1.76
C1' LCG A 4 -0.64 8.31 -2.64
C2 LCG A 4 -1.87 4.05 -4.12
N1 LCG A 4 -2.19 3.10 -3.01
O4' LCG A 4 -0.17 9.22 -1.63
OP2 LCG A 4 -2.58 9.39 2.74
N2 LCG A 4 -1.91 3.62 -5.46
N3 LCG A 4 -1.59 5.29 -3.88
O2' LCG A 4 -0.74 10.31 -4.05
O3' LCG A 4 -3.13 11.11 -2.80
H5' LCG A 4 0.00 11.42 -0.04
H5'' LCG A 4 -1.58 12.12 -0.48
H3' LCG A 4 -2.86 9.35 -1.64
H6'1 LCG A 4 -0.74 12.21 -3.12
H6'2 LCG A 4 0.77 11.27 -2.92
H8 LCG A 4 -1.42 7.65 0.04
H2' LCG A 4 -2.22 8.75 -4.15
H1' LCG A 4 0.20 7.97 -3.27
H1 LCG A 4 -2.43 2.10 -3.15
H21 LCG A 4 -2.13 2.62 -5.65
H22 LCG A 4 -1.70 4.28 -6.20
P TLN A 5 -4.74 11.08 -2.70
OP1 TLN A 5 -5.31 12.39 -3.27
OP2 TLN A 5 -5.17 10.93 -1.24
O5' TLN A 5 -5.31 9.83 -3.56
C5' TLN A 5 -5.16 9.73 -4.98
C4' TLN A 5 -5.43 8.28 -5.42
O4' TLN A 5 -4.50 7.34 -4.82
C1' TLN A 5 -5.12 6.02 -4.90
N1 TLN A 5 -5.35 5.41 -3.56
C6 TLN A 5 -5.27 6.25 -2.34
C5 TLN A 5 -5.39 5.70 -1.11
C5M TLN A 5 -5.25 6.59 0.10
C4 TLN A 5 -5.65 4.17 -1.02
O4 TLN A 5 -5.74 3.57 0.06
N3 TLN A 5 -5.74 3.47 -2.20
C2 TLN A 5 -5.59 4.05 -3.43
O2 TLN A 5 -5.66 3.30 -4.41
C3' TLN A 5 -6.82 7.71 -5.09
C2' TLN A 5 -6.40 6.38 -5.72
O2' TLN A 5 -5.96 6.76 -7.06
O3' TLN A 5 -7.91 8.33 -5.76
C6' TLN A 5 -5.35 8.06 -6.92
H5' TLN A 5 -4.13 10.01 -5.30
H5'' TLN A 5 -5.84 10.42 -5.50
H1' TLN A 5 -4.46 5.36 -5.50
H6 TLN A 5 -5.12 7.34 -2.44
H71 TLN A 5 -4.85 6.04 0.95
H72 TLN A 5 -4.56 7.44 -0.10
H73 TLN A 5 -6.24 7.02 0.37
H3 TLN A 5 -5.90 2.46 -2.15
H3' TLN A 5 -7.03 7.64 -4.01
H2' TLN A 5 -7.17 5.59 -5.73
HO3' TLN A 5 -8.68 7.77 -5.59
H6'1 TLN A 5 -5.93 8.83 -7.44
H6'2 TLN A 5 -4.30 8.07 -7.27
O5' TLN B 1 3.32 -12.65 1.56
C5' TLN B 1 4.48 -11.84 1.68
C4' TLN B 1 4.48 -11.01 2.97
O4' TLN B 1 5.67 -10.15 3.03
C1' TLN B 1 5.40 -9.11 4.02
N1 TLN B 1 5.52 -7.71 3.51
C6 TLN B 1 5.63 -7.45 2.07
C5 TLN B 1 5.89 -6.20 1.60
C5M TLN B 1 6.15 -5.94 0.14
C4 TLN B 1 5.98 -5.04 2.64
O4 TLN B 1 6.15 -3.86 2.31
N3 TLN B 1 5.85 -5.37 3.96
C2 TLN B 1 5.63 -6.65 4.41
O2 TLN B 1 5.54 -6.80 5.64
C3' TLN B 1 3.32 -10.02 3.15
C2' TLN B 1 3.98 -9.54 4.44
O2' TLN B 1 4.09 -10.75 5.25
O3' TLN B 1 2.03 -10.64 3.34
C6' TLN B 1 4.41 -11.80 4.31
H5' TLN B 1 4.55 -11.17 0.79
H5'' TLN B 1 5.38 -12.49 1.64
H1' TLN B 1 6.09 -9.26 4.86
H6 TLN B 1 5.48 -8.30 1.39
H71 TLN B 1 5.68 -6.70 -0.52
H72 TLN B 1 5.75 -4.95 -0.17
H73 TLN B 1 7.22 -5.93 -0.09
H3 TLN B 1 5.91 -4.62 4.65
H3' TLN B 1 3.26 -9.22 2.38
H2' TLN B 1 3.43 -8.73 4.93
H6'1 TLN B 1 3.62 -12.58 4.30
H6'2 TLN B 1 5.37 -12.29 4.55
HO5' TLN B 1 2.57 -12.04 1.58
P LCG B 2 0.63 -9.83 3.46
OP1 LCG B 2 -0.53 -10.81 3.61
O5' LCG B 2 0.67 -8.83 4.73
C5' LCG B 2 0.77 -9.26 6.11
C3' LCG B 2 0.05 -6.90 6.89
C6' LCG B 2 1.29 -8.17 8.48
N9 LCG B 2 2.23 -5.22 5.52
C8 LCG B 2 2.16 -5.69 4.21
C4 LCG B 2 2.47 -3.87 5.26
N7 LCG B 2 2.31 -4.87 3.14
C5 LCG B 2 2.50 -3.70 3.83
C6 LCG B 2 2.79 -2.33 3.20
C2' LCG B 2 1.00 -6.00 7.68
O6 LCG B 2 2.84 -2.18 1.97
C4' LCG B 2 1.11 -8.02 6.96
C1' LCG B 2 2.28 -6.02 6.81
C2 LCG B 2 2.90 -1.53 5.58
N1 LCG B 2 2.98 -1.31 4.10
O4' LCG B 2 2.34 -7.42 6.50
OP2 LCG B 2 0.42 -8.99 2.19
N2 LCG B 2 3.10 -0.47 6.48
N3 LCG B 2 2.68 -2.70 6.06
O2' LCG B 2 1.27 -6.78 8.89
O3' LCG B 2 -1.18 -7.23 7.58
H5' LCG B 2 1.57 -10.02 6.21
H5'' LCG B 2 -0.16 -9.72 6.45
H3' LCG B 2 -0.16 -6.54 5.87
H6'1 LCG B 2 0.47 -8.74 8.95
H6'2 LCG B 2 2.24 -8.66 8.75
H8 LCG B 2 2.02 -6.74 4.04
H2' LCG B 2 0.62 -4.99 7.88
H1' LCG B 2 3.16 -5.71 7.40
H1 LCG B 2 3.19 -0.39 3.65
H21 LCG B 2 3.28 0.47 6.09
H22 LCG B 2 3.04 -0.65 7.48
P LCG B 3 -2.55 -6.39 7.45
OP1 LCG B 3 -3.65 -7.08 8.24
O5' LCG B 3 -2.32 -4.89 8.02
C5' LCG B 3 -2.04 -4.57 9.39
C3' LCG B 3 -2.66 -2.16 8.95
C6' LCG B 3 -1.21 -2.50 10.81
N9 LCG B 3 -0.71 -1.44 6.69
C8 LCG B 3 -1.03 -2.44 5.78
C4 LCG B 3 -0.42 -0.42 5.79
N7 LCG B 3 -1.00 -2.24 4.44
C5 LCG B 3 -0.59 -0.93 4.46
C6 LCG B 3 -0.27 -0.07 3.23
C2' LCG B 3 -1.64 -1.04 9.06
O6 LCG B 3 -0.37 -0.51 2.08
C4' LCG B 3 -1.58 -3.12 9.46
C1' LCG B 3 -0.47 -1.54 8.18
C2 LCG B 3 0.23 1.72 4.90
N1 LCG B 3 0.13 1.21 3.50
O4' LCG B 3 -0.43 -2.91 8.59
OP2 LCG B 3 -2.95 -6.31 5.96
N2 LCG B 3 0.55 3.07 5.17
N3 LCG B 3 0.00 0.95 5.92
O2' LCG B 3 -1.22 -1.09 10.46
O3' LCG B 3 -3.80 -2.02 9.85
H5' LCG B 3 -1.23 -5.21 9.78
H5'' LCG B 3 -2.93 -4.70 10.01
H3' LCG B 3 -2.99 -2.39 7.91
H6'1 LCG B 3 -1.97 -2.71 11.59
H6'2 LCG B 3 -0.23 -2.83 11.19
H8 LCG B 3 -1.28 -3.43 6.16
H2' LCG B 3 -2.07 -0.09 8.78
H1' LCG B 3 0.47 -1.03 8.44
H1 LCG B 3 0.32 1.78 2.67
H21 LCG B 3 0.71 3.70 4.38
H22 LCG B 3 0.60 3.39 6.14
P LCG B 4 -5.15 -1.22 9.46
OP1 LCG B 4 -6.17 -1.37 10.59
O5' LCG B 4 -4.83 0.35 9.24
C5' LCG B 4 -4.36 1.24 10.26
C3' LCG B 4 -4.88 3.26 8.70
C6' LCG B 4 -3.26 3.67 10.40
N9 LCG B 4 -3.19 2.53 6.26
C8 LCG B 4 -3.60 1.24 5.97
C4 LCG B 4 -3.08 3.02 4.97
N7 LCG B 4 -3.73 0.79 4.68
C5 LCG B 4 -3.38 1.95 4.05
C6 LCG B 4 -3.23 2.15 2.53
C2' LCG B 4 -3.77 4.16 8.17
O6 LCG B 4 -3.43 1.25 1.72
C4' LCG B 4 -3.84 2.52 9.56
C1' LCG B 4 -2.77 3.14 7.58
C2 LCG B 4 -2.66 4.52 3.13
N1 LCG B 4 -2.87 3.42 2.14
O4' LCG B 4 -2.79 2.15 8.62
OP2 LCG B 4 -5.75 -1.79 8.17
N2 LCG B 4 -2.38 5.83 2.71
N3 LCG B 4 -2.73 4.29 4.40
O2' LCG B 4 -3.17 4.72 9.39
O3' LCG B 4 -5.88 4.01 9.42
H5' LCG B 4 -3.54 0.77 10.83
H5'' LCG B 4 -5.17 1.48 10.97
H3' LCG B 4 -5.34 2.63 7.92
H6'1 LCG B 4 -3.93 3.98 11.23
H6'2 LCG B 4 -2.27 3.44 10.82
H8 LCG B 4 -3.75 0.53 6.77
H2' LCG B 4 -4.09 4.93 7.46
H1' LCG B 4 -1.76 3.58 7.48
H1 LCG B 4 -2.76 3.52 1.11
H21 LCG B 4 -2.29 6.01 1.70
H22 LCG B 4 -2.26 6.57 3.41
P TLN B 5 -7.35 3.45 9.82
OP1 TLN B 5 -7.43 3.29 11.33
OP2 TLN B 5 -7.61 2.09 9.15
O5' TLN B 5 -8.48 4.51 9.32
C5' TLN B 5 -8.33 5.93 9.49
C4' TLN B 5 -7.95 6.60 8.16
O4' TLN B 5 -6.68 6.10 7.62
C1' TLN B 5 -6.64 6.48 6.20
N1 TLN B 5 -6.57 5.32 5.27
C6 TLN B 5 -6.97 3.97 5.75
C5 TLN B 5 -6.97 2.92 4.89
C5M TLN B 5 -7.40 1.57 5.40
C4 TLN B 5 -6.59 3.18 3.41
O4 TLN B 5 -6.58 2.28 2.56
N3 TLN B 5 -6.24 4.45 3.07
C2 TLN B 5 -6.21 5.50 3.94
O2 TLN B 5 -5.86 6.60 3.50
C3' TLN B 5 -8.93 6.50 6.98
C2' TLN B 5 -7.95 7.32 6.12
O2' TLN B 5 -7.75 8.53 6.89
O3' TLN B 5 -10.19 7.14 7.17
C6' TLN B 5 -7.78 8.12 8.28
H5' TLN B 5 -7.59 6.17 10.26
H5'' TLN B 5 -9.29 6.36 9.85
H1' TLN B 5 -5.76 7.13 6.05
H6 TLN B 5 -7.28 3.84 6.79
H71 TLN B 5 -8.46 1.38 5.14
H72 TLN B 5 -6.78 0.77 4.94
H73 TLN B 5 -7.30 1.47 6.49
H3 TLN B 5 -5.97 4.63 2.10
H3' TLN B 5 -9.09 5.47 6.62
H2' TLN B 5 -8.29 7.52 5.09
HO3' TLN B 5 -10.62 7.12 6.31
H6'1 TLN B 5 -8.66 8.53 8.80
H6'2 TLN B 5 -6.86 8.38 8.82
O5' TLN C 1 10.48 9.26 0.63
C5' TLN C 1 9.16 8.96 0.21
C4' TLN C 1 9.19 8.12 -1.09
O4' TLN C 1 9.90 6.85 -0.89
C1' TLN C 1 9.50 5.97 -1.97
N1 TLN C 1 8.91 4.66 -1.54
C6 TLN C 1 8.52 4.46 -0.12
C5 TLN C 1 8.14 3.23 0.32
C5M TLN C 1 7.87 2.96 1.78
C4 TLN C 1 8.01 2.08 -0.73
O4 TLN C 1 7.60 0.95 -0.44
N3 TLN C 1 8.37 2.37 -2.01
C2 TLN C 1 8.81 3.59 -2.43
O2 TLN C 1 9.11 3.72 -3.63
C3' TLN C 1 7.82 7.67 -1.61
C2' TLN C 1 8.53 6.90 -2.72
O2' TLN C 1 9.32 7.92 -3.39
O3' TLN C 1 6.98 8.77 -2.09
C6' TLN C 1 9.78 8.80 -2.34
H5' TLN C 1 8.60 9.89 0.06
H5'' TLN C 1 8.64 8.40 1.01
H1' TLN C 1 10.39 5.77 -2.61
H6 TLN C 1 8.56 5.32 0.53
H71 TLN C 1 8.76 2.52 2.27
H72 TLN C 1 7.61 3.88 2.35
H73 TLN C 1 7.04 2.25 1.92
H3 TLN C 1 8.31 1.62 -2.71
H3' TLN C 1 7.25 7.01 -0.92
H2' TLN C 1 7.84 6.37 -3.37
H6'1 TLN C 1 9.40 9.83 -2.49
H6'2 TLN C 1 10.89 8.86 -2.31
HO5' TLN C 1 10.92 8.42 0.76
P LCG C 2 5.46 8.58 -2.59
OP1 LCG C 2 4.89 9.95 -2.98
O5' LCG C 2 5.40 7.59 -3.88
C5' LCG C 2 6.03 7.86 -5.15
C3' LCG C 2 4.63 5.97 -6.22
C6' LCG C 2 6.64 6.53 -7.38
N9 LCG C 2 5.52 3.63 -4.44
C8 LCG C 2 5.33 4.16 -3.16
C4 LCG C 2 5.10 2.33 -4.19
N7 LCG C 2 4.85 3.41 -2.14
C5 LCG C 2 4.71 2.24 -2.81
C6 LCG C 2 4.23 0.90 -2.21
C2' LCG C 2 5.29 4.72 -6.79
O6 LCG C 2 3.90 0.81 -1.03
C4' LCG C 2 6.03 6.56 -5.96
C1' LCG C 2 6.21 4.26 -5.62
C2 LCG C 2 4.59 -0.01 -4.52
N1 LCG C 2 4.20 -0.15 -3.08
O4' LCG C 2 6.76 5.54 -5.24
OP2 LCG C 2 4.61 7.97 -1.47
N2 LCG C 2 4.54 -1.10 -5.41
N3 LCG C 2 5.00 1.13 -4.99
O2' LCG C 2 6.15 5.25 -7.85
O3' LCG C 2 3.86 6.74 -7.18
H5' LCG C 2 7.06 8.24 -5.01
H5'' LCG C 2 5.46 8.66 -5.69
H3' LCG C 2 4.04 5.78 -5.30
H6'1 LCG C 2 6.26 7.36 -8.00
H6'2 LCG C 2 7.73 6.58 -7.37
H8 LCG C 2 5.60 5.19 -2.96
H2' LCG C 2 4.60 3.94 -7.14
H1' LCG C 2 7.01 3.60 -5.98
H1 LCG C 2 3.88 -1.04 -2.65
H21 LCG C 2 4.23 -2.00 -5.04
H22 LCG C 2 4.82 -0.96 -6.38
P LCG C 3 2.28 6.54 -7.43
OP1 LCG C 3 1.78 7.57 -8.44
O5' LCG C 3 2.00 5.06 -8.00
C5' LCG C 3 2.48 4.57 -9.28
C3' LCG C 3 0.82 2.64 -9.15
C6' LCG C 3 2.71 2.26 -10.56
N9 LCG C 3 1.68 1.32 -6.50
C8 LCG C 3 1.58 2.42 -5.66
C4 LCG C 3 1.27 0.33 -5.62
N7 LCG C 3 1.18 2.30 -4.36
C5 LCG C 3 0.99 0.94 -4.35
C6 LCG C 3 0.61 0.09 -3.13
C2' LCG C 3 1.30 1.21 -9.05
O6 LCG C 3 0.42 0.59 -2.02
C4' LCG C 3 2.29 3.05 -9.31
C1' LCG C 3 2.30 1.23 -7.87
C2 LCG C 3 0.73 -1.84 -4.73
N1 LCG C 3 0.50 -1.26 -3.37
O4' LCG C 3 2.99 2.45 -8.18
OP2 LCG C 3 1.52 6.70 -6.11
N2 LCG C 3 0.52 -3.21 -4.96
N3 LCG C 3 1.11 -1.10 -5.72
O2' LCG C 3 2.05 0.99 -10.29
O3' LCG C 3 0.00 2.94 -10.31
H5' LCG C 3 3.54 4.79 -9.42
H5'' LCG C 3 1.89 5.01 -10.10
H3' LCG C 3 0.38 3.05 -8.21
H6'1 LCG C 3 2.33 2.71 -11.49
H6'2 LCG C 3 3.80 2.14 -10.65
H8 LCG C 3 1.86 3.39 -6.02
H2' LCG C 3 0.46 0.53 -8.93
H1' LCG C 3 2.99 0.36 -7.91
H1 LCG C 3 0.22 -1.81 -2.54
H21 LCG C 3 0.20 -3.80 -4.19
H22 LCG C 3 0.68 -3.59 -5.91
P LCG C 4 -1.62 2.77 -10.32
OP1 LCG C 4 -2.16 3.26 -11.66
O5' LCG C 4 -2.03 1.22 -10.10
C5' LCG C 4 -1.71 0.15 -11.01
C3' LCG C 4 -3.39 -1.38 -9.76
C6' LCG C 4 -1.70 -2.51 -11.00
N9 LCG C 4 -2.24 -1.26 -6.92
C8 LCG C 4 -2.15 0.11 -6.67
C4 LCG C 4 -2.68 -1.67 -5.68
N7 LCG C 4 -2.41 0.64 -5.45
C5 LCG C 4 -2.74 -0.53 -4.81
C6 LCG C 4 -3.08 -0.68 -3.31
C2' LCG C 4 -2.91 -2.62 -9.00
O6 LCG C 4 -3.09 0.28 -2.54
C4' LCG C 4 -1.96 -1.18 -10.27
C1' LCG C 4 -1.78 -2.06 -8.11
C2 LCG C 4 -3.38 -3.11 -3.87
N1 LCG C 4 -3.37 -1.96 -2.92
O4' LCG C 4 -1.13 -1.21 -9.07
OP2 LCG C 4 -2.22 3.61 -9.20
N2 LCG C 4 -3.79 -4.40 -3.47
N3 LCG C 4 -3.04 -2.94 -5.11
O2' LCG C 4 -2.30 -3.44 -10.05
O3' LCG C 4 -4.39 -1.71 -10.74
H5' LCG C 4 -0.66 0.22 -11.34
H5'' LCG C 4 -2.34 0.23 -11.92
H3' LCG C 4 -3.75 -0.58 -9.08
H6'1 LCG C 4 -2.20 -2.57 -11.98
H6'2 LCG C 4 -0.63 -2.72 -11.13
H8 LCG C 4 -1.80 0.77 -7.46
H2' LCG C 4 -3.70 -3.16 -8.44
H1' LCG C 4 -1.10 -2.86 -7.78
H1 LCG C 4 -3.58 -2.04 -1.90
H21 LCG C 4 -4.05 -4.54 -2.48
H22 LCG C 4 -3.80 -5.16 -4.16
P TLN C 5 -5.36 -0.63 -11.47
OP1 TLN C 5 -4.97 -0.53 -12.95
OP2 TLN C 5 -5.20 0.76 -10.83
O5' TLN C 5 -6.90 -1.10 -11.35
C5' TLN C 5 -7.30 -2.48 -11.54
C4' TLN C 5 -7.57 -3.17 -10.20
O4' TLN C 5 -6.40 -3.19 -9.33
C1' TLN C 5 -6.88 -3.48 -7.98
N1 TLN C 5 -6.59 -2.39 -6.99
C6 TLN C 5 -6.28 -1.03 -7.49
C5 TLN C 5 -6.08 -0.02 -6.60
C5M TLN C 5 -5.78 1.36 -7.11
C4 TLN C 5 -6.22 -0.33 -5.08
O4 TLN C 5 -6.08 0.53 -4.21
N3 TLN C 5 -6.52 -1.62 -4.74
C2 TLN C 5 -6.69 -2.63 -5.63
O2 TLN C 5 -6.95 -3.75 -5.17
C3' TLN C 5 -8.70 -2.63 -9.31
C2' TLN C 5 -8.39 -3.71 -8.28
O2' TLN C 5 -8.50 -4.95 -9.04
O3' TLN C 5 -10.02 -2.71 -9.86
C6' TLN C 5 -8.01 -4.63 -10.36
H5' TLN C 5 -6.55 -3.04 -12.12
H5'' TLN C 5 -8.21 -2.50 -12.17
H1' TLN C 5 -6.41 -4.42 -7.64
H6 TLN C 5 -6.23 -0.84 -8.56
H71 TLN C 5 -6.70 1.98 -7.12
H72 TLN C 5 -5.02 1.85 -6.50
H73 TLN C 5 -5.39 1.35 -8.16
H3 TLN C 5 -6.60 -1.83 -3.74
H3' TLN C 5 -8.51 -1.60 -8.95
H2' TLN C 5 -9.04 -3.71 -7.39
HO3' TLN C 5 -10.61 -2.48 -9.14
H6'1 TLN C 5 -8.81 -4.69 -11.11
H6'2 TLN C 5 -7.16 -5.27 -10.66
O5' TLN D 1 9.52 -2.63 -9.96
C5' TLN D 1 8.16 -2.57 -9.58
C4' TLN D 1 7.77 -3.81 -8.75
O4' TLN D 1 8.58 -3.91 -7.52
C1' TLN D 1 7.87 -4.80 -6.63
N1 TLN D 1 7.56 -4.22 -5.28
C6 TLN D 1 7.67 -2.77 -5.05
C5 TLN D 1 7.53 -2.25 -3.80
C5M TLN D 1 7.79 -0.79 -3.52
C4 TLN D 1 7.15 -3.22 -2.65
O4 TLN D 1 6.95 -2.84 -1.49
N3 TLN D 1 7.04 -4.55 -2.97
C2 TLN D 1 7.23 -5.06 -4.21
O2 TLN D 1 7.08 -6.28 -4.35
C3' TLN D 1 6.33 -3.82 -8.22
C2' TLN D 1 6.64 -5.14 -7.51
O2' TLN D 1 7.09 -6.02 -8.58
O3' TLN D 1 5.33 -3.94 -9.27
C6' TLN D 1 7.85 -5.18 -9.48
H5' TLN D 1 7.53 -2.48 -10.48
H5'' TLN D 1 7.99 -1.65 -8.98
H1' TLN D 1 8.48 -5.71 -6.49
H6 TLN D 1 7.87 -2.14 -5.92
H71 TLN D 1 8.82 -0.63 -3.13
H72 TLN D 1 7.68 -0.15 -4.41
H73 TLN D 1 7.09 -0.40 -2.76
H3 TLN D 1 6.78 -5.19 -2.21
H3' TLN D 1 6.08 -3.00 -7.52
H2' TLN D 1 5.80 -5.52 -6.93
H6'1 TLN D 1 7.37 -5.15 -10.48
H6'2 TLN D 1 8.88 -5.54 -9.59
HO5' TLN D 1 10.03 -2.68 -9.14
P LCG D 2 3.73 -3.89 -8.99
OP1 LCG D 2 2.98 -4.00 -10.31
O5' LCG D 2 3.30 -5.11 -8.01
C5' LCG D 2 3.41 -6.50 -8.34
C3' LCG D 2 1.82 -7.07 -6.39
C6' LCG D 2 3.23 -8.85 -7.10
N9 LCG D 2 3.43 -5.83 -4.07
C8 LCG D 2 3.69 -4.56 -4.56
C4 LCG D 2 3.20 -5.52 -2.74
N7 LCG D 2 3.67 -3.46 -3.76
C5 LCG D 2 3.35 -4.10 -2.59
C6 LCG D 2 3.18 -3.42 -1.21
C2' LCG D 2 2.30 -7.89 -5.19
O6 LCG D 2 3.31 -2.20 -1.06
C4' LCG D 2 3.18 -7.31 -7.05
C1' LCG D 2 3.60 -7.16 -4.77
C2 LCG D 2 2.75 -5.75 -0.38
N1 LCG D 2 2.90 -4.27 -0.17
O4' LCG D 2 4.19 -6.95 -6.07
OP2 LCG D 2 3.37 -2.56 -8.31
N2 LCG D 2 2.44 -6.60 0.68
N3 LCG D 2 2.90 -6.28 -1.56
O2' LCG D 2 2.66 -9.17 -5.80
O3' LCG D 2 0.72 -7.64 -7.12
H5' LCG D 2 4.40 -6.72 -8.78
H5'' LCG D 2 2.66 -6.77 -9.10
H3' LCG D 2 1.62 -6.00 -6.13
H6'1 LCG D 2 2.61 -9.26 -7.92
H6'2 LCG D 2 4.25 -9.25 -7.21
H8 LCG D 2 3.96 -4.42 -5.60
H2' LCG D 2 1.57 -8.00 -4.37
H1' LCG D 2 4.23 -7.83 -4.16
H1 LCG D 2 2.80 -3.80 0.74
H21 LCG D 2 2.34 -6.20 1.62
H22 LCG D 2 2.35 -7.61 0.51
P LCG D 3 -0.84 -7.36 -6.78
OP1 LCG D 3 -1.73 -8.08 -7.79
O5' LCG D 3 -1.17 -7.88 -5.30
C5' LCG D 3 -1.16 -9.27 -4.88
C3' LCG D 3 -2.57 -8.66 -2.88
C6' LCG D 3 -1.32 -10.67 -2.65
N9 LCG D 3 -0.77 -6.58 -1.50
C8 LCG D 3 -0.58 -5.71 -2.55
C4 LCG D 3 -0.78 -5.66 -0.46
N7 LCG D 3 -0.46 -4.37 -2.37
C5 LCG D 3 -0.58 -4.35 -1.01
C6 LCG D 3 -0.45 -3.11 -0.10
C2' LCG D 3 -2.05 -8.82 -1.46
O6 LCG D 3 -0.24 -1.99 -0.55
C4' LCG D 3 -1.27 -9.31 -3.36
C1' LCG D 3 -0.69 -8.08 -1.48
C2 LCG D 3 -0.86 -4.75 1.77
N1 LCG D 3 -0.59 -3.38 1.24
O4' LCG D 3 -0.19 -8.57 -2.75
OP2 LCG D 3 -1.11 -5.85 -6.84
N2 LCG D 3 -1.09 -4.96 3.14
N3 LCG D 3 -0.91 -5.77 0.97
O2' LCG D 3 -1.80 -10.25 -1.34
O3' LCG D 3 -3.76 -9.43 -3.19
H5' LCG D 3 -0.21 -9.76 -5.18
H5'' LCG D 3 -2.01 -9.81 -5.33
H3' LCG D 3 -2.66 -7.61 -3.22
H6'1 LCG D 3 -2.02 -11.39 -3.11
H6'2 LCG D 3 -0.33 -11.16 -2.57
H8 LCG D 3 -0.48 -6.10 -3.56
H2' LCG D 3 -2.77 -8.45 -0.74
H1' LCG D 3 -0.02 -8.42 -0.67
H1 LCG D 3 -0.53 -2.52 1.83
H21 LCG D 3 -1.07 -4.15 3.77
H22 LCG D 3 -1.28 -5.91 3.47
P LCG D 4 -5.26 -8.87 -2.98
OP1 LCG D 4 -6.26 -9.89 -3.52
O5' LCG D 4 -5.54 -8.61 -1.41
C5' LCG D 4 -5.56 -9.65 -0.41
C3' LCG D 4 -6.70 -7.98 1.20
C6' LCG D 4 -5.59 -9.81 2.25
N9 LCG D 4 -4.58 -5.74 1.30
C8 LCG D 4 -4.37 -5.48 -0.03
C4 LCG D 4 -4.45 -4.45 1.81
N7 LCG D 4 -4.07 -4.23 -0.48
C5 LCG D 4 -4.12 -3.59 0.72
C6 LCG D 4 -3.84 -2.08 0.94
C2' LCG D 4 -6.02 -7.53 2.49
O6 LCG D 4 -3.53 -1.33 0.02
C4' LCG D 4 -5.53 -8.96 0.96
C1' LCG D 4 -4.63 -7.07 2.00
C2 LCG D 4 -4.34 -2.59 3.35
N1 LCG D 4 -3.96 -1.67 2.25
O4' LCG D 4 -4.33 -8.14 1.09
OP2 LCG D 4 -5.43 -7.55 -3.74
N2 LCG D 4 -4.53 -2.12 4.65
N3 LCG D 4 -4.54 -3.86 3.12
O2' LCG D 4 -5.86 -8.78 3.24
O3' LCG D 4 -7.98 -8.61 1.38
H5' LCG D 4 -4.67 -10.31 -0.53
H5'' LCG D 4 -6.46 -10.28 -0.53
H3' LCG D 4 -6.76 -7.18 0.43
H6'1 LCG D 4 -6.40 -10.56 2.23
H6'2 LCG D 4 -4.64 -10.34 2.46
H8 LCG D 4 -4.36 -6.29 -0.75
H2' LCG D 4 -6.57 -6.76 3.05
H1' LCG D 4 -3.91 -7.06 2.83
H1 LCG D 4 -3.80 -0.66 2.38
H21 LCG D 4 -4.36 -1.12 4.84
H22 LCG D 4 -4.81 -2.77 5.40
P TLN D 5 -9.36 -7.95 0.88
OP1 TLN D 5 -10.53 -8.89 1.21
OP2 TLN D 5 -9.30 -7.72 -0.63
O5' TLN D 5 -9.58 -6.53 1.63
C5' TLN D 5 -9.76 -6.41 3.04
C4' TLN D 5 -9.53 -4.95 3.47
O4' TLN D 5 -8.17 -4.51 3.18
C1' TLN D 5 -8.21 -3.06 3.16
N1 TLN D 5 -7.81 -2.48 1.83
C6 TLN D 5 -7.79 -3.35 0.64
C5 TLN D 5 -7.35 -2.88 -0.54
C5M TLN D 5 -7.30 -3.80 -1.73
C4 TLN D 5 -6.93 -1.38 -0.63
O4 TLN D 5 -6.50 -0.85 -1.66
N3 TLN D 5 -7.03 -0.64 0.52
C2 TLN D 5 -7.44 -1.15 1.73
O2 TLN D 5 -7.46 -0.38 2.69
C3' TLN D 5 -10.42 -3.88 2.83
C2' TLN D 5 -9.67 -2.82 3.61
O2' TLN D 5 -9.78 -3.24 5.00
O3' TLN D 5 -11.82 -3.97 3.17
C6' TLN D 5 -9.74 -4.69 4.96
H5' TLN D 5 -9.06 -7.08 3.59
H5'' TLN D 5 -10.77 -6.74 3.33
H1' TLN D 5 -7.50 -2.68 3.94
H6 TLN D 5 -8.12 -4.40 0.71
H71 TLN D 5 -6.50 -3.51 -2.43
H72 TLN D 5 -7.08 -4.85 -1.41
H73 TLN D 5 -8.26 -3.82 -2.26
H3 TLN D 5 -6.74 0.34 0.48
H3' TLN D 5 -10.32 -3.81 1.73
H2' TLN D 5 -10.04 -1.78 3.46
HO3' TLN D 5 -12.22 -3.16 2.84
H6'1 TLN D 5 -10.70 -5.14 5.26
H6'2 TLN D 5 -8.91 -5.11 5.56
O5' TLN A 1 7.00 -1.03 12.17
C5' TLN A 1 5.89 -0.48 11.47
C4' TLN A 1 6.31 0.76 10.66
O4' TLN A 1 7.34 0.42 9.67
C1' TLN A 1 7.36 1.49 8.69
N1 TLN A 1 7.15 1.05 7.27
C6 TLN A 1 6.68 -0.32 6.98
C5 TLN A 1 6.63 -0.78 5.71
C5M TLN A 1 6.29 -2.23 5.41
C4 TLN A 1 6.99 0.21 4.56
O4 TLN A 1 6.90 -0.10 3.37
N3 TLN A 1 7.39 1.46 4.92
C2 TLN A 1 7.48 1.89 6.22
O2 TLN A 1 7.87 3.05 6.39
C3' TLN A 1 5.20 1.39 9.81
C2' TLN A 1 6.24 2.38 9.28
O2' TLN A 1 6.76 3.02 10.48
O3' TLN A 1 4.15 2.01 10.58
C6' TLN A 1 6.82 1.97 11.48
H5' TLN A 1 5.09 -0.23 12.19
H5'' TLN A 1 5.48 -1.26 10.80
H1' TLN A 1 8.33 2.02 8.76
H6 TLN A 1 6.37 -0.94 7.83
H71 TLN A 1 5.66 -2.69 6.19
H72 TLN A 1 5.74 -2.33 4.46
H73 TLN A 1 7.21 -2.84 5.33
H3 TLN A 1 7.63 2.13 4.18
H3' TLN A 1 4.79 0.73 9.01
H2' TLN A 1 5.83 3.07 8.55
H6'1 TLN A 1 6.15 2.21 12.33
H6'2 TLN A 1 7.84 1.82 11.86
HO5' TLN A 1 7.65 -1.25 11.50
P LCG A 2 2.80 2.64 9.94
OP1 LCG A 2 1.88 3.13 11.05
O5' LCG A 2 3.18 3.87 8.96
C5' LCG A 2 3.81 5.10 9.39
C3' LCG A 2 3.22 6.21 7.12
C6' LCG A 2 5.05 7.18 8.30
N9 LCG A 2 4.60 4.23 5.23
C8 LCG A 2 4.10 3.01 5.67
C4 LCG A 2 4.57 3.98 3.86
N7 LCG A 2 3.77 2.01 4.82
C5 LCG A 2 4.08 2.65 3.65
C6 LCG A 2 3.99 2.05 2.24
C2' LCG A 2 4.31 6.64 6.15
O6 LCG A 2 3.58 0.90 2.05
C4' LCG A 2 4.32 5.84 8.14
C1' LCG A 2 5.18 5.36 6.02
C2 LCG A 2 4.84 4.27 1.49
N1 LCG A 2 4.37 2.89 1.22
O4' LCG A 2 5.25 4.99 7.41
OP2 LCG A 2 2.08 1.56 9.12
N2 LCG A 2 5.20 5.14 0.44
N3 LCG A 2 4.94 4.74 2.69
O2' LCG A 2 5.06 7.63 6.92
O3' LCG A 2 2.35 7.28 7.58
H5' LCG A 2 4.65 4.88 10.07
H5'' LCG A 2 3.09 5.72 9.95
H3' LCG A 2 2.62 5.35 6.76
H6'1 LCG A 2 4.50 7.88 8.95
H6'2 LCG A 2 6.07 7.06 8.70
H8 LCG A 2 4.02 2.82 6.74
H2' LCG A 2 3.95 7.02 5.18
H1' LCG A 2 6.19 5.61 5.65
H1 LCG A 2 4.32 2.45 0.29
H21 LCG A 2 5.14 4.78 -0.53
H22 LCG A 2 5.50 6.09 0.63
P LCG A 3 0.95 7.67 6.87
OP1 LCG A 3 0.27 8.78 7.66
O5' LCG A 3 1.22 8.16 5.36
C5' LCG A 3 1.95 9.33 5.00
C3' LCG A 3 1.02 9.25 2.65
C6' LCG A 3 3.10 10.40 2.87
N9 LCG A 3 1.88 6.45 1.75
C8 LCG A 3 1.36 5.66 2.76
C4 LCG A 3 1.66 5.59 0.68
N7 LCG A 3 0.88 4.41 2.54
C5 LCG A 3 1.08 4.37 1.18
C6 LCG A 3 0.85 3.16 0.26
C2' LCG A 3 1.92 9.00 1.45
O6 LCG A 3 0.41 2.09 0.68
C4' LCG A 3 2.28 9.26 3.52
C1' LCG A 3 2.67 7.72 1.83
C2 LCG A 3 1.74 4.65 -1.54
N1 LCG A 3 1.20 3.35 -1.05
O4' LCG A 3 2.98 8.03 3.21
OP2 LCG A 3 0.03 6.43 6.85
N2 LCG A 3 2.03 4.86 -2.90
N3 LCG A 3 1.96 5.63 -0.72
O2' LCG A 3 2.85 10.12 1.46
O3' LCG A 3 0.30 10.51 2.59
H5' LCG A 3 2.91 9.40 5.56
H5'' LCG A 3 1.35 10.24 5.19
H3' LCG A 3 0.34 8.40 2.90
H6'1 LCG A 3 2.71 11.40 3.14
H6'2 LCG A 3 4.17 10.35 3.12
H8 LCG A 3 1.39 6.04 3.78
H2' LCG A 3 1.35 8.94 0.53
H1' LCG A 3 3.61 7.61 1.25
H1 LCG A 3 1.04 2.52 -1.65
H21 LCG A 3 1.86 4.09 -3.56
H22 LCG A 3 2.39 5.77 -3.20
P LCG A 4 -1.16 10.69 1.90
OP1 LCG A 4 -1.62 12.13 2.07
O5' LCG A 4 -1.08 10.33 0.32
C5' LCG A 4 -0.29 11.05 -0.64
C3' LCG A 4 -1.50 9.94 -2.65
C6' LCG A 4 0.74 10.67 -3.07
N9 LCG A 4 -1.12 6.94 -2.02
C8 LCG A 4 -1.64 6.82 -0.74
C4 LCG A 4 -1.48 5.69 -2.53
N7 LCG A 4 -2.25 5.67 -0.32
C5 LCG A 4 -2.12 4.95 -1.48
C6 LCG A 4 -2.50 3.47 -1.68
C2' LCG A 4 -0.76 8.97 -3.57
O6 LCG A 4 -2.98 2.78 -0.77
C4' LCG A 4 -0.17 10.18 -1.92
C1' LCG A 4 -0.15 7.95 -2.58
C2 LCG A 4 -1.66 3.80 -4.00
N1 LCG A 4 -2.26 2.97 -2.92
O4' LCG A 4 0.30 8.85 -1.55
OP2 LCG A 4 -2.16 9.75 2.58
N2 LCG A 4 -1.51 3.28 -5.31
N3 LCG A 4 -1.28 5.02 -3.78
O2' LCG A 4 0.33 9.77 -4.12
O3' LCG A 4 -2.03 11.10 -3.34
H5' LCG A 4 0.73 11.25 -0.22
H5'' LCG A 4 -0.74 12.03 -0.85
H3' LCG A 4 -2.26 9.46 -2.01
H6'1 LCG A 4 0.54 11.72 -3.34
H6'2 LCG A 4 1.82 10.57 -2.82
H8 LCG A 4 -1.50 7.62 -0.04
H2' LCG A 4 -1.38 8.49 -4.35
H1' LCG A 4 0.70 7.43 -3.03
H1 LCG A 4 -2.53 1.97 -3.04
H21 LCG A 4 -1.84 2.34 -5.51
H22 LCG A 4 -1.10 3.88 -6.03
P TLN A 5 -3.53 11.12 -3.96
OP1 TLN A 5 -3.77 12.47 -4.65
OP2 TLN A 5 -4.55 10.96 -2.83
O5' TLN A 5 -3.72 9.93 -5.03
C5' TLN A 5 -3.05 9.87 -6.30
C4' TLN A 5 -3.32 8.50 -6.94
O4' TLN A 5 -2.84 7.40 -6.12
C1' TLN A 5 -3.55 6.20 -6.55
N1 TLN A 5 -4.38 5.61 -5.45
C6 TLN A 5 -4.69 6.42 -4.25
C5 TLN A 5 -5.37 5.86 -3.22
C5M TLN A 5 -5.64 6.72 -2.01
C4 TLN A 5 -5.80 4.37 -3.32
O4 TLN A 5 -6.39 3.78 -2.42
N3 TLN A 5 -5.48 3.73 -4.48
C2 TLN A 5 -4.80 4.29 -5.52
O2 TLN A 5 -4.57 3.58 -6.51
C3' TLN A 5 -4.77 8.13 -7.25
C2' TLN A 5 -4.31 6.78 -7.77
O2' TLN A 5 -3.33 7.11 -8.79
O3' TLN A 5 -5.41 8.94 -8.24
C6' TLN A 5 -2.66 8.30 -8.31
H5' TLN A 5 -1.96 10.02 -6.18
H5'' TLN A 5 -3.41 10.68 -6.96
H1' TLN A 5 -2.80 5.46 -6.89
H6 TLN A 5 -4.37 7.46 -4.20
H71 TLN A 5 -4.74 6.77 -1.37
H72 TLN A 5 -5.91 7.76 -2.30
H73 TLN A 5 -6.48 6.32 -1.40
H3 TLN A 5 -5.76 2.74 -4.57
H3' TLN A 5 -5.42 8.08 -6.35
H2' TLN A 5 -5.12 6.12 -8.15
HO3' TLN A 5 -6.24 8.51 -8.44
H6'1 TLN A 5 -2.88 9.18 -8.94
H6'2 TLN A 5 -1.58 8.17 -8.21
O5' TLN B 1 3.28 -12.58 1.46
C5' TLN B 1 4.46 -11.81 1.61
C4' TLN B 1 4.43 -10.96 2.91
O4' TLN B 1 5.63 -10.13 2.99
C1' TLN B 1 5.36 -9.08 3.96
N1 TLN B 1 5.55 -7.69 3.45
C6 TLN B 1 5.71 -7.44 2.01
C5 TLN B 1 6.02 -6.21 1.54
C5M TLN B 1 6.31 -5.96 0.08
C4 TLN B 1 6.12 -5.04 2.57
O4 TLN B 1 6.34 -3.87 2.25
N3 TLN B 1 5.94 -5.36 3.89
C2 TLN B 1 5.67 -6.62 4.35
O2 TLN B 1 5.52 -6.77 5.56
C3' TLN B 1 3.29 -9.94 3.04
C2' TLN B 1 3.92 -9.47 4.34
O2' TLN B 1 3.98 -10.68 5.15
O3' TLN B 1 1.97 -10.55 3.19
C6' TLN B 1 4.30 -11.75 4.23
H5' TLN B 1 4.57 -11.15 0.73
H5'' TLN B 1 5.34 -12.48 1.61
H1' TLN B 1 6.03 -9.24 4.83
H6 TLN B 1 5.55 -8.29 1.33
H71 TLN B 1 7.40 -5.96 -0.12
H72 TLN B 1 5.86 -6.71 -0.59
H73 TLN B 1 5.93 -4.97 -0.25
H3 TLN B 1 6.00 -4.61 4.58
H3' TLN B 1 3.27 -9.16 2.26
H2' TLN B 1 3.37 -8.65 4.81
H6'1 TLN B 1 3.49 -12.50 4.21
H6'2 TLN B 1 5.24 -12.25 4.52
HO5' TLN B 1 2.55 -11.97 1.45
P LCG B 2 0.60 -9.70 3.28
OP1 LCG B 2 -0.58 -10.67 3.38
O5' LCG B 2 0.62 -8.73 4.57
C5' LCG B 2 0.70 -9.18 5.94
C3' LCG B 2 -0.04 -6.84 6.71
C6' LCG B 2 1.13 -8.12 8.34
N9 LCG B 2 2.23 -5.18 5.44
C8 LCG B 2 2.22 -5.64 4.14
C4 LCG B 2 2.50 -3.83 5.19
N7 LCG B 2 2.44 -4.82 3.07
C5 LCG B 2 2.61 -3.66 3.77
C6 LCG B 2 2.93 -2.28 3.16
C2' LCG B 2 0.89 -5.94 7.54
O6 LCG B 2 3.04 -2.12 1.94
C4' LCG B 2 1.02 -7.96 6.82
C1' LCG B 2 2.21 -5.96 6.72
C2 LCG B 2 2.95 -1.50 5.55
N1 LCG B 2 3.09 -1.27 4.07
O4' LCG B 2 2.28 -7.37 6.42
OP2 LCG B 2 0.43 -8.84 2.01
N2 LCG B 2 3.12 -0.43 6.46
N3 LCG B 2 2.69 -2.66 6.02
O2' LCG B 2 1.10 -6.72 8.76
O3' LCG B 2 -1.29 -7.18 7.35
H5' LCG B 2 1.48 -9.96 6.05
H5'' LCG B 2 -0.26 -9.64 6.24
H3' LCG B 2 -0.20 -6.46 5.68
H6'1 LCG B 2 0.29 -8.69 8.77
H6'2 LCG B 2 2.08 -8.61 8.65
H8 LCG B 2 2.08 -6.69 3.94
H2' LCG B 2 0.51 -4.92 7.73
H1' LCG B 2 3.06 -5.66 7.36
H1 LCG B 2 3.30 -0.35 3.64
H21 LCG B 2 3.33 0.50 6.09
H22 LCG B 2 3.01 -0.62 7.46
P LCG B 3 -2.66 -6.33 7.17
OP1 LCG B 3 -3.80 -7.08 7.87
O5' LCG B 3 -2.49 -4.87 7.81
C5' LCG B 3 -2.29 -4.60 9.21
C3' LCG B 3 -2.89 -2.17 8.77
C6' LCG B 3 -1.59 -2.53 10.75
N9 LCG B 3 -0.75 -1.45 6.68
C8 LCG B 3 -0.97 -2.47 5.76
C4 LCG B 3 -0.42 -0.43 5.80
N7 LCG B 3 -0.84 -2.28 4.43
C5 LCG B 3 -0.47 -0.96 4.47
C6 LCG B 3 -0.09 -0.10 3.25
C2' LCG B 3 -1.89 -1.06 8.98
O6 LCG B 3 -0.11 -0.54 2.10
C4' LCG B 3 -1.85 -3.14 9.35
C1' LCG B 3 -0.65 -1.54 8.17
C2 LCG B 3 0.28 1.72 4.95
N1 LCG B 3 0.27 1.19 3.54
O4' LCG B 3 -0.63 -2.92 8.59
OP2 LCG B 3 -2.98 -6.20 5.68
N2 LCG B 3 0.56 3.06 5.21
N3 LCG B 3 -0.02 0.94 5.94
O2' LCG B 3 -1.58 -1.12 10.40
O3' LCG B 3 -4.09 -2.08 9.59
H5' LCG B 3 -1.50 -5.23 9.64
H5'' LCG B 3 -3.22 -4.74 9.78
H3' LCG B 3 -3.14 -2.39 7.71
H6'1 LCG B 3 -2.40 -2.76 11.47
H6'2 LCG B 3 -0.63 -2.86 11.19
H8 LCG B 3 -1.23 -3.45 6.11
H2' LCG B 3 -2.31 -0.10 8.67
H1' LCG B 3 0.27 -1.03 8.52
H1 LCG B 3 0.47 1.76 2.71
H21 LCG B 3 0.77 3.69 4.42
H22 LCG B 3 0.55 3.40 6.18
P LCG B 4 -5.52 -1.52 9.08
OP1 LCG B 4 -6.60 -1.85 10.11
O5' LCG B 4 -5.44 0.09 8.88
C5' LCG B 4 -5.24 1.03 9.95
C3' LCG B 4 -5.64 2.96 8.27
C6' LCG B 4 -4.42 3.56 10.23
N9 LCG B 4 -3.44 2.36 6.23
C8 LCG B 4 -3.69 1.04 5.93
C4 LCG B 4 -3.16 2.83 4.95
N7 LCG B 4 -3.60 0.56 4.66
C5 LCG B 4 -3.26 1.73 4.04
C6 LCG B 4 -2.98 1.90 2.54
C2' LCG B 4 -4.53 3.95 7.93
O6 LCG B 4 -3.05 0.96 1.76
C4' LCG B 4 -4.72 2.33 9.33
C1' LCG B 4 -3.35 3.02 7.57
C2 LCG B 4 -2.59 4.31 3.14
N1 LCG B 4 -2.65 3.18 2.17
O4' LCG B 4 -3.47 2.05 8.63
OP2 LCG B 4 -5.88 -2.17 7.74
N2 LCG B 4 -2.30 5.62 2.71
N3 LCG B 4 -2.81 4.11 4.40
O2' LCG B 4 -4.24 4.58 9.22
O3' LCG B 4 -6.84 3.59 8.78
H5' LCG B 4 -4.51 0.64 10.68
H5'' LCG B 4 -6.18 1.19 10.50
H3' LCG B 4 -5.88 2.27 7.44
H6'1 LCG B 4 -5.26 3.80 10.91
H6'2 LCG B 4 -3.51 3.42 10.84
H8 LCG B 4 -3.92 0.33 6.72
H2' LCG B 4 -4.78 4.68 7.14
H1' LCG B 4 -2.39 3.55 7.64
H1 LCG B 4 -2.54 3.29 1.15
H21 LCG B 4 -2.17 5.78 1.70
H22 LCG B 4 -2.27 6.38 3.39
P TLN B 5 -8.19 3.70 7.92
OP1 TLN B 5 -9.23 4.50 8.69
OP2 TLN B 5 -8.74 2.30 7.66
O5' TLN B 5 -7.89 4.41 6.50
C5' TLN B 5 -7.57 5.81 6.35
C4' TLN B 5 -7.23 6.09 4.89
O4' TLN B 5 -6.07 5.36 4.43
C1' TLN B 5 -6.13 5.32 2.98
N1 TLN B 5 -6.25 3.91 2.45
C6 TLN B 5 -6.63 2.82 3.38
C5 TLN B 5 -6.65 1.54 2.95
C5M TLN B 5 -6.96 0.46 3.96
C4 TLN B 5 -6.35 1.25 1.45
O4 TLN B 5 -6.38 0.13 0.96
N3 TLN B 5 -6.01 2.33 0.67
C2 TLN B 5 -5.94 3.62 1.13
O2 TLN B 5 -5.57 4.49 0.34
C3' TLN B 5 -8.32 5.79 3.85
C2' TLN B 5 -7.36 6.24 2.74
O2' TLN B 5 -6.98 7.59 3.14
O3' TLN B 5 -9.50 6.59 3.93
C6' TLN B 5 -6.93 7.57 4.60
H5' TLN B 5 -6.73 6.09 7.01
H5'' TLN B 5 -8.42 6.44 6.68
H1' TLN B 5 -5.23 5.79 2.56
H6 TLN B 5 -6.88 3.04 4.42
H71 TLN B 5 -6.44 -0.48 3.70
H72 TLN B 5 -6.62 0.74 4.98
H73 TLN B 5 -8.05 0.29 4.01
H3 TLN B 5 -5.78 2.15 -0.31
H3' TLN B 5 -8.60 4.73 3.79
H2' TLN B 5 -7.77 6.20 1.72
HO3' TLN B 5 -10.01 6.41 3.14
H6'1 TLN B 5 -7.71 8.20 5.04
H6'2 TLN B 5 -5.93 7.85 4.98
O5' TLN C 1 8.22 10.29 0.19
C5' TLN C 1 9.01 9.11 0.26
C4' TLN C 1 9.01 8.33 -1.06
O4' TLN C 1 9.78 7.10 -0.93
C1' TLN C 1 9.41 6.23 -2.04
N1 TLN C 1 8.92 4.87 -1.63
C6 TLN C 1 8.57 4.60 -0.22
C5 TLN C 1 8.27 3.33 0.18
C5M TLN C 1 8.04 3.00 1.64
C4 TLN C 1 8.24 2.21 -0.89
O4 TLN C 1 7.92 1.05 -0.63
N3 TLN C 1 8.55 2.57 -2.18
C2 TLN C 1 8.89 3.83 -2.55
O2 TLN C 1 9.15 4.01 -3.75
C3' TLN C 1 7.65 7.83 -1.56
C2' TLN C 1 8.37 7.15 -2.72
O2' TLN C 1 9.09 8.22 -3.38
O3' TLN C 1 6.74 8.90 -1.98
C6' TLN C 1 9.53 9.09 -2.31
H5' TLN C 1 8.63 8.47 1.09
H5'' TLN C 1 10.05 9.39 0.54
H1' TLN C 1 10.29 6.12 -2.70
H6 TLN C 1 8.56 5.44 0.47
H71 TLN C 1 8.93 2.55 2.09
H72 TLN C 1 7.78 3.88 2.25
H73 TLN C 1 7.21 2.28 1.76
H3 TLN C 1 8.52 1.84 -2.89
H3' TLN C 1 7.14 7.13 -0.87
H2' TLN C 1 7.69 6.59 -3.38
H6'1 TLN C 1 9.09 10.10 -2.41
H6'2 TLN C 1 10.63 9.19 -2.31
HO5' TLN C 1 7.32 10.00 -0.03
P LCG C 2 5.21 8.65 -2.45
OP1 LCG C 2 4.56 10.00 -2.78
O5' LCG C 2 5.17 7.69 -3.75
C5' LCG C 2 5.71 8.03 -5.04
C3' LCG C 2 4.37 6.08 -6.08
C6' LCG C 2 6.27 6.80 -7.33
N9 LCG C 2 5.52 3.78 -4.40
C8 LCG C 2 5.40 4.26 -3.11
C4 LCG C 2 5.15 2.45 -4.17
N7 LCG C 2 4.99 3.49 -2.08
C5 LCG C 2 4.83 2.32 -2.77
C6 LCG C 2 4.35 0.98 -2.18
C2' LCG C 2 5.07 4.89 -6.72
O6 LCG C 2 4.07 0.86 -0.99
C4' LCG C 2 5.75 6.75 -5.89
C1' LCG C 2 6.08 4.45 -5.62
C2 LCG C 2 4.61 0.13 -4.53
N1 LCG C 2 4.27 -0.05 -3.08
O4' LCG C 2 6.59 5.75 -5.25
OP2 LCG C 2 4.43 7.98 -1.32
N2 LCG C 2 4.49 -0.93 -5.44
N3 LCG C 2 5.02 1.27 -4.99
O2' LCG C 2 5.82 5.49 -7.82
O3' LCG C 2 3.50 6.84 -6.97
H5' LCG C 2 6.73 8.45 -4.93
H5'' LCG C 2 5.10 8.80 -5.53
H3' LCG C 2 3.84 5.83 -5.15
H6'1 LCG C 2 5.81 7.62 -7.92
H6'2 LCG C 2 7.36 6.90 -7.40
H8 LCG C 2 5.65 5.29 -2.91
H2' LCG C 2 4.41 4.07 -7.05
H1' LCG C 2 6.89 3.85 -6.05
H1 LCG C 2 3.95 -0.94 -2.67
H21 LCG C 2 4.18 -1.84 -5.09
H22 LCG C 2 4.73 -0.78 -6.43
P LCG C 3 1.93 6.55 -7.16
OP1 LCG C 3 1.31 7.62 -8.07
O5' LCG C 3 1.72 5.10 -7.82
C5' LCG C 3 2.15 4.71 -9.14
C3' LCG C 3 0.62 2.71 -9.03
C6' LCG C 3 2.42 2.49 -10.57
N9 LCG C 3 1.71 1.37 -6.50
C8 LCG C 3 1.77 2.42 -5.60
C4 LCG C 3 1.23 0.37 -5.64
N7 LCG C 3 1.43 2.27 -4.28
C5 LCG C 3 1.08 0.95 -4.34
C6 LCG C 3 0.67 0.09 -3.13
C2' LCG C 3 1.17 1.29 -9.02
O6 LCG C 3 0.55 0.57 -2.00
C4' LCG C 3 2.06 3.19 -9.25
C1' LCG C 3 2.24 1.32 -7.90
C2 LCG C 3 0.63 -1.80 -4.79
N1 LCG C 3 0.46 -1.23 -3.41
O4' LCG C 3 2.87 2.57 -8.23
OP2 LCG C 3 1.23 6.59 -5.80
N2 LCG C 3 0.42 -3.15 -5.05
N3 LCG C 3 0.97 -1.03 -5.78
O2' LCG C 3 1.85 1.18 -10.32
O3' LCG C 3 -0.28 3.01 -10.12
H5' LCG C 3 3.20 5.01 -9.32
H5'' LCG C 3 1.50 5.18 -9.90
H3' LCG C 3 0.21 3.04 -8.05
H6'1 LCG C 3 1.96 2.96 -11.46
H6'2 LCG C 3 3.51 2.44 -10.74
H8 LCG C 3 2.14 3.38 -5.92
H2' LCG C 3 0.38 0.56 -8.90
H1' LCG C 3 2.96 0.48 -8.00
H1 LCG C 3 0.19 -1.80 -2.58
H21 LCG C 3 0.15 -3.77 -4.26
H22 LCG C 3 0.53 -3.52 -6.00
P LCG C 4 -1.89 2.85 -10.05
OP1 LCG C 4 -2.51 3.43 -11.34
O5' LCG C 4 -2.30 1.29 -9.93
C5' LCG C 4 -1.91 0.26 -10.86
C3' LCG C 4 -3.50 -1.45 -9.74
C6' LCG C 4 -1.61 -2.39 -10.85
N9 LCG C 4 -2.54 -1.26 -6.81
C8 LCG C 4 -2.62 0.11 -6.58
C4 LCG C 4 -2.84 -1.72 -5.54
N7 LCG C 4 -2.88 0.61 -5.34
C5 LCG C 4 -2.99 -0.59 -4.67
C6 LCG C 4 -3.17 -0.77 -3.16
C2' LCG C 4 -2.94 -2.65 -8.96
O6 LCG C 4 -3.21 0.17 -2.38
C4' LCG C 4 -2.06 -1.10 -10.14
C1' LCG C 4 -1.95 -1.98 -7.99
C2 LCG C 4 -3.20 -3.23 -3.69
N1 LCG C 4 -3.27 -2.08 -2.74
O4' LCG C 4 -1.32 -1.06 -8.90
OP2 LCG C 4 -2.44 3.61 -8.85
N2 LCG C 4 -3.44 -4.55 -3.26
N3 LCG C 4 -2.96 -3.03 -4.96
O2' LCG C 4 -2.18 -3.39 -9.96
O3' LCG C 4 -4.36 -1.85 -10.83
H5' LCG C 4 -0.87 0.41 -11.18
H5'' LCG C 4 -2.54 0.31 -11.77
H3' LCG C 4 -3.98 -0.69 -9.10
H6'1 LCG C 4 -2.02 -2.49 -11.88
H6'2 LCG C 4 -0.51 -2.49 -10.91
H8 LCG C 4 -2.41 0.80 -7.37
H2' LCG C 4 -3.70 -3.27 -8.45
H1' LCG C 4 -1.21 -2.71 -7.63
H1 LCG C 4 -3.44 -2.19 -1.73
H21 LCG C 4 -3.67 -4.70 -2.27
H22 LCG C 4 -3.40 -5.31 -3.94
P TLN C 5 -5.98 -1.84 -10.72
OP1 TLN C 5 -6.58 -2.39 -12.02
OP2 TLN C 5 -6.46 -0.40 -10.51
O5' TLN C 5 -6.46 -2.74 -9.47
C5' TLN C 5 -6.36 -4.16 -9.41
C4' TLN C 5 -6.66 -4.62 -7.97
O4' TLN C 5 -5.70 -4.07 -7.02
C1' TLN C 5 -6.33 -4.13 -5.71
N1 TLN C 5 -6.51 -2.76 -5.11
C6 TLN C 5 -6.48 -1.57 -5.99
C5 TLN C 5 -6.58 -0.34 -5.46
C5M TLN C 5 -6.51 0.83 -6.40
C4 TLN C 5 -6.72 -0.20 -3.91
O4 TLN C 5 -6.79 0.89 -3.34
N3 TLN C 5 -6.76 -1.35 -3.19
C2 TLN C 5 -6.65 -2.61 -3.73
O2 TLN C 5 -6.66 -3.57 -2.96
C3' TLN C 5 -8.04 -4.28 -7.39
C2' TLN C 5 -7.62 -4.91 -6.07
O2' TLN C 5 -7.22 -6.27 -6.45
O3' TLN C 5 -9.15 -4.93 -8.02
C6' TLN C 5 -6.62 -6.14 -7.77
H5' TLN C 5 -5.36 -4.51 -9.72
H5'' TLN C 5 -7.08 -4.64 -10.12
H1' TLN C 5 -5.69 -4.75 -5.06
H6 TLN C 5 -6.36 -1.69 -7.07
H71 TLN C 5 -5.46 1.01 -6.70
H72 TLN C 5 -7.08 0.64 -7.32
H73 TLN C 5 -6.90 1.75 -5.95
H3 TLN C 5 -6.85 -1.28 -2.17
H3' TLN C 5 -8.23 -3.19 -7.33
H2' TLN C 5 -8.40 -4.91 -5.28
HO3' TLN C 5 -9.91 -4.74 -7.46
H6'1 TLN C 5 -7.21 -6.64 -8.54
H6'2 TLN C 5 -5.58 -6.51 -7.79
O5' TLN D 1 9.14 -2.15 -10.27
C5' TLN D 1 7.79 -2.14 -9.80
C4' TLN D 1 7.48 -3.42 -9.01
O4' TLN D 1 8.36 -3.56 -7.84
C1' TLN D 1 7.72 -4.50 -6.94
N1 TLN D 1 7.49 -4.00 -5.55
C6 TLN D 1 7.61 -2.55 -5.26
C5 TLN D 1 7.54 -2.10 -3.98
C5M TLN D 1 7.82 -0.65 -3.65
C4 TLN D 1 7.22 -3.12 -2.85
O4 TLN D 1 7.07 -2.79 -1.67
N3 TLN D 1 7.08 -4.43 -3.23
C2 TLN D 1 7.22 -4.88 -4.51
O2 TLN D 1 7.08 -6.10 -4.70
C3' TLN D 1 6.07 -3.49 -8.40
C2' TLN D 1 6.46 -4.82 -7.77
O2' TLN D 1 6.86 -5.65 -8.89
O3' TLN D 1 5.00 -3.59 -9.38
C6' TLN D 1 7.54 -4.74 -9.80
H5' TLN D 1 7.10 -2.02 -10.65
H5'' TLN D 1 7.64 -1.24 -9.16
H1' TLN D 1 8.37 -5.41 -6.88
H6 TLN D 1 7.77 -1.88 -6.10
H71 TLN D 1 8.86 -0.52 -3.29
H72 TLN D 1 7.68 0.03 -4.50
H73 TLN D 1 7.15 -0.28 -2.84
H3 TLN D 1 6.87 -5.12 -2.50
H3' TLN D 1 5.85 -2.71 -7.65
H2' TLN D 1 5.66 -5.25 -7.15
H6'1 TLN D 1 7.00 -4.69 -10.77
H6'2 TLN D 1 8.57 -5.09 -10.00
HO5' TLN D 1 9.69 -2.23 -9.49
P LCG D 2 3.43 -3.58 -9.01
OP1 LCG D 2 2.60 -3.66 -10.29
O5' LCG D 2 3.07 -4.85 -8.06
C5' LCG D 2 3.20 -6.23 -8.44
C3' LCG D 2 1.76 -6.91 -6.41
C6' LCG D 2 3.17 -8.62 -7.27
N9 LCG D 2 3.48 -5.68 -4.16
C8 LCG D 2 3.65 -4.38 -4.64
C4 LCG D 2 3.32 -5.40 -2.81
N7 LCG D 2 3.63 -3.31 -3.81
C5 LCG D 2 3.41 -3.97 -2.64
C6 LCG D 2 3.29 -3.32 -1.25
C2' LCG D 2 2.34 -7.74 -5.27
O6 LCG D 2 3.38 -2.11 -1.09
C4' LCG D 2 3.09 -7.09 -7.17
C1' LCG D 2 3.65 -6.98 -4.91
C2 LCG D 2 2.94 -5.67 -0.45
N1 LCG D 2 3.07 -4.20 -0.23
O4' LCG D 2 4.13 -6.73 -6.24
OP2 LCG D 2 3.08 -2.29 -8.26
N2 LCG D 2 2.65 -6.55 0.62
N3 LCG D 2 3.08 -6.19 -1.64
O2' LCG D 2 2.71 -9.00 -5.93
O3' LCG D 2 0.62 -7.51 -7.09
H5' LCG D 2 4.16 -6.41 -8.95
H5'' LCG D 2 2.41 -6.50 -9.16
H3' LCG D 2 1.54 -5.87 -6.11
H6'1 LCG D 2 2.52 -9.03 -8.05
H6'2 LCG D 2 4.20 -8.98 -7.45
H8 LCG D 2 3.85 -4.22 -5.69
H2' LCG D 2 1.67 -7.90 -4.41
H1' LCG D 2 4.35 -7.64 -4.38
H1 LCG D 2 2.98 -3.75 0.70
H21 LCG D 2 2.53 -6.15 1.55
H22 LCG D 2 2.56 -7.55 0.43
P LCG D 3 -0.91 -7.26 -6.68
OP1 LCG D 3 -1.82 -7.95 -7.70
O5' LCG D 3 -1.20 -7.85 -5.22
C5' LCG D 3 -1.12 -9.24 -4.86
C3' LCG D 3 -2.39 -8.73 -2.73
C6' LCG D 3 -1.08 -10.72 -2.65
N9 LCG D 3 -0.52 -6.63 -1.50
C8 LCG D 3 -0.31 -5.75 -2.56
C4 LCG D 3 -0.61 -5.70 -0.47
N7 LCG D 3 -0.23 -4.41 -2.38
C5 LCG D 3 -0.43 -4.39 -1.03
C6 LCG D 3 -0.38 -3.14 -0.13
C2' LCG D 3 -1.75 -8.90 -1.37
O6 LCG D 3 -0.21 -2.01 -0.59
C4' LCG D 3 -1.13 -9.34 -3.34
C1' LCG D 3 -0.41 -8.13 -1.49
C2 LCG D 3 -0.75 -4.77 1.75
N1 LCG D 3 -0.54 -3.39 1.21
O4' LCG D 3 -0.01 -8.60 -2.79
OP2 LCG D 3 -1.21 -5.75 -6.68
N2 LCG D 3 -0.96 -4.99 3.11
N3 LCG D 3 -0.76 -5.80 0.95
O2' LCG D 3 -1.45 -10.33 -1.29
O3' LCG D 3 -3.59 -9.51 -2.94
H5' LCG D 3 -0.21 -9.71 -5.24
H5'' LCG D 3 -2.00 -9.79 -5.25
H3' LCG D 3 -2.55 -7.67 -3.03
H6'1 LCG D 3 -1.82 -11.43 -3.07
H6'2 LCG D 3 -0.08 -11.19 -2.68
H8 LCG D 3 -0.16 -6.15 -3.55
H2' LCG D 3 -2.40 -8.56 -0.58
H1' LCG D 3 0.31 -8.44 -0.72
H1 LCG D 3 -0.48 -2.54 1.79
H21 LCG D 3 -0.96 -4.17 3.75
H22 LCG D 3 -1.11 -5.94 3.45
P LCG D 4 -5.10 -9.03 -2.57
OP1 LCG D 4 -6.10 -10.08 -3.09
O5' LCG D 4 -5.27 -8.87 -0.97
C5' LCG D 4 -5.08 -9.92 0.00
C3' LCG D 4 -6.10 -8.40 1.84
C6' LCG D 4 -4.61 -10.08 2.63
N9 LCG D 4 -4.30 -5.95 1.49
C8 LCG D 4 -4.27 -5.68 0.13
C4 LCG D 4 -4.29 -4.65 1.98
N7 LCG D 4 -4.20 -4.40 -0.35
C5 LCG D 4 -4.18 -3.76 0.86
C6 LCG D 4 -3.99 -2.24 1.06
C2' LCG D 4 -5.23 -7.86 2.98
O6 LCG D 4 -3.81 -1.46 0.13
C4' LCG D 4 -4.90 -9.24 1.37
C1' LCG D 4 -4.03 -7.25 2.22
C2 LCG D 4 -4.21 -2.79 3.50
N1 LCG D 4 -3.98 -1.83 2.37
O4' LCG D 4 -3.79 -8.31 1.27
OP2 LCG D 4 -5.37 -7.69 -3.24
N2 LCG D 4 -4.34 -2.35 4.83
N3 LCG D 4 -4.30 -4.06 3.28
O2' LCG D 4 -4.77 -9.07 3.66
O3' LCG D 4 -7.23 -9.14 2.35
H5' LCG D 4 -4.19 -10.53 -0.26
H5'' LCG D 4 -5.94 -10.61 0.00
H3' LCG D 4 -6.41 -7.62 1.12
H6'1 LCG D 4 -5.32 -10.91 2.77
H6'2 LCG D 4 -3.58 -10.49 2.64
H8 LCG D 4 -4.23 -6.49 -0.58
H2' LCG D 4 -5.74 -7.15 3.65
H1' LCG D 4 -3.16 -7.13 2.88
H1 LCG D 4 -3.79 -0.82 2.49
H21 LCG D 4 -4.22 -1.34 5.01
H22 LCG D 4 -4.50 -3.02 5.58
P TLN D 5 -8.56 -9.49 1.49
OP1 TLN D 5 -8.72 -11.00 1.42
OP2 TLN D 5 -8.47 -8.92 0.07
O5' TLN D 5 -9.85 -8.85 2.23
C5' TLN D 5 -10.04 -8.89 3.67
C4' TLN D 5 -9.78 -7.50 4.28
O4' TLN D 5 -8.44 -7.00 4.02
C1' TLN D 5 -8.47 -5.56 4.25
N1 TLN D 5 -8.16 -4.77 3.03
C6 TLN D 5 -8.24 -5.40 1.69
C5 TLN D 5 -8.02 -4.67 0.57
C5M TLN D 5 -8.10 -5.36 -0.77
C4 TLN D 5 -7.65 -3.17 0.73
O4 TLN D 5 -7.40 -2.45 -0.24
N3 TLN D 5 -7.60 -2.68 2.00
C2 TLN D 5 -7.83 -3.41 3.12
O2 TLN D 5 -7.75 -2.83 4.21
C3' TLN D 5 -10.72 -6.36 3.86
C2' TLN D 5 -9.93 -5.41 4.78
O2' TLN D 5 -9.98 -6.06 6.08
O3' TLN D 5 -12.09 -6.50 4.25
C6' TLN D 5 -9.95 -7.48 5.81
H5' TLN D 5 -9.38 -9.64 4.13
H5'' TLN D 5 -11.07 -9.23 3.90
H1' TLN D 5 -7.75 -5.32 5.05
H6 TLN D 5 -8.52 -6.45 1.62
H71 TLN D 5 -8.53 -4.69 -1.52
H72 TLN D 5 -7.09 -5.68 -1.08
H73 TLN D 5 -8.73 -6.26 -0.73
H3 TLN D 5 -7.35 -1.69 2.11
H3' TLN D 5 -10.65 -6.10 2.79
H2' TLN D 5 -10.29 -4.37 4.81
HO3' TLN D 5 -12.51 -5.65 4.06
H6'1 TLN D 5 -10.90 -7.97 6.07
H6'2 TLN D 5 -9.11 -7.99 6.31
O5' TLN A 1 4.33 -0.37 12.41
C5' TLN A 1 5.46 -0.59 11.57
C4' TLN A 1 5.84 0.69 10.78
O4' TLN A 1 6.95 0.41 9.89
C1' TLN A 1 6.99 1.48 8.91
N1 TLN A 1 6.93 1.04 7.48
C6 TLN A 1 6.55 -0.34 7.15
C5 TLN A 1 6.63 -0.80 5.87
C5M TLN A 1 6.38 -2.26 5.53
C4 TLN A 1 7.04 0.21 4.75
O4 TLN A 1 7.08 -0.10 3.56
N3 TLN A 1 7.35 1.47 5.16
C2 TLN A 1 7.30 1.91 6.46
O2 TLN A 1 7.62 3.08 6.66
C3' TLN A 1 4.77 1.28 9.85
C2' TLN A 1 5.79 2.31 9.41
O2' TLN A 1 6.18 2.98 10.64
O3' TLN A 1 3.63 1.83 10.55
C6' TLN A 1 6.22 1.92 11.64
H5' TLN A 1 5.22 -1.41 10.86
H5'' TLN A 1 6.31 -0.94 12.17
H1' TLN A 1 7.93 2.06 9.06
H6 TLN A 1 6.21 -0.98 7.96
H71 TLN A 1 5.85 -2.37 4.57
H72 TLN A 1 7.32 -2.82 5.45
H73 TLN A 1 5.76 -2.77 6.29
H3 TLN A 1 7.62 2.15 4.43
H3' TLN A 1 4.45 0.60 9.04
H2' TLN A 1 5.40 3.00 8.64
H6'1 TLN A 1 5.48 2.13 12.45
H6'2 TLN A 1 7.22 1.83 12.10
HO5' TLN A 1 3.62 -0.09 11.84
P LCG A 2 2.31 2.42 9.80
OP1 LCG A 2 1.29 2.87 10.85
O5' LCG A 2 2.72 3.68 8.87
C5' LCG A 2 3.27 4.93 9.35
C3' LCG A 2 2.76 6.02 7.07
C6' LCG A 2 4.46 7.09 8.34
N9 LCG A 2 4.40 4.12 5.27
C8 LCG A 2 3.96 2.88 5.69
C4 LCG A 2 4.48 3.87 3.91
N7 LCG A 2 3.73 1.86 4.83
C5 LCG A 2 4.06 2.51 3.68
C6 LCG A 2 4.03 1.90 2.27
C2' LCG A 2 3.89 6.51 6.16
O6 LCG A 2 3.69 0.73 2.06
C4' LCG A 2 3.82 5.71 8.14
C1' LCG A 2 4.85 5.29 6.09
C2 LCG A 2 4.82 4.18 1.54
N1 LCG A 2 4.41 2.76 1.27
O4' LCG A 2 4.85 4.93 7.48
OP2 LCG A 2 1.68 1.34 8.92
N2 LCG A 2 5.17 5.04 0.49
N3 LCG A 2 4.85 4.63 2.75
O2' LCG A 2 4.52 7.56 6.97
O3' LCG A 2 1.81 7.02 7.48
H5' LCG A 2 4.07 4.73 10.09
H5'' LCG A 2 2.49 5.51 9.87
H3' LCG A 2 2.25 5.12 6.66
H6'1 LCG A 2 3.83 7.75 8.98
H6'2 LCG A 2 5.47 7.03 8.80
H8 LCG A 2 3.80 2.69 6.76
H2' LCG A 2 3.57 6.87 5.17
H1' LCG A 2 5.86 5.61 5.78
H1 LCG A 2 4.39 2.33 0.32
H21 LCG A 2 5.15 4.68 -0.47
H22 LCG A 2 5.43 6.01 0.71
P LCG A 3 0.44 7.35 6.70
OP1 LCG A 3 -0.38 8.36 7.50
O5' LCG A 3 0.77 7.95 5.25
C5' LCG A 3 1.43 9.21 5.00
C3' LCG A 3 0.65 9.12 2.60
C6' LCG A 3 2.56 10.49 2.97
N9 LCG A 3 1.85 6.44 1.75
C8 LCG A 3 1.46 5.59 2.78
C4 LCG A 3 1.67 5.57 0.68
N7 LCG A 3 1.07 4.31 2.55
C5 LCG A 3 1.19 4.32 1.19
C6 LCG A 3 0.98 3.12 0.26
C2' LCG A 3 1.63 9.00 1.45
O6 LCG A 3 0.59 2.03 0.68
C4' LCG A 3 1.85 9.25 3.54
C1' LCG A 3 2.51 7.79 1.86
C2 LCG A 3 1.76 4.67 -1.55
N1 LCG A 3 1.27 3.35 -1.06
O4' LCG A 3 2.73 8.12 3.24
OP2 LCG A 3 -0.38 6.07 6.54
N2 LCG A 3 2.04 4.89 -2.90
N3 LCG A 3 1.93 5.67 -0.73
O2' LCG A 3 2.43 10.22 1.55
O3' LCG A 3 -0.19 10.30 2.55
H5' LCG A 3 2.34 9.31 5.63
H5'' LCG A 3 0.75 10.06 5.20
H3' LCG A 3 0.04 8.20 2.80
H6'1 LCG A 3 2.07 11.43 3.23
H6'2 LCG A 3 3.63 10.55 3.26
H8 LCG A 3 1.51 5.94 3.81
H2' LCG A 3 1.12 8.89 0.50
H1' LCG A 3 3.47 7.78 1.31
H1 LCG A 3 1.13 2.52 -1.67
H21 LCG A 3 1.90 4.11 -3.57
H22 LCG A 3 2.36 5.81 -3.21
P LCG A 4 -1.64 10.38 1.84
OP1 LCG A 4 -2.28 11.74 2.15
O5' LCG A 4 -1.49 10.20 0.24
C5' LCG A 4 -0.71 11.05 -0.63
C3' LCG A 4 -1.77 9.94 -2.72
C6' LCG A 4 0.39 10.90 -3.05
N9 LCG A 4 -1.13 7.00 -2.12
C8 LCG A 4 -1.62 6.85 -0.84
C4 LCG A 4 -1.43 5.74 -2.62
N7 LCG A 4 -2.17 5.67 -0.41
C5 LCG A 4 -2.01 4.97 -1.58
C6 LCG A 4 -2.32 3.46 -1.77
C2' LCG A 4 -0.92 9.07 -3.65
O6 LCG A 4 -2.76 2.76 -0.87
C4' LCG A 4 -0.49 10.29 -1.94
C1' LCG A 4 -0.24 8.08 -2.67
C2 LCG A 4 -1.52 3.85 -4.12
N1 LCG A 4 -2.05 2.99 -3.02
O4' LCG A 4 0.14 9.01 -1.63
OP2 LCG A 4 -2.54 9.27 2.38
N2 LCG A 4 -1.37 3.36 -5.42
N3 LCG A 4 -1.21 5.09 -3.89
O2' LCG A 4 0.10 10.00 -4.15
O3' LCG A 4 -2.40 11.05 -3.40
H5' LCG A 4 0.25 11.31 -0.15
H5'' LCG A 4 -1.25 12.02 -0.80
H3' LCG A 4 -2.50 9.36 -2.12
H6'1 LCG A 4 0.09 11.94 -3.31
H6'2 LCG A 4 1.46 10.90 -2.80
H8 LCG A 4 -1.53 7.64 -0.11
H2' LCG A 4 -1.47 8.56 -4.46
H1' LCG A 4 0.65 7.63 -3.13
H1 LCG A 4 -2.31 2.00 -3.15
H21 LCG A 4 -1.66 2.39 -5.62
H22 LCG A 4 -1.00 3.98 -6.16
P TLN A 5 -3.91 10.98 -3.96
OP1 TLN A 5 -4.25 12.29 -4.68
OP2 TLN A 5 -4.88 10.79 -2.79
O5' TLN A 5 -4.07 9.73 -4.99
C5' TLN A 5 -3.49 9.68 -6.29
C4' TLN A 5 -3.72 8.29 -6.89
O4' TLN A 5 -3.13 7.24 -6.09
C1' TLN A 5 -3.80 6.00 -6.44
N1 TLN A 5 -4.51 5.39 -5.27
C6 TLN A 5 -4.80 6.21 -4.08
C5 TLN A 5 -5.36 5.66 -2.98
C5M TLN A 5 -5.62 6.55 -1.80
C4 TLN A 5 -5.68 4.14 -3.00
O4 TLN A 5 -6.14 3.54 -2.02
N3 TLN A 5 -5.39 3.46 -4.16
C2 TLN A 5 -4.84 4.03 -5.27
O2 TLN A 5 -4.62 3.30 -6.24
C3' TLN A 5 -5.17 7.85 -7.08
C2' TLN A 5 -4.68 6.50 -7.62
O2' TLN A 5 -3.79 6.87 -8.71
O3' TLN A 5 -5.92 8.60 -8.05
C6' TLN A 5 -3.16 8.11 -8.30
H5' TLN A 5 -2.40 9.91 -6.24
H5'' TLN A 5 -3.93 10.47 -6.94
H1' TLN A 5 -3.04 5.29 -6.83
H6 TLN A 5 -4.57 7.28 -4.09
H71 TLN A 5 -6.32 6.10 -1.09
H72 TLN A 5 -4.68 6.77 -1.28
H73 TLN A 5 -6.05 7.52 -2.12
H3 TLN A 5 -5.59 2.46 -4.19
H3' TLN A 5 -5.76 7.79 -6.14
H2' TLN A 5 -5.47 5.80 -7.92
HO3' TLN A 5 -6.74 8.12 -8.18
H6'1 TLN A 5 -3.46 8.95 -8.94
H6'2 TLN A 5 -2.05 8.02 -8.28
O5' TLN B 1 3.16 -12.64 1.32
C5' TLN B 1 4.35 -11.89 1.48
C4' TLN B 1 4.36 -11.09 2.79
O4' TLN B 1 5.58 -10.28 2.90
C1' TLN B 1 5.33 -9.26 3.90
N1 TLN B 1 5.54 -7.85 3.44
C6 TLN B 1 5.67 -7.55 1.99
C5 TLN B 1 6.00 -6.31 1.57
C5M TLN B 1 6.28 -6.02 0.10
C4 TLN B 1 6.14 -5.19 2.64
O4 TLN B 1 6.37 -4.01 2.34
N3 TLN B 1 5.98 -5.55 3.94
C2 TLN B 1 5.69 -6.83 4.36
O2 TLN B 1 5.57 -7.01 5.57
C3' TLN B 1 3.23 -10.06 2.96
C2' TLN B 1 3.89 -9.64 4.28
O2' TLN B 1 3.94 -10.87 5.06
O3' TLN B 1 1.92 -10.64 3.12
C6' TLN B 1 4.23 -11.91 4.10
H5' TLN B 1 4.47 -11.21 0.61
H5'' TLN B 1 5.23 -12.57 1.44
H1' TLN B 1 6.00 -9.45 4.76
H6 TLN B 1 5.49 -8.37 1.29
H71 TLN B 1 5.81 -6.75 -0.57
H72 TLN B 1 5.90 -5.03 -0.19
H73 TLN B 1 7.36 -6.03 -0.10
H3 TLN B 1 6.06 -4.82 4.66
H3' TLN B 1 3.23 -9.24 2.21
H2' TLN B 1 3.35 -8.82 4.78
H6'1 TLN B 1 3.41 -12.65 4.06
H6'2 TLN B 1 5.17 -12.44 4.36
HO5' TLN B 1 2.44 -12.01 1.33
P LCG B 2 0.54 -9.77 3.23
OP1 LCG B 2 -0.65 -10.72 3.32
O5' LCG B 2 0.59 -8.82 4.53
C5' LCG B 2 0.65 -9.28 5.89
C3' LCG B 2 0.00 -6.91 6.71
C6' LCG B 2 1.13 -8.28 8.31
N9 LCG B 2 2.32 -5.33 5.44
C8 LCG B 2 2.27 -5.78 4.13
C4 LCG B 2 2.59 -3.99 5.20
N7 LCG B 2 2.48 -4.94 3.07
C5 LCG B 2 2.68 -3.80 3.79
C6 LCG B 2 2.97 -2.42 3.18
C2' LCG B 2 0.97 -6.08 7.54
O6 LCG B 2 3.05 -2.24 1.96
C4' LCG B 2 1.01 -8.08 6.79
C1' LCG B 2 2.28 -6.14 6.72
C2 LCG B 2 3.01 -1.64 5.57
N1 LCG B 2 3.12 -1.41 4.09
O4' LCG B 2 2.29 -7.54 6.39
OP2 LCG B 2 0.40 -8.90 1.97
N2 LCG B 2 3.14 -0.59 6.49
N3 LCG B 2 2.79 -2.83 6.04
O2' LCG B 2 1.15 -6.89 8.75
O3' LCG B 2 -1.26 -7.22 7.35
H5' LCG B 2 1.40 -10.08 5.99
H5'' LCG B 2 -0.32 -9.71 6.19
H3' LCG B 2 -0.16 -6.51 5.69
H6'1 LCG B 2 0.26 -8.82 8.73
H6'2 LCG B 2 2.05 -8.80 8.60
H8 LCG B 2 2.12 -6.83 3.93
H2' LCG B 2 0.63 -5.04 7.75
H1' LCG B 2 3.16 -5.89 7.34
H1 LCG B 2 3.32 -0.48 3.67
H21 LCG B 2 3.31 0.35 6.13
H22 LCG B 2 3.05 -0.78 7.49
P LCG B 3 -2.59 -6.32 7.18
OP1 LCG B 3 -3.77 -7.01 7.89
O5' LCG B 3 -2.36 -4.86 7.83
C5' LCG B 3 -2.13 -4.61 9.23
C3' LCG B 3 -2.63 -2.16 8.84
C6' LCG B 3 -1.31 -2.60 10.77
N9 LCG B 3 -0.54 -1.54 6.70
C8 LCG B 3 -0.71 -2.56 5.79
C4 LCG B 3 -0.34 -0.48 5.81
N7 LCG B 3 -0.64 -2.36 4.44
C5 LCG B 3 -0.42 -1.02 4.47
C6 LCG B 3 -0.13 -0.12 3.25
C2' LCG B 3 -1.57 -1.10 9.03
O6 LCG B 3 -0.18 -0.57 2.10
C4' LCG B 3 -1.63 -3.18 9.37
C1' LCG B 3 -0.38 -1.63 8.19
C2 LCG B 3 0.23 1.69 4.94
N1 LCG B 3 0.18 1.18 3.54
O4' LCG B 3 -0.41 -3.01 8.60
OP2 LCG B 3 -2.93 -6.15 5.69
N2 LCG B 3 0.54 3.03 5.23
N3 LCG B 3 0.00 0.90 5.95
O2' LCG B 3 -1.22 -1.19 10.45
O3' LCG B 3 -3.81 -2.00 9.68
H5' LCG B 3 -1.37 -5.30 9.64
H5'' LCG B 3 -3.07 -4.72 9.80
H3' LCG B 3 -2.91 -2.35 7.78
H6'1 LCG B 3 -2.12 -2.80 11.50
H6'2 LCG B 3 -0.37 -2.99 11.19
H8 LCG B 3 -0.87 -3.57 6.15
H2' LCG B 3 -1.94 -0.12 8.74
H1' LCG B 3 0.57 -1.15 8.49
H1 LCG B 3 0.37 1.75 2.71
H21 LCG B 3 0.73 3.66 4.43
H22 LCG B 3 0.56 3.35 6.19
P LCG B 4 -5.13 -1.17 9.26
OP1 LCG B 4 -6.21 -1.35 10.33
O5' LCG B 4 -4.79 0.40 9.10
C5' LCG B 4 -4.26 1.25 10.15
C3' LCG B 4 -4.69 3.37 8.71
C6' LCG B 4 -2.95 3.56 10.33
N9 LCG B 4 -3.19 2.58 6.16
C8 LCG B 4 -3.72 1.33 5.87
C4 LCG B 4 -3.01 3.06 4.86
N7 LCG B 4 -3.89 0.91 4.58
C5 LCG B 4 -3.41 2.02 3.96
C6 LCG B 4 -3.18 2.17 2.43
C2' LCG B 4 -3.53 4.18 8.15
O6 LCG B 4 -3.44 1.28 1.64
C4' LCG B 4 -3.68 2.51 9.48
C1' LCG B 4 -2.66 3.11 7.46
C2 LCG B 4 -2.35 4.47 3.03
N1 LCG B 4 -2.66 3.38 2.06
O4' LCG B 4 -2.70 2.09 8.48
OP2 LCG B 4 -5.66 -1.70 7.92
N2 LCG B 4 -1.93 5.73 2.59
N3 LCG B 4 -2.49 4.27 4.31
O2' LCG B 4 -2.82 4.64 9.36
O3' LCG B 4 -5.59 4.15 9.55
H5' LCG B 4 -3.48 0.71 10.71
H5'' LCG B 4 -5.05 1.51 10.87
H3' LCG B 4 -5.26 2.81 7.95
H6'1 LCG B 4 -3.54 3.89 11.21
H6'2 LCG B 4 -1.96 3.23 10.68
H8 LCG B 4 -3.96 0.65 6.66
H2' LCG B 4 -3.81 5.01 7.49
H1' LCG B 4 -1.63 3.47 7.33
H1 LCG B 4 -2.55 3.48 1.03
H21 LCG B 4 -1.86 5.90 1.58
H22 LCG B 4 -1.72 6.46 3.28
P TLN B 5 -6.94 4.82 8.97
OP1 TLN B 5 -7.61 5.63 10.08
OP2 TLN B 5 -7.90 3.73 8.49
O5' TLN B 5 -6.59 5.80 7.73
C5' TLN B 5 -5.89 7.05 7.85
C4' TLN B 5 -5.61 7.60 6.45
O4' TLN B 5 -4.78 6.70 5.67
C1' TLN B 5 -4.98 7.05 4.26
N1 TLN B 5 -5.56 5.93 3.47
C6 TLN B 5 -6.22 4.79 4.18
C5 TLN B 5 -6.66 3.73 3.49
C5M TLN B 5 -7.30 2.61 4.26
C4 TLN B 5 -6.46 3.70 1.94
O4 TLN B 5 -6.79 2.74 1.24
N3 TLN B 5 -5.86 4.79 1.38
C2 TLN B 5 -5.42 5.88 2.09
O2 TLN B 5 -4.89 6.79 1.45
C3' TLN B 5 -6.81 7.91 5.55
C2' TLN B 5 -5.86 8.32 4.44
O2' TLN B 5 -5.04 9.35 5.05
O3' TLN B 5 -7.67 8.95 6.00
C6' TLN B 5 -4.88 8.94 6.44
H5' TLN B 5 -4.95 6.93 8.42
H5'' TLN B 5 -6.50 7.77 8.44
H1' TLN B 5 -4.00 7.34 3.84
H6 TLN B 5 -6.34 4.83 5.26
H71 TLN B 5 -6.53 2.03 4.79
H72 TLN B 5 -7.99 3.01 5.03
H73 TLN B 5 -7.87 1.94 3.61
H3 TLN B 5 -5.72 4.79 0.37
H3' TLN B 5 -7.42 7.01 5.32
H2' TLN B 5 -6.35 8.66 3.51
HO3' TLN B 5 -8.28 9.13 5.28
H6'1 TLN B 5 -5.38 9.65 7.13
H6'2 TLN B 5 -3.82 8.83 6.73
O5' TLN C 1 10.40 9.39 0.76
C5' TLN C 1 9.08 9.04 0.35
C4' TLN C 1 9.11 8.21 -0.95
O4' TLN C 1 9.86 6.97 -0.78
C1' TLN C 1 9.47 6.09 -1.86
N1 TLN C 1 8.95 4.75 -1.43
C6 TLN C 1 8.58 4.51 -0.02
C5 TLN C 1 8.26 3.27 0.42
C5M TLN C 1 8.01 2.98 1.87
C4 TLN C 1 8.18 2.12 -0.65
O4 TLN C 1 7.82 0.98 -0.36
N3 TLN C 1 8.50 2.45 -1.93
C2 TLN C 1 8.89 3.69 -2.34
O2 TLN C 1 9.16 3.84 -3.54
C3' TLN C 1 7.74 7.73 -1.45
C2' TLN C 1 8.46 7.00 -2.59
O2' TLN C 1 9.21 8.06 -3.26
O3' TLN C 1 6.87 8.80 -1.89
C6' TLN C 1 9.65 8.94 -2.20
H5' TLN C 1 8.48 9.96 0.23
H5'' TLN C 1 8.60 8.46 1.16
H1' TLN C 1 10.35 5.93 -2.51
H6 TLN C 1 8.59 5.37 0.65
H71 TLN C 1 8.91 2.56 2.36
H72 TLN C 1 7.73 3.88 2.45
H73 TLN C 1 7.20 2.24 2.01
H3 TLN C 1 8.47 1.70 -2.64
H3' TLN C 1 7.21 7.05 -0.76
H2' TLN C 1 7.78 6.45 -3.23
H6'1 TLN C 1 9.23 9.95 -2.33
H6'2 TLN C 1 10.76 9.02 -2.19
HO5' TLN C 1 10.87 8.56 0.88
P LCG C 2 5.34 8.57 -2.39
OP1 LCG C 2 4.70 9.93 -2.73
O5' LCG C 2 5.30 7.61 -3.69
C5' LCG C 2 5.88 7.94 -4.96
C3' LCG C 2 4.54 6.00 -6.04
C6' LCG C 2 6.50 6.69 -7.24
N9 LCG C 2 5.60 3.68 -4.32
C8 LCG C 2 5.42 4.18 -3.04
C4 LCG C 2 5.22 2.36 -4.09
N7 LCG C 2 4.98 3.39 -2.02
C5 LCG C 2 4.86 2.23 -2.72
C6 LCG C 2 4.39 0.88 -2.14
C2' LCG C 2 5.25 4.79 -6.65
O6 LCG C 2 4.09 0.75 -0.95
C4' LCG C 2 5.93 6.65 -5.80
C1' LCG C 2 6.22 4.36 -5.52
C2 LCG C 2 4.73 0.04 -4.48
N1 LCG C 2 4.36 -0.15 -3.03
O4' LCG C 2 6.72 5.65 -5.13
OP2 LCG C 2 4.52 7.92 -1.26
N2 LCG C 2 4.63 -1.03 -5.40
N3 LCG C 2 5.14 1.18 -4.92
O2' LCG C 2 6.04 5.39 -7.73
O3' LCG C 2 3.72 6.77 -6.97
H5' LCG C 2 6.91 8.35 -4.83
H5'' LCG C 2 5.29 8.72 -5.47
H3' LCG C 2 3.99 5.77 -5.12
H6'1 LCG C 2 6.07 7.51 -7.82
H6'2 LCG C 2 7.59 6.77 -7.26
H8 LCG C 2 5.65 5.21 -2.83
H2' LCG C 2 4.59 3.99 -6.99
H1' LCG C 2 7.04 3.74 -5.93
H1 LCG C 2 4.04 -1.05 -2.63
H21 LCG C 2 4.31 -1.95 -5.04
H22 LCG C 2 4.88 -0.88 -6.37
P LCG C 3 2.14 6.51 -7.18
OP1 LCG C 3 1.58 7.58 -8.12
O5' LCG C 3 1.90 5.05 -7.83
C5' LCG C 3 2.35 4.65 -9.15
C3' LCG C 3 0.80 2.66 -9.03
C6' LCG C 3 2.62 2.41 -10.54
N9 LCG C 3 1.85 1.34 -6.48
C8 LCG C 3 1.89 2.39 -5.58
C4 LCG C 3 1.38 0.35 -5.61
N7 LCG C 3 1.53 2.26 -4.28
C5 LCG C 3 1.19 0.93 -4.32
C6 LCG C 3 0.76 0.07 -3.11
C2' LCG C 3 1.34 1.25 -9.00
O6 LCG C 3 0.62 0.56 -1.99
C4' LCG C 3 2.24 3.13 -9.24
C1' LCG C 3 2.40 1.27 -7.87
C2 LCG C 3 0.77 -1.82 -4.76
N1 LCG C 3 0.58 -1.26 -3.39
O4' LCG C 3 3.05 2.51 -8.20
OP2 LCG C 3 1.41 6.59 -5.84
N2 LCG C 3 0.55 -3.18 -5.03
N3 LCG C 3 1.14 -1.06 -5.74
O2' LCG C 3 2.04 1.11 -10.28
O3' LCG C 3 -0.09 2.95 -10.13
H5' LCG C 3 3.40 4.94 -9.31
H5'' LCG C 3 1.71 5.11 -9.93
H3' LCG C 3 0.38 3.00 -8.06
H6'1 LCG C 3 2.18 2.88 -11.44
H6'2 LCG C 3 3.71 2.34 -10.69
H8 LCG C 3 2.26 3.35 -5.91
H2' LCG C 3 0.54 0.52 -8.87
H1' LCG C 3 3.11 0.44 -7.95
H1 LCG C 3 0.30 -1.82 -2.56
H21 LCG C 3 0.27 -3.79 -4.24
H22 LCG C 3 0.69 -3.54 -5.98
P LCG C 4 -1.69 2.76 -10.10
OP1 LCG C 4 -2.30 3.32 -11.40
O5' LCG C 4 -2.09 1.20 -9.96
C5' LCG C 4 -1.71 0.17 -10.89
C3' LCG C 4 -3.31 -1.51 -9.72
C6' LCG C 4 -1.48 -2.50 -10.87
N9 LCG C 4 -2.31 -1.29 -6.84
C8 LCG C 4 -2.33 0.09 -6.62
C4 LCG C 4 -2.66 -1.72 -5.57
N7 LCG C 4 -2.62 0.62 -5.39
C5 LCG C 4 -2.80 -0.57 -4.73
C6 LCG C 4 -3.05 -0.71 -3.21
C2' LCG C 4 -2.77 -2.70 -8.94
O6 LCG C 4 -3.10 0.25 -2.46
C4' LCG C 4 -1.88 -1.19 -10.17
C1' LCG C 4 -1.74 -2.05 -8.00
C2 LCG C 4 -3.11 -3.17 -3.71
N1 LCG C 4 -3.19 -2.00 -2.77
O4' LCG C 4 -1.10 -1.16 -8.94
OP2 LCG C 4 -2.27 3.53 -8.91
N2 LCG C 4 -3.38 -4.47 -3.24
N3 LCG C 4 -2.84 -3.01 -4.96
O2' LCG C 4 -2.05 -3.48 -9.96
O3' LCG C 4 -4.22 -1.88 -10.78
H5' LCG C 4 -0.66 0.30 -11.21
H5'' LCG C 4 -2.35 0.22 -11.79
H3' LCG C 4 -3.76 -0.72 -9.08
H6'1 LCG C 4 -1.92 -2.59 -11.88
H6'2 LCG C 4 -0.38 -2.62 -10.96
H8 LCG C 4 -2.04 0.77 -7.41
H2' LCG C 4 -3.53 -3.29 -8.41
H1' LCG C 4 -1.02 -2.79 -7.63
H1 LCG C 4 -3.39 -2.08 -1.77
H21 LCG C 4 -3.64 -4.60 -2.26
H22 LCG C 4 -3.33 -5.26 -3.90
P TLN C 5 -5.83 -1.92 -10.60
OP1 TLN C 5 -6.48 -2.42 -11.89
OP2 TLN C 5 -6.33 -0.50 -10.31
O5' TLN C 5 -6.23 -2.87 -9.36
C5' TLN C 5 -6.11 -4.31 -9.39
C4' TLN C 5 -6.43 -4.86 -7.99
O4' TLN C 5 -5.52 -4.35 -6.98
C1' TLN C 5 -6.18 -4.52 -5.69
N1 TLN C 5 -6.43 -3.22 -5.00
C6 TLN C 5 -6.36 -1.96 -5.77
C5 TLN C 5 -6.48 -0.76 -5.15
C5M TLN C 5 -6.39 0.47 -6.00
C4 TLN C 5 -6.66 -0.75 -3.61
O4 TLN C 5 -6.73 0.30 -2.96
N3 TLN C 5 -6.74 -1.96 -2.98
C2 TLN C 5 -6.62 -3.16 -3.62
O2 TLN C 5 -6.69 -4.18 -2.93
C3' TLN C 5 -7.83 -4.59 -7.44
C2' TLN C 5 -7.44 -5.31 -6.15
O2' TLN C 5 -7.00 -6.62 -6.60
O3' TLN C 5 -8.91 -5.21 -8.14
C6' TLN C 5 -6.35 -6.39 -7.88
H5' TLN C 5 -5.09 -4.62 -9.70
H5'' TLN C 5 -6.80 -4.75 -10.15
H1' TLN C 5 -5.55 -5.17 -5.05
H6 TLN C 5 -6.22 -1.98 -6.85
H71 TLN C 5 -5.34 0.66 -6.29
H72 TLN C 5 -6.97 0.36 -6.93
H73 TLN C 5 -6.77 1.37 -5.47
H3 TLN C 5 -6.87 -1.96 -1.97
H3' TLN C 5 -8.05 -3.52 -7.30
H2' TLN C 5 -8.24 -5.38 -5.39
HO3' TLN C 5 -9.69 -5.08 -7.59
H6'1 TLN C 5 -6.91 -6.85 -8.71
H6'2 TLN C 5 -5.31 -6.74 -7.89
O5' TLN D 1 9.29 -2.33 -10.16
C5' TLN D 1 7.94 -2.29 -9.72
C4' TLN D 1 7.59 -3.56 -8.93
O4' TLN D 1 8.45 -3.71 -7.75
C1' TLN D 1 7.78 -4.64 -6.86
N1 TLN D 1 7.55 -4.13 -5.46
C6 TLN D 1 7.69 -2.69 -5.17
C5 TLN D 1 7.62 -2.23 -3.89
C5M TLN D 1 7.92 -0.78 -3.55
C4 TLN D 1 7.29 -3.25 -2.77
O4 TLN D 1 7.14 -2.92 -1.60
N3 TLN D 1 7.14 -4.55 -3.14
C2 TLN D 1 7.27 -5.01 -4.42
O2 TLN D 1 7.10 -6.22 -4.62
C3' TLN D 1 6.17 -3.60 -8.33
C2' TLN D 1 6.52 -4.94 -7.69
O2' TLN D 1 6.91 -5.77 -8.81
O3' TLN D 1 5.12 -3.67 -9.33
C6' TLN D 1 7.63 -4.89 -9.71
H5' TLN D 1 7.26 -2.16 -10.58
H5'' TLN D 1 7.80 -1.38 -9.08
H1' TLN D 1 8.41 -5.56 -6.79
H6 TLN D 1 7.87 -2.02 -6.01
H71 TLN D 1 7.77 -0.11 -4.42
H72 TLN D 1 7.25 -0.41 -2.75
H73 TLN D 1 8.96 -0.65 -3.21
H3 TLN D 1 6.92 -5.25 -2.41
H3' TLN D 1 5.96 -2.80 -7.59
H2' TLN D 1 5.71 -5.35 -7.09
H6'1 TLN D 1 7.10 -4.83 -10.69
H6'2 TLN D 1 8.66 -5.24 -9.90
HO5' TLN D 1 9.83 -2.41 -9.38
P LCG D 2 3.54 -3.63 -8.97
OP1 LCG D 2 2.72 -3.68 -10.27
O5' LCG D 2 3.14 -4.89 -8.04
C5' LCG D 2 3.23 -6.28 -8.43
C3' LCG D 2 1.76 -6.93 -6.41
C6' LCG D 2 3.13 -8.67 -7.28
N9 LCG D 2 3.50 -5.77 -4.16
C8 LCG D 2 3.73 -4.48 -4.61
C4 LCG D 2 3.34 -5.49 -2.80
N7 LCG D 2 3.73 -3.41 -3.78
C5 LCG D 2 3.48 -4.08 -2.62
C6 LCG D 2 3.34 -3.43 -1.22
C2' LCG D 2 2.30 -7.78 -5.27
O6 LCG D 2 3.45 -2.22 -1.05
C4' LCG D 2 3.08 -7.13 -7.17
C1' LCG D 2 3.63 -7.07 -4.90
C2 LCG D 2 2.91 -5.78 -0.44
N1 LCG D 2 3.07 -4.31 -0.21
O4' LCG D 2 4.14 -6.82 -6.22
OP2 LCG D 2 3.21 -2.33 -8.23
N2 LCG D 2 2.60 -6.66 0.60
N3 LCG D 2 3.05 -6.28 -1.63
O2' LCG D 2 2.64 -9.04 -5.95
O3' LCG D 2 0.61 -7.47 -7.11
H5' LCG D 2 4.19 -6.47 -8.93
H5'' LCG D 2 2.44 -6.51 -9.16
H3' LCG D 2 1.57 -5.87 -6.10
H6'1 LCG D 2 2.47 -9.05 -8.07
H6'2 LCG D 2 4.15 -9.06 -7.45
H8 LCG D 2 3.94 -4.31 -5.66
H2' LCG D 2 1.62 -7.93 -4.41
H1' LCG D 2 4.31 -7.75 -4.36
H1 LCG D 2 2.97 -3.86 0.72
H21 LCG D 2 2.48 -6.27 1.55
H22 LCG D 2 2.49 -7.66 0.41
P LCG D 3 -0.92 -7.16 -6.71
OP1 LCG D 3 -1.85 -7.80 -7.75
O5' LCG D 3 -1.25 -7.77 -5.25
C5' LCG D 3 -1.25 -9.17 -4.93
C3' LCG D 3 -2.51 -8.63 -2.80
C6' LCG D 3 -1.29 -10.68 -2.73
N9 LCG D 3 -0.56 -6.63 -1.54
C8 LCG D 3 -0.29 -5.76 -2.58
C4 LCG D 3 -0.64 -5.71 -0.49
N7 LCG D 3 -0.18 -4.41 -2.38
C5 LCG D 3 -0.41 -4.40 -1.04
C6 LCG D 3 -0.35 -3.16 -0.12
C2' LCG D 3 -1.89 -8.85 -1.44
O6 LCG D 3 -0.13 -2.04 -0.57
C4' LCG D 3 -1.27 -9.29 -3.40
C1' LCG D 3 -0.51 -8.14 -1.54
C2 LCG D 3 -0.76 -4.81 1.73
N1 LCG D 3 -0.51 -3.42 1.21
O4' LCG D 3 -0.12 -8.61 -2.83
OP2 LCG D 3 -1.16 -5.65 -6.70
N2 LCG D 3 -0.94 -5.05 3.10
N3 LCG D 3 -0.80 -5.81 0.93
O2' LCG D 3 -1.66 -10.29 -1.38
O3' LCG D 3 -3.74 -9.36 -3.02
H5' LCG D 3 -0.34 -9.67 -5.30
H5'' LCG D 3 -2.14 -9.67 -5.33
H3' LCG D 3 -2.60 -7.57 -3.09
H6'1 LCG D 3 -2.06 -11.34 -3.17
H6'2 LCG D 3 -0.32 -11.19 -2.77
H8 LCG D 3 -0.14 -6.15 -3.57
H2' LCG D 3 -2.53 -8.49 -0.64
H1' LCG D 3 0.19 -8.49 -0.77
H1 LCG D 3 -0.45 -2.58 1.81
H21 LCG D 3 -0.90 -4.24 3.75
H22 LCG D 3 -1.11 -6.00 3.43
P LCG D 4 -5.23 -8.79 -2.70
OP1 LCG D 4 -6.26 -9.79 -3.23
O5' LCG D 4 -5.42 -8.59 -1.11
C5' LCG D 4 -5.30 -9.65 -0.12
C3' LCG D 4 -6.28 -8.08 1.70
C6' LCG D 4 -4.89 -9.82 2.50
N9 LCG D 4 -4.38 -5.70 1.43
C8 LCG D 4 -4.43 -5.43 0.08
C4 LCG D 4 -4.26 -4.41 1.92
N7 LCG D 4 -4.32 -4.15 -0.40
C5 LCG D 4 -4.19 -3.51 0.80
C6 LCG D 4 -3.89 -2.02 1.00
C2' LCG D 4 -5.43 -7.58 2.85
O6 LCG D 4 -3.77 -1.24 0.05
C4' LCG D 4 -5.12 -8.97 1.25
C1' LCG D 4 -4.18 -7.02 2.13
C2 LCG D 4 -3.94 -2.56 3.44
N1 LCG D 4 -3.78 -1.62 2.30
O4' LCG D 4 -3.97 -8.07 1.17
OP2 LCG D 4 -5.42 -7.44 -3.40
N2 LCG D 4 -3.93 -2.10 4.77
N3 LCG D 4 -4.11 -3.82 3.23
O2' LCG D 4 -5.04 -8.81 3.55
O3' LCG D 4 -7.47 -8.79 2.13
H5' LCG D 4 -4.44 -10.30 -0.35
H5'' LCG D 4 -6.20 -10.29 -0.14
H3' LCG D 4 -6.55 -7.29 0.97
H6'1 LCG D 4 -5.63 -10.63 2.63
H6'2 LCG D 4 -3.88 -10.28 2.53
H8 LCG D 4 -4.49 -6.24 -0.63
H2' LCG D 4 -5.91 -6.86 3.52
H1' LCG D 4 -3.32 -6.95 2.82
H1 LCG D 4 -3.63 -0.60 2.42
H21 LCG D 4 -3.84 -1.09 4.93
H22 LCG D 4 -4.04 -2.77 5.53
P TLN D 5 -8.91 -8.08 2.31
OP1 TLN D 5 -9.92 -9.09 2.85
OP2 TLN D 5 -9.38 -7.56 0.94
O5' TLN D 5 -8.79 -6.83 3.32
C5' TLN D 5 -8.59 -6.96 4.74
C4' TLN D 5 -8.37 -5.56 5.34
O4' TLN D 5 -7.21 -4.89 4.77
C1' TLN D 5 -7.39 -3.46 5.02
N1 TLN D 5 -7.47 -2.67 3.75
C6 TLN D 5 -7.77 -3.37 2.48
C5 TLN D 5 -7.77 -2.68 1.32
C5M TLN D 5 -8.06 -3.45 0.06
C4 TLN D 5 -7.42 -1.16 1.34
O4 TLN D 5 -7.34 -0.48 0.32
N3 TLN D 5 -7.19 -0.61 2.56
C2 TLN D 5 -7.21 -1.31 3.75
O2 TLN D 5 -6.96 -0.68 4.79
C3' TLN D 5 -9.52 -4.55 5.20
C2' TLN D 5 -8.66 -3.51 5.90
O2' TLN D 5 -8.31 -4.14 7.17
O3' TLN D 5 -10.72 -4.88 5.90
C6' TLN D 5 -8.15 -5.55 6.86
H5' TLN D 5 -7.71 -7.60 4.95
H5'' TLN D 5 -9.45 -7.46 5.22
H1' TLN D 5 -6.53 -3.11 5.62
H6 TLN D 5 -7.99 -4.43 2.48
H71 TLN D 5 -8.32 -2.78 -0.78
H72 TLN D 5 -7.18 -4.05 -0.23
H73 TLN D 5 -8.90 -4.14 0.20
H3 TLN D 5 -6.96 0.40 2.61
H3' TLN D 5 -9.76 -4.30 4.14
H2' TLN D 5 -9.15 -2.52 6.05
HO3' TLN D 5 -11.28 -4.09 5.85
H6'1 TLN D 5 -8.91 -6.17 7.34
H6'2 TLN D 5 -7.14 -5.93 7.11
O5' TLN A 1 7.01 -1.03 12.18
C5' TLN A 1 5.90 -0.49 11.47
C4' TLN A 1 6.31 0.76 10.66
O4' TLN A 1 7.35 0.42 9.68
C1' TLN A 1 7.36 1.49 8.69
N1 TLN A 1 7.16 1.04 7.27
C6 TLN A 1 6.68 -0.33 6.99
C5 TLN A 1 6.63 -0.79 5.72
C5M TLN A 1 6.29 -2.24 5.42
C4 TLN A 1 7.00 0.20 4.56
O4 TLN A 1 6.91 -0.10 3.38
N3 TLN A 1 7.39 1.45 4.92
C2 TLN A 1 7.49 1.89 6.22
O2 TLN A 1 7.87 3.05 6.39
C3' TLN A 1 5.20 1.39 9.81
C2' TLN A 1 6.24 2.38 9.28
O2' TLN A 1 6.76 3.02 10.48
O3' TLN A 1 4.14 1.99 10.58
C6' TLN A 1 6.81 1.98 11.48
H5' TLN A 1 5.10 -0.23 12.19
H5'' TLN A 1 5.48 -1.26 10.80
H1' TLN A 1 8.33 2.02 8.76
H6 TLN A 1 6.38 -0.93 7.83
H71 TLN A 1 5.67 -2.69 6.20
H72 TLN A 1 5.75 -2.34 4.47
H73 TLN A 1 7.22 -2.85 5.35
H3 TLN A 1 7.64 2.11 4.18
H3' TLN A 1 4.79 0.73 9.02
H2' TLN A 1 5.83 3.07 8.55
H6'1 TLN A 1 6.15 2.22 12.33
H6'2 TLN A 1 7.84 1.84 11.86
HO5' TLN A 1 7.67 -1.24 11.50
P LCG A 2 2.80 2.63 9.93
OP1 LCG A 2 1.88 3.12 11.04
O5' LCG A 2 3.17 3.86 8.96
C5' LCG A 2 3.80 5.09 9.38
C3' LCG A 2 3.21 6.19 7.13
C6' LCG A 2 5.04 7.18 8.30
N9 LCG A 2 4.60 4.23 5.23
C8 LCG A 2 4.11 3.00 5.68
C4 LCG A 2 4.57 3.98 3.86
N7 LCG A 2 3.78 1.99 4.82
C5 LCG A 2 4.09 2.64 3.65
C6 LCG A 2 3.98 2.04 2.24
C2' LCG A 2 4.29 6.63 6.15
O6 LCG A 2 3.59 0.89 2.04
C4' LCG A 2 4.31 5.82 8.14
C1' LCG A 2 5.17 5.36 6.03
C2 LCG A 2 4.83 4.27 1.48
N1 LCG A 2 4.37 2.87 1.23
O4' LCG A 2 5.24 4.99 7.41
OP2 LCG A 2 2.08 1.55 9.11
N2 LCG A 2 5.20 5.13 0.43
N3 LCG A 2 4.94 4.73 2.69
O2' LCG A 2 5.04 7.64 6.91
O3' LCG A 2 2.34 7.27 7.58
H5' LCG A 2 4.64 4.87 10.08
H5'' LCG A 2 3.08 5.71 9.95
H3' LCG A 2 2.61 5.33 6.76
H6'1 LCG A 2 4.48 7.87 8.95
H6'2 LCG A 2 6.06 7.06 8.69
H8 LCG A 2 4.02 2.82 6.74
H2' LCG A 2 3.94 7.02 5.18
H1' LCG A 2 6.19 5.61 5.65
H1 LCG A 2 4.32 2.45 0.29
H21 LCG A 2 5.14 4.77 -0.53
H22 LCG A 2 5.50 6.08 0.64
P LCG A 3 0.94 7.65 6.87
OP1 LCG A 3 0.25 8.76 7.65
O5' LCG A 3 1.20 8.13 5.36
C5' LCG A 3 1.94 9.32 5.00
C3' LCG A 3 1.00 9.24 2.65
C6' LCG A 3 3.08 10.40 2.87
N9 LCG A 3 1.88 6.45 1.75
C8 LCG A 3 1.37 5.66 2.77
C4 LCG A 3 1.66 5.59 0.68
N7 LCG A 3 0.88 4.41 2.54
C5 LCG A 3 1.09 4.37 1.18
C6 LCG A 3 0.86 3.15 0.26
C2' LCG A 3 1.90 9.00 1.45
O6 LCG A 3 0.42 2.08 0.68
C4' LCG A 3 2.26 9.26 3.51
C1' LCG A 3 2.67 7.72 1.83
C2 LCG A 3 1.74 4.65 -1.54
N1 LCG A 3 1.20 3.35 -1.05
O4' LCG A 3 2.98 8.03 3.21
OP2 LCG A 3 0.03 6.42 6.84
N2 LCG A 3 2.03 4.86 -2.90
N3 LCG A 3 1.96 5.63 -0.72
O2' LCG A 3 2.83 10.12 1.47
O3' LCG A 3 0.28 10.50 2.60
H5' LCG A 3 2.89 9.39 5.56
H5'' LCG A 3 1.33 10.22 5.20
H3' LCG A 3 0.33 8.39 2.90
H6'1 LCG A 3 2.69 11.40 3.15
H6'2 LCG A 3 4.15 10.36 3.12
H8 LCG A 3 1.39 6.04 3.78
H2' LCG A 3 1.34 8.94 0.53
H1' LCG A 3 3.60 7.61 1.25
H1 LCG A 3 1.05 2.52 -1.65
H21 LCG A 3 1.86 4.09 -3.56
H22 LCG A 3 2.40 5.78 -3.20
P LCG A 4 -1.17 10.68 1.90
OP1 LCG A 4 -1.65 12.12 2.08
O5' LCG A 4 -1.09 10.33 0.33
C5' LCG A 4 -0.30 11.05 -0.63
C3' LCG A 4 -1.50 9.93 -2.66
C6' LCG A 4 0.73 10.68 -3.05
N9 LCG A 4 -1.12 6.94 -2.02
C8 LCG A 4 -1.64 6.82 -0.74
C4 LCG A 4 -1.48 5.69 -2.53
N7 LCG A 4 -2.25 5.67 -0.32
C5 LCG A 4 -2.13 4.95 -1.48
C6 LCG A 4 -2.50 3.47 -1.68
C2' LCG A 4 -0.76 8.97 -3.57
O6 LCG A 4 -2.98 2.78 -0.77
C4' LCG A 4 -0.19 10.18 -1.91
C1' LCG A 4 -0.16 7.95 -2.58
C2 LCG A 4 -1.65 3.79 -4.01
N1 LCG A 4 -2.25 2.97 -2.92
O4' LCG A 4 0.29 8.86 -1.55
OP2 LCG A 4 -2.17 9.72 2.57
N2 LCG A 4 -1.51 3.29 -5.32
N3 LCG A 4 -1.28 5.01 -3.79
O2' LCG A 4 0.32 9.78 -4.12
O3' LCG A 4 -2.04 11.10 -3.34
H5' LCG A 4 0.70 11.25 -0.21
H5'' LCG A 4 -0.75 12.03 -0.85
H3' LCG A 4 -2.28 9.45 -2.02
H6'1 LCG A 4 0.53 11.72 -3.34
H6'2 LCG A 4 1.81 10.57 -2.83
H8 LCG A 4 -1.51 7.62 -0.04
H2' LCG A 4 -1.38 8.49 -4.35
H1' LCG A 4 0.70 7.43 -3.04
H1 LCG A 4 -2.53 1.97 -3.04
H21 LCG A 4 -1.84 2.34 -5.51
H22 LCG A 4 -1.10 3.89 -6.04
P TLN A 5 -3.53 11.12 -3.96
OP1 TLN A 5 -3.78 12.47 -4.65
OP2 TLN A 5 -4.56 10.94 -2.83
O5' TLN A 5 -3.73 9.92 -5.03
C5' TLN A 5 -3.06 9.86 -6.30
C4' TLN A 5 -3.32 8.50 -6.94
O4' TLN A 5 -2.84 7.40 -6.12
C1' TLN A 5 -3.55 6.20 -6.55
N1 TLN A 5 -4.38 5.60 -5.46
C6 TLN A 5 -4.69 6.42 -4.25
C5 TLN A 5 -5.37 5.86 -3.22
C5M TLN A 5 -5.65 6.71 -2.02
C4 TLN A 5 -5.79 4.37 -3.32
O4 TLN A 5 -6.39 3.78 -2.41
N3 TLN A 5 -5.48 3.72 -4.49
C2 TLN A 5 -4.80 4.28 -5.53
O2 TLN A 5 -4.57 3.58 -6.51
C3' TLN A 5 -4.78 8.14 -7.25
C2' TLN A 5 -4.31 6.77 -7.77
O2' TLN A 5 -3.33 7.11 -8.79
O3' TLN A 5 -5.42 8.94 -8.25
C6' TLN A 5 -2.66 8.30 -8.31
H5' TLN A 5 -1.97 10.03 -6.18
H5'' TLN A 5 -3.41 10.68 -6.96
H1' TLN A 5 -2.80 5.46 -6.89
H6 TLN A 5 -4.38 7.46 -4.20
H71 TLN A 5 -6.48 6.32 -1.40
H72 TLN A 5 -4.75 6.78 -1.38
H73 TLN A 5 -5.91 7.75 -2.31
H3 TLN A 5 -5.75 2.73 -4.56
H3' TLN A 5 -5.42 8.08 -6.35
H2' TLN A 5 -5.12 6.12 -8.15
HO3' TLN A 5 -6.25 8.50 -8.44
H6'1 TLN A 5 -2.88 9.17 -8.95
H6'2 TLN A 5 -1.58 8.17 -8.21
O5' TLN B 1 3.26 -12.58 1.45
C5' TLN B 1 4.44 -11.81 1.60
C4' TLN B 1 4.42 -10.96 2.89
O4' TLN B 1 5.62 -10.14 2.98
C1' TLN B 1 5.36 -9.10 3.96
N1 TLN B 1 5.55 -7.70 3.46
C6 TLN B 1 5.71 -7.45 2.00
C5 TLN B 1 6.02 -6.21 1.54
C5M TLN B 1 6.31 -5.96 0.08
C4 TLN B 1 6.12 -5.05 2.58
O4 TLN B 1 6.34 -3.88 2.26
N3 TLN B 1 5.93 -5.37 3.89
C2 TLN B 1 5.66 -6.63 4.34
O2 TLN B 1 5.52 -6.78 5.56
C3' TLN B 1 3.27 -9.95 3.03
C2' TLN B 1 3.91 -9.48 4.33
O2' TLN B 1 3.97 -10.68 5.15
O3' TLN B 1 1.97 -10.54 3.18
C6' TLN B 1 4.29 -11.76 4.22
H5' TLN B 1 4.56 -11.15 0.71
H5'' TLN B 1 5.32 -12.47 1.59
H1' TLN B 1 6.02 -9.25 4.83
H6 TLN B 1 5.55 -8.29 1.33
H71 TLN B 1 5.85 -6.71 -0.59
H72 TLN B 1 5.93 -4.97 -0.25
H73 TLN B 1 7.40 -5.97 -0.11
H3 TLN B 1 6.00 -4.62 4.59
H3' TLN B 1 3.27 -9.16 2.24
H2' TLN B 1 3.36 -8.65 4.80
H6'1 TLN B 1 3.48 -12.50 4.20
H6'2 TLN B 1 5.23 -12.27 4.50
HO5' TLN B 1 2.53 -11.96 1.44
P LCG B 2 0.59 -9.70 3.27
OP1 LCG B 2 -0.59 -10.67 3.38
O5' LCG B 2 0.61 -8.74 4.56
C5' LCG B 2 0.69 -9.18 5.93
C3' LCG B 2 -0.04 -6.84 6.71
C6' LCG B 2 1.13 -8.13 8.33
N9 LCG B 2 2.24 -5.18 5.44
C8 LCG B 2 2.22 -5.64 4.14
C4 LCG B 2 2.50 -3.83 5.19
N7 LCG B 2 2.45 -4.82 3.07
C5 LCG B 2 2.62 -3.66 3.77
C6 LCG B 2 2.94 -2.28 3.16
C2' LCG B 2 0.89 -5.95 7.53
O6 LCG B 2 3.05 -2.12 1.94
C4' LCG B 2 1.01 -7.96 6.82
C1' LCG B 2 2.21 -5.97 6.72
C2 LCG B 2 2.96 -1.50 5.55
N1 LCG B 2 3.10 -1.27 4.07
O4' LCG B 2 2.28 -7.38 6.41
OP2 LCG B 2 0.42 -8.84 2.01
N2 LCG B 2 3.12 -0.45 6.46
N3 LCG B 2 2.70 -2.68 6.02
O2' LCG B 2 1.09 -6.73 8.75
O3' LCG B 2 -1.29 -7.17 7.36
H5' LCG B 2 1.47 -9.96 6.04
H5'' LCG B 2 -0.26 -9.64 6.24
H3' LCG B 2 -0.20 -6.46 5.68
H6'1 LCG B 2 0.29 -8.70 8.76
H6'2 LCG B 2 2.07 -8.62 8.65
H8 LCG B 2 2.08 -6.70 3.93
H2' LCG B 2 0.52 -4.93 7.73
H1' LCG B 2 3.06 -5.68 7.36
H1 LCG B 2 3.31 -0.35 3.64
H21 LCG B 2 3.34 0.49 6.09
H22 LCG B 2 3.02 -0.63 7.47
P LCG B 3 -2.66 -6.33 7.17
OP1 LCG B 3 -3.81 -7.07 7.86
O5' LCG B 3 -2.49 -4.87 7.81
C5' LCG B 3 -2.28 -4.60 9.21
C3' LCG B 3 -2.88 -2.18 8.78
C6' LCG B 3 -1.59 -2.53 10.75
N9 LCG B 3 -0.74 -1.46 6.68
C8 LCG B 3 -0.97 -2.48 5.77
C4 LCG B 3 -0.41 -0.44 5.80
N7 LCG B 3 -0.83 -2.28 4.43
C5 LCG B 3 -0.47 -0.96 4.47
C6 LCG B 3 -0.08 -0.10 3.25
C2' LCG B 3 -1.88 -1.06 8.98
O6 LCG B 3 -0.10 -0.54 2.10
C4' LCG B 3 -1.84 -3.14 9.34
C1' LCG B 3 -0.64 -1.54 8.17
C2 LCG B 3 0.28 1.72 4.95
N1 LCG B 3 0.28 1.19 3.55
O4' LCG B 3 -0.63 -2.92 8.59
OP2 LCG B 3 -2.98 -6.20 5.68
N2 LCG B 3 0.57 3.06 5.21
N3 LCG B 3 -0.01 0.94 5.94
O2' LCG B 3 -1.56 -1.13 10.41
O3' LCG B 3 -4.09 -2.07 9.60
H5' LCG B 3 -1.50 -5.24 9.63
H5'' LCG B 3 -3.22 -4.73 9.77
H3' LCG B 3 -3.13 -2.39 7.71
H6'1 LCG B 3 -2.39 -2.76 11.46
H6'2 LCG B 3 -0.63 -2.86 11.19
H8 LCG B 3 -1.22 -3.46 6.11
H2' LCG B 3 -2.29 -0.10 8.67
H1' LCG B 3 0.28 -1.03 8.52
H1 LCG B 3 0.47 1.76 2.71
H21 LCG B 3 0.78 3.69 4.42
H22 LCG B 3 0.57 3.39 6.18
P LCG B 4 -5.51 -1.50 9.08
OP1 LCG B 4 -6.59 -1.84 10.11
O5' LCG B 4 -5.43 0.09 8.89
C5' LCG B 4 -5.22 1.04 9.95
C3' LCG B 4 -5.61 2.97 8.27
C6' LCG B 4 -4.39 3.57 10.23
N9 LCG B 4 -3.42 2.36 6.23
C8 LCG B 4 -3.67 1.03 5.93
C4 LCG B 4 -3.15 2.84 4.96
N7 LCG B 4 -3.59 0.56 4.66
C5 LCG B 4 -3.25 1.73 4.05
C6 LCG B 4 -2.97 1.90 2.53
C2' LCG B 4 -4.50 3.96 7.93
O6 LCG B 4 -3.05 0.96 1.75
C4' LCG B 4 -4.69 2.34 9.33
C1' LCG B 4 -3.32 3.03 7.58
C2 LCG B 4 -2.58 4.31 3.14
N1 LCG B 4 -2.64 3.18 2.16
O4' LCG B 4 -3.44 2.05 8.63
OP2 LCG B 4 -5.88 -2.16 7.75
N2 LCG B 4 -2.29 5.62 2.70
N3 LCG B 4 -2.80 4.12 4.40
O2' LCG B 4 -4.20 4.59 9.22
O3' LCG B 4 -6.80 3.61 8.79
H5' LCG B 4 -4.49 0.64 10.69
H5'' LCG B 4 -6.16 1.21 10.50
H3' LCG B 4 -5.86 2.28 7.44
H6'1 LCG B 4 -5.23 3.81 10.91
H6'2 LCG B 4 -3.48 3.43 10.84
H8 LCG B 4 -3.90 0.34 6.72
H2' LCG B 4 -4.75 4.69 7.14
H1' LCG B 4 -2.36 3.56 7.64
H1 LCG B 4 -2.54 3.30 1.14
H21 LCG B 4 -2.16 5.79 1.69
H22 LCG B 4 -2.25 6.38 3.39
P TLN B 5 -8.17 3.72 7.92
OP1 TLN B 5 -9.20 4.54 8.71
OP2 TLN B 5 -8.72 2.32 7.67
O5' TLN B 5 -7.86 4.43 6.50
C5' TLN B 5 -7.54 5.83 6.36
C4' TLN B 5 -7.21 6.11 4.89
O4' TLN B 5 -6.04 5.37 4.43
C1' TLN B 5 -6.11 5.32 2.97
N1 TLN B 5 -6.24 3.92 2.45
C6 TLN B 5 -6.62 2.83 3.38
C5 TLN B 5 -6.64 1.55 2.96
C5M TLN B 5 -6.95 0.47 3.96
C4 TLN B 5 -6.33 1.26 1.45
O4 TLN B 5 -6.38 0.13 0.97
N3 TLN B 5 -6.01 2.33 0.68
C2 TLN B 5 -5.93 3.63 1.13
O2 TLN B 5 -5.56 4.49 0.33
C3' TLN B 5 -8.30 5.81 3.85
C2' TLN B 5 -7.34 6.25 2.75
O2' TLN B 5 -6.95 7.60 3.14
O3' TLN B 5 -9.47 6.62 3.94
C6' TLN B 5 -6.90 7.58 4.59
H5' TLN B 5 -6.68 6.10 7.01
H5'' TLN B 5 -8.39 6.45 6.69
H1' TLN B 5 -5.20 5.80 2.56
H6 TLN B 5 -6.86 3.06 4.43
H71 TLN B 5 -6.43 -0.46 3.71
H72 TLN B 5 -6.60 0.76 4.98
H73 TLN B 5 -8.03 0.31 4.02
H3 TLN B 5 -5.78 2.16 -0.31
H3' TLN B 5 -8.57 4.75 3.81
H2' TLN B 5 -7.75 6.21 1.72
HO3' TLN B 5 -9.99 6.43 3.15
H6'1 TLN B 5 -7.68 8.22 5.03
H6'2 TLN B 5 -5.91 7.86 4.98
O5' TLN C 1 10.31 9.48 0.64
C5' TLN C 1 8.99 9.12 0.25
C4' TLN C 1 9.02 8.32 -1.06
O4' TLN C 1 9.79 7.10 -0.93
C1' TLN C 1 9.41 6.23 -2.03
N1 TLN C 1 8.92 4.87 -1.63
C6 TLN C 1 8.57 4.59 -0.21
C5 TLN C 1 8.27 3.33 0.19
C5M TLN C 1 8.04 3.00 1.65
C4 TLN C 1 8.23 2.20 -0.89
O4 TLN C 1 7.91 1.05 -0.62
N3 TLN C 1 8.54 2.56 -2.17
C2 TLN C 1 8.89 3.83 -2.55
O2 TLN C 1 9.15 4.00 -3.74
C3' TLN C 1 7.65 7.83 -1.56
C2' TLN C 1 8.37 7.13 -2.72
O2' TLN C 1 9.08 8.21 -3.38
O3' TLN C 1 6.75 8.89 -1.97
C6' TLN C 1 9.53 9.09 -2.31
H5' TLN C 1 8.37 10.04 0.15
H5'' TLN C 1 8.54 8.53 1.05
H1' TLN C 1 10.29 6.10 -2.69
H6 TLN C 1 8.56 5.44 0.47
H71 TLN C 1 7.78 3.89 2.26
H72 TLN C 1 7.21 2.28 1.77
H73 TLN C 1 8.94 2.55 2.11
H3 TLN C 1 8.52 1.83 -2.88
H3' TLN C 1 7.14 7.13 -0.87
H2' TLN C 1 7.68 6.58 -3.37
H6'1 TLN C 1 9.09 10.09 -2.42
H6'2 TLN C 1 10.63 9.19 -2.32
HO5' TLN C 1 10.79 8.67 0.75
P LCG C 2 5.22 8.64 -2.45
OP1 LCG C 2 4.58 10.00 -2.78
O5' LCG C 2 5.18 7.69 -3.74
C5' LCG C 2 5.72 8.03 -5.04
C3' LCG C 2 4.37 6.08 -6.08
C6' LCG C 2 6.27 6.79 -7.34
N9 LCG C 2 5.53 3.77 -4.40
C8 LCG C 2 5.40 4.26 -3.11
C4 LCG C 2 5.15 2.45 -4.17
N7 LCG C 2 4.99 3.49 -2.08
C5 LCG C 2 4.83 2.32 -2.77
C6 LCG C 2 4.35 0.98 -2.18
C2' LCG C 2 5.08 4.89 -6.72
O6 LCG C 2 4.07 0.86 -0.99
C4' LCG C 2 5.75 6.75 -5.89
C1' LCG C 2 6.09 4.45 -5.62
C2 LCG C 2 4.61 0.13 -4.53
N1 LCG C 2 4.27 -0.05 -3.08
O4' LCG C 2 6.59 5.75 -5.24
OP2 LCG C 2 4.43 7.99 -1.31
N2 LCG C 2 4.50 -0.93 -5.44
N3 LCG C 2 5.02 1.27 -4.99
O2' LCG C 2 5.83 5.49 -7.82
O3' LCG C 2 3.51 6.84 -6.97
H5' LCG C 2 6.74 8.45 -4.93
H5'' LCG C 2 5.11 8.80 -5.53
H3' LCG C 2 3.85 5.83 -5.14
H6'1 LCG C 2 5.82 7.61 -7.91
H6'2 LCG C 2 7.37 6.89 -7.40
H8 LCG C 2 5.65 5.29 -2.90
H2' LCG C 2 4.41 4.07 -7.05
H1' LCG C 2 6.89 3.83 -6.05
H1 LCG C 2 3.95 -0.94 -2.67
H21 LCG C 2 4.18 -1.84 -5.09
H22 LCG C 2 4.73 -0.78 -6.43
P LCG C 3 1.93 6.55 -7.16
OP1 LCG C 3 1.32 7.62 -8.07
O5' LCG C 3 1.72 5.10 -7.82
C5' LCG C 3 2.16 4.72 -9.14
C3' LCG C 3 0.63 2.70 -9.03
C6' LCG C 3 2.43 2.49 -10.57
N9 LCG C 3 1.71 1.37 -6.50
C8 LCG C 3 1.77 2.42 -5.60
C4 LCG C 3 1.23 0.37 -5.64
N7 LCG C 3 1.43 2.27 -4.28
C5 LCG C 3 1.08 0.95 -4.34
C6 LCG C 3 0.67 0.09 -3.13
C2' LCG C 3 1.17 1.30 -9.03
O6 LCG C 3 0.55 0.57 -2.00
C4' LCG C 3 2.06 3.20 -9.26
C1' LCG C 3 2.23 1.31 -7.90
C2 LCG C 3 0.63 -1.80 -4.79
N1 LCG C 3 0.46 -1.23 -3.41
O4' LCG C 3 2.88 2.56 -8.23
OP2 LCG C 3 1.23 6.59 -5.80
N2 LCG C 3 0.42 -3.15 -5.05
N3 LCG C 3 0.97 -1.03 -5.78
O2' LCG C 3 1.85 1.18 -10.32
O3' LCG C 3 -0.27 3.01 -10.12
H5' LCG C 3 3.21 5.01 -9.32
H5'' LCG C 3 1.51 5.17 -9.90
H3' LCG C 3 0.21 3.04 -8.05
H6'1 LCG C 3 1.97 2.96 -11.46
H6'2 LCG C 3 3.52 2.43 -10.74
H8 LCG C 3 2.14 3.38 -5.92
H2' LCG C 3 0.38 0.56 -8.90
H1' LCG C 3 2.96 0.48 -8.00
H1 LCG C 3 0.19 -1.80 -2.58
H21 LCG C 3 0.15 -3.77 -4.26
H22 LCG C 3 0.53 -3.51 -6.01
P LCG C 4 -1.89 2.84 -10.06
OP1 LCG C 4 -2.50 3.43 -11.34
O5' LCG C 4 -2.29 1.29 -9.93
C5' LCG C 4 -1.90 0.25 -10.87
C3' LCG C 4 -3.50 -1.46 -9.74
C6' LCG C 4 -1.60 -2.39 -10.85
N9 LCG C 4 -2.54 -1.26 -6.81
C8 LCG C 4 -2.62 0.11 -6.58
C4 LCG C 4 -2.84 -1.72 -5.54
N7 LCG C 4 -2.88 0.61 -5.34
C5 LCG C 4 -2.99 -0.59 -4.67
C6 LCG C 4 -3.17 -0.77 -3.16
C2' LCG C 4 -2.93 -2.65 -8.96
O6 LCG C 4 -3.22 0.17 -2.38
C4' LCG C 4 -2.05 -1.10 -10.14
C1' LCG C 4 -1.94 -1.98 -7.99
C2 LCG C 4 -3.20 -3.23 -3.69
N1 LCG C 4 -3.27 -2.08 -2.74
O4' LCG C 4 -1.31 -1.06 -8.90
OP2 LCG C 4 -2.44 3.61 -8.85
N2 LCG C 4 -3.44 -4.55 -3.26
N3 LCG C 4 -2.96 -3.03 -4.96
O2' LCG C 4 -2.17 -3.39 -9.96
O3' LCG C 4 -4.35 -1.85 -10.83
H5' LCG C 4 -0.85 0.40 -11.18
H5'' LCG C 4 -2.53 0.31 -11.77
H3' LCG C 4 -3.98 -0.69 -9.10
H6'1 LCG C 4 -2.01 -2.49 -11.88
H6'2 LCG C 4 -0.50 -2.49 -10.91
H8 LCG C 4 -2.40 0.80 -7.37
H2' LCG C 4 -3.69 -3.27 -8.45
H1' LCG C 4 -1.20 -2.72 -7.62
H1 LCG C 4 -3.44 -2.19 -1.73
H21 LCG C 4 -3.67 -4.70 -2.27
H22 LCG C 4 -3.40 -5.31 -3.94
P TLN C 5 -5.97 -1.85 -10.72
OP1 TLN C 5 -6.57 -2.39 -12.02
OP2 TLN C 5 -6.45 -0.40 -10.52
O5' TLN C 5 -6.45 -2.74 -9.46
C5' TLN C 5 -6.35 -4.17 -9.41
C4' TLN C 5 -6.65 -4.63 -7.98
O4' TLN C 5 -5.70 -4.07 -7.03
C1' TLN C 5 -6.33 -4.13 -5.71
N1 TLN C 5 -6.51 -2.77 -5.12
C6 TLN C 5 -6.47 -1.58 -5.99
C5 TLN C 5 -6.58 -0.34 -5.46
C5M TLN C 5 -6.51 0.83 -6.40
C4 TLN C 5 -6.72 -0.20 -3.92
O4 TLN C 5 -6.80 0.89 -3.34
N3 TLN C 5 -6.77 -1.36 -3.20
C2 TLN C 5 -6.65 -2.62 -3.74
O2 TLN C 5 -6.67 -3.57 -2.97
C3' TLN C 5 -8.03 -4.28 -7.40
C2' TLN C 5 -7.62 -4.92 -6.08
O2' TLN C 5 -7.22 -6.27 -6.45
O3' TLN C 5 -9.14 -4.93 -8.03
C6' TLN C 5 -6.61 -6.14 -7.77
H5' TLN C 5 -5.34 -4.52 -9.72
H5'' TLN C 5 -7.07 -4.64 -10.12
H1' TLN C 5 -5.69 -4.75 -5.05
H6 TLN C 5 -6.36 -1.69 -7.07
H71 TLN C 5 -5.46 1.01 -6.71
H72 TLN C 5 -7.08 0.64 -7.33
H73 TLN C 5 -6.90 1.75 -5.95
H3 TLN C 5 -6.86 -1.29 -2.18
H3' TLN C 5 -8.23 -3.20 -7.34
H2' TLN C 5 -8.40 -4.91 -5.28
HO3' TLN C 5 -9.91 -4.74 -7.47
H6'1 TLN C 5 -7.20 -6.65 -8.55
H6'2 TLN C 5 -5.57 -6.51 -7.79
O5' TLN D 1 6.95 -1.93 -10.90
C5' TLN D 1 7.82 -2.12 -9.78
C4' TLN D 1 7.47 -3.41 -9.01
O4' TLN D 1 8.35 -3.55 -7.85
C1' TLN D 1 7.73 -4.50 -6.95
N1 TLN D 1 7.48 -3.99 -5.56
C6 TLN D 1 7.61 -2.55 -5.26
C5 TLN D 1 7.54 -2.10 -3.98
C5M TLN D 1 7.83 -0.66 -3.64
C4 TLN D 1 7.22 -3.13 -2.85
O4 TLN D 1 7.06 -2.80 -1.68
N3 TLN D 1 7.08 -4.44 -3.24
C2 TLN D 1 7.22 -4.88 -4.52
O2 TLN D 1 7.07 -6.10 -4.72
C3' TLN D 1 6.07 -3.48 -8.40
C2' TLN D 1 6.46 -4.82 -7.77
O2' TLN D 1 6.86 -5.64 -8.90
O3' TLN D 1 5.00 -3.59 -9.38
C6' TLN D 1 7.54 -4.74 -9.81
H5' TLN D 1 7.76 -1.24 -9.12
H5'' TLN D 1 8.87 -2.17 -10.15
H1' TLN D 1 8.36 -5.40 -6.89
H6 TLN D 1 7.77 -1.88 -6.10
H71 TLN D 1 7.68 0.02 -4.51
H72 TLN D 1 7.16 -0.29 -2.85
H73 TLN D 1 8.87 -0.52 -3.29
H3 TLN D 1 6.87 -5.13 -2.50
H3' TLN D 1 5.85 -2.70 -7.65
H2' TLN D 1 5.66 -5.25 -7.16
H6'1 TLN D 1 7.00 -4.69 -10.78
H6'2 TLN D 1 8.57 -5.07 -10.00
HO5' TLN D 1 6.06 -1.88 -10.53
P LCG D 2 3.42 -3.58 -9.01
OP1 LCG D 2 2.59 -3.65 -10.29
O5' LCG D 2 3.07 -4.85 -8.06
C5' LCG D 2 3.19 -6.23 -8.44
C3' LCG D 2 1.75 -6.90 -6.41
C6' LCG D 2 3.17 -8.62 -7.27
N9 LCG D 2 3.48 -5.68 -4.16
C8 LCG D 2 3.64 -4.38 -4.64
C4 LCG D 2 3.32 -5.40 -2.81
N7 LCG D 2 3.63 -3.31 -3.81
C5 LCG D 2 3.41 -3.97 -2.64
C6 LCG D 2 3.28 -3.33 -1.25
C2' LCG D 2 2.34 -7.74 -5.27
O6 LCG D 2 3.38 -2.11 -1.09
C4' LCG D 2 3.08 -7.08 -7.17
C1' LCG D 2 3.65 -6.99 -4.91
C2 LCG D 2 2.94 -5.68 -0.44
N1 LCG D 2 3.06 -4.21 -0.22
O4' LCG D 2 4.13 -6.71 -6.24
OP2 LCG D 2 3.07 -2.29 -8.27
N2 LCG D 2 2.65 -6.56 0.61
N3 LCG D 2 3.08 -6.19 -1.64
O2' LCG D 2 2.71 -9.00 -5.94
O3' LCG D 2 0.62 -7.51 -7.09
H5' LCG D 2 4.16 -6.40 -8.95
H5'' LCG D 2 2.40 -6.50 -9.16
H3' LCG D 2 1.53 -5.86 -6.11
H6'1 LCG D 2 2.52 -9.03 -8.05
H6'2 LCG D 2 4.20 -8.98 -7.46
H8 LCG D 2 3.84 -4.22 -5.69
H2' LCG D 2 1.67 -7.90 -4.41
H1' LCG D 2 4.35 -7.64 -4.38
H1 LCG D 2 2.98 -3.75 0.70
H21 LCG D 2 2.53 -6.15 1.56
H22 LCG D 2 2.56 -7.55 0.43
P LCG D 3 -0.92 -7.25 -6.69
OP1 LCG D 3 -1.83 -7.94 -7.70
O5' LCG D 3 -1.20 -7.85 -5.22
C5' LCG D 3 -1.13 -9.24 -4.86
C3' LCG D 3 -2.40 -8.72 -2.73
C6' LCG D 3 -1.08 -10.72 -2.65
N9 LCG D 3 -0.52 -6.62 -1.51
C8 LCG D 3 -0.31 -5.75 -2.56
C4 LCG D 3 -0.61 -5.70 -0.47
N7 LCG D 3 -0.23 -4.41 -2.38
C5 LCG D 3 -0.43 -4.39 -1.03
C6 LCG D 3 -0.38 -3.14 -0.13
C2' LCG D 3 -1.75 -8.90 -1.37
O6 LCG D 3 -0.21 -2.01 -0.59
C4' LCG D 3 -1.13 -9.34 -3.34
C1' LCG D 3 -0.41 -8.13 -1.50
C2 LCG D 3 -0.74 -4.77 1.75
N1 LCG D 3 -0.54 -3.39 1.21
O4' LCG D 3 -0.01 -8.60 -2.79
OP2 LCG D 3 -1.21 -5.74 -6.68
N2 LCG D 3 -0.96 -4.99 3.11
N3 LCG D 3 -0.76 -5.80 0.95
O2' LCG D 3 -1.46 -10.33 -1.30
O3' LCG D 3 -3.59 -9.51 -2.94
H5' LCG D 3 -0.21 -9.71 -5.24
H5'' LCG D 3 -2.01 -9.78 -5.25
H3' LCG D 3 -2.55 -7.67 -3.03
H6'1 LCG D 3 -1.82 -11.43 -3.08
H6'2 LCG D 3 -0.09 -11.18 -2.69
H8 LCG D 3 -0.16 -6.15 -3.56
H2' LCG D 3 -2.40 -8.56 -0.59
H1' LCG D 3 0.31 -8.44 -0.72
H1 LCG D 3 -0.48 -2.54 1.79
H21 LCG D 3 -0.95 -4.17 3.75
H22 LCG D 3 -1.11 -5.95 3.45
P LCG D 4 -5.10 -9.03 -2.57
OP1 LCG D 4 -6.10 -10.07 -3.08
O5' LCG D 4 -5.27 -8.87 -0.97
C5' LCG D 4 -5.08 -9.92 0.00
C3' LCG D 4 -6.09 -8.40 1.85
C6' LCG D 4 -4.60 -10.08 2.63
N9 LCG D 4 -4.29 -5.95 1.50
C8 LCG D 4 -4.27 -5.68 0.13
C4 LCG D 4 -4.29 -4.64 1.97
N7 LCG D 4 -4.21 -4.40 -0.35
C5 LCG D 4 -4.18 -3.75 0.85
C6 LCG D 4 -3.98 -2.24 1.07
C2' LCG D 4 -5.22 -7.86 2.98
O6 LCG D 4 -3.81 -1.46 0.13
C4' LCG D 4 -4.89 -9.24 1.37
C1' LCG D 4 -4.03 -7.24 2.21
C2 LCG D 4 -4.20 -2.78 3.50
N1 LCG D 4 -3.97 -1.83 2.37
O4' LCG D 4 -3.79 -8.30 1.27
OP2 LCG D 4 -5.37 -7.68 -3.24
N2 LCG D 4 -4.32 -2.34 4.82
N3 LCG D 4 -4.30 -4.06 3.29
O2' LCG D 4 -4.76 -9.06 3.66
O3' LCG D 4 -7.23 -9.13 2.35
H5' LCG D 4 -4.19 -10.52 -0.25
H5'' LCG D 4 -5.94 -10.60 0.01
H3' LCG D 4 -6.40 -7.61 1.13
H6'1 LCG D 4 -5.31 -10.91 2.77
H6'2 LCG D 4 -3.58 -10.49 2.64
H8 LCG D 4 -4.24 -6.49 -0.58
H2' LCG D 4 -5.73 -7.14 3.65
H1' LCG D 4 -3.15 -7.13 2.88
H1 LCG D 4 -3.78 -0.82 2.49
H21 LCG D 4 -4.21 -1.33 5.01
H22 LCG D 4 -4.50 -3.02 5.58
P TLN D 5 -8.56 -9.48 1.51
OP1 TLN D 5 -8.72 -11.00 1.43
OP2 TLN D 5 -8.47 -8.91 0.09
O5' TLN D 5 -9.85 -8.84 2.25
C5' TLN D 5 -10.03 -8.87 3.68
C4' TLN D 5 -9.77 -7.50 4.30
O4' TLN D 5 -8.43 -6.99 4.03
C1' TLN D 5 -8.46 -5.56 4.26
N1 TLN D 5 -8.14 -4.75 3.03
C6 TLN D 5 -8.24 -5.38 1.70
C5 TLN D 5 -8.02 -4.67 0.58
C5M TLN D 5 -8.09 -5.35 -0.76
C4 TLN D 5 -7.65 -3.16 0.73
O4 TLN D 5 -7.40 -2.44 -0.23
N3 TLN D 5 -7.60 -2.66 2.00
C2 TLN D 5 -7.82 -3.40 3.13
O2 TLN D 5 -7.74 -2.83 4.22
C3' TLN D 5 -10.70 -6.35 3.88
C2' TLN D 5 -9.91 -5.41 4.80
O2' TLN D 5 -9.97 -6.05 6.10
O3' TLN D 5 -12.08 -6.48 4.26
C6' TLN D 5 -9.93 -7.47 5.82
H5' TLN D 5 -9.37 -9.63 4.15
H5'' TLN D 5 -11.06 -9.22 3.92
H1' TLN D 5 -7.74 -5.30 5.06
H6 TLN D 5 -8.52 -6.44 1.62
H71 TLN D 5 -8.53 -4.68 -1.52
H72 TLN D 5 -7.09 -5.68 -1.08
H73 TLN D 5 -8.73 -6.26 -0.72
H3 TLN D 5 -7.35 -1.68 2.12
H3' TLN D 5 -10.64 -6.10 2.81
H2' TLN D 5 -10.28 -4.36 4.83
HO3' TLN D 5 -12.49 -5.64 4.08
H6'1 TLN D 5 -10.89 -7.95 6.10
H6'2 TLN D 5 -9.09 -7.98 6.32
O5' TLN A 1 6.70 -0.89 12.22
C5' TLN A 1 5.59 -0.41 11.46
C4' TLN A 1 5.98 0.85 10.66
O4' TLN A 1 7.07 0.56 9.72
C1' TLN A 1 7.07 1.62 8.73
N1 TLN A 1 6.95 1.17 7.31
C6 TLN A 1 6.55 -0.22 7.01
C5 TLN A 1 6.59 -0.68 5.73
C5M TLN A 1 6.32 -2.13 5.41
C4 TLN A 1 6.95 0.32 4.60
O4 TLN A 1 6.94 0.01 3.40
N3 TLN A 1 7.27 1.59 4.98
C2 TLN A 1 7.28 2.03 6.27
O2 TLN A 1 7.61 3.21 6.46
C3' TLN A 1 4.88 1.43 9.76
C2' TLN A 1 5.89 2.46 9.27
O2' TLN A 1 6.34 3.13 10.48
O3' TLN A 1 3.76 2.00 10.50
C6' TLN A 1 6.39 2.09 11.49
H5' TLN A 1 4.74 -0.19 12.14
H5'' TLN A 1 5.24 -1.20 10.79
H1' TLN A 1 8.01 2.19 8.84
H6 TLN A 1 6.24 -0.85 7.84
H71 TLN A 1 7.28 -2.70 5.31
H72 TLN A 1 5.72 -2.65 6.18
H73 TLN A 1 5.77 -2.26 4.46
H3 TLN A 1 7.51 2.27 4.24
H3' TLN A 1 4.53 0.76 8.96
H2' TLN A 1 5.47 3.13 8.52
H6'1 TLN A 1 5.69 2.31 12.31
H6'2 TLN A 1 7.41 2.00 11.92
HO5' TLN A 1 7.38 -1.09 11.57
P LCG A 2 2.43 2.60 9.79
OP1 LCG A 2 1.45 3.06 10.87
O5' LCG A 2 2.82 3.85 8.84
C5' LCG A 2 3.39 5.08 9.30
C3' LCG A 2 2.80 6.17 7.03
C6' LCG A 2 4.56 7.23 8.24
N9 LCG A 2 4.34 4.27 5.16
C8 LCG A 2 3.91 3.02 5.61
C4 LCG A 2 4.37 4.00 3.80
N7 LCG A 2 3.65 1.99 4.76
C5 LCG A 2 3.95 2.65 3.59
C6 LCG A 2 3.90 2.02 2.18
C2' LCG A 2 3.90 6.65 6.07
O6 LCG A 2 3.56 0.85 1.99
C4' LCG A 2 3.90 5.85 8.06
C1' LCG A 2 4.83 5.43 5.97
C2 LCG A 2 4.70 4.29 1.43
N1 LCG A 2 4.28 2.87 1.17
O4' LCG A 2 4.90 5.06 7.36
OP2 LCG A 2 1.77 1.51 8.94
N2 LCG A 2 5.09 5.13 0.37
N3 LCG A 2 4.72 4.76 2.62
O2' LCG A 2 4.57 7.69 6.85
O3' LCG A 2 1.88 7.20 7.47
H5' LCG A 2 4.23 4.90 10.00
H5'' LCG A 2 2.64 5.67 9.84
H3' LCG A 2 2.26 5.28 6.64
H6'1 LCG A 2 3.96 7.89 8.88
H6'2 LCG A 2 5.59 7.17 8.65
H8 LCG A 2 3.80 2.84 6.67
H2' LCG A 2 3.54 7.02 5.10
H1' LCG A 2 5.84 5.73 5.61
H1 LCG A 2 4.26 2.43 0.23
H21 LCG A 2 5.09 4.75 -0.59
H22 LCG A 2 5.37 6.09 0.58
P LCG A 3 0.47 7.52 6.75
OP1 LCG A 3 -0.29 8.56 7.57
O5' LCG A 3 0.75 8.09 5.27
C5' LCG A 3 1.42 9.34 4.97
C3' LCG A 3 0.52 9.23 2.61
C6' LCG A 3 2.48 10.56 2.88
N9 LCG A 3 1.64 6.53 1.69
C8 LCG A 3 1.15 5.72 2.69
C4 LCG A 3 1.55 5.64 0.61
N7 LCG A 3 0.75 4.44 2.46
C5 LCG A 3 1.01 4.40 1.11
C6 LCG A 3 0.88 3.18 0.21
C2' LCG A 3 1.45 9.09 1.41
O6 LCG A 3 0.47 2.08 0.62
C4' LCG A 3 1.77 9.34 3.49
C1' LCG A 3 2.33 7.87 1.78
C2 LCG A 3 1.76 4.69 -1.58
N1 LCG A 3 1.26 3.38 -1.10
O4' LCG A 3 2.59 8.18 3.17
OP2 LCG A 3 -0.37 6.25 6.65
N2 LCG A 3 2.08 4.91 -2.93
N3 LCG A 3 1.89 5.70 -0.78
O2' LCG A 3 2.28 10.29 1.46
O3' LCG A 3 -0.30 10.43 2.58
H5' LCG A 3 2.34 9.44 5.55
H5'' LCG A 3 0.76 10.19 5.18
H3' LCG A 3 -0.08 8.33 2.84
H6'1 LCG A 3 2.02 11.52 3.16
H6'2 LCG A 3 3.55 10.60 3.13
H8 LCG A 3 1.12 6.09 3.71
H2' LCG A 3 0.89 8.99 0.49
H1' LCG A 3 3.27 7.85 1.21
H1 LCG A 3 1.13 2.55 -1.70
H21 LCG A 3 1.96 4.13 -3.59
H22 LCG A 3 2.41 5.83 -3.24
P LCG A 4 -1.78 10.50 1.94
OP1 LCG A 4 -2.38 11.88 2.20
O5' LCG A 4 -1.71 10.24 0.34
C5' LCG A 4 -1.05 11.10 -0.61
C3' LCG A 4 -2.20 9.82 -2.56
C6' LCG A 4 -0.21 10.99 -3.13
N9 LCG A 4 -1.22 6.97 -2.04
C8 LCG A 4 -1.65 6.79 -0.72
C4 LCG A 4 -1.49 5.70 -2.53
N7 LCG A 4 -2.14 5.60 -0.28
C5 LCG A 4 -2.01 4.90 -1.46
C6 LCG A 4 -2.32 3.41 -1.66
C2' LCG A 4 -1.37 9.03 -3.57
O6 LCG A 4 -2.73 2.69 -0.75
C4' LCG A 4 -0.90 10.31 -1.92
C1' LCG A 4 -0.50 8.13 -2.66
C2 LCG A 4 -1.62 3.83 -4.03
N1 LCG A 4 -2.11 2.95 -2.93
O4' LCG A 4 -0.13 9.10 -1.66
OP2 LCG A 4 -2.66 9.43 2.58
N2 LCG A 4 -1.48 3.34 -5.34
N3 LCG A 4 -1.31 5.07 -3.81
O2' LCG A 4 -0.52 10.03 -4.18
O3' LCG A 4 -3.03 10.85 -3.15
H5' LCG A 4 -0.07 11.42 -0.22
H5'' LCG A 4 -1.66 12.02 -0.75
H3' LCG A 4 -2.80 9.19 -1.87
H6'1 LCG A 4 -0.63 11.99 -3.36
H6'2 LCG A 4 0.88 11.11 -2.99
H8 LCG A 4 -1.56 7.60 -0.01
H2' LCG A 4 -1.96 8.45 -4.30
H1' LCG A 4 0.39 7.76 -3.20
H1 LCG A 4 -2.38 1.95 -3.07
H21 LCG A 4 -1.77 2.37 -5.53
H22 LCG A 4 -1.14 3.96 -6.08
P TLN A 5 -4.56 10.57 -3.58
OP1 TLN A 5 -5.15 11.85 -4.20
OP2 TLN A 5 -5.37 10.19 -2.35
O5' TLN A 5 -4.63 9.37 -4.67
C5' TLN A 5 -4.14 9.50 -6.01
C4' TLN A 5 -4.30 8.15 -6.75
O4' TLN A 5 -3.55 7.08 -6.11
C1' TLN A 5 -4.13 5.83 -6.60
N1 TLN A 5 -4.70 4.99 -5.49
C6 TLN A 5 -4.94 5.59 -4.17
C5 TLN A 5 -5.34 4.82 -3.13
C5M TLN A 5 -5.54 5.46 -1.79
C4 TLN A 5 -5.58 3.30 -3.37
O4 TLN A 5 -5.93 2.53 -2.48
N3 TLN A 5 -5.35 2.85 -4.65
C2 TLN A 5 -4.92 3.63 -5.69
O2 TLN A 5 -4.73 3.07 -6.77
C3' TLN A 5 -5.73 7.59 -6.89
C2' TLN A 5 -5.15 6.38 -7.62
O2' TLN A 5 -4.40 6.96 -8.72
O3' TLN A 5 -6.62 8.37 -7.69
C6' TLN A 5 -3.84 8.19 -8.20
H5' TLN A 5 -3.08 9.81 -6.02
H5'' TLN A 5 -4.69 10.29 -6.55
H1' TLN A 5 -3.34 5.26 -7.13
H6 TLN A 5 -4.80 6.67 -4.03
H71 TLN A 5 -6.60 5.74 -1.65
H72 TLN A 5 -5.24 4.77 -0.99
H73 TLN A 5 -4.93 6.37 -1.66
H3 TLN A 5 -5.49 1.84 -4.83
H3' TLN A 5 -6.21 7.35 -5.93
H2' TLN A 5 -5.90 5.64 -7.97
HO3' TLN A 5 -7.40 7.83 -7.82
H6'1 TLN A 5 -4.27 9.07 -8.70
H6'2 TLN A 5 -2.73 8.22 -8.27
O5' TLN B 1 3.65 -12.71 1.63
C5' TLN B 1 4.78 -11.85 1.71
C4' TLN B 1 4.76 -10.98 2.99
O4' TLN B 1 5.90 -10.08 3.01
C1' TLN B 1 5.60 -9.01 3.96
N1 TLN B 1 5.68 -7.63 3.40
C6 TLN B 1 5.75 -7.41 1.95
C5 TLN B 1 5.97 -6.18 1.43
C5M TLN B 1 6.18 -5.97 -0.05
C4 TLN B 1 6.04 -4.98 2.43
O4 TLN B 1 6.17 -3.81 2.05
N3 TLN B 1 5.94 -5.27 3.76
C2 TLN B 1 5.77 -6.53 4.26
O2 TLN B 1 5.70 -6.65 5.48
C3' TLN B 1 3.56 -10.02 3.13
C2' TLN B 1 4.21 -9.48 4.40
O2' TLN B 1 4.36 -10.66 5.24
O3' TLN B 1 2.29 -10.69 3.35
C6' TLN B 1 4.72 -11.73 4.34
H5' TLN B 1 4.83 -11.22 0.81
H5'' TLN B 1 5.70 -12.47 1.70
H1' TLN B 1 6.31 -9.10 4.81
H6 TLN B 1 5.62 -8.29 1.30
H71 TLN B 1 5.71 -6.75 -0.67
H72 TLN B 1 5.76 -5.00 -0.40
H73 TLN B 1 7.26 -5.96 -0.31
H3 TLN B 1 5.99 -4.49 4.42
H3' TLN B 1 3.47 -9.25 2.33
H2' TLN B 1 3.63 -8.68 4.86
H6'1 TLN B 1 3.96 -12.53 4.36
H6'2 TLN B 1 5.70 -12.17 4.60
HO5' TLN B 1 2.88 -12.12 1.63
P LCG B 2 0.87 -9.91 3.43
OP1 LCG B 2 -0.25 -10.93 3.60
O5' LCG B 2 0.86 -8.90 4.69
C5' LCG B 2 1.00 -9.29 6.07
C3' LCG B 2 0.20 -6.94 6.82
C6' LCG B 2 1.47 -8.16 8.43
N9 LCG B 2 2.33 -5.22 5.45
C8 LCG B 2 2.27 -5.68 4.15
C4 LCG B 2 2.54 -3.87 5.19
N7 LCG B 2 2.41 -4.86 3.07
C5 LCG B 2 2.58 -3.70 3.76
C6 LCG B 2 2.85 -2.31 3.13
C2' LCG B 2 1.12 -6.01 7.60
O6 LCG B 2 2.91 -2.14 1.91
C4' LCG B 2 1.29 -8.04 6.91
C1' LCG B 2 2.41 -5.99 6.74
C2 LCG B 2 2.94 -1.51 5.51
N1 LCG B 2 3.02 -1.29 4.04
O4' LCG B 2 2.51 -7.40 6.45
OP2 LCG B 2 0.64 -9.11 2.15
N2 LCG B 2 3.10 -0.45 6.42
N3 LCG B 2 2.74 -2.69 6.00
O2' LCG B 2 1.40 -6.76 8.83
O3' LCG B 2 -1.02 -7.31 7.51
H5' LCG B 2 1.82 -10.03 6.19
H5'' LCG B 2 0.07 -9.78 6.41
H3' LCG B 2 -0.02 -6.60 5.80
H6'1 LCG B 2 0.66 -8.75 8.90
H6'2 LCG B 2 2.44 -8.62 8.71
H8 LCG B 2 2.14 -6.75 3.96
H2' LCG B 2 0.71 -5.02 7.79
H1' LCG B 2 3.27 -5.67 7.33
H1 LCG B 2 3.20 -0.37 3.60
H21 LCG B 2 3.26 0.49 6.05
H22 LCG B 2 3.03 -0.63 7.43
P LCG B 3 -2.39 -6.45 7.40
OP1 LCG B 3 -3.49 -7.15 8.21
O5' LCG B 3 -2.15 -4.97 7.97
C5' LCG B 3 -1.85 -4.64 9.34
C3' LCG B 3 -2.58 -2.26 8.92
C6' LCG B 3 -1.10 -2.54 10.77
N9 LCG B 3 -0.65 -1.45 6.66
C8 LCG B 3 -0.94 -2.46 5.75
C4 LCG B 3 -0.40 -0.41 5.76
N7 LCG B 3 -0.90 -2.26 4.41
C5 LCG B 3 -0.54 -0.94 4.42
C6 LCG B 3 -0.22 -0.06 3.19
C2' LCG B 3 -1.61 -1.10 9.03
O6 LCG B 3 -0.28 -0.51 2.05
C4' LCG B 3 -1.45 -3.17 9.41
C1' LCG B 3 -0.42 -1.54 8.14
C2 LCG B 3 0.21 1.74 4.88
N1 LCG B 3 0.14 1.22 3.48
O4' LCG B 3 -0.32 -2.92 8.54
OP2 LCG B 3 -2.83 -6.37 5.94
N2 LCG B 3 0.47 3.10 5.14
N3 LCG B 3 -0.02 0.96 5.89
O2' LCG B 3 -1.17 -1.14 10.42
O3' LCG B 3 -3.71 -2.19 9.81
H5' LCG B 3 -1.02 -5.26 9.72
H5'' LCG B 3 -2.75 -4.80 9.98
H3' LCG B 3 -2.89 -2.50 7.88
H6'1 LCG B 3 -1.85 -2.78 11.56
H6'2 LCG B 3 -0.10 -2.83 11.13
H8 LCG B 3 -1.17 -3.45 6.12
H2' LCG B 3 -2.07 -0.16 8.75
H1' LCG B 3 0.51 -1.01 8.40
H1 LCG B 3 0.33 1.80 2.64
H21 LCG B 3 0.63 3.73 4.34
H22 LCG B 3 0.50 3.43 6.12
P LCG B 4 -5.08 -1.42 9.44
OP1 LCG B 4 -6.10 -1.63 10.58
O5' LCG B 4 -4.82 0.15 9.23
C5' LCG B 4 -4.36 1.04 10.27
C3' LCG B 4 -5.06 3.03 8.77
C6' LCG B 4 -3.44 3.54 10.45
N9 LCG B 4 -3.32 2.52 6.28
C8 LCG B 4 -3.63 1.20 5.98
C4 LCG B 4 -3.15 3.01 4.99
N7 LCG B 4 -3.66 0.74 4.71
C5 LCG B 4 -3.33 1.91 4.07
C6 LCG B 4 -3.13 2.10 2.56
C2' LCG B 4 -4.03 4.04 8.25
O6 LCG B 4 -3.25 1.17 1.76
C4' LCG B 4 -3.93 2.37 9.59
C1' LCG B 4 -2.95 3.12 7.61
C2 LCG B 4 -2.68 4.50 3.15
N1 LCG B 4 -2.81 3.37 2.17
O4' LCG B 4 -2.88 2.10 8.63
OP2 LCG B 4 -5.67 -2.00 8.15
N2 LCG B 4 -2.44 5.81 2.71
N3 LCG B 4 -2.81 4.28 4.43
O2' LCG B 4 -3.47 4.61 9.47
O3' LCG B 4 -6.10 3.63 9.56
H5' LCG B 4 -3.51 0.60 10.82
H5'' LCG B 4 -5.17 1.21 11.01
H3' LCG B 4 -5.47 2.38 7.98
H6'1 LCG B 4 -4.11 3.77 11.30
H6'2 LCG B 4 -2.42 3.37 10.85
H8 LCG B 4 -3.80 0.49 6.78
H2' LCG B 4 -4.42 4.79 7.56
H1' LCG B 4 -1.98 3.64 7.52
H1 LCG B 4 -2.71 3.47 1.15
H21 LCG B 4 -2.34 5.97 1.70
H22 LCG B 4 -2.37 6.57 3.39
P TLN B 5 -7.62 3.74 9.05
OP1 TLN B 5 -8.49 4.40 10.13
OP2 TLN B 5 -8.17 2.34 8.75
O5' TLN B 5 -7.67 4.63 7.70
C5' TLN B 5 -7.32 6.02 7.68
C4' TLN B 5 -7.11 6.46 6.22
O4' TLN B 5 -6.02 5.73 5.59
C1' TLN B 5 -6.20 5.86 4.15
N1 TLN B 5 -6.39 4.54 3.47
C6 TLN B 5 -6.74 3.35 4.28
C5 TLN B 5 -6.82 2.14 3.69
C5M TLN B 5 -7.13 0.94 4.55
C4 TLN B 5 -6.63 2.04 2.15
O4 TLN B 5 -6.69 0.97 1.53
N3 TLN B 5 -6.35 3.21 1.48
C2 TLN B 5 -6.23 4.43 2.10
O2 TLN B 5 -5.94 5.40 1.39
C3' TLN B 5 -8.29 6.29 5.25
C2' TLN B 5 -7.40 6.84 4.12
O2' TLN B 5 -6.95 8.13 4.63
O3' TLN B 5 -9.42 7.12 5.52
C6' TLN B 5 -6.78 7.94 6.06
H5' TLN B 5 -6.41 6.21 8.26
H5'' TLN B 5 -8.12 6.63 8.15
H1' TLN B 5 -5.30 6.37 3.73
H6 TLN B 5 -6.90 3.45 5.35
H71 TLN B 5 -6.63 0.04 4.16
H72 TLN B 5 -6.76 1.08 5.59
H73 TLN B 5 -8.22 0.76 4.60
H3 TLN B 5 -6.21 3.16 0.47
H3' TLN B 5 -8.61 5.25 5.10
H2' TLN B 5 -7.90 6.93 3.14
HO3' TLN B 5 -10.00 7.03 4.76
H6'1 TLN B 5 -7.50 8.54 6.64
H6'2 TLN B 5 -5.74 8.15 6.40
O5' TLN C 1 10.70 9.20 0.69
C5' TLN C 1 9.37 8.92 0.25
C4' TLN C 1 9.39 8.09 -1.04
O4' TLN C 1 10.07 6.80 -0.83
C1' TLN C 1 9.66 5.93 -1.92
N1 TLN C 1 9.05 4.63 -1.50
C6 TLN C 1 8.61 4.44 -0.09
C5 TLN C 1 8.18 3.23 0.34
C5M TLN C 1 7.86 2.97 1.79
C4 TLN C 1 8.10 2.06 -0.70
O4 TLN C 1 7.67 0.95 -0.41
N3 TLN C 1 8.51 2.34 -1.98
C2 TLN C 1 8.97 3.56 -2.39
O2 TLN C 1 9.31 3.66 -3.57
C3' TLN C 1 8.02 7.67 -1.57
C2' TLN C 1 8.73 6.89 -2.68
O2' TLN C 1 9.55 7.89 -3.34
O3' TLN C 1 7.20 8.78 -2.06
C6' TLN C 1 10.02 8.76 -2.28
H5' TLN C 1 8.83 9.86 0.10
H5'' TLN C 1 8.84 8.38 1.05
H1' TLN C 1 10.55 5.72 -2.55
H6 TLN C 1 8.63 5.31 0.56
H71 TLN C 1 8.73 2.53 2.33
H72 TLN C 1 7.58 3.91 2.34
H73 TLN C 1 7.01 2.28 1.91
H3 TLN C 1 8.46 1.59 -2.67
H3' TLN C 1 7.43 7.02 -0.89
H2' TLN C 1 8.03 6.37 -3.35
H6'1 TLN C 1 9.66 9.79 -2.44
H6'2 TLN C 1 11.13 8.79 -2.24
HO5' TLN C 1 11.11 8.34 0.83
P LCG C 2 5.68 8.62 -2.56
OP1 LCG C 2 5.13 10.00 -2.95
O5' LCG C 2 5.61 7.63 -3.84
C5' LCG C 2 6.22 7.90 -5.12
C3' LCG C 2 4.79 5.99 -6.18
C6' LCG C 2 6.79 6.57 -7.35
N9 LCG C 2 5.72 3.65 -4.41
C8 LCG C 2 5.52 4.18 -3.14
C4 LCG C 2 5.28 2.35 -4.17
N7 LCG C 2 5.03 3.44 -2.11
C5 LCG C 2 4.88 2.26 -2.80
C6 LCG C 2 4.35 0.93 -2.21
C2' LCG C 2 5.47 4.75 -6.75
O6 LCG C 2 4.00 0.85 -1.03
C4' LCG C 2 6.21 6.58 -5.93
C1' LCG C 2 6.39 4.28 -5.59
C2 LCG C 2 4.69 0.05 -4.52
N1 LCG C 2 4.29 -0.10 -3.09
O4' LCG C 2 6.94 5.56 -5.22
OP2 LCG C 2 4.82 8.05 -1.43
N2 LCG C 2 4.58 -1.03 -5.43
N3 LCG C 2 5.16 1.17 -4.98
O2' LCG C 2 6.30 5.28 -7.83
O3' LCG C 2 4.02 6.76 -7.12
H5' LCG C 2 7.25 8.25 -4.99
H5'' LCG C 2 5.66 8.68 -5.65
H3' LCG C 2 4.22 5.80 -5.25
H6'1 LCG C 2 6.41 7.40 -7.97
H6'2 LCG C 2 7.90 6.60 -7.36
H8 LCG C 2 5.79 5.21 -2.94
H2' LCG C 2 4.77 3.97 -7.10
H1' LCG C 2 7.18 3.62 -5.97
H1 LCG C 2 3.95 -0.99 -2.68
H21 LCG C 2 4.22 -1.92 -5.08
H22 LCG C 2 4.85 -0.89 -6.41
P LCG C 3 2.44 6.54 -7.36
OP1 LCG C 3 1.92 7.57 -8.37
O5' LCG C 3 2.18 5.06 -7.94
C5' LCG C 3 2.64 4.57 -9.22
C3' LCG C 3 1.00 2.66 -9.09
C6' LCG C 3 2.87 2.28 -10.52
N9 LCG C 3 1.86 1.34 -6.47
C8 LCG C 3 1.90 2.40 -5.59
C4 LCG C 3 1.33 0.37 -5.63
N7 LCG C 3 1.48 2.29 -4.30
C5 LCG C 3 1.12 0.97 -4.34
C6 LCG C 3 0.64 0.13 -3.13
C2' LCG C 3 1.48 1.22 -9.02
O6 LCG C 3 0.49 0.62 -2.01
C4' LCG C 3 2.47 3.06 -9.26
C1' LCG C 3 2.48 1.23 -7.83
C2 LCG C 3 0.63 -1.78 -4.77
N1 LCG C 3 0.42 -1.20 -3.40
O4' LCG C 3 3.20 2.44 -8.16
OP2 LCG C 3 1.68 6.70 -6.04
N2 LCG C 3 0.38 -3.13 -5.03
N3 LCG C 3 1.05 -1.03 -5.75
O2' LCG C 3 2.22 1.01 -10.26
O3' LCG C 3 0.16 2.95 -10.24
H5' LCG C 3 3.71 4.81 -9.37
H5'' LCG C 3 2.05 5.03 -10.04
H3' LCG C 3 0.56 3.05 -8.15
H6'1 LCG C 3 2.48 2.75 -11.45
H6'2 LCG C 3 3.97 2.16 -10.62
H8 LCG C 3 2.28 3.36 -5.93
H2' LCG C 3 0.65 0.53 -8.90
H1' LCG C 3 3.17 0.37 -7.88
H1 LCG C 3 0.12 -1.74 -2.59
H21 LCG C 3 0.06 -3.72 -4.24
H22 LCG C 3 0.53 -3.50 -5.97
P LCG C 4 -1.45 2.76 -10.26
OP1 LCG C 4 -1.99 3.27 -11.60
O5' LCG C 4 -1.83 1.20 -10.07
C5' LCG C 4 -1.40 0.13 -10.95
C3' LCG C 4 -3.10 -1.52 -9.91
C6' LCG C 4 -1.15 -2.51 -10.85
N9 LCG C 4 -2.38 -1.28 -6.91
C8 LCG C 4 -2.43 0.09 -6.71
C4 LCG C 4 -2.80 -1.72 -5.67
N7 LCG C 4 -2.78 0.62 -5.50
C5 LCG C 4 -2.99 -0.56 -4.83
C6 LCG C 4 -3.30 -0.71 -3.32
C2' LCG C 4 -2.63 -2.70 -9.07
O6 LCG C 4 -3.38 0.26 -2.57
C4' LCG C 4 -1.63 -1.19 -10.21
C1' LCG C 4 -1.70 -2.04 -8.03
C2 LCG C 4 -3.33 -3.17 -3.83
N1 LCG C 4 -3.45 -2.00 -2.90
O4' LCG C 4 -0.99 -1.14 -8.89
OP2 LCG C 4 -2.07 3.57 -9.12
N2 LCG C 4 -3.59 -4.48 -3.38
N3 LCG C 4 -3.01 -3.00 -5.06
O2' LCG C 4 -1.82 -3.48 -9.99
O3' LCG C 4 -3.88 -1.90 -11.07
H5' LCG C 4 -0.33 0.26 -11.20
H5'' LCG C 4 -1.96 0.17 -11.90
H3' LCG C 4 -3.62 -0.73 -9.33
H6'1 LCG C 4 -1.48 -2.63 -11.90
H6'2 LCG C 4 -0.05 -2.64 -10.82
H8 LCG C 4 -2.12 0.77 -7.49
H2' LCG C 4 -3.44 -3.29 -8.61
H1' LCG C 4 -1.01 -2.79 -7.60
H1 LCG C 4 -3.65 -2.08 -1.88
H21 LCG C 4 -3.85 -4.62 -2.39
H22 LCG C 4 -3.51 -5.26 -4.04
P TLN C 5 -5.49 -1.97 -11.07
OP1 TLN C 5 -5.99 -2.40 -12.44
OP2 TLN C 5 -6.07 -0.59 -10.72
O5' TLN C 5 -6.00 -3.03 -9.95
C5' TLN C 5 -5.77 -4.45 -10.04
C4' TLN C 5 -6.14 -5.09 -8.69
O4' TLN C 5 -5.34 -4.58 -7.60
C1' TLN C 5 -6.08 -4.84 -6.37
N1 TLN C 5 -6.46 -3.58 -5.65
C6 TLN C 5 -6.41 -2.28 -6.37
C5 TLN C 5 -6.67 -1.13 -5.71
C5M TLN C 5 -6.62 0.16 -6.49
C4 TLN C 5 -7.01 -1.20 -4.19
O4 TLN C 5 -7.19 -0.20 -3.50
N3 TLN C 5 -7.07 -2.45 -3.64
C2 TLN C 5 -6.82 -3.61 -4.32
O2 TLN C 5 -6.90 -4.67 -3.69
C3' TLN C 5 -7.60 -4.94 -8.24
C2' TLN C 5 -7.24 -5.69 -6.94
O2' TLN C 5 -6.68 -6.95 -7.43
O3' TLN C 5 -8.57 -5.60 -9.03
C6' TLN C 5 -5.97 -6.61 -8.65
H5' TLN C 5 -4.70 -4.67 -10.28
H5'' TLN C 5 -6.35 -4.89 -10.86
H1' TLN C 5 -5.44 -5.46 -5.72
H6 TLN C 5 -6.15 -2.25 -7.44
H71 TLN C 5 -7.12 0.98 -5.95
H72 TLN C 5 -5.57 0.44 -6.68
H73 TLN C 5 -7.12 0.06 -7.47
H3 TLN C 5 -7.31 -2.52 -2.64
H3' TLN C 5 -7.90 -3.89 -8.07
H2' TLN C 5 -8.08 -5.85 -6.25
HO3' TLN C 5 -9.40 -5.55 -8.53
H6'1 TLN C 5 -6.44 -7.07 -9.53
H6'2 TLN C 5 -4.90 -6.88 -8.60
O5' TLN D 1 9.06 -2.39 -10.30
C5' TLN D 1 7.73 -2.31 -9.81
C4' TLN D 1 7.36 -3.59 -9.03
O4' TLN D 1 8.24 -3.75 -7.87
C1' TLN D 1 7.58 -4.69 -6.97
N1 TLN D 1 7.37 -4.19 -5.58
C6 TLN D 1 7.58 -2.76 -5.27
C5 TLN D 1 7.54 -2.31 -3.98
C5M TLN D 1 7.88 -0.88 -3.61
C4 TLN D 1 7.17 -3.34 -2.86
O4 TLN D 1 7.05 -3.01 -1.68
N3 TLN D 1 6.97 -4.63 -3.25
C2 TLN D 1 7.06 -5.07 -4.54
O2 TLN D 1 6.87 -6.28 -4.74
C3' TLN D 1 5.95 -3.60 -8.41
C2' TLN D 1 6.29 -4.95 -7.78
O2' TLN D 1 6.65 -5.79 -8.92
O3' TLN D 1 4.89 -3.66 -9.39
C6' TLN D 1 7.36 -4.91 -9.83
H5' TLN D 1 7.03 -2.18 -10.66
H5'' TLN D 1 7.61 -1.42 -9.18
H1' TLN D 1 8.18 -5.62 -6.92
H6 TLN D 1 7.76 -2.09 -6.10
H71 TLN D 1 7.22 -0.49 -2.82
H72 TLN D 1 8.91 -0.81 -3.26
H73 TLN D 1 7.79 -0.19 -4.48
H3 TLN D 1 6.73 -5.32 -2.53
H3' TLN D 1 5.77 -2.80 -7.66
H2' TLN D 1 5.48 -5.35 -7.16
H6'1 TLN D 1 6.83 -4.83 -10.79
H6'2 TLN D 1 8.39 -5.28 -10.03
HO5' TLN D 1 9.62 -2.48 -9.52
P LCG D 2 3.31 -3.60 -9.02
OP1 LCG D 2 2.49 -3.65 -10.31
O5' LCG D 2 2.92 -4.86 -8.08
C5' LCG D 2 2.98 -6.24 -8.47
C3' LCG D 2 1.51 -6.86 -6.43
C6' LCG D 2 2.86 -8.63 -7.30
N9 LCG D 2 3.30 -5.73 -4.19
C8 LCG D 2 3.53 -4.45 -4.66
C4 LCG D 2 3.15 -5.44 -2.83
N7 LCG D 2 3.57 -3.36 -3.83
C5 LCG D 2 3.32 -4.02 -2.66
C6 LCG D 2 3.21 -3.38 -1.26
C2' LCG D 2 2.06 -7.73 -5.30
O6 LCG D 2 3.35 -2.15 -1.10
C4' LCG D 2 2.83 -7.10 -7.20
C1' LCG D 2 3.40 -7.03 -4.93
C2 LCG D 2 2.79 -5.71 -0.47
N1 LCG D 2 2.96 -4.24 -0.24
O4' LCG D 2 3.90 -6.78 -6.26
OP2 LCG D 2 3.00 -2.30 -8.27
N2 LCG D 2 2.53 -6.58 0.60
N3 LCG D 2 2.90 -6.22 -1.65
O2' LCG D 2 2.37 -8.99 -5.97
O3' LCG D 2 0.36 -7.41 -7.12
H5' LCG D 2 3.94 -6.45 -8.97
H5'' LCG D 2 2.18 -6.47 -9.19
H3' LCG D 2 1.34 -5.82 -6.13
H6'1 LCG D 2 2.18 -9.00 -8.09
H6'2 LCG D 2 3.87 -9.03 -7.49
H8 LCG D 2 3.74 -4.27 -5.70
H2' LCG D 2 1.38 -7.86 -4.44
H1' LCG D 2 4.07 -7.71 -4.40
H1 LCG D 2 2.88 -3.78 0.68
H21 LCG D 2 2.44 -6.18 1.55
H22 LCG D 2 2.42 -7.59 0.42
P LCG D 3 -1.18 -7.10 -6.71
OP1 LCG D 3 -2.11 -7.74 -7.74
O5' LCG D 3 -1.48 -7.71 -5.25
C5' LCG D 3 -1.47 -9.11 -4.92
C3' LCG D 3 -2.71 -8.56 -2.79
C6' LCG D 3 -1.51 -10.63 -2.73
N9 LCG D 3 -0.73 -6.59 -1.53
C8 LCG D 3 -0.51 -5.72 -2.58
C4 LCG D 3 -0.75 -5.68 -0.48
N7 LCG D 3 -0.39 -4.37 -2.39
C5 LCG D 3 -0.55 -4.36 -1.04
C6 LCG D 3 -0.45 -3.12 -0.13
C2' LCG D 3 -2.08 -8.80 -1.43
O6 LCG D 3 -0.25 -1.99 -0.59
C4' LCG D 3 -1.48 -9.24 -3.40
C1' LCG D 3 -0.71 -8.09 -1.54
C2 LCG D 3 -0.81 -4.76 1.74
N1 LCG D 3 -0.58 -3.37 1.21
O4' LCG D 3 -0.32 -8.57 -2.84
OP2 LCG D 3 -1.40 -5.59 -6.68
N2 LCG D 3 -1.00 -4.97 3.11
N3 LCG D 3 -0.86 -5.77 0.95
O2' LCG D 3 -1.87 -10.24 -1.38
O3' LCG D 3 -3.94 -9.29 -3.02
H5' LCG D 3 -0.57 -9.60 -5.31
H5'' LCG D 3 -2.37 -9.61 -5.32
H3' LCG D 3 -2.81 -7.50 -3.08
H6'1 LCG D 3 -2.28 -11.30 -3.17
H6'2 LCG D 3 -0.53 -11.14 -2.77
H8 LCG D 3 -0.40 -6.10 -3.58
H2' LCG D 3 -2.72 -8.44 -0.64
H1' LCG D 3 0.00 -8.47 -0.77
H1 LCG D 3 -0.52 -2.52 1.80
H21 LCG D 3 -0.98 -4.17 3.75
H22 LCG D 3 -1.16 -5.93 3.45
P LCG D 4 -5.43 -8.71 -2.74
OP1 LCG D 4 -6.47 -9.68 -3.30
O5' LCG D 4 -5.67 -8.53 -1.15
C5' LCG D 4 -5.65 -9.60 -0.18
C3' LCG D 4 -6.54 -7.95 1.62
C6' LCG D 4 -5.38 -9.84 2.48
N9 LCG D 4 -4.40 -5.80 1.41
C8 LCG D 4 -4.32 -5.54 0.05
C4 LCG D 4 -4.35 -4.51 1.89
N7 LCG D 4 -4.20 -4.27 -0.44
C5 LCG D 4 -4.19 -3.62 0.77
C6 LCG D 4 -3.98 -2.10 0.97
C2' LCG D 4 -5.67 -7.55 2.82
O6 LCG D 4 -3.79 -1.34 0.02
C4' LCG D 4 -5.46 -8.96 1.22
C1' LCG D 4 -4.35 -7.12 2.14
C2 LCG D 4 -4.27 -2.64 3.41
N1 LCG D 4 -4.02 -1.69 2.27
O4' LCG D 4 -4.22 -8.20 1.19
OP2 LCG D 4 -5.58 -7.36 -3.43
N2 LCG D 4 -4.41 -2.17 4.73
N3 LCG D 4 -4.39 -3.90 3.20
O2' LCG D 4 -5.45 -8.81 3.51
O3' LCG D 4 -7.81 -8.49 2.05
H5' LCG D 4 -4.83 -10.31 -0.40
H5'' LCG D 4 -6.59 -10.18 -0.23
H3' LCG D 4 -6.68 -7.12 0.90
H6'1 LCG D 4 -6.22 -10.55 2.56
H6'2 LCG D 4 -4.43 -10.41 2.54
H8 LCG D 4 -4.31 -6.36 -0.65
H2' LCG D 4 -6.12 -6.78 3.47
H1' LCG D 4 -3.51 -7.12 2.85
H1 LCG D 4 -3.86 -0.67 2.40
H21 LCG D 4 -4.29 -1.16 4.91
H22 LCG D 4 -4.60 -2.84 5.48
P TLN D 5 -9.08 -8.72 1.09
OP1 TLN D 5 -9.31 -10.22 0.89
OP2 TLN D 5 -8.87 -8.05 -0.28
O5' TLN D 5 -10.40 -8.07 1.78
C5' TLN D 5 -10.68 -8.20 3.19
C4' TLN D 5 -10.38 -6.89 3.94
O4' TLN D 5 -8.98 -6.48 3.84
C1' TLN D 5 -8.93 -5.07 4.21
N1 TLN D 5 -8.41 -4.19 3.11
C6 TLN D 5 -8.39 -4.70 1.72
C5 TLN D 5 -7.98 -3.91 0.72
C5M TLN D 5 -7.97 -4.44 -0.69
C4 TLN D 5 -7.57 -2.45 1.04
O4 TLN D 5 -7.20 -1.66 0.17
N3 TLN D 5 -7.62 -2.06 2.35
C2 TLN D 5 -8.01 -2.89 3.38
O2 TLN D 5 -8.01 -2.42 4.52
C3' TLN D 5 -11.17 -5.64 3.53
C2' TLN D 5 -10.41 -4.84 4.61
O2' TLN D 5 -10.66 -5.58 5.83
O3' TLN D 5 -12.57 -5.69 3.75
C6' TLN D 5 -10.71 -6.97 5.43
H5' TLN D 5 -10.11 -9.04 3.64
H5'' TLN D 5 -11.75 -8.47 3.32
H1' TLN D 5 -8.27 -4.97 5.10
H6 TLN D 5 -8.73 -5.73 1.51
H71 TLN D 5 -7.11 -4.03 -1.24
H72 TLN D 5 -7.87 -5.55 -0.72
H73 TLN D 5 -8.90 -4.18 -1.22
H3 TLN D 5 -7.34 -1.11 2.59
H3' TLN D 5 -10.97 -5.31 2.49
H2' TLN D 5 -10.70 -3.78 4.69
HO3' TLN D 5 -12.91 -4.80 3.60
H6'1 TLN D 5 -11.71 -7.40 5.56
H6'2 TLN D 5 -9.96 -7.58 5.97
O5' TLN A 1 4.95 -0.21 12.42
C5' TLN A 1 5.98 -0.49 11.48
C4' TLN A 1 6.36 0.76 10.66
O4' TLN A 1 7.39 0.44 9.67
C1' TLN A 1 7.38 1.50 8.69
N1 TLN A 1 7.16 1.06 7.27
C6 TLN A 1 6.69 -0.32 7.00
C5 TLN A 1 6.62 -0.79 5.72
C5M TLN A 1 6.29 -2.23 5.43
C4 TLN A 1 6.98 0.19 4.56
O4 TLN A 1 6.88 -0.11 3.38
N3 TLN A 1 7.38 1.46 4.91
C2 TLN A 1 7.48 1.90 6.21
O2 TLN A 1 7.86 3.05 6.38
C3' TLN A 1 5.24 1.39 9.82
C2' TLN A 1 6.27 2.39 9.28
O2' TLN A 1 6.80 3.03 10.47
O3' TLN A 1 4.19 2.02 10.60
C6' TLN A 1 6.87 1.99 11.47
H5' TLN A 1 5.66 -1.29 10.80
H5'' TLN A 1 6.87 -0.87 12.02
H1' TLN A 1 8.35 2.03 8.74
H6 TLN A 1 6.39 -0.92 7.84
H71 TLN A 1 7.21 -2.85 5.35
H72 TLN A 1 5.66 -2.69 6.22
H73 TLN A 1 5.74 -2.34 4.48
H3 TLN A 1 7.62 2.11 4.16
H3' TLN A 1 4.82 0.74 9.03
H2' TLN A 1 5.85 3.08 8.55
H6'1 TLN A 1 6.22 2.23 12.34
H6'2 TLN A 1 7.90 1.85 11.85
HO5' TLN A 1 4.20 0.10 11.91
P LCG A 2 2.84 2.64 9.95
OP1 LCG A 2 1.92 3.13 11.07
O5' LCG A 2 3.20 3.87 8.97
C5' LCG A 2 3.82 5.09 9.39
C3' LCG A 2 3.22 6.21 7.12
C6' LCG A 2 5.06 7.17 8.28
N9 LCG A 2 4.59 4.22 5.22
C8 LCG A 2 4.09 3.01 5.67
C4 LCG A 2 4.57 3.98 3.85
N7 LCG A 2 3.76 2.00 4.81
C5 LCG A 2 4.08 2.64 3.65
C6 LCG A 2 3.98 2.04 2.23
C2' LCG A 2 4.31 6.64 6.14
O6 LCG A 2 3.58 0.89 2.04
C4' LCG A 2 4.33 5.83 8.13
C1' LCG A 2 5.18 5.35 6.02
C2 LCG A 2 4.85 4.28 1.48
N1 LCG A 2 4.37 2.88 1.22
O4' LCG A 2 5.26 4.98 7.41
OP2 LCG A 2 2.11 1.56 9.15
N2 LCG A 2 5.20 5.13 0.42
N3 LCG A 2 4.94 4.74 2.69
O2' LCG A 2 5.06 7.63 6.90
O3' LCG A 2 2.36 7.28 7.59
H5' LCG A 2 4.67 4.88 10.08
H5'' LCG A 2 3.11 5.72 9.95
H3' LCG A 2 2.63 5.34 6.77
H6'1 LCG A 2 4.51 7.88 8.95
H6'2 LCG A 2 6.08 7.06 8.67
H8 LCG A 2 4.00 2.83 6.73
H2' LCG A 2 3.95 7.01 5.18
H1' LCG A 2 6.19 5.60 5.64
H1 LCG A 2 4.32 2.44 0.28
H21 LCG A 2 5.14 4.77 -0.54
H22 LCG A 2 5.50 6.09 0.63
P LCG A 3 0.96 7.66 6.88
OP1 LCG A 3 0.28 8.78 7.66
O5' LCG A 3 1.22 8.14 5.36
C5' LCG A 3 1.96 9.33 5.00
C3' LCG A 3 1.02 9.24 2.66
C6' LCG A 3 3.09 10.40 2.87
N9 LCG A 3 1.88 6.44 1.74
C8 LCG A 3 1.37 5.66 2.77
C4 LCG A 3 1.66 5.58 0.67
N7 LCG A 3 0.88 4.41 2.54
C5 LCG A 3 1.08 4.37 1.18
C6 LCG A 3 0.85 3.16 0.26
C2' LCG A 3 1.91 9.00 1.45
O6 LCG A 3 0.41 2.08 0.69
C4' LCG A 3 2.28 9.26 3.52
C1' LCG A 3 2.68 7.71 1.83
C2 LCG A 3 1.74 4.65 -1.54
N1 LCG A 3 1.20 3.35 -1.05
O4' LCG A 3 2.99 8.02 3.20
OP2 LCG A 3 0.04 6.43 6.85
N2 LCG A 3 2.03 4.86 -2.90
N3 LCG A 3 1.96 5.63 -0.72
O2' LCG A 3 2.84 10.12 1.46
O3' LCG A 3 0.30 10.50 2.60
H5' LCG A 3 2.91 9.39 5.56
H5'' LCG A 3 1.36 10.23 5.20
H3' LCG A 3 0.34 8.40 2.91
H6'1 LCG A 3 2.71 11.40 3.14
H6'2 LCG A 3 4.17 10.35 3.12
H8 LCG A 3 1.40 6.04 3.78
H2' LCG A 3 1.35 8.94 0.54
H1' LCG A 3 3.61 7.61 1.25
H1 LCG A 3 1.04 2.52 -1.65
H21 LCG A 3 1.86 4.09 -3.56
H22 LCG A 3 2.39 5.77 -3.20
P LCG A 4 -1.16 10.68 1.91
OP1 LCG A 4 -1.63 12.12 2.09
O5' LCG A 4 -1.08 10.33 0.33
C5' LCG A 4 -0.29 11.05 -0.63
C3' LCG A 4 -1.50 9.94 -2.65
C6' LCG A 4 0.74 10.67 -3.05
N9 LCG A 4 -1.12 6.94 -2.03
C8 LCG A 4 -1.64 6.82 -0.75
C4 LCG A 4 -1.48 5.70 -2.53
N7 LCG A 4 -2.25 5.68 -0.31
C5 LCG A 4 -2.11 4.96 -1.47
C6 LCG A 4 -2.50 3.47 -1.68
C2' LCG A 4 -0.76 8.97 -3.57
O6 LCG A 4 -2.98 2.78 -0.78
C4' LCG A 4 -0.17 10.19 -1.90
C1' LCG A 4 -0.16 7.95 -2.58
C2 LCG A 4 -1.66 3.81 -4.01
N1 LCG A 4 -2.26 2.97 -2.92
O4' LCG A 4 0.30 8.85 -1.55
OP2 LCG A 4 -2.16 9.74 2.58
N2 LCG A 4 -1.52 3.30 -5.31
N3 LCG A 4 -1.29 5.03 -3.79
O2' LCG A 4 0.33 9.78 -4.12
O3' LCG A 4 -2.04 11.10 -3.33
H5' LCG A 4 0.72 11.24 -0.21
H5'' LCG A 4 -0.74 12.04 -0.84
H3' LCG A 4 -2.27 9.46 -2.01
H6'1 LCG A 4 0.55 11.73 -3.34
H6'2 LCG A 4 1.81 10.58 -2.82
H8 LCG A 4 -1.50 7.62 -0.04
H2' LCG A 4 -1.38 8.50 -4.34
H1' LCG A 4 0.70 7.43 -3.04
H1 LCG A 4 -2.52 1.99 -3.05
H21 LCG A 4 -1.85 2.35 -5.50
H22 LCG A 4 -1.11 3.89 -6.04
P TLN A 5 -3.53 11.14 -3.95
OP1 TLN A 5 -3.76 12.48 -4.64
OP2 TLN A 5 -4.55 10.96 -2.82
O5' TLN A 5 -3.72 9.93 -5.02
C5' TLN A 5 -3.05 9.88 -6.29
C4' TLN A 5 -3.33 8.51 -6.94
O4' TLN A 5 -2.84 7.41 -6.11
C1' TLN A 5 -3.55 6.21 -6.55
N1 TLN A 5 -4.38 5.62 -5.46
C6 TLN A 5 -4.69 6.43 -4.25
C5 TLN A 5 -5.37 5.87 -3.21
C5M TLN A 5 -5.64 6.72 -2.01
C4 TLN A 5 -5.80 4.38 -3.32
O4 TLN A 5 -6.40 3.79 -2.42
N3 TLN A 5 -5.48 3.73 -4.48
C2 TLN A 5 -4.81 4.30 -5.53
O2 TLN A 5 -4.58 3.59 -6.51
C3' TLN A 5 -4.78 8.15 -7.24
C2' TLN A 5 -4.32 6.79 -7.77
O2' TLN A 5 -3.33 7.13 -8.79
O3' TLN A 5 -5.42 8.95 -8.24
C6' TLN A 5 -2.67 8.32 -8.31
H5' TLN A 5 -1.97 10.03 -6.17
H5'' TLN A 5 -3.41 10.70 -6.95
H1' TLN A 5 -2.80 5.47 -6.89
H6 TLN A 5 -4.37 7.47 -4.19
H71 TLN A 5 -6.48 6.33 -1.40
H72 TLN A 5 -4.74 6.79 -1.37
H73 TLN A 5 -5.91 7.76 -2.30
H3 TLN A 5 -5.76 2.75 -4.57
H3' TLN A 5 -5.42 8.10 -6.34
H2' TLN A 5 -5.12 6.14 -8.15
HO3' TLN A 5 -6.26 8.52 -8.43
H6'1 TLN A 5 -2.89 9.19 -8.94
H6'2 TLN A 5 -1.57 8.18 -8.21
O5' TLN B 1 5.54 -12.67 1.56
C5' TLN B 1 4.41 -11.79 1.62
C4' TLN B 1 4.42 -10.96 2.90
O4' TLN B 1 5.62 -10.13 2.99
C1' TLN B 1 5.36 -9.09 3.97
N1 TLN B 1 5.55 -7.69 3.46
C6 TLN B 1 5.71 -7.44 2.01
C5 TLN B 1 6.02 -6.20 1.55
C5M TLN B 1 6.32 -5.95 0.08
C4 TLN B 1 6.13 -5.04 2.58
O4 TLN B 1 6.35 -3.87 2.26
N3 TLN B 1 5.94 -5.37 3.90
C2 TLN B 1 5.66 -6.63 4.36
O2 TLN B 1 5.53 -6.77 5.57
C3' TLN B 1 3.28 -9.94 3.04
C2' TLN B 1 3.91 -9.47 4.35
O2' TLN B 1 3.96 -10.68 5.16
O3' TLN B 1 1.97 -10.54 3.18
C6' TLN B 1 4.28 -11.74 4.23
H5' TLN B 1 3.48 -12.39 1.54
H5'' TLN B 1 4.42 -11.13 0.73
H1' TLN B 1 6.02 -9.24 4.83
H6 TLN B 1 5.55 -8.28 1.34
H71 TLN B 1 5.93 -4.97 -0.24
H72 TLN B 1 7.40 -5.95 -0.10
H73 TLN B 1 5.86 -6.71 -0.57
H3 TLN B 1 6.01 -4.62 4.59
H3' TLN B 1 3.27 -9.16 2.26
H2' TLN B 1 3.36 -8.64 4.81
H6'1 TLN B 1 3.47 -12.49 4.21
H6'2 TLN B 1 5.22 -12.26 4.52
HO5' TLN B 1 6.31 -12.10 1.61
P LCG B 2 0.59 -9.69 3.27
OP1 LCG B 2 -0.59 -10.66 3.38
O5' LCG B 2 0.61 -8.73 4.57
C5' LCG B 2 0.68 -9.17 5.94
C3' LCG B 2 -0.05 -6.83 6.72
C6' LCG B 2 1.12 -8.12 8.35
N9 LCG B 2 2.23 -5.18 5.44
C8 LCG B 2 2.22 -5.64 4.14
C4 LCG B 2 2.50 -3.83 5.19
N7 LCG B 2 2.45 -4.83 3.07
C5 LCG B 2 2.62 -3.66 3.77
C6 LCG B 2 2.94 -2.29 3.16
C2' LCG B 2 0.88 -5.94 7.54
O6 LCG B 2 3.05 -2.13 1.94
C4' LCG B 2 1.00 -7.96 6.82
C1' LCG B 2 2.21 -5.97 6.73
C2 LCG B 2 2.95 -1.50 5.55
N1 LCG B 2 3.09 -1.27 4.07
O4' LCG B 2 2.27 -7.37 6.42
OP2 LCG B 2 0.42 -8.84 2.01
N2 LCG B 2 3.11 -0.44 6.45
N3 LCG B 2 2.69 -2.67 6.01
O2' LCG B 2 1.09 -6.72 8.76
O3' LCG B 2 -1.30 -7.17 7.35
H5' LCG B 2 1.47 -9.95 6.05
H5'' LCG B 2 -0.27 -9.64 6.24
H3' LCG B 2 -0.21 -6.46 5.68
H6'1 LCG B 2 0.27 -8.69 8.76
H6'2 LCG B 2 2.06 -8.61 8.65
H8 LCG B 2 2.08 -6.70 3.94
H2' LCG B 2 0.51 -4.92 7.73
H1' LCG B 2 3.05 -5.67 7.36
H1 LCG B 2 3.29 -0.36 3.63
H21 LCG B 2 3.33 0.49 6.09
H22 LCG B 2 3.01 -0.62 7.46
P LCG B 3 -2.66 -6.33 7.16
OP1 LCG B 3 -3.82 -7.07 7.86
O5' LCG B 3 -2.50 -4.87 7.80
C5' LCG B 3 -2.30 -4.59 9.21
C3' LCG B 3 -2.90 -2.17 8.77
C6' LCG B 3 -1.61 -2.54 10.74
N9 LCG B 3 -0.75 -1.45 6.68
C8 LCG B 3 -0.97 -2.47 5.76
C4 LCG B 3 -0.42 -0.43 5.80
N7 LCG B 3 -0.84 -2.28 4.42
C5 LCG B 3 -0.47 -0.96 4.47
C6 LCG B 3 -0.09 -0.10 3.25
C2' LCG B 3 -1.90 -1.06 8.98
O6 LCG B 3 -0.10 -0.54 2.10
C4' LCG B 3 -1.86 -3.13 9.34
C1' LCG B 3 -0.66 -1.54 8.17
C2 LCG B 3 0.27 1.71 4.95
N1 LCG B 3 0.27 1.19 3.54
O4' LCG B 3 -0.64 -2.92 8.59
OP2 LCG B 3 -2.99 -6.19 5.67
N2 LCG B 3 0.56 3.06 5.21
N3 LCG B 3 -0.02 0.94 5.94
O2' LCG B 3 -1.59 -1.12 10.40
O3' LCG B 3 -4.11 -2.07 9.58
H5' LCG B 3 -1.52 -5.23 9.62
H5'' LCG B 3 -3.24 -4.74 9.76
H3' LCG B 3 -3.14 -2.39 7.71
H6'1 LCG B 3 -2.42 -2.75 11.46
H6'2 LCG B 3 -0.65 -2.86 11.18
H8 LCG B 3 -1.23 -3.45 6.11
H2' LCG B 3 -2.31 -0.10 8.67
H1' LCG B 3 0.27 -1.04 8.52
H1 LCG B 3 0.47 1.76 2.71
H21 LCG B 3 0.76 3.68 4.43
H22 LCG B 3 0.55 3.40 6.18
P LCG B 4 -5.53 -1.51 9.07
OP1 LCG B 4 -6.61 -1.85 10.09
O5' LCG B 4 -5.45 0.09 8.87
C5' LCG B 4 -5.25 1.04 9.94
C3' LCG B 4 -5.64 2.97 8.26
C6' LCG B 4 -4.43 3.56 10.23
N9 LCG B 4 -3.44 2.36 6.23
C8 LCG B 4 -3.69 1.04 5.93
C4 LCG B 4 -3.16 2.83 4.95
N7 LCG B 4 -3.60 0.56 4.65
C5 LCG B 4 -3.26 1.73 4.04
C6 LCG B 4 -2.97 1.90 2.53
C2' LCG B 4 -4.53 3.96 7.92
O6 LCG B 4 -3.05 0.96 1.75
C4' LCG B 4 -4.72 2.34 9.33
C1' LCG B 4 -3.35 3.02 7.57
C2 LCG B 4 -2.59 4.31 3.14
N1 LCG B 4 -2.65 3.18 2.16
O4' LCG B 4 -3.47 2.06 8.62
OP2 LCG B 4 -5.89 -2.16 7.73
N2 LCG B 4 -2.30 5.62 2.70
N3 LCG B 4 -2.81 4.11 4.39
O2' LCG B 4 -4.23 4.59 9.22
O3' LCG B 4 -6.83 3.61 8.78
H5' LCG B 4 -4.52 0.64 10.68
H5'' LCG B 4 -6.20 1.20 10.49
H3' LCG B 4 -5.89 2.28 7.43
H6'1 LCG B 4 -5.27 3.81 10.90
H6'2 LCG B 4 -3.51 3.43 10.84
H8 LCG B 4 -3.92 0.33 6.71
H2' LCG B 4 -4.77 4.68 7.13
H1' LCG B 4 -2.39 3.55 7.63
H1 LCG B 4 -2.54 3.30 1.14
H21 LCG B 4 -2.16 5.78 1.69
H22 LCG B 4 -2.26 6.38 3.39
P TLN B 5 -8.20 3.72 7.91
OP1 TLN B 5 -9.23 4.52 8.68
OP2 TLN B 5 -8.74 2.31 7.65
O5' TLN B 5 -7.88 4.42 6.48
C5' TLN B 5 -7.56 5.81 6.34
C4' TLN B 5 -7.21 6.11 4.88
O4' TLN B 5 -6.05 5.36 4.43
C1' TLN B 5 -6.12 5.31 2.97
N1 TLN B 5 -6.24 3.91 2.44
C6 TLN B 5 -6.63 2.82 3.37
C5 TLN B 5 -6.65 1.55 2.94
C5M TLN B 5 -6.96 0.47 3.95
C4 TLN B 5 -6.34 1.26 1.44
O4 TLN B 5 -6.38 0.13 0.96
N3 TLN B 5 -6.00 2.33 0.66
C2 TLN B 5 -5.93 3.62 1.12
O2 TLN B 5 -5.56 4.48 0.33
C3' TLN B 5 -8.31 5.80 3.83
C2' TLN B 5 -7.35 6.24 2.73
O2' TLN B 5 -6.96 7.60 3.13
O3' TLN B 5 -9.48 6.60 3.92
C6' TLN B 5 -6.92 7.57 4.57
H5' TLN B 5 -6.71 6.10 7.00
H5'' TLN B 5 -8.42 6.45 6.67
H1' TLN B 5 -5.21 5.79 2.56
H6 TLN B 5 -6.87 3.06 4.41
H71 TLN B 5 -6.44 -0.47 3.70
H72 TLN B 5 -6.63 0.75 4.97
H73 TLN B 5 -8.05 0.29 4.01
H3 TLN B 5 -5.77 2.16 -0.32
H3' TLN B 5 -8.59 4.74 3.79
H2' TLN B 5 -7.76 6.21 1.71
HO3' TLN B 5 -10.00 6.42 3.13
H6'1 TLN B 5 -7.70 8.22 5.01
H6'2 TLN B 5 -5.92 7.85 4.97
O5' TLN C 1 8.22 10.28 0.19
C5' TLN C 1 9.01 9.11 0.26
C4' TLN C 1 9.01 8.33 -1.06
O4' TLN C 1 9.78 7.09 -0.94
C1' TLN C 1 9.41 6.22 -2.03
N1 TLN C 1 8.92 4.87 -1.63
C6 TLN C 1 8.57 4.60 -0.22
C5 TLN C 1 8.28 3.33 0.19
C5M TLN C 1 8.04 3.00 1.64
C4 TLN C 1 8.22 2.20 -0.89
O4 TLN C 1 7.91 1.05 -0.62
N3 TLN C 1 8.54 2.56 -2.17
C2 TLN C 1 8.88 3.83 -2.56
O2 TLN C 1 9.14 4.00 -3.75
C3' TLN C 1 7.65 7.82 -1.56
C2' TLN C 1 8.36 7.14 -2.72
O2' TLN C 1 9.07 8.22 -3.39
O3' TLN C 1 6.74 8.89 -1.98
C6' TLN C 1 9.53 9.09 -2.31
H5' TLN C 1 8.63 8.46 1.08
H5'' TLN C 1 10.05 9.39 0.54
H1' TLN C 1 10.28 6.11 -2.70
H6 TLN C 1 8.56 5.43 0.46
H71 TLN C 1 7.78 3.88 2.25
H72 TLN C 1 7.21 2.28 1.77
H73 TLN C 1 8.94 2.54 2.10
H3 TLN C 1 8.51 1.83 -2.90
H3' TLN C 1 7.14 7.12 -0.88
H2' TLN C 1 7.68 6.58 -3.37
H6'1 TLN C 1 9.09 10.09 -2.43
H6'2 TLN C 1 10.63 9.19 -2.32
HO5' TLN C 1 7.33 9.99 -0.04
P LCG C 2 5.21 8.65 -2.45
OP1 LCG C 2 4.56 9.99 -2.78
O5' LCG C 2 5.17 7.69 -3.75
C5' LCG C 2 5.71 8.02 -5.04
C3' LCG C 2 4.36 6.08 -6.09
C6' LCG C 2 6.27 6.79 -7.34
N9 LCG C 2 5.52 3.77 -4.41
C8 LCG C 2 5.39 4.26 -3.12
C4 LCG C 2 5.15 2.45 -4.18
N7 LCG C 2 4.99 3.48 -2.08
C5 LCG C 2 4.82 2.32 -2.77
C6 LCG C 2 4.35 0.98 -2.18
C2' LCG C 2 5.07 4.88 -6.72
O6 LCG C 2 4.07 0.85 -1.00
C4' LCG C 2 5.75 6.74 -5.89
C1' LCG C 2 6.08 4.45 -5.62
C2 LCG C 2 4.60 0.13 -4.54
N1 LCG C 2 4.27 -0.05 -3.09
O4' LCG C 2 6.59 5.74 -5.26
OP2 LCG C 2 4.43 7.98 -1.32
N2 LCG C 2 4.49 -0.94 -5.45
N3 LCG C 2 5.01 1.27 -5.00
O2' LCG C 2 5.82 5.49 -7.83
O3' LCG C 2 3.50 6.83 -6.98
H5' LCG C 2 6.73 8.45 -4.94
H5'' LCG C 2 5.10 8.80 -5.53
H3' LCG C 2 3.84 5.82 -5.15
H6'1 LCG C 2 5.81 7.62 -7.92
H6'2 LCG C 2 7.36 6.90 -7.41
H8 LCG C 2 5.64 5.30 -2.91
H2' LCG C 2 4.40 4.07 -7.05
H1' LCG C 2 6.89 3.84 -6.06
H1 LCG C 2 3.95 -0.94 -2.67
H21 LCG C 2 4.18 -1.85 -5.09
H22 LCG C 2 4.73 -0.79 -6.43
P LCG C 3 1.92 6.55 -7.16
OP1 LCG C 3 1.32 7.62 -8.07
O5' LCG C 3 1.71 5.10 -7.82
C5' LCG C 3 2.14 4.72 -9.15
C3' LCG C 3 0.61 2.71 -9.03
C6' LCG C 3 2.41 2.49 -10.57
N9 LCG C 3 1.70 1.37 -6.50
C8 LCG C 3 1.76 2.42 -5.60
C4 LCG C 3 1.23 0.38 -5.65
N7 LCG C 3 1.43 2.27 -4.28
C5 LCG C 3 1.07 0.95 -4.34
C6 LCG C 3 0.67 0.09 -3.13
C2' LCG C 3 1.16 1.30 -9.03
O6 LCG C 3 0.55 0.57 -2.00
C4' LCG C 3 2.05 3.20 -9.26
C1' LCG C 3 2.23 1.32 -7.91
C2 LCG C 3 0.63 -1.80 -4.79
N1 LCG C 3 0.47 -1.24 -3.41
O4' LCG C 3 2.87 2.56 -8.23
OP2 LCG C 3 1.22 6.59 -5.80
N2 LCG C 3 0.43 -3.16 -5.05
N3 LCG C 3 0.97 -1.03 -5.78
O2' LCG C 3 1.84 1.18 -10.32
O3' LCG C 3 -0.29 3.01 -10.12
H5' LCG C 3 3.19 5.01 -9.32
H5'' LCG C 3 1.50 5.18 -9.90
H3' LCG C 3 0.20 3.05 -8.05
H6'1 LCG C 3 1.95 2.97 -11.46
H6'2 LCG C 3 3.50 2.43 -10.74
H8 LCG C 3 2.12 3.38 -5.93
H2' LCG C 3 0.37 0.57 -8.90
H1' LCG C 3 2.95 0.49 -8.01
H1 LCG C 3 0.20 -1.80 -2.58
H21 LCG C 3 0.16 -3.77 -4.26
H22 LCG C 3 0.54 -3.51 -6.00
P LCG C 4 -1.90 2.85 -10.05
OP1 LCG C 4 -2.52 3.44 -11.33
O5' LCG C 4 -2.31 1.29 -9.93
C5' LCG C 4 -1.92 0.26 -10.86
C3' LCG C 4 -3.52 -1.45 -9.74
C6' LCG C 4 -1.64 -2.38 -10.86
N9 LCG C 4 -2.54 -1.25 -6.82
C8 LCG C 4 -2.62 0.11 -6.58
C4 LCG C 4 -2.84 -1.72 -5.55
N7 LCG C 4 -2.87 0.61 -5.33
C5 LCG C 4 -2.97 -0.59 -4.68
C6 LCG C 4 -3.16 -0.78 -3.16
C2' LCG C 4 -2.96 -2.64 -8.96
O6 LCG C 4 -3.21 0.17 -2.38
C4' LCG C 4 -2.08 -1.09 -10.15
C1' LCG C 4 -1.95 -1.97 -8.00
C2 LCG C 4 -3.19 -3.22 -3.70
N1 LCG C 4 -3.26 -2.08 -2.74
O4' LCG C 4 -1.33 -1.05 -8.91
OP2 LCG C 4 -2.45 3.62 -8.84
N2 LCG C 4 -3.43 -4.54 -3.26
N3 LCG C 4 -2.96 -3.03 -4.96
O2' LCG C 4 -2.20 -3.38 -9.97
O3' LCG C 4 -4.39 -1.84 -10.83
H5' LCG C 4 -0.87 0.41 -11.19
H5'' LCG C 4 -2.56 0.32 -11.78
H3' LCG C 4 -3.99 -0.68 -9.10
H6'1 LCG C 4 -2.05 -2.49 -11.88
H6'2 LCG C 4 -0.54 -2.48 -10.93
H8 LCG C 4 -2.40 0.81 -7.38
H2' LCG C 4 -3.71 -3.26 -8.45
H1' LCG C 4 -1.21 -2.71 -7.63
H1 LCG C 4 -3.42 -2.19 -1.74
H21 LCG C 4 -3.65 -4.69 -2.27
H22 LCG C 4 -3.40 -5.31 -3.94
P TLN C 5 -6.00 -1.82 -10.70
OP1 TLN C 5 -6.61 -2.36 -12.00
OP2 TLN C 5 -6.48 -0.38 -10.49
O5' TLN C 5 -6.48 -2.72 -9.45
C5' TLN C 5 -6.38 -4.15 -9.40
C4' TLN C 5 -6.67 -4.62 -7.96
O4' TLN C 5 -5.71 -4.06 -7.02
C1' TLN C 5 -6.34 -4.13 -5.70
N1 TLN C 5 -6.51 -2.77 -5.09
C6 TLN C 5 -6.48 -1.56 -5.97
C5 TLN C 5 -6.57 -0.33 -5.44
C5M TLN C 5 -6.51 0.84 -6.38
C4 TLN C 5 -6.71 -0.19 -3.89
O4 TLN C 5 -6.78 0.90 -3.32
N3 TLN C 5 -6.75 -1.36 -3.17
C2 TLN C 5 -6.64 -2.61 -3.72
O2 TLN C 5 -6.66 -3.56 -2.95
C3' TLN C 5 -8.05 -4.27 -7.38
C2' TLN C 5 -7.63 -4.91 -6.05
O2' TLN C 5 -7.24 -6.26 -6.44
O3' TLN C 5 -9.16 -4.91 -8.00
C6' TLN C 5 -6.63 -6.13 -7.75
H5' TLN C 5 -5.37 -4.50 -9.71
H5'' TLN C 5 -7.10 -4.62 -10.10
H1' TLN C 5 -5.69 -4.74 -5.04
H6 TLN C 5 -6.36 -1.67 -7.05
H71 TLN C 5 -5.46 1.02 -6.67
H72 TLN C 5 -7.07 0.64 -7.30
H73 TLN C 5 -6.92 1.75 -5.93
H3 TLN C 5 -6.83 -1.28 -2.16
H3' TLN C 5 -8.24 -3.18 -7.30
H2' TLN C 5 -8.40 -4.90 -5.27
HO3' TLN C 5 -9.92 -4.73 -7.44
H6'1 TLN C 5 -7.23 -6.63 -8.53
H6'2 TLN C 5 -5.59 -6.51 -7.78
O5' TLN D 1 9.15 -2.16 -10.26
C5' TLN D 1 7.80 -2.14 -9.80
C4' TLN D 1 7.49 -3.43 -9.01
O4' TLN D 1 8.37 -3.56 -7.84
C1' TLN D 1 7.73 -4.50 -6.93
N1 TLN D 1 7.49 -4.00 -5.55
C6 TLN D 1 7.62 -2.56 -5.25
C5 TLN D 1 7.54 -2.10 -3.98
C5M TLN D 1 7.82 -0.65 -3.65
C4 TLN D 1 7.22 -3.13 -2.85
O4 TLN D 1 7.06 -2.80 -1.68
N3 TLN D 1 7.09 -4.44 -3.22
C2 TLN D 1 7.22 -4.89 -4.51
O2 TLN D 1 7.09 -6.10 -4.70
C3' TLN D 1 6.08 -3.49 -8.40
C2' TLN D 1 6.48 -4.83 -7.76
O2' TLN D 1 6.87 -5.65 -8.89
O3' TLN D 1 5.02 -3.60 -9.38
C6' TLN D 1 7.55 -4.75 -9.79
H5' TLN D 1 7.12 -2.03 -10.65
H5'' TLN D 1 7.65 -1.25 -9.16
H1' TLN D 1 8.38 -5.41 -6.88
H6 TLN D 1 7.78 -1.88 -6.10
H71 TLN D 1 7.15 -0.29 -2.85
H72 TLN D 1 8.86 -0.51 -3.28
H73 TLN D 1 7.68 0.03 -4.50
H3 TLN D 1 6.88 -5.13 -2.50
H3' TLN D 1 5.86 -2.71 -7.65
H2' TLN D 1 5.67 -5.26 -7.15
H6'1 TLN D 1 7.02 -4.70 -10.77
H6'2 TLN D 1 8.59 -5.08 -9.99
HO5' TLN D 1 9.70 -2.22 -9.48
P LCG D 2 3.44 -3.59 -9.01
OP1 LCG D 2 2.61 -3.67 -10.30
O5' LCG D 2 3.09 -4.86 -8.07
C5' LCG D 2 3.21 -6.24 -8.45
C3' LCG D 2 1.77 -6.92 -6.40
C6' LCG D 2 3.19 -8.63 -7.26
N9 LCG D 2 3.49 -5.69 -4.17
C8 LCG D 2 3.66 -4.39 -4.64
C4 LCG D 2 3.33 -5.41 -2.81
N7 LCG D 2 3.63 -3.31 -3.81
C5 LCG D 2 3.42 -3.98 -2.65
C6 LCG D 2 3.29 -3.33 -1.25
C2' LCG D 2 2.36 -7.76 -5.27
O6 LCG D 2 3.38 -2.12 -1.09
C4' LCG D 2 3.10 -7.10 -7.16
C1' LCG D 2 3.66 -6.99 -4.90
C2 LCG D 2 2.94 -5.69 -0.45
N1 LCG D 2 3.06 -4.21 -0.22
O4' LCG D 2 4.15 -6.73 -6.23
OP2 LCG D 2 3.09 -2.30 -8.27
N2 LCG D 2 2.65 -6.56 0.61
N3 LCG D 2 3.09 -6.19 -1.63
O2' LCG D 2 2.73 -9.01 -5.93
O3' LCG D 2 0.64 -7.52 -7.10
H5' LCG D 2 4.18 -6.42 -8.95
H5'' LCG D 2 2.42 -6.51 -9.17
H3' LCG D 2 1.55 -5.88 -6.11
H6'1 LCG D 2 2.54 -9.04 -8.05
H6'2 LCG D 2 4.22 -8.99 -7.45
H8 LCG D 2 3.86 -4.23 -5.69
H2' LCG D 2 1.69 -7.91 -4.41
H1' LCG D 2 4.37 -7.65 -4.37
H1 LCG D 2 2.98 -3.75 0.70
H21 LCG D 2 2.54 -6.15 1.55
H22 LCG D 2 2.57 -7.56 0.43
P LCG D 3 -0.90 -7.27 -6.69
OP1 LCG D 3 -1.81 -7.95 -7.70
O5' LCG D 3 -1.19 -7.85 -5.22
C5' LCG D 3 -1.11 -9.24 -4.86
C3' LCG D 3 -2.38 -8.73 -2.73
C6' LCG D 3 -1.07 -10.72 -2.65
N9 LCG D 3 -0.51 -6.62 -1.51
C8 LCG D 3 -0.30 -5.75 -2.56
C4 LCG D 3 -0.60 -5.70 -0.47
N7 LCG D 3 -0.22 -4.41 -2.38
C5 LCG D 3 -0.43 -4.39 -1.03
C6 LCG D 3 -0.38 -3.14 -0.13
C2' LCG D 3 -1.74 -8.91 -1.38
O6 LCG D 3 -0.21 -2.01 -0.59
C4' LCG D 3 -1.12 -9.34 -3.34
C1' LCG D 3 -0.40 -8.13 -1.50
C2 LCG D 3 -0.74 -4.76 1.74
N1 LCG D 3 -0.54 -3.39 1.21
O4' LCG D 3 0.00 -8.60 -2.79
OP2 LCG D 3 -1.19 -5.76 -6.69
N2 LCG D 3 -0.96 -4.99 3.11
N3 LCG D 3 -0.76 -5.80 0.95
O2' LCG D 3 -1.44 -10.33 -1.29
O3' LCG D 3 -3.59 -9.53 -2.93
H5' LCG D 3 -0.20 -9.71 -5.24
H5'' LCG D 3 -1.99 -9.79 -5.25
H3' LCG D 3 -2.54 -7.67 -3.03
H6'1 LCG D 3 -1.81 -11.44 -3.07
H6'2 LCG D 3 -0.07 -11.19 -2.68
H8 LCG D 3 -0.15 -6.15 -3.56
H2' LCG D 3 -2.39 -8.56 -0.59
H1' LCG D 3 0.32 -8.45 -0.72
H1 LCG D 3 -0.48 -2.54 1.79
H21 LCG D 3 -0.95 -4.18 3.74
H22 LCG D 3 -1.10 -5.95 3.45
P LCG D 4 -5.09 -9.04 -2.58
OP1 LCG D 4 -6.09 -10.08 -3.09
O5' LCG D 4 -5.26 -8.87 -0.97
C5' LCG D 4 -5.07 -9.92 0.00
C3' LCG D 4 -6.08 -8.40 1.85
C6' LCG D 4 -4.59 -10.08 2.63
N9 LCG D 4 -4.29 -5.95 1.50
C8 LCG D 4 -4.27 -5.68 0.13
C4 LCG D 4 -4.28 -4.65 1.97
N7 LCG D 4 -4.20 -4.40 -0.35
C5 LCG D 4 -4.18 -3.75 0.85
C6 LCG D 4 -3.98 -2.24 1.07
C2' LCG D 4 -5.21 -7.85 2.97
O6 LCG D 4 -3.81 -1.46 0.13
C4' LCG D 4 -4.88 -9.24 1.37
C1' LCG D 4 -4.02 -7.24 2.21
C2 LCG D 4 -4.20 -2.79 3.50
N1 LCG D 4 -3.97 -1.83 2.37
O4' LCG D 4 -3.78 -8.30 1.27
OP2 LCG D 4 -5.36 -7.69 -3.24
N2 LCG D 4 -4.33 -2.34 4.82
N3 LCG D 4 -4.29 -4.06 3.29
O2' LCG D 4 -4.75 -9.06 3.66
O3' LCG D 4 -7.21 -9.14 2.36
H5' LCG D 4 -4.17 -10.53 -0.25
H5'' LCG D 4 -5.94 -10.61 0.00
H3' LCG D 4 -6.40 -7.62 1.12
H6'1 LCG D 4 -5.30 -10.92 2.77
H6'2 LCG D 4 -3.56 -10.49 2.63
H8 LCG D 4 -4.23 -6.49 -0.58
H2' LCG D 4 -5.72 -7.14 3.65
H1' LCG D 4 -3.15 -7.12 2.88
H1 LCG D 4 -3.79 -0.82 2.48
H21 LCG D 4 -4.22 -1.33 5.01
H22 LCG D 4 -4.50 -3.02 5.58
P TLN D 5 -8.55 -9.48 1.51
OP1 TLN D 5 -8.71 -11.01 1.43
OP2 TLN D 5 -8.46 -8.92 0.08
O5' TLN D 5 -9.84 -8.85 2.25
C5' TLN D 5 -10.01 -8.89 3.68
C4' TLN D 5 -9.76 -7.50 4.31
O4' TLN D 5 -8.42 -7.01 4.03
C1' TLN D 5 -8.45 -5.56 4.27
N1 TLN D 5 -8.14 -4.77 3.05
C6 TLN D 5 -8.23 -5.40 1.70
C5 TLN D 5 -8.01 -4.68 0.58
C5M TLN D 5 -8.10 -5.36 -0.75
C4 TLN D 5 -7.65 -3.17 0.74
O4 TLN D 5 -7.40 -2.45 -0.22
N3 TLN D 5 -7.59 -2.67 2.01
C2 TLN D 5 -7.82 -3.41 3.14
O2 TLN D 5 -7.73 -2.83 4.23
C3' TLN D 5 -10.69 -6.36 3.89
C2' TLN D 5 -9.90 -5.42 4.81
O2' TLN D 5 -9.96 -6.07 6.11
O3' TLN D 5 -12.06 -6.51 4.27
C6' TLN D 5 -9.92 -7.49 5.82
H5' TLN D 5 -9.35 -9.65 4.15
H5'' TLN D 5 -11.04 -9.24 3.92
H1' TLN D 5 -7.73 -5.32 5.06
H6 TLN D 5 -8.51 -6.45 1.63
H71 TLN D 5 -8.52 -4.69 -1.51
H72 TLN D 5 -7.09 -5.69 -1.08
H73 TLN D 5 -8.74 -6.26 -0.72
H3 TLN D 5 -7.35 -1.68 2.13
H3' TLN D 5 -10.63 -6.10 2.82
H2' TLN D 5 -10.28 -4.38 4.84
HO3' TLN D 5 -12.48 -5.66 4.09
H6'1 TLN D 5 -10.87 -7.98 6.10
H6'2 TLN D 5 -9.07 -7.99 6.33
O5' TLN A 1 6.45 -1.01 12.39
C5' TLN A 1 5.38 -0.53 11.59
C4' TLN A 1 5.80 0.74 10.83
O4' TLN A 1 6.92 0.47 9.93
C1' TLN A 1 6.96 1.54 8.96
N1 TLN A 1 6.92 1.12 7.53
C6 TLN A 1 6.56 -0.27 7.18
C5 TLN A 1 6.66 -0.72 5.90
C5M TLN A 1 6.42 -2.17 5.54
C4 TLN A 1 7.08 0.30 4.81
O4 TLN A 1 7.13 0.01 3.61
N3 TLN A 1 7.37 1.57 5.21
C2 TLN A 1 7.31 1.99 6.52
O2 TLN A 1 7.61 3.16 6.74
C3' TLN A 1 4.73 1.31 9.88
C2' TLN A 1 5.75 2.37 9.45
O2' TLN A 1 6.13 3.02 10.69
O3' TLN A 1 3.57 1.86 10.57
C6' TLN A 1 6.14 1.97 11.69
H5' TLN A 1 4.50 -0.33 12.24
H5'' TLN A 1 5.06 -1.32 10.89
H1' TLN A 1 7.89 2.13 9.13
H6 TLN A 1 6.20 -0.92 7.99
H71 TLN A 1 5.80 -2.70 6.30
H72 TLN A 1 5.89 -2.28 4.58
H73 TLN A 1 7.37 -2.72 5.46
H3 TLN A 1 7.65 2.26 4.50
H3' TLN A 1 4.43 0.64 9.06
H2' TLN A 1 5.36 3.04 8.69
H6'1 TLN A 1 5.41 2.17 12.48
H6'2 TLN A 1 7.14 1.89 12.16
HO5' TLN A 1 7.16 -1.21 11.78
P LCG A 2 2.26 2.44 9.81
OP1 LCG A 2 1.23 2.89 10.85
O5' LCG A 2 2.67 3.71 8.89
C5' LCG A 2 3.20 4.96 9.37
C3' LCG A 2 2.71 6.04 7.08
C6' LCG A 2 4.37 7.14 8.38
N9 LCG A 2 4.39 4.16 5.30
C8 LCG A 2 3.95 2.91 5.74
C4 LCG A 2 4.47 3.90 3.94
N7 LCG A 2 3.74 1.88 4.87
C5 LCG A 2 4.07 2.53 3.72
C6 LCG A 2 4.03 1.93 2.30
C2' LCG A 2 3.84 6.55 6.18
O6 LCG A 2 3.70 0.76 2.11
C4' LCG A 2 3.75 5.74 8.16
C1' LCG A 2 4.81 5.34 6.14
C2 LCG A 2 4.80 4.20 1.58
N1 LCG A 2 4.41 2.79 1.30
O4' LCG A 2 4.80 4.97 7.53
OP2 LCG A 2 1.65 1.36 8.93
N2 LCG A 2 5.14 5.08 0.53
N3 LCG A 2 4.83 4.67 2.79
O2' LCG A 2 4.45 7.60 7.00
O3' LCG A 2 1.73 7.04 7.49
H5' LCG A 2 3.99 4.77 10.11
H5'' LCG A 2 2.41 5.53 9.88
H3' LCG A 2 2.20 5.14 6.67
H6'1 LCG A 2 3.73 7.79 8.99
H6'2 LCG A 2 5.38 7.09 8.84
H8 LCG A 2 3.80 2.72 6.79
H2' LCG A 2 3.53 6.90 5.19
H1' LCG A 2 5.82 5.66 5.83
H1 LCG A 2 4.37 2.36 0.36
H21 LCG A 2 5.12 4.72 -0.43
H22 LCG A 2 5.40 6.05 0.74
P LCG A 3 0.37 7.35 6.68
OP1 LCG A 3 -0.47 8.35 7.48
O5' LCG A 3 0.71 7.95 5.24
C5' LCG A 3 1.37 9.22 4.99
C3' LCG A 3 0.61 9.12 2.59
C6' LCG A 3 2.51 10.49 2.96
N9 LCG A 3 1.83 6.44 1.78
C8 LCG A 3 1.45 5.59 2.79
C4 LCG A 3 1.64 5.58 0.69
N7 LCG A 3 1.05 4.30 2.56
C5 LCG A 3 1.17 4.32 1.20
C6 LCG A 3 0.96 3.12 0.27
C2' LCG A 3 1.59 8.99 1.44
O6 LCG A 3 0.58 2.02 0.70
C4' LCG A 3 1.80 9.25 3.53
C1' LCG A 3 2.48 7.80 1.87
C2 LCG A 3 1.72 4.68 -1.54
N1 LCG A 3 1.24 3.35 -1.05
O4' LCG A 3 2.69 8.13 3.25
OP2 LCG A 3 -0.44 6.05 6.51
N2 LCG A 3 1.99 4.89 -2.90
N3 LCG A 3 1.88 5.66 -0.72
O2' LCG A 3 2.39 10.21 1.54
O3' LCG A 3 -0.24 10.30 2.53
H5' LCG A 3 2.26 9.32 5.63
H5'' LCG A 3 0.67 10.05 5.18
H3' LCG A 3 0.00 8.20 2.77
H6'1 LCG A 3 2.00 11.43 3.23
H6'2 LCG A 3 3.57 10.56 3.27
H8 LCG A 3 1.50 5.93 3.81
H2' LCG A 3 1.10 8.89 0.49
H1' LCG A 3 3.45 7.78 1.33
H1 LCG A 3 1.09 2.52 -1.65
H21 LCG A 3 1.86 4.11 -3.56
H22 LCG A 3 2.32 5.82 -3.20
P LCG A 4 -1.68 10.36 1.80
OP1 LCG A 4 -2.32 11.73 2.06
O5' LCG A 4 -1.52 10.16 0.20
C5' LCG A 4 -0.72 10.98 -0.66
C3' LCG A 4 -1.76 9.87 -2.76
C6' LCG A 4 0.41 10.79 -3.07
N9 LCG A 4 -1.19 6.92 -2.15
C8 LCG A 4 -1.72 6.77 -0.87
C4 LCG A 4 -1.48 5.65 -2.66
N7 LCG A 4 -2.28 5.59 -0.46
C5 LCG A 4 -2.09 4.89 -1.61
C6 LCG A 4 -2.42 3.39 -1.82
C2' LCG A 4 -0.93 8.98 -3.68
O6 LCG A 4 -2.88 2.69 -0.91
C4' LCG A 4 -0.49 10.20 -1.97
C1' LCG A 4 -0.28 7.99 -2.69
C2 LCG A 4 -1.57 3.76 -4.14
N1 LCG A 4 -2.14 2.90 -3.06
O4' LCG A 4 0.09 8.90 -1.65
OP2 LCG A 4 -2.59 9.27 2.36
N2 LCG A 4 -1.42 3.26 -5.45
N3 LCG A 4 -1.25 5.00 -3.92
O2' LCG A 4 0.12 9.89 -4.17
O3' LCG A 4 -2.36 10.99 -3.44
H5' LCG A 4 0.25 11.23 -0.19
H5'' LCG A 4 -1.23 11.94 -0.86
H3' LCG A 4 -2.52 9.32 -2.16
H6'1 LCG A 4 0.15 11.84 -3.34
H6'2 LCG A 4 1.48 10.77 -2.80
H8 LCG A 4 -1.64 7.58 -0.17
H2' LCG A 4 -1.48 8.48 -4.48
H1' LCG A 4 0.61 7.52 -3.12
H1 LCG A 4 -2.41 1.91 -3.19
H21 LCG A 4 -1.73 2.30 -5.64
H22 LCG A 4 -1.03 3.87 -6.17
P TLN A 5 -3.88 10.95 -4.02
OP1 TLN A 5 -4.19 12.27 -4.74
OP2 TLN A 5 -4.85 10.77 -2.86
O5' TLN A 5 -4.05 9.72 -5.05
C5' TLN A 5 -3.43 9.66 -6.34
C4' TLN A 5 -3.67 8.27 -6.95
O4' TLN A 5 -3.10 7.21 -6.12
C1' TLN A 5 -3.77 5.97 -6.50
N1 TLN A 5 -4.51 5.36 -5.36
C6 TLN A 5 -4.82 6.18 -4.16
C5 TLN A 5 -5.42 5.63 -3.09
C5M TLN A 5 -5.69 6.50 -1.91
C4 TLN A 5 -5.75 4.10 -3.12
O4 TLN A 5 -6.24 3.50 -2.16
N3 TLN A 5 -5.45 3.44 -4.28
C2 TLN A 5 -4.86 4.01 -5.37
O2 TLN A 5 -4.63 3.29 -6.34
C3' TLN A 5 -5.13 7.84 -7.18
C2' TLN A 5 -4.62 6.49 -7.70
O2' TLN A 5 -3.71 6.84 -8.77
O3' TLN A 5 -5.85 8.60 -8.16
C6' TLN A 5 -3.08 8.08 -8.34
H5' TLN A 5 -2.35 9.87 -6.28
H5'' TLN A 5 -3.85 10.44 -7.01
H1' TLN A 5 -3.01 5.26 -6.88
H6 TLN A 5 -4.58 7.25 -4.16
H71 TLN A 5 -6.43 6.06 -1.22
H72 TLN A 5 -4.76 6.69 -1.33
H73 TLN A 5 -6.07 7.50 -2.21
H3 TLN A 5 -5.66 2.43 -4.32
H3' TLN A 5 -5.72 7.77 -6.25
H2' TLN A 5 -5.42 5.79 -8.02
HO3' TLN A 5 -6.67 8.12 -8.30
H6'1 TLN A 5 -3.36 8.92 -8.98
H6'2 TLN A 5 -1.97 7.99 -8.30
O5' TLN B 1 5.61 -12.73 1.47
C5' TLN B 1 4.48 -11.87 1.56
C4' TLN B 1 4.52 -11.05 2.87
O4' TLN B 1 5.72 -10.22 2.93
C1' TLN B 1 5.47 -9.20 3.93
N1 TLN B 1 5.64 -7.78 3.44
C6 TLN B 1 5.73 -7.50 1.99
C5 TLN B 1 6.03 -6.26 1.54
C5M TLN B 1 6.26 -5.97 0.08
C4 TLN B 1 6.17 -5.12 2.60
O4 TLN B 1 6.37 -3.94 2.29
N3 TLN B 1 6.05 -5.47 3.92
C2 TLN B 1 5.79 -6.74 4.35
O2 TLN B 1 5.71 -6.91 5.57
C3' TLN B 1 3.38 -10.04 3.04
C2' TLN B 1 4.04 -9.60 4.34
O2' TLN B 1 4.12 -10.81 5.13
O3' TLN B 1 2.08 -10.65 3.22
C6' TLN B 1 4.43 -11.86 4.18
H5' TLN B 1 3.55 -12.47 1.50
H5'' TLN B 1 4.47 -11.19 0.68
H1' TLN B 1 6.16 -9.36 4.77
H6 TLN B 1 5.55 -8.34 1.31
H71 TLN B 1 7.33 -5.99 -0.17
H72 TLN B 1 5.77 -6.72 -0.58
H73 TLN B 1 5.87 -4.98 -0.22
H3 TLN B 1 6.13 -4.73 4.62
H3' TLN B 1 3.35 -9.25 2.27
H2' TLN B 1 3.50 -8.79 4.84
H6'1 TLN B 1 3.62 -12.62 4.16
H6'2 TLN B 1 5.37 -12.38 4.43
HO5' TLN B 1 6.37 -12.16 1.49
P LCG B 2 0.69 -9.81 3.33
OP1 LCG B 2 -0.49 -10.78 3.44
O5' LCG B 2 0.73 -8.84 4.62
C5' LCG B 2 0.81 -9.30 5.99
C3' LCG B 2 0.13 -6.92 6.80
C6' LCG B 2 1.31 -8.26 8.39
N9 LCG B 2 2.41 -5.32 5.50
C8 LCG B 2 2.36 -5.77 4.18
C4 LCG B 2 2.65 -3.97 5.25
N7 LCG B 2 2.53 -4.93 3.12
C5 LCG B 2 2.71 -3.78 3.83
C6 LCG B 2 2.98 -2.39 3.23
C2' LCG B 2 1.10 -6.07 7.62
O6 LCG B 2 3.04 -2.21 2.01
C4' LCG B 2 1.15 -8.08 6.87
C1' LCG B 2 2.40 -6.12 6.77
C2 LCG B 2 3.03 -1.62 5.61
N1 LCG B 2 3.13 -1.38 4.14
O4' LCG B 2 2.42 -7.52 6.45
OP2 LCG B 2 0.51 -8.96 2.07
N2 LCG B 2 3.15 -0.56 6.52
N3 LCG B 2 2.83 -2.81 6.09
O2' LCG B 2 1.31 -6.87 8.83
O3' LCG B 2 -1.12 -7.24 7.46
H5' LCG B 2 1.57 -10.08 6.09
H5'' LCG B 2 -0.15 -9.74 6.30
H3' LCG B 2 -0.05 -6.54 5.78
H6'1 LCG B 2 0.46 -8.82 8.83
H6'2 LCG B 2 2.24 -8.79 8.67
H8 LCG B 2 2.20 -6.82 3.99
H2' LCG B 2 0.76 -5.05 7.83
H1' LCG B 2 3.28 -5.86 7.39
H1 LCG B 2 3.31 -0.46 3.71
H21 LCG B 2 3.32 0.39 6.16
H22 LCG B 2 3.06 -0.76 7.54
P LCG B 3 -2.47 -6.37 7.29
OP1 LCG B 3 -3.62 -7.07 8.01
O5' LCG B 3 -2.25 -4.91 7.92
C5' LCG B 3 -2.02 -4.63 9.31
C3' LCG B 3 -2.55 -2.19 8.91
C6' LCG B 3 -1.18 -2.61 10.81
N9 LCG B 3 -0.51 -1.55 6.72
C8 LCG B 3 -0.71 -2.58 5.81
C4 LCG B 3 -0.32 -0.50 5.83
N7 LCG B 3 -0.67 -2.37 4.47
C5 LCG B 3 -0.42 -1.02 4.49
C6 LCG B 3 -0.15 -0.14 3.26
C2' LCG B 3 -1.49 -1.11 9.07
O6 LCG B 3 -0.19 -0.58 2.11
C4' LCG B 3 -1.52 -3.19 9.43
C1' LCG B 3 -0.31 -1.63 8.21
C2 LCG B 3 0.25 1.67 4.96
N1 LCG B 3 0.18 1.16 3.55
O4' LCG B 3 -0.32 -3.01 8.63
OP2 LCG B 3 -2.81 -6.24 5.81
N2 LCG B 3 0.55 3.02 5.24
N3 LCG B 3 0.02 0.89 5.97
O2' LCG B 3 -1.11 -1.20 10.48
O3' LCG B 3 -3.71 -2.01 9.76
H5' LCG B 3 -1.25 -5.30 9.72
H5'' LCG B 3 -2.95 -4.73 9.90
H3' LCG B 3 -2.85 -2.39 7.85
H6'1 LCG B 3 -1.98 -2.79 11.56
H6'2 LCG B 3 -0.22 -2.97 11.22
H8 LCG B 3 -0.87 -3.58 6.18
H2' LCG B 3 -1.87 -0.14 8.78
H1' LCG B 3 0.64 -1.15 8.49
H1 LCG B 3 0.36 1.75 2.71
H21 LCG B 3 0.74 3.65 4.45
H22 LCG B 3 0.58 3.33 6.21
P LCG B 4 -5.04 -1.19 9.35
OP1 LCG B 4 -6.09 -1.35 10.46
O5' LCG B 4 -4.70 0.39 9.16
C5' LCG B 4 -4.16 1.25 10.18
C3' LCG B 4 -4.61 3.35 8.72
C6' LCG B 4 -2.83 3.56 10.29
N9 LCG B 4 -3.17 2.52 6.14
C8 LCG B 4 -3.72 1.27 5.88
C4 LCG B 4 -3.03 2.98 4.85
N7 LCG B 4 -3.93 0.83 4.60
C5 LCG B 4 -3.44 1.93 3.94
C6 LCG B 4 -3.26 2.09 2.42
C2' LCG B 4 -3.45 4.15 8.12
O6 LCG B 4 -3.55 1.19 1.63
C4' LCG B 4 -3.58 2.49 9.47
C1' LCG B 4 -2.61 3.05 7.42
C2 LCG B 4 -2.38 4.37 2.98
N1 LCG B 4 -2.73 3.29 2.01
O4' LCG B 4 -2.63 2.05 8.45
OP2 LCG B 4 -5.60 -1.74 8.05
N2 LCG B 4 -1.94 5.62 2.53
N3 LCG B 4 -2.49 4.18 4.26
O2' LCG B 4 -2.71 4.62 9.30
O3' LCG B 4 -5.47 4.15 9.56
H5' LCG B 4 -3.37 0.73 10.74
H5'' LCG B 4 -4.95 1.53 10.90
H3' LCG B 4 -5.19 2.79 7.97
H6'1 LCG B 4 -3.39 3.91 11.18
H6'2 LCG B 4 -1.84 3.22 10.63
H8 LCG B 4 -3.93 0.58 6.69
H2' LCG B 4 -3.74 4.96 7.44
H1' LCG B 4 -1.57 3.40 7.26
H1 LCG B 4 -2.65 3.38 1.00
H21 LCG B 4 -1.89 5.79 1.52
H22 LCG B 4 -1.70 6.35 3.21
P TLN B 5 -6.79 4.90 8.98
OP1 TLN B 5 -7.44 5.71 10.10
OP2 TLN B 5 -7.78 3.85 8.48
O5' TLN B 5 -6.40 5.87 7.75
C5' TLN B 5 -5.65 7.10 7.90
C4' TLN B 5 -5.36 7.68 6.50
O4' TLN B 5 -4.59 6.76 5.68
C1' TLN B 5 -4.79 7.17 4.29
N1 TLN B 5 -5.44 6.09 3.48
C6 TLN B 5 -6.12 4.97 4.17
C5 TLN B 5 -6.61 3.93 3.45
C5M TLN B 5 -7.28 2.83 4.21
C4 TLN B 5 -6.43 3.94 1.90
O4 TLN B 5 -6.80 3.01 1.18
N3 TLN B 5 -5.82 5.04 1.37
C2 TLN B 5 -5.33 6.09 2.09
O2 TLN B 5 -4.79 7.01 1.48
C3' TLN B 5 -6.57 8.06 5.64
C2' TLN B 5 -5.62 8.46 4.52
O2' TLN B 5 -4.74 9.45 5.15
O3' TLN B 5 -7.37 9.14 6.12
C6' TLN B 5 -4.57 8.99 6.52
H5' TLN B 5 -4.71 6.93 8.45
H5'' TLN B 5 -6.23 7.83 8.51
H1' TLN B 5 -3.80 7.42 3.86
H6 TLN B 5 -6.22 4.97 5.25
H71 TLN B 5 -6.52 2.18 4.68
H72 TLN B 5 -7.92 3.22 5.02
H73 TLN B 5 -7.90 2.20 3.55
H3 TLN B 5 -5.70 5.06 0.34
H3' TLN B 5 -7.22 7.20 5.38
H2' TLN B 5 -6.10 8.86 3.60
HO3' TLN B 5 -7.98 9.36 5.41
H6'1 TLN B 5 -5.04 9.69 7.23
H6'2 TLN B 5 -3.52 8.82 6.78
O5' TLN C 1 10.33 9.47 0.79
C5' TLN C 1 9.01 9.10 0.39
C4' TLN C 1 9.06 8.28 -0.91
O4' TLN C 1 9.82 7.04 -0.73
C1' TLN C 1 9.44 6.15 -1.83
N1 TLN C 1 8.92 4.81 -1.39
C6 TLN C 1 8.57 4.58 0.02
C5 TLN C 1 8.23 3.33 0.45
C5M TLN C 1 8.00 3.04 1.92
C4 TLN C 1 8.16 2.19 -0.60
O4 TLN C 1 7.81 1.04 -0.32
N3 TLN C 1 8.49 2.51 -1.89
C2 TLN C 1 8.86 3.77 -2.30
O2 TLN C 1 9.14 3.90 -3.49
C3' TLN C 1 7.69 7.79 -1.41
C2' TLN C 1 8.41 7.07 -2.55
O2' TLN C 1 9.15 8.12 -3.22
O3' TLN C 1 6.80 8.85 -1.86
C6' TLN C 1 9.60 9.01 -2.17
H5' TLN C 1 8.41 10.02 0.26
H5'' TLN C 1 8.54 8.53 1.20
H1' TLN C 1 10.32 6.01 -2.47
H6 TLN C 1 8.57 5.44 0.70
H71 TLN C 1 7.72 3.95 2.50
H72 TLN C 1 7.19 2.31 2.06
H73 TLN C 1 8.91 2.62 2.40
H3 TLN C 1 8.44 1.76 -2.60
H3' TLN C 1 7.16 7.10 -0.72
H2' TLN C 1 7.74 6.51 -3.19
H6'1 TLN C 1 9.16 10.02 -2.30
H6'2 TLN C 1 10.69 9.10 -2.16
HO5' TLN C 1 10.81 8.64 0.92
P LCG C 2 5.28 8.61 -2.35
OP1 LCG C 2 4.63 9.95 -2.70
O5' LCG C 2 5.26 7.65 -3.65
C5' LCG C 2 5.84 7.97 -4.93
C3' LCG C 2 4.52 6.03 -6.01
C6' LCG C 2 6.47 6.72 -7.20
N9 LCG C 2 5.58 3.72 -4.28
C8 LCG C 2 5.39 4.21 -3.01
C4 LCG C 2 5.21 2.39 -4.07
N7 LCG C 2 4.95 3.43 -1.98
C5 LCG C 2 4.83 2.26 -2.67
C6 LCG C 2 4.36 0.92 -2.10
C2' LCG C 2 5.23 4.83 -6.62
O6 LCG C 2 4.05 0.79 -0.91
C4' LCG C 2 5.89 6.68 -5.77
C1' LCG C 2 6.20 4.39 -5.48
C2 LCG C 2 4.69 0.06 -4.44
N1 LCG C 2 4.32 -0.12 -3.00
O4' LCG C 2 6.69 5.68 -5.09
OP2 LCG C 2 4.47 7.94 -1.23
N2 LCG C 2 4.59 -0.99 -5.36
N3 LCG C 2 5.11 1.21 -4.88
O2' LCG C 2 6.02 5.42 -7.69
O3' LCG C 2 3.69 6.78 -6.94
H5' LCG C 2 6.86 8.39 -4.79
H5'' LCG C 2 5.24 8.75 -5.44
H3' LCG C 2 3.96 5.79 -5.09
H6'1 LCG C 2 6.03 7.54 -7.80
H6'2 LCG C 2 7.57 6.81 -7.22
H8 LCG C 2 5.62 5.24 -2.79
H2' LCG C 2 4.57 4.01 -6.97
H1' LCG C 2 7.02 3.77 -5.88
H1 LCG C 2 3.99 -1.01 -2.59
H21 LCG C 2 4.26 -1.91 -5.00
H22 LCG C 2 4.84 -0.84 -6.33
P LCG C 3 2.12 6.51 -7.17
OP1 LCG C 3 1.54 7.57 -8.12
O5' LCG C 3 1.92 5.04 -7.81
C5' LCG C 3 2.39 4.64 -9.12
C3' LCG C 3 0.84 2.64 -9.02
C6' LCG C 3 2.70 2.39 -10.50
N9 LCG C 3 1.83 1.33 -6.44
C8 LCG C 3 1.88 2.39 -5.55
C4 LCG C 3 1.33 0.36 -5.60
N7 LCG C 3 1.50 2.25 -4.25
C5 LCG C 3 1.14 0.93 -4.30
C6 LCG C 3 0.69 0.08 -3.09
C2' LCG C 3 1.38 1.23 -8.98
O6 LCG C 3 0.55 0.57 -1.97
C4' LCG C 3 2.28 3.12 -9.21
C1' LCG C 3 2.41 1.27 -7.82
C2 LCG C 3 0.69 -1.81 -4.74
N1 LCG C 3 0.48 -1.24 -3.37
O4' LCG C 3 3.06 2.50 -8.15
OP2 LCG C 3 1.36 6.57 -5.83
N2 LCG C 3 0.46 -3.18 -5.00
N3 LCG C 3 1.07 -1.05 -5.72
O2' LCG C 3 2.10 1.10 -10.25
O3' LCG C 3 -0.02 2.93 -10.15
H5' LCG C 3 3.44 4.93 -9.26
H5'' LCG C 3 1.77 5.09 -9.90
H3' LCG C 3 0.39 2.99 -8.07
H6'1 LCG C 3 2.26 2.85 -11.41
H6'2 LCG C 3 3.79 2.33 -10.63
H8 LCG C 3 2.26 3.35 -5.87
H2' LCG C 3 0.58 0.50 -8.86
H1' LCG C 3 3.13 0.42 -7.90
H1 LCG C 3 0.21 -1.80 -2.55
H21 LCG C 3 0.16 -3.77 -4.23
H22 LCG C 3 0.60 -3.53 -5.95
P LCG C 4 -1.63 2.73 -10.15
OP1 LCG C 4 -2.21 3.28 -11.45
O5' LCG C 4 -2.00 1.16 -10.02
C5' LCG C 4 -1.57 0.12 -10.93
C3' LCG C 4 -3.20 -1.58 -9.85
C6' LCG C 4 -1.26 -2.53 -10.87
N9 LCG C 4 -2.38 -1.32 -6.91
C8 LCG C 4 -2.45 0.05 -6.69
C4 LCG C 4 -2.75 -1.76 -5.64
N7 LCG C 4 -2.77 0.57 -5.47
C5 LCG C 4 -2.93 -0.61 -4.81
C6 LCG C 4 -3.19 -0.77 -3.29
C2' LCG C 4 -2.68 -2.76 -9.03
O6 LCG C 4 -3.28 0.20 -2.53
C4' LCG C 4 -1.75 -1.23 -10.21
C1' LCG C 4 -1.72 -2.08 -8.03
C2 LCG C 4 -3.22 -3.23 -3.78
N1 LCG C 4 -3.31 -2.06 -2.85
O4' LCG C 4 -1.05 -1.17 -8.92
OP2 LCG C 4 -2.24 3.49 -8.98
N2 LCG C 4 -3.47 -4.53 -3.33
N3 LCG C 4 -2.92 -3.06 -5.03
O2' LCG C 4 -1.87 -3.51 -9.99
O3' LCG C 4 -4.02 -1.99 -10.98
H5' LCG C 4 -0.51 0.28 -11.20
H5'' LCG C 4 -2.16 0.16 -11.86
H3' LCG C 4 -3.71 -0.81 -9.24
H6'1 LCG C 4 -1.63 -2.65 -11.91
H6'2 LCG C 4 -0.17 -2.62 -10.88
H8 LCG C 4 -2.18 0.73 -7.48
H2' LCG C 4 -3.45 -3.37 -8.54
H1' LCG C 4 -1.00 -2.80 -7.61
H1 LCG C 4 -3.49 -2.14 -1.83
H21 LCG C 4 -3.73 -4.67 -2.35
H22 LCG C 4 -3.42 -5.32 -4.00
P TLN C 5 -5.64 -2.02 -10.92
OP1 TLN C 5 -6.18 -2.57 -12.24
OP2 TLN C 5 -6.16 -0.60 -10.72
O5' TLN C 5 -6.14 -2.94 -9.70
C5' TLN C 5 -6.00 -4.37 -9.66
C4' TLN C 5 -6.35 -4.87 -8.25
O4' TLN C 5 -5.48 -4.31 -7.23
C1' TLN C 5 -6.19 -4.41 -5.97
N1 TLN C 5 -6.46 -3.07 -5.35
C6 TLN C 5 -6.37 -1.85 -6.19
C5 TLN C 5 -6.54 -0.64 -5.64
C5M TLN C 5 -6.44 0.57 -6.54
C4 TLN C 5 -6.79 -0.53 -4.10
O4 TLN C 5 -6.91 0.54 -3.51
N3 TLN C 5 -6.89 -1.72 -3.43
C2 TLN C 5 -6.73 -2.96 -3.99
O2 TLN C 5 -6.81 -3.94 -3.25
C3' TLN C 5 -7.78 -4.58 -7.75
C2' TLN C 5 -7.42 -5.24 -6.42
O2' TLN C 5 -6.97 -6.56 -6.80
O3' TLN C 5 -8.83 -5.24 -8.45
C6' TLN C 5 -6.28 -6.39 -8.06
H5' TLN C 5 -4.96 -4.68 -9.92
H5'' TLN C 5 -6.66 -4.85 -10.41
H1' TLN C 5 -5.57 -5.02 -5.28
H6 TLN C 5 -6.18 -1.94 -7.26
H71 TLN C 5 -5.39 0.69 -6.88
H72 TLN C 5 -7.06 0.43 -7.44
H73 TLN C 5 -6.75 1.49 -6.03
H3 TLN C 5 -7.06 -1.67 -2.42
H3' TLN C 5 -8.01 -3.50 -7.68
H2' TLN C 5 -8.25 -5.26 -5.67
HO3' TLN C 5 -9.63 -5.09 -7.93
H6'1 TLN C 5 -6.82 -6.89 -8.88
H6'2 TLN C 5 -5.23 -6.72 -8.03
O5' TLN D 1 7.05 -2.02 -10.80
C5' TLN D 1 7.90 -2.23 -9.68
C4' TLN D 1 7.52 -3.50 -8.89
O4' TLN D 1 8.37 -3.66 -7.72
C1' TLN D 1 7.71 -4.59 -6.83
N1 TLN D 1 7.47 -4.08 -5.44
C6 TLN D 1 7.65 -2.64 -5.14
C5 TLN D 1 7.58 -2.19 -3.86
C5M TLN D 1 7.89 -0.76 -3.52
C4 TLN D 1 7.22 -3.21 -2.74
O4 TLN D 1 7.07 -2.88 -1.56
N3 TLN D 1 7.06 -4.51 -3.12
C2 TLN D 1 7.17 -4.97 -4.40
O2 TLN D 1 7.01 -6.17 -4.59
C3' TLN D 1 6.10 -3.55 -8.30
C2' TLN D 1 6.45 -4.88 -7.67
O2' TLN D 1 6.83 -5.72 -8.79
O3' TLN D 1 5.04 -3.61 -9.29
C6' TLN D 1 7.55 -4.83 -9.69
H5' TLN D 1 7.86 -1.35 -9.01
H5'' TLN D 1 8.95 -2.30 -10.02
H1' TLN D 1 8.33 -5.51 -6.77
H6 TLN D 1 7.82 -1.98 -5.98
H71 TLN D 1 8.93 -0.64 -3.17
H72 TLN D 1 7.76 -0.07 -4.38
H73 TLN D 1 7.23 -0.37 -2.71
H3 TLN D 1 6.82 -5.20 -2.39
H3' TLN D 1 5.89 -2.75 -7.56
H2' TLN D 1 5.64 -5.29 -7.06
H6'1 TLN D 1 7.04 -4.77 -10.67
H6'2 TLN D 1 8.58 -5.19 -9.87
HO5' TLN D 1 6.16 -1.94 -10.44
P LCG D 2 3.46 -3.58 -8.95
OP1 LCG D 2 2.65 -3.63 -10.24
O5' LCG D 2 3.06 -4.85 -8.02
C5' LCG D 2 3.17 -6.23 -8.41
C3' LCG D 2 1.68 -6.89 -6.40
C6' LCG D 2 3.07 -8.62 -7.25
N9 LCG D 2 3.42 -5.72 -4.13
C8 LCG D 2 3.63 -4.43 -4.59
C4 LCG D 2 3.26 -5.45 -2.78
N7 LCG D 2 3.64 -3.35 -3.75
C5 LCG D 2 3.40 -4.03 -2.59
C6 LCG D 2 3.29 -3.40 -1.19
C2' LCG D 2 2.23 -7.75 -5.27
O6 LCG D 2 3.42 -2.18 -1.02
C4' LCG D 2 3.01 -7.09 -7.14
C1' LCG D 2 3.55 -7.02 -4.88
C2 LCG D 2 2.88 -5.75 -0.42
N1 LCG D 2 3.04 -4.28 -0.18
O4' LCG D 2 4.07 -6.77 -6.19
OP2 LCG D 2 3.13 -2.30 -8.20
N2 LCG D 2 2.60 -6.63 0.64
N3 LCG D 2 3.00 -6.25 -1.61
O2' LCG D 2 2.57 -9.00 -5.93
O3' LCG D 2 0.55 -7.44 -7.11
H5' LCG D 2 4.14 -6.43 -8.90
H5'' LCG D 2 2.38 -6.47 -9.15
H3' LCG D 2 1.49 -5.84 -6.10
H6'1 LCG D 2 2.41 -9.01 -8.06
H6'2 LCG D 2 4.09 -9.01 -7.42
H8 LCG D 2 3.84 -4.26 -5.64
H2' LCG D 2 1.55 -7.88 -4.41
H1' LCG D 2 4.22 -7.70 -4.33
H1 LCG D 2 2.97 -3.83 0.75
H21 LCG D 2 2.51 -6.25 1.59
H22 LCG D 2 2.49 -7.63 0.44
P LCG D 3 -0.99 -7.15 -6.73
OP1 LCG D 3 -1.91 -7.79 -7.76
O5' LCG D 3 -1.32 -7.75 -5.27
C5' LCG D 3 -1.32 -9.15 -4.93
C3' LCG D 3 -2.59 -8.61 -2.82
C6' LCG D 3 -1.39 -10.67 -2.74
N9 LCG D 3 -0.63 -6.63 -1.52
C8 LCG D 3 -0.40 -5.75 -2.57
C4 LCG D 3 -0.65 -5.72 -0.47
N7 LCG D 3 -0.27 -4.41 -2.37
C5 LCG D 3 -0.45 -4.41 -1.01
C6 LCG D 3 -0.33 -3.18 -0.09
C2' LCG D 3 -1.99 -8.83 -1.45
O6 LCG D 3 -0.13 -2.05 -0.54
C4' LCG D 3 -1.35 -9.28 -3.41
C1' LCG D 3 -0.61 -8.13 -1.53
C2 LCG D 3 -0.70 -4.82 1.77
N1 LCG D 3 -0.46 -3.44 1.25
O4' LCG D 3 -0.20 -8.60 -2.83
OP2 LCG D 3 -1.25 -5.64 -6.70
N2 LCG D 3 -0.87 -5.07 3.14
N3 LCG D 3 -0.77 -5.83 0.96
O2' LCG D 3 -1.78 -10.28 -1.39
O3' LCG D 3 -3.82 -9.33 -3.07
H5' LCG D 3 -0.40 -9.65 -5.30
H5'' LCG D 3 -2.20 -9.65 -5.36
H3' LCG D 3 -2.68 -7.53 -3.11
H6'1 LCG D 3 -2.15 -11.33 -3.20
H6'2 LCG D 3 -0.42 -11.19 -2.76
H8 LCG D 3 -0.28 -6.13 -3.57
H2' LCG D 3 -2.64 -8.47 -0.67
H1' LCG D 3 0.09 -8.51 -0.76
H1 LCG D 3 -0.39 -2.60 1.84
H21 LCG D 3 -0.83 -4.27 3.79
H22 LCG D 3 -1.04 -6.02 3.46
P LCG D 4 -5.30 -8.75 -2.79
OP1 LCG D 4 -6.35 -9.72 -3.35
O5' LCG D 4 -5.54 -8.56 -1.21
C5' LCG D 4 -5.52 -9.62 -0.23
C3' LCG D 4 -6.48 -7.97 1.53
C6' LCG D 4 -5.31 -9.85 2.43
N9 LCG D 4 -4.35 -5.79 1.43
C8 LCG D 4 -4.31 -5.53 0.07
C4 LCG D 4 -4.21 -4.50 1.91
N7 LCG D 4 -4.14 -4.26 -0.42
C5 LCG D 4 -4.05 -3.62 0.80
C6 LCG D 4 -3.75 -2.12 1.00
C2' LCG D 4 -5.66 -7.57 2.75
O6 LCG D 4 -3.57 -1.35 0.05
C4' LCG D 4 -5.36 -8.97 1.16
C1' LCG D 4 -4.32 -7.12 2.13
C2 LCG D 4 -3.93 -2.65 3.45
N1 LCG D 4 -3.71 -1.71 2.30
O4' LCG D 4 -4.13 -8.19 1.18
OP2 LCG D 4 -5.46 -7.39 -3.48
N2 LCG D 4 -3.99 -2.18 4.77
N3 LCG D 4 -4.13 -3.92 3.23
O2' LCG D 4 -5.45 -8.83 3.46
O3' LCG D 4 -7.76 -8.57 1.85
H5' LCG D 4 -4.68 -10.30 -0.43
H5'' LCG D 4 -6.45 -10.21 -0.29
H3' LCG D 4 -6.61 -7.17 0.79
H6'1 LCG D 4 -6.14 -10.58 2.48
H6'2 LCG D 4 -4.36 -10.40 2.53
H8 LCG D 4 -4.37 -6.32 -0.65
H2' LCG D 4 -6.13 -6.79 3.38
H1' LCG D 4 -3.52 -7.12 2.87
H1 LCG D 4 -3.57 -0.70 2.41
H21 LCG D 4 -3.88 -1.16 4.92
H22 LCG D 4 -4.14 -2.84 5.53
P TLN D 5 -9.13 -7.72 1.87
OP1 TLN D 5 -10.29 -8.63 2.28
OP2 TLN D 5 -9.40 -7.18 0.46
O5' TLN D 5 -9.02 -6.48 2.90
C5' TLN D 5 -8.97 -6.64 4.32
C4' TLN D 5 -8.74 -5.27 4.98
O4' TLN D 5 -7.47 -4.66 4.57
C1' TLN D 5 -7.60 -3.23 4.86
N1 TLN D 5 -7.48 -2.38 3.63
C6 TLN D 5 -7.63 -3.02 2.29
C5 TLN D 5 -7.41 -2.30 1.17
C5M TLN D 5 -7.52 -2.98 -0.16
C4 TLN D 5 -7.05 -0.79 1.31
O4 TLN D 5 -6.83 -0.07 0.34
N3 TLN D 5 -6.96 -0.30 2.59
C2 TLN D 5 -7.15 -1.04 3.72
O2 TLN D 5 -7.02 -0.47 4.81
C3' TLN D 5 -9.80 -4.19 4.73
C2' TLN D 5 -8.97 -3.21 5.58
O2' TLN D 5 -8.82 -3.92 6.85
O3' TLN D 5 -11.10 -4.45 5.26
C6' TLN D 5 -8.71 -5.31 6.51
H5' TLN D 5 -8.16 -7.35 4.62
H5'' TLN D 5 -9.91 -7.09 4.69
H1' TLN D 5 -6.80 -2.96 5.58
H6 TLN D 5 -7.91 -4.07 2.22
H71 TLN D 5 -8.46 -2.70 -0.66
H72 TLN D 5 -6.66 -2.70 -0.80
H73 TLN D 5 -7.50 -4.09 -0.08
H3 TLN D 5 -6.71 0.69 2.70
H3' TLN D 5 -9.89 -3.90 3.67
H2' TLN D 5 -9.41 -2.22 5.70
HO3' TLN D 5 -11.59 -3.64 5.17
H6'1 TLN D 5 -9.56 -5.89 6.88
H6'2 TLN D 5 -7.76 -5.77 6.87
O5' TLN A 1 7.00 -1.03 12.17
C5' TLN A 1 5.89 -0.48 11.47
C4' TLN A 1 6.31 0.76 10.66
O4' TLN A 1 7.34 0.42 9.68
C1' TLN A 1 7.36 1.48 8.69
N1 TLN A 1 7.15 1.05 7.28
C6 TLN A 1 6.68 -0.32 6.98
C5 TLN A 1 6.64 -0.78 5.71
C5M TLN A 1 6.30 -2.23 5.41
C4 TLN A 1 6.99 0.21 4.56
O4 TLN A 1 6.91 -0.10 3.37
N3 TLN A 1 7.39 1.46 4.93
C2 TLN A 1 7.49 1.90 6.22
O2 TLN A 1 7.87 3.05 6.40
C3' TLN A 1 5.20 1.39 9.81
C2' TLN A 1 6.24 2.38 9.28
O2' TLN A 1 6.76 3.02 10.49
O3' TLN A 1 4.14 1.99 10.58
C6' TLN A 1 6.81 1.97 11.48
H5' TLN A 1 5.09 -0.23 12.19
H5'' TLN A 1 5.48 -1.26 10.80
H1' TLN A 1 8.33 2.02 8.76
H6 TLN A 1 6.37 -0.93 7.83
H71 TLN A 1 7.21 -2.84 5.34
H72 TLN A 1 5.66 -2.69 6.19
H73 TLN A 1 5.75 -2.33 4.46
H3 TLN A 1 7.64 2.12 4.18
H3' TLN A 1 4.79 0.73 9.02
H2' TLN A 1 5.83 3.07 8.55
H6'1 TLN A 1 6.15 2.21 12.34
H6'2 TLN A 1 7.84 1.83 11.87
HO5' TLN A 1 7.65 -1.25 11.51
P LCG A 2 2.80 2.63 9.93
OP1 LCG A 2 1.88 3.12 11.04
O5' LCG A 2 3.17 3.86 8.96
C5' LCG A 2 3.80 5.09 9.38
C3' LCG A 2 3.21 6.20 7.12
C6' LCG A 2 5.04 7.18 8.30
N9 LCG A 2 4.59 4.23 5.23
C8 LCG A 2 4.10 3.00 5.68
C4 LCG A 2 4.57 3.98 3.86
N7 LCG A 2 3.78 1.99 4.82
C5 LCG A 2 4.09 2.64 3.65
C6 LCG A 2 3.98 2.04 2.24
C2' LCG A 2 4.30 6.63 6.15
O6 LCG A 2 3.58 0.89 2.04
C4' LCG A 2 4.31 5.83 8.13
C1' LCG A 2 5.17 5.36 6.03
C2 LCG A 2 4.84 4.27 1.49
N1 LCG A 2 4.37 2.87 1.23
O4' LCG A 2 5.24 4.99 7.41
OP2 LCG A 2 2.07 1.55 9.11
N2 LCG A 2 5.20 5.13 0.43
N3 LCG A 2 4.94 4.73 2.69
O2' LCG A 2 5.05 7.64 6.92
O3' LCG A 2 2.34 7.27 7.58
H5' LCG A 2 4.64 4.87 10.08
H5'' LCG A 2 3.08 5.71 9.95
H3' LCG A 2 2.61 5.33 6.76
H6'1 LCG A 2 4.49 7.87 8.95
H6'2 LCG A 2 6.06 7.06 8.69
H8 LCG A 2 4.02 2.82 6.74
H2' LCG A 2 3.95 7.01 5.18
H1' LCG A 2 6.19 5.60 5.66
H1 LCG A 2 4.32 2.45 0.29
H21 LCG A 2 5.14 4.77 -0.54
H22 LCG A 2 5.50 6.08 0.64
P LCG A 3 0.94 7.65 6.87
OP1 LCG A 3 0.26 8.77 7.66
O5' LCG A 3 1.20 8.14 5.36
C5' LCG A 3 1.95 9.33 5.00
C3' LCG A 3 1.01 9.24 2.64
C6' LCG A 3 3.08 10.40 2.87
N9 LCG A 3 1.88 6.44 1.74
C8 LCG A 3 1.37 5.66 2.77
C4 LCG A 3 1.66 5.58 0.67
N7 LCG A 3 0.88 4.41 2.54
C5 LCG A 3 1.08 4.37 1.18
C6 LCG A 3 0.85 3.16 0.26
C2' LCG A 3 1.91 9.00 1.45
O6 LCG A 3 0.41 2.09 0.68
C4' LCG A 3 2.27 9.26 3.51
C1' LCG A 3 2.67 7.71 1.84
C2 LCG A 3 1.74 4.65 -1.54
N1 LCG A 3 1.20 3.35 -1.05
O4' LCG A 3 2.98 8.03 3.21
OP2 LCG A 3 0.03 6.42 6.84
N2 LCG A 3 2.03 4.86 -2.90
N3 LCG A 3 1.96 5.63 -0.72
O2' LCG A 3 2.84 10.13 1.47
O3' LCG A 3 0.29 10.50 2.59
H5' LCG A 3 2.90 9.39 5.56
H5'' LCG A 3 1.34 10.24 5.20
H3' LCG A 3 0.34 8.40 2.91
H6'1 LCG A 3 2.70 11.40 3.15
H6'2 LCG A 3 4.16 10.35 3.12
H8 LCG A 3 1.39 6.04 3.78
H2' LCG A 3 1.35 8.94 0.53
H1' LCG A 3 3.61 7.61 1.25
H1 LCG A 3 1.04 2.52 -1.65
H21 LCG A 3 1.86 4.09 -3.56
H22 LCG A 3 2.39 5.77 -3.20
P LCG A 4 -1.16 10.68 1.90
OP1 LCG A 4 -1.64 12.12 2.08
O5' LCG A 4 -1.09 10.33 0.33
C5' LCG A 4 -0.29 11.05 -0.64
C3' LCG A 4 -1.50 9.93 -2.66
C6' LCG A 4 0.73 10.67 -3.06
N9 LCG A 4 -1.12 6.94 -2.02
C8 LCG A 4 -1.64 6.82 -0.74
C4 LCG A 4 -1.48 5.69 -2.53
N7 LCG A 4 -2.25 5.67 -0.32
C5 LCG A 4 -2.12 4.95 -1.48
C6 LCG A 4 -2.50 3.47 -1.68
C2' LCG A 4 -0.76 8.97 -3.57
O6 LCG A 4 -2.98 2.78 -0.77
C4' LCG A 4 -0.17 10.18 -1.92
C1' LCG A 4 -0.16 7.94 -2.58
C2 LCG A 4 -1.66 3.80 -4.01
N1 LCG A 4 -2.26 2.97 -2.92
O4' LCG A 4 0.30 8.85 -1.55
OP2 LCG A 4 -2.16 9.73 2.57
N2 LCG A 4 -1.51 3.28 -5.31
N3 LCG A 4 -1.28 5.01 -3.79
O2' LCG A 4 0.33 9.77 -4.12
O3' LCG A 4 -2.04 11.10 -3.34
H5' LCG A 4 0.72 11.25 -0.22
H5'' LCG A 4 -0.74 12.03 -0.85
H3' LCG A 4 -2.27 9.46 -2.03
H6'1 LCG A 4 0.54 11.72 -3.34
H6'2 LCG A 4 1.81 10.57 -2.83
H8 LCG A 4 -1.50 7.62 -0.04
H2' LCG A 4 -1.38 8.49 -4.35
H1' LCG A 4 0.70 7.43 -3.04
H1 LCG A 4 -2.53 1.97 -3.04
H21 LCG A 4 -1.85 2.33 -5.50
H22 LCG A 4 -1.10 3.88 -6.03
P TLN A 5 -3.53 11.12 -3.96
OP1 TLN A 5 -3.77 12.47 -4.65
OP2 TLN A 5 -4.55 10.96 -2.83
O5' TLN A 5 -3.72 9.92 -5.03
C5' TLN A 5 -3.06 9.86 -6.30
C4' TLN A 5 -3.32 8.50 -6.94
O4' TLN A 5 -2.84 7.40 -6.12
C1' TLN A 5 -3.55 6.20 -6.55
N1 TLN A 5 -4.38 5.60 -5.46
C6 TLN A 5 -4.69 6.42 -4.25
C5 TLN A 5 -5.37 5.86 -3.22
C5M TLN A 5 -5.65 6.71 -2.02
C4 TLN A 5 -5.80 4.37 -3.32
O4 TLN A 5 -6.39 3.78 -2.42
N3 TLN A 5 -5.48 3.72 -4.49
C2 TLN A 5 -4.80 4.28 -5.54
O2 TLN A 5 -4.57 3.58 -6.51
C3' TLN A 5 -4.78 8.14 -7.25
C2' TLN A 5 -4.31 6.77 -7.78
O2' TLN A 5 -3.33 7.11 -8.79
O3' TLN A 5 -5.42 8.94 -8.25
C6' TLN A 5 -2.66 8.31 -8.32
H5' TLN A 5 -1.96 10.03 -6.19
H5'' TLN A 5 -3.41 10.68 -6.96
H1' TLN A 5 -2.80 5.46 -6.89
H6 TLN A 5 -4.38 7.46 -4.20
H71 TLN A 5 -4.74 6.78 -1.38
H72 TLN A 5 -5.91 7.76 -2.30
H73 TLN A 5 -6.47 6.32 -1.41
H3 TLN A 5 -5.76 2.74 -4.57
H3' TLN A 5 -5.42 8.08 -6.35
H2' TLN A 5 -5.12 6.12 -8.16
HO3' TLN A 5 -6.25 8.51 -8.45
H6'1 TLN A 5 -2.88 9.18 -8.94
H6'2 TLN A 5 -1.57 8.17 -8.21
O5' TLN B 1 5.53 -12.66 1.55
C5' TLN B 1 4.41 -11.80 1.60
C4' TLN B 1 4.42 -10.95 2.90
O4' TLN B 1 5.63 -10.14 2.98
C1' TLN B 1 5.36 -9.09 3.95
N1 TLN B 1 5.55 -7.69 3.45
C6 TLN B 1 5.71 -7.45 2.00
C5 TLN B 1 6.03 -6.20 1.54
C5M TLN B 1 6.31 -5.95 0.08
C4 TLN B 1 6.13 -5.04 2.58
O4 TLN B 1 6.35 -3.87 2.25
N3 TLN B 1 5.94 -5.38 3.90
C2 TLN B 1 5.67 -6.63 4.34
O2 TLN B 1 5.53 -6.78 5.56
C3' TLN B 1 3.28 -9.94 3.04
C2' TLN B 1 3.91 -9.48 4.33
O2' TLN B 1 3.97 -10.67 5.15
O3' TLN B 1 1.97 -10.54 3.18
C6' TLN B 1 4.29 -11.75 4.23
H5' TLN B 1 3.48 -12.39 1.53
H5'' TLN B 1 4.42 -11.14 0.72
H1' TLN B 1 6.03 -9.25 4.83
H6 TLN B 1 5.55 -8.29 1.33
H71 TLN B 1 5.86 -6.70 -0.58
H72 TLN B 1 5.93 -4.96 -0.25
H73 TLN B 1 7.40 -5.96 -0.12
H3 TLN B 1 6.01 -4.62 4.59
H3' TLN B 1 3.27 -9.16 2.26
H2' TLN B 1 3.37 -8.65 4.81
H6'1 TLN B 1 3.47 -12.49 4.20
H6'2 TLN B 1 5.22 -12.26 4.51
HO5' TLN B 1 6.31 -12.10 1.60
P LCG B 2 0.59 -9.69 3.27
OP1 LCG B 2 -0.59 -10.67 3.38
O5' LCG B 2 0.62 -8.73 4.57
C5' LCG B 2 0.69 -9.18 5.93
C3' LCG B 2 -0.04 -6.83 6.72
C6' LCG B 2 1.13 -8.12 8.35
N9 LCG B 2 2.24 -5.18 5.44
C8 LCG B 2 2.23 -5.65 4.14
C4 LCG B 2 2.50 -3.83 5.19
N7 LCG B 2 2.46 -4.83 3.07
C5 LCG B 2 2.62 -3.66 3.77
C6 LCG B 2 2.94 -2.29 3.16
C2' LCG B 2 0.90 -5.94 7.54
O6 LCG B 2 3.05 -2.13 1.94
C4' LCG B 2 1.02 -7.96 6.82
C1' LCG B 2 2.22 -5.97 6.73
C2 LCG B 2 2.95 -1.50 5.55
N1 LCG B 2 3.09 -1.27 4.07
O4' LCG B 2 2.28 -7.38 6.41
OP2 LCG B 2 0.42 -8.84 2.01
N2 LCG B 2 3.11 -0.44 6.46
N3 LCG B 2 2.69 -2.68 6.02
O2' LCG B 2 1.09 -6.72 8.77
O3' LCG B 2 -1.29 -7.17 7.36
H5' LCG B 2 1.48 -9.96 6.05
H5'' LCG B 2 -0.26 -9.64 6.24
H3' LCG B 2 -0.20 -6.46 5.68
H6'1 LCG B 2 0.29 -8.70 8.76
H6'2 LCG B 2 2.07 -8.62 8.65
H8 LCG B 2 2.09 -6.70 3.94
H2' LCG B 2 0.52 -4.92 7.73
H1' LCG B 2 3.07 -5.68 7.36
H1 LCG B 2 3.30 -0.35 3.64
H21 LCG B 2 3.33 0.49 6.09
H22 LCG B 2 3.01 -0.62 7.47
P LCG B 3 -2.66 -6.33 7.17
OP1 LCG B 3 -3.80 -7.07 7.86
O5' LCG B 3 -2.49 -4.87 7.81
C5' LCG B 3 -2.28 -4.60 9.21
C3' LCG B 3 -2.89 -2.17 8.77
C6' LCG B 3 -1.59 -2.53 10.75
N9 LCG B 3 -0.75 -1.45 6.68
C8 LCG B 3 -0.97 -2.47 5.76
C4 LCG B 3 -0.41 -0.44 5.80
N7 LCG B 3 -0.84 -2.28 4.43
C5 LCG B 3 -0.47 -0.96 4.47
C6 LCG B 3 -0.09 -0.10 3.25
C2' LCG B 3 -1.88 -1.06 8.98
O6 LCG B 3 -0.10 -0.54 2.10
C4' LCG B 3 -1.84 -3.14 9.35
C1' LCG B 3 -0.64 -1.54 8.17
C2 LCG B 3 0.28 1.72 4.95
N1 LCG B 3 0.28 1.19 3.55
O4' LCG B 3 -0.63 -2.92 8.59
OP2 LCG B 3 -2.98 -6.20 5.68
N2 LCG B 3 0.57 3.06 5.21
N3 LCG B 3 -0.02 0.94 5.94
O2' LCG B 3 -1.57 -1.12 10.41
O3' LCG B 3 -4.09 -2.07 9.60
H5' LCG B 3 -1.50 -5.24 9.63
H5'' LCG B 3 -3.22 -4.73 9.77
H3' LCG B 3 -3.13 -2.39 7.71
H6'1 LCG B 3 -2.39 -2.76 11.46
H6'2 LCG B 3 -0.63 -2.86 11.19
H8 LCG B 3 -1.22 -3.46 6.11
H2' LCG B 3 -2.30 -0.10 8.67
H1' LCG B 3 0.28 -1.03 8.52
H1 LCG B 3 0.47 1.76 2.71
H21 LCG B 3 0.77 3.69 4.42
H22 LCG B 3 0.56 3.40 6.18
P LCG B 4 -5.51 -1.51 9.08
OP1 LCG B 4 -6.59 -1.85 10.12
O5' LCG B 4 -5.43 0.09 8.89
C5' LCG B 4 -5.23 1.04 9.96
C3' LCG B 4 -5.62 2.97 8.27
C6' LCG B 4 -4.41 3.56 10.23
N9 LCG B 4 -3.43 2.36 6.23
C8 LCG B 4 -3.68 1.03 5.93
C4 LCG B 4 -3.15 2.83 4.95
N7 LCG B 4 -3.59 0.56 4.66
C5 LCG B 4 -3.25 1.73 4.05
C6 LCG B 4 -2.97 1.90 2.54
C2' LCG B 4 -4.51 3.96 7.93
O6 LCG B 4 -3.05 0.96 1.75
C4' LCG B 4 -4.70 2.34 9.33
C1' LCG B 4 -3.34 3.02 7.57
C2 LCG B 4 -2.59 4.31 3.14
N1 LCG B 4 -2.65 3.18 2.17
O4' LCG B 4 -3.45 2.06 8.63
OP2 LCG B 4 -5.88 -2.16 7.75
N2 LCG B 4 -2.30 5.62 2.70
N3 LCG B 4 -2.80 4.11 4.39
O2' LCG B 4 -4.21 4.59 9.22
O3' LCG B 4 -6.82 3.60 8.79
H5' LCG B 4 -4.50 0.63 10.68
H5'' LCG B 4 -6.17 1.20 10.50
H3' LCG B 4 -5.87 2.28 7.44
H6'1 LCG B 4 -5.24 3.81 10.90
H6'2 LCG B 4 -3.49 3.42 10.84
H8 LCG B 4 -3.91 0.33 6.73
H2' LCG B 4 -4.76 4.68 7.15
H1' LCG B 4 -2.37 3.55 7.63
H1 LCG B 4 -2.54 3.30 1.14
H21 LCG B 4 -2.16 5.79 1.69
H22 LCG B 4 -2.26 6.38 3.39
P TLN B 5 -8.18 3.71 7.92
OP1 TLN B 5 -9.21 4.52 8.70
OP2 TLN B 5 -8.73 2.31 7.67
O5' TLN B 5 -7.88 4.43 6.50
C5' TLN B 5 -7.55 5.81 6.36
C4' TLN B 5 -7.22 6.10 4.88
O4' TLN B 5 -6.04 5.37 4.43
C1' TLN B 5 -6.12 5.31 2.98
N1 TLN B 5 -6.24 3.92 2.46
C6 TLN B 5 -6.62 2.83 3.38
C5 TLN B 5 -6.64 1.54 2.95
C5M TLN B 5 -6.95 0.47 3.96
C4 TLN B 5 -6.34 1.26 1.44
O4 TLN B 5 -6.38 0.13 0.97
N3 TLN B 5 -6.01 2.33 0.68
C2 TLN B 5 -5.93 3.62 1.13
O2 TLN B 5 -5.57 4.49 0.33
C3' TLN B 5 -8.31 5.81 3.85
C2' TLN B 5 -7.35 6.24 2.75
O2' TLN B 5 -6.96 7.59 3.14
O3' TLN B 5 -9.48 6.60 3.94
C6' TLN B 5 -6.91 7.57 4.59
H5' TLN B 5 -6.70 6.10 7.01
H5'' TLN B 5 -8.41 6.44 6.69
H1' TLN B 5 -5.21 5.79 2.56
H6 TLN B 5 -6.86 3.05 4.42
H71 TLN B 5 -6.44 -0.47 3.70
H72 TLN B 5 -6.61 0.76 4.97
H73 TLN B 5 -8.04 0.30 4.02
H3 TLN B 5 -5.78 2.16 -0.31
H3' TLN B 5 -8.58 4.74 3.80
H2' TLN B 5 -7.76 6.20 1.72
HO3' TLN B 5 -10.00 6.41 3.15
H6'1 TLN B 5 -7.69 8.20 5.03
H6'2 TLN B 5 -5.92 7.86 4.98
O5' TLN C 1 10.31 9.49 0.64
C5' TLN C 1 8.99 9.12 0.25
C4' TLN C 1 9.02 8.33 -1.07
O4' TLN C 1 9.79 7.10 -0.93
C1' TLN C 1 9.41 6.23 -2.03
N1 TLN C 1 8.92 4.87 -1.63
C6 TLN C 1 8.57 4.60 -0.22
C5 TLN C 1 8.28 3.33 0.19
C5M TLN C 1 8.04 3.00 1.65
C4 TLN C 1 8.23 2.20 -0.89
O4 TLN C 1 7.91 1.05 -0.62
N3 TLN C 1 8.54 2.56 -2.17
C2 TLN C 1 8.89 3.83 -2.55
O2 TLN C 1 9.15 4.00 -3.75
C3' TLN C 1 7.65 7.83 -1.56
C2' TLN C 1 8.37 7.13 -2.72
O2' TLN C 1 9.08 8.21 -3.39
O3' TLN C 1 6.75 8.89 -1.97
C6' TLN C 1 9.53 9.09 -2.31
H5' TLN C 1 8.37 10.04 0.15
H5'' TLN C 1 8.53 8.52 1.05
H1' TLN C 1 10.29 6.10 -2.69
H6 TLN C 1 8.56 5.44 0.47
H71 TLN C 1 7.21 2.28 1.77
H72 TLN C 1 8.94 2.54 2.10
H73 TLN C 1 7.78 3.89 2.26
H3 TLN C 1 8.52 1.83 -2.88
H3' TLN C 1 7.14 7.13 -0.87
H2' TLN C 1 7.68 6.58 -3.37
H6'1 TLN C 1 9.09 10.09 -2.43
H6'2 TLN C 1 10.63 9.19 -2.32
HO5' TLN C 1 10.79 8.66 0.74
P LCG C 2 5.21 8.65 -2.45
OP1 LCG C 2 4.57 10.00 -2.78
O5' LCG C 2 5.18 7.69 -3.74
C5' LCG C 2 5.72 8.03 -5.04
C3' LCG C 2 4.37 6.08 -6.08
C6' LCG C 2 6.27 6.80 -7.33
N9 LCG C 2 5.52 3.78 -4.40
C8 LCG C 2 5.40 4.26 -3.11
C4 LCG C 2 5.15 2.45 -4.17
N7 LCG C 2 5.00 3.48 -2.08
C5 LCG C 2 4.83 2.32 -2.77
C6 LCG C 2 4.35 0.98 -2.18
C2' LCG C 2 5.08 4.89 -6.72
O6 LCG C 2 4.07 0.86 -0.99
C4' LCG C 2 5.75 6.75 -5.89
C1' LCG C 2 6.09 4.45 -5.62
C2 LCG C 2 4.61 0.13 -4.53
N1 LCG C 2 4.27 -0.05 -3.08
O4' LCG C 2 6.59 5.75 -5.24
OP2 LCG C 2 4.43 7.99 -1.31
N2 LCG C 2 4.49 -0.93 -5.44
N3 LCG C 2 5.02 1.27 -4.99
O2' LCG C 2 5.82 5.49 -7.82
O3' LCG C 2 3.51 6.84 -6.97
H5' LCG C 2 6.74 8.45 -4.93
H5'' LCG C 2 5.10 8.79 -5.52
H3' LCG C 2 3.84 5.83 -5.15
H6'1 LCG C 2 5.81 7.61 -7.91
H6'2 LCG C 2 7.37 6.89 -7.40
H8 LCG C 2 5.65 5.29 -2.90
H2' LCG C 2 4.41 4.07 -7.05
H1' LCG C 2 6.89 3.84 -6.06
H1 LCG C 2 3.95 -0.94 -2.67
H21 LCG C 2 4.18 -1.84 -5.09
H22 LCG C 2 4.73 -0.78 -6.43
P LCG C 3 1.93 6.55 -7.16
OP1 LCG C 3 1.32 7.62 -8.07
O5' LCG C 3 1.72 5.10 -7.82
C5' LCG C 3 2.16 4.71 -9.14
C3' LCG C 3 0.62 2.71 -9.02
C6' LCG C 3 2.42 2.49 -10.57
N9 LCG C 3 1.71 1.37 -6.50
C8 LCG C 3 1.77 2.42 -5.60
C4 LCG C 3 1.23 0.37 -5.64
N7 LCG C 3 1.43 2.27 -4.28
C5 LCG C 3 1.07 0.95 -4.34
C6 LCG C 3 0.66 0.09 -3.13
C2' LCG C 3 1.17 1.30 -9.03
O6 LCG C 3 0.55 0.57 -2.00
C4' LCG C 3 2.06 3.21 -9.25
C1' LCG C 3 2.24 1.32 -7.90
C2 LCG C 3 0.62 -1.79 -4.79
N1 LCG C 3 0.46 -1.23 -3.41
O4' LCG C 3 2.88 2.57 -8.23
OP2 LCG C 3 1.23 6.59 -5.80
N2 LCG C 3 0.42 -3.15 -5.05
N3 LCG C 3 0.97 -1.03 -5.78
O2' LCG C 3 1.85 1.18 -10.32
O3' LCG C 3 -0.28 3.01 -10.12
H5' LCG C 3 3.20 5.02 -9.32
H5'' LCG C 3 1.51 5.17 -9.90
H3' LCG C 3 0.21 3.04 -8.05
H6'1 LCG C 3 1.96 2.97 -11.45
H6'2 LCG C 3 3.52 2.43 -10.74
H8 LCG C 3 2.14 3.38 -5.92
H2' LCG C 3 0.38 0.57 -8.90
H1' LCG C 3 2.96 0.48 -8.00
H1 LCG C 3 0.19 -1.80 -2.58
H21 LCG C 3 0.15 -3.77 -4.26
H22 LCG C 3 0.53 -3.52 -6.00
P LCG C 4 -1.89 2.84 -10.06
OP1 LCG C 4 -2.51 3.43 -11.34
O5' LCG C 4 -2.30 1.29 -9.93
C5' LCG C 4 -1.90 0.26 -10.86
C3' LCG C 4 -3.50 -1.46 -9.74
C6' LCG C 4 -1.61 -2.39 -10.85
N9 LCG C 4 -2.55 -1.25 -6.82
C8 LCG C 4 -2.62 0.11 -6.58
C4 LCG C 4 -2.84 -1.72 -5.55
N7 LCG C 4 -2.88 0.61 -5.34
C5 LCG C 4 -2.99 -0.59 -4.67
C6 LCG C 4 -3.17 -0.77 -3.16
C2' LCG C 4 -2.94 -2.65 -8.96
O6 LCG C 4 -3.22 0.17 -2.38
C4' LCG C 4 -2.06 -1.10 -10.15
C1' LCG C 4 -1.95 -1.98 -7.99
C2 LCG C 4 -3.20 -3.23 -3.70
N1 LCG C 4 -3.27 -2.09 -2.75
O4' LCG C 4 -1.31 -1.06 -8.90
OP2 LCG C 4 -2.44 3.61 -8.85
N2 LCG C 4 -3.44 -4.55 -3.26
N3 LCG C 4 -2.96 -3.03 -4.96
O2' LCG C 4 -2.17 -3.39 -9.97
O3' LCG C 4 -4.36 -1.85 -10.84
H5' LCG C 4 -0.86 0.41 -11.18
H5'' LCG C 4 -2.53 0.31 -11.77
H3' LCG C 4 -3.98 -0.69 -9.10
H6'1 LCG C 4 -2.01 -2.49 -11.88
H6'2 LCG C 4 -0.51 -2.48 -10.91
H8 LCG C 4 -2.41 0.80 -7.37
H2' LCG C 4 -3.69 -3.27 -8.45
H1' LCG C 4 -1.20 -2.72 -7.62
H1 LCG C 4 -3.45 -2.19 -1.73
H21 LCG C 4 -3.67 -4.70 -2.27
H22 LCG C 4 -3.40 -5.31 -3.94
P TLN C 5 -5.97 -1.84 -10.73
OP1 TLN C 5 -6.58 -2.38 -12.03
OP2 TLN C 5 -6.45 -0.40 -10.52
O5' TLN C 5 -6.46 -2.74 -9.48
C5' TLN C 5 -6.35 -4.17 -9.42
C4' TLN C 5 -6.65 -4.63 -7.99
O4' TLN C 5 -5.70 -4.07 -7.03
C1' TLN C 5 -6.33 -4.13 -5.72
N1 TLN C 5 -6.51 -2.77 -5.12
C6 TLN C 5 -6.47 -1.57 -6.00
C5 TLN C 5 -6.58 -0.33 -5.47
C5M TLN C 5 -6.50 0.84 -6.41
C4 TLN C 5 -6.73 -0.20 -3.92
O4 TLN C 5 -6.80 0.89 -3.36
N3 TLN C 5 -6.77 -1.36 -3.20
C2 TLN C 5 -6.66 -2.61 -3.75
O2 TLN C 5 -6.67 -3.57 -2.98
C3' TLN C 5 -8.04 -4.28 -7.40
C2' TLN C 5 -7.62 -4.91 -6.09
O2' TLN C 5 -7.22 -6.27 -6.46
O3' TLN C 5 -9.15 -4.92 -8.03
C6' TLN C 5 -6.61 -6.14 -7.77
H5' TLN C 5 -5.35 -4.51 -9.73
H5'' TLN C 5 -7.07 -4.64 -10.13
H1' TLN C 5 -5.69 -4.75 -5.06
H6 TLN C 5 -6.36 -1.68 -7.07
H71 TLN C 5 -5.46 1.01 -6.72
H72 TLN C 5 -7.08 0.64 -7.33
H73 TLN C 5 -6.90 1.76 -5.95
H3 TLN C 5 -6.85 -1.28 -2.19
H3' TLN C 5 -8.23 -3.19 -7.34
H2' TLN C 5 -8.40 -4.91 -5.29
HO3' TLN C 5 -9.91 -4.74 -7.47
H6'1 TLN C 5 -7.21 -6.64 -8.56
H6'2 TLN C 5 -5.57 -6.51 -7.79
O5' TLN D 1 9.13 -2.15 -10.27
C5' TLN D 1 7.79 -2.14 -9.80
C4' TLN D 1 7.47 -3.42 -9.01
O4' TLN D 1 8.35 -3.55 -7.85
C1' TLN D 1 7.73 -4.50 -6.95
N1 TLN D 1 7.48 -4.00 -5.55
C6 TLN D 1 7.61 -2.55 -5.26
C5 TLN D 1 7.54 -2.10 -3.98
C5M TLN D 1 7.82 -0.65 -3.65
C4 TLN D 1 7.22 -3.13 -2.85
O4 TLN D 1 7.06 -2.80 -1.68
N3 TLN D 1 7.08 -4.44 -3.24
C2 TLN D 1 7.22 -4.88 -4.52
O2 TLN D 1 7.07 -6.10 -4.71
C3' TLN D 1 6.06 -3.49 -8.40
C2' TLN D 1 6.46 -4.82 -7.77
O2' TLN D 1 6.86 -5.65 -8.89
O3' TLN D 1 5.00 -3.59 -9.38
C6' TLN D 1 7.53 -4.74 -9.80
H5' TLN D 1 7.10 -2.02 -10.66
H5'' TLN D 1 7.63 -1.24 -9.16
H1' TLN D 1 8.36 -5.40 -6.89
H6 TLN D 1 7.77 -1.88 -6.10
H71 TLN D 1 7.68 0.02 -4.51
H72 TLN D 1 7.15 -0.29 -2.85
H73 TLN D 1 8.86 -0.52 -3.29
H3 TLN D 1 6.87 -5.12 -2.50
H3' TLN D 1 5.85 -2.71 -7.65
H2' TLN D 1 5.66 -5.25 -7.16
H6'1 TLN D 1 7.00 -4.69 -10.77
H6'2 TLN D 1 8.57 -5.08 -10.01
HO5' TLN D 1 9.68 -2.22 -9.50
P LCG D 2 3.43 -3.58 -9.01
OP1 LCG D 2 2.59 -3.66 -10.30
O5' LCG D 2 3.07 -4.85 -8.06
C5' LCG D 2 3.20 -6.23 -8.44
C3' LCG D 2 1.76 -6.91 -6.41
C6' LCG D 2 3.17 -8.62 -7.27
N9 LCG D 2 3.48 -5.68 -4.16
C8 LCG D 2 3.65 -4.39 -4.65
C4 LCG D 2 3.32 -5.40 -2.81
N7 LCG D 2 3.63 -3.31 -3.81
C5 LCG D 2 3.41 -3.98 -2.65
C6 LCG D 2 3.28 -3.33 -1.25
C2' LCG D 2 2.34 -7.74 -5.27
O6 LCG D 2 3.38 -2.12 -1.09
C4' LCG D 2 3.08 -7.08 -7.17
C1' LCG D 2 3.65 -6.99 -4.91
C2 LCG D 2 2.94 -5.69 -0.45
N1 LCG D 2 3.06 -4.21 -0.22
O4' LCG D 2 4.13 -6.72 -6.24
OP2 LCG D 2 3.07 -2.29 -8.27
N2 LCG D 2 2.65 -6.56 0.61
N3 LCG D 2 3.08 -6.19 -1.64
O2' LCG D 2 2.71 -9.00 -5.94
O3' LCG D 2 0.62 -7.51 -7.09
H5' LCG D 2 4.15 -6.41 -8.95
H5'' LCG D 2 2.40 -6.50 -9.16
H3' LCG D 2 1.53 -5.86 -6.11
H6'1 LCG D 2 2.52 -9.03 -8.06
H6'2 LCG D 2 4.20 -8.98 -7.46
H8 LCG D 2 3.85 -4.22 -5.69
H2' LCG D 2 1.67 -7.90 -4.41
H1' LCG D 2 4.35 -7.64 -4.38
H1 LCG D 2 2.98 -3.75 0.70
H21 LCG D 2 2.54 -6.15 1.55
H22 LCG D 2 2.56 -7.56 0.43
P LCG D 3 -0.92 -7.25 -6.69
OP1 LCG D 3 -1.83 -7.94 -7.70
O5' LCG D 3 -1.20 -7.85 -5.22
C5' LCG D 3 -1.12 -9.24 -4.86
C3' LCG D 3 -2.40 -8.72 -2.73
C6' LCG D 3 -1.08 -10.72 -2.65
N9 LCG D 3 -0.52 -6.62 -1.51
C8 LCG D 3 -0.31 -5.75 -2.56
C4 LCG D 3 -0.61 -5.70 -0.47
N7 LCG D 3 -0.23 -4.41 -2.38
C5 LCG D 3 -0.43 -4.39 -1.03
C6 LCG D 3 -0.38 -3.14 -0.13
C2' LCG D 3 -1.75 -8.90 -1.37
O6 LCG D 3 -0.21 -2.01 -0.59
C4' LCG D 3 -1.13 -9.34 -3.34
C1' LCG D 3 -0.41 -8.13 -1.50
C2 LCG D 3 -0.74 -4.77 1.75
N1 LCG D 3 -0.53 -3.39 1.21
O4' LCG D 3 -0.01 -8.60 -2.79
OP2 LCG D 3 -1.21 -5.75 -6.68
N2 LCG D 3 -0.96 -4.99 3.11
N3 LCG D 3 -0.76 -5.80 0.95
O2' LCG D 3 -1.46 -10.33 -1.30
O3' LCG D 3 -3.59 -9.51 -2.94
H5' LCG D 3 -0.21 -9.71 -5.24
H5'' LCG D 3 -2.00 -9.79 -5.25
H3' LCG D 3 -2.55 -7.67 -3.03
H6'1 LCG D 3 -1.81 -11.43 -3.08
H6'2 LCG D 3 -0.08 -11.18 -2.69
H8 LCG D 3 -0.16 -6.15 -3.56
H2' LCG D 3 -2.40 -8.56 -0.58
H1' LCG D 3 0.31 -8.44 -0.72
H1 LCG D 3 -0.48 -2.54 1.79
H21 LCG D 3 -0.95 -4.17 3.75
H22 LCG D 3 -1.10 -5.94 3.46
P LCG D 4 -5.10 -9.03 -2.57
OP1 LCG D 4 -6.10 -10.07 -3.08
O5' LCG D 4 -5.27 -8.87 -0.97
C5' LCG D 4 -5.08 -9.92 0.00
C3' LCG D 4 -6.09 -8.40 1.85
C6' LCG D 4 -4.60 -10.08 2.63
N9 LCG D 4 -4.29 -5.95 1.50
C8 LCG D 4 -4.27 -5.68 0.13
C4 LCG D 4 -4.28 -4.65 1.98
N7 LCG D 4 -4.20 -4.40 -0.35
C5 LCG D 4 -4.18 -3.75 0.85
C6 LCG D 4 -3.98 -2.24 1.07
C2' LCG D 4 -5.22 -7.86 2.98
O6 LCG D 4 -3.81 -1.46 0.13
C4' LCG D 4 -4.89 -9.24 1.37
C1' LCG D 4 -4.02 -7.25 2.22
C2 LCG D 4 -4.20 -2.79 3.51
N1 LCG D 4 -3.97 -1.83 2.37
O4' LCG D 4 -3.78 -8.30 1.28
OP2 LCG D 4 -5.37 -7.69 -3.24
N2 LCG D 4 -4.34 -2.34 4.83
N3 LCG D 4 -4.29 -4.06 3.29
O2' LCG D 4 -4.77 -9.06 3.67
O3' LCG D 4 -7.23 -9.13 2.35
H5' LCG D 4 -4.19 -10.53 -0.26
H5'' LCG D 4 -5.94 -10.61 0.00
H3' LCG D 4 -6.40 -7.62 1.12
H6'1 LCG D 4 -5.32 -10.91 2.77
H6'2 LCG D 4 -3.58 -10.49 2.64
H8 LCG D 4 -4.23 -6.49 -0.58
H2' LCG D 4 -5.73 -7.14 3.65
H1' LCG D 4 -3.15 -7.13 2.88
H1 LCG D 4 -3.78 -0.82 2.49
H21 LCG D 4 -4.22 -1.33 5.01
H22 LCG D 4 -4.50 -3.02 5.58
P TLN D 5 -8.56 -9.49 1.49
OP1 TLN D 5 -8.72 -11.01 1.43
OP2 TLN D 5 -8.46 -8.92 0.07
O5' TLN D 5 -9.85 -8.84 2.24
C5' TLN D 5 -10.04 -8.88 3.66
C4' TLN D 5 -9.78 -7.50 4.28
O4' TLN D 5 -8.44 -7.00 4.01
C1' TLN D 5 -8.47 -5.56 4.26
N1 TLN D 5 -8.15 -4.76 3.02
C6 TLN D 5 -8.24 -5.39 1.69
C5 TLN D 5 -8.01 -4.68 0.57
C5M TLN D 5 -8.09 -5.36 -0.77
C4 TLN D 5 -7.64 -3.17 0.72
O4 TLN D 5 -7.39 -2.45 -0.24
N3 TLN D 5 -7.59 -2.67 1.99
C2 TLN D 5 -7.82 -3.41 3.12
O2 TLN D 5 -7.74 -2.83 4.20
C3' TLN D 5 -10.71 -6.34 3.86
C2' TLN D 5 -9.93 -5.41 4.78
O2' TLN D 5 -9.99 -6.05 6.08
O3' TLN D 5 -12.09 -6.49 4.24
C6' TLN D 5 -9.95 -7.47 5.80
H5' TLN D 5 -9.37 -9.64 4.14
H5'' TLN D 5 -11.07 -9.22 3.89
H1' TLN D 5 -7.75 -5.31 5.05
H6 TLN D 5 -8.52 -6.45 1.62
H71 TLN D 5 -8.52 -4.69 -1.52
H72 TLN D 5 -7.08 -5.68 -1.09
H73 TLN D 5 -8.72 -6.27 -0.73
H3 TLN D 5 -7.35 -1.68 2.11
H3' TLN D 5 -10.64 -6.09 2.78
H2' TLN D 5 -10.29 -4.37 4.81
HO3' TLN D 5 -12.50 -5.65 4.05
H6'1 TLN D 5 -10.90 -7.96 6.08
H6'2 TLN D 5 -9.11 -7.98 6.31
O5' TLN A 1 6.70 -0.93 12.23
C5' TLN A 1 5.59 -0.43 11.49
C4' TLN A 1 6.01 0.82 10.69
O4' TLN A 1 7.08 0.51 9.74
C1' TLN A 1 7.09 1.58 8.75
N1 TLN A 1 6.94 1.13 7.33
C6 TLN A 1 6.52 -0.25 7.03
C5 TLN A 1 6.53 -0.72 5.76
C5M TLN A 1 6.25 -2.17 5.44
C4 TLN A 1 6.89 0.28 4.61
O4 TLN A 1 6.86 -0.03 3.42
N3 TLN A 1 7.23 1.54 4.99
C2 TLN A 1 7.27 1.99 6.28
O2 TLN A 1 7.62 3.16 6.47
C3' TLN A 1 4.91 1.41 9.80
C2' TLN A 1 5.93 2.44 9.30
O2' TLN A 1 6.39 3.10 10.51
O3' TLN A 1 3.81 2.00 10.55
C6' TLN A 1 6.44 2.05 11.52
H5' TLN A 1 4.77 -0.19 12.18
H5'' TLN A 1 5.22 -1.22 10.81
H1' TLN A 1 8.04 2.14 8.85
H6 TLN A 1 6.21 -0.88 7.87
H71 TLN A 1 5.69 -2.29 4.50
H72 TLN A 1 7.20 -2.74 5.33
H73 TLN A 1 5.65 -2.67 6.23
H3 TLN A 1 7.48 2.22 4.25
H3' TLN A 1 4.54 0.75 9.01
H2' TLN A 1 5.52 3.11 8.55
H6'1 TLN A 1 5.75 2.28 12.35
H6'2 TLN A 1 7.46 1.95 11.94
HO5' TLN A 1 7.38 -1.13 11.58
P LCG A 2 2.48 2.62 9.85
OP1 LCG A 2 1.52 3.11 10.94
O5' LCG A 2 2.87 3.86 8.88
C5' LCG A 2 3.47 5.09 9.33
C3' LCG A 2 2.88 6.18 7.05
C6' LCG A 2 4.68 7.21 8.24
N9 LCG A 2 4.34 4.23 5.17
C8 LCG A 2 3.88 3.00 5.63
C4 LCG A 2 4.37 3.96 3.81
N7 LCG A 2 3.60 1.97 4.78
C5 LCG A 2 3.91 2.61 3.62
C6 LCG A 2 3.86 1.98 2.22
C2' LCG A 2 3.97 6.64 6.09
O6 LCG A 2 3.50 0.82 2.03
C4' LCG A 2 3.98 5.84 8.08
C1' LCG A 2 4.88 5.39 5.98
C2 LCG A 2 4.71 4.21 1.43
N1 LCG A 2 4.27 2.80 1.19
O4' LCG A 2 4.94 5.02 7.36
OP2 LCG A 2 1.79 1.54 9.02
N2 LCG A 2 5.11 5.04 0.37
N3 LCG A 2 4.75 4.70 2.64
O2' LCG A 2 4.68 7.66 6.85
O3' LCG A 2 1.98 7.23 7.50
H5' LCG A 2 4.31 4.89 10.02
H5'' LCG A 2 2.73 5.70 9.87
H3' LCG A 2 2.31 5.29 6.68
H6'1 LCG A 2 4.10 7.89 8.88
H6'2 LCG A 2 5.70 7.12 8.64
H8 LCG A 2 3.78 2.83 6.69
H2' LCG A 2 3.60 7.00 5.11
H1' LCG A 2 5.88 5.66 5.61
H1 LCG A 2 4.23 2.36 0.26
H21 LCG A 2 5.09 4.66 -0.58
H22 LCG A 2 5.40 6.01 0.57
P LCG A 3 0.58 7.59 6.77
OP1 LCG A 3 -0.14 8.66 7.57
O5' LCG A 3 0.87 8.11 5.28
C5' LCG A 3 1.59 9.33 4.97
C3' LCG A 3 0.67 9.24 2.61
C6' LCG A 3 2.68 10.49 2.85
N9 LCG A 3 1.70 6.49 1.68
C8 LCG A 3 1.17 5.71 2.69
C4 LCG A 3 1.57 5.60 0.62
N7 LCG A 3 0.73 4.43 2.46
C5 LCG A 3 1.01 4.38 1.13
C6 LCG A 3 0.83 3.15 0.21
C2' LCG A 3 1.58 9.06 1.41
O6 LCG A 3 0.39 2.07 0.63
C4' LCG A 3 1.93 9.31 3.47
C1' LCG A 3 2.42 7.80 1.77
C2 LCG A 3 1.73 4.65 -1.58
N1 LCG A 3 1.20 3.34 -1.09
O4' LCG A 3 2.70 8.12 3.16
OP2 LCG A 3 -0.29 6.33 6.69
N2 LCG A 3 2.01 4.84 -2.95
N3 LCG A 3 1.91 5.64 -0.78
O2' LCG A 3 2.46 10.22 1.44
O3' LCG A 3 -0.11 10.47 2.58
H5' LCG A 3 2.52 9.41 5.53
H5'' LCG A 3 0.95 10.21 5.17
H3' LCG A 3 0.03 8.36 2.85
H6'1 LCG A 3 2.25 11.48 3.13
H6'2 LCG A 3 3.76 10.50 3.10
H8 LCG A 3 1.13 6.08 3.70
H2' LCG A 3 1.01 8.97 0.49
H1' LCG A 3 3.36 7.76 1.19
H1 LCG A 3 1.06 2.51 -1.68
H21 LCG A 3 1.84 4.07 -3.60
H22 LCG A 3 2.35 5.76 -3.26
P LCG A 4 -1.57 10.59 1.89
OP1 LCG A 4 -2.14 11.99 2.16
O5' LCG A 4 -1.47 10.35 0.30
C5' LCG A 4 -0.74 11.19 -0.62
C3' LCG A 4 -1.91 9.99 -2.60
C6' LCG A 4 0.14 11.07 -3.13
N9 LCG A 4 -1.09 7.10 -2.07
C8 LCG A 4 -1.47 6.91 -0.75
C4 LCG A 4 -1.46 5.87 -2.59
N7 LCG A 4 -2.00 5.72 -0.31
C5 LCG A 4 -1.96 5.06 -1.51
C6 LCG A 4 -2.35 3.58 -1.75
C2' LCG A 4 -1.12 9.17 -3.60
O6 LCG A 4 -2.74 2.84 -0.83
C4' LCG A 4 -0.60 10.42 -1.94
C1' LCG A 4 -0.31 8.22 -2.69
C2 LCG A 4 -1.78 4.06 -4.14
N1 LCG A 4 -2.23 3.15 -3.04
O4' LCG A 4 0.11 9.17 -1.68
OP2 LCG A 4 -2.51 9.55 2.50
N2 LCG A 4 -1.77 3.63 -5.48
N3 LCG A 4 -1.41 5.28 -3.90
O2' LCG A 4 -0.19 10.14 -4.19
O3' LCG A 4 -2.68 11.03 -3.25
H5' LCG A 4 0.25 11.45 -0.21
H5'' LCG A 4 -1.29 12.14 -0.77
H3' LCG A 4 -2.57 9.38 -1.95
H6'1 LCG A 4 -0.24 12.09 -3.36
H6'2 LCG A 4 1.23 11.13 -2.97
H8 LCG A 4 -1.30 7.68 -0.02
H2' LCG A 4 -1.72 8.64 -4.36
H1' LCG A 4 0.58 7.81 -3.21
H1 LCG A 4 -2.47 2.15 -3.17
H21 LCG A 4 -2.04 2.66 -5.69
H22 LCG A 4 -1.47 4.28 -6.22
P TLN A 5 -3.88 11.88 -2.56
OP1 TLN A 5 -3.43 13.33 -2.37
OP2 TLN A 5 -4.24 11.28 -1.19
O5' TLN A 5 -5.18 11.83 -3.52
C5' TLN A 5 -5.11 12.01 -4.94
C4' TLN A 5 -5.24 10.65 -5.67
O4' TLN A 5 -4.19 9.70 -5.29
C1' TLN A 5 -4.65 8.38 -5.70
N1 TLN A 5 -4.81 7.43 -4.56
C6 TLN A 5 -4.92 7.95 -3.18
C5 TLN A 5 -5.14 7.10 -2.15
C5M TLN A 5 -5.27 7.65 -0.75
C4 TLN A 5 -5.29 5.57 -2.46
O4 TLN A 5 -5.49 4.74 -1.59
N3 TLN A 5 -5.17 5.20 -3.76
C2 TLN A 5 -4.93 6.06 -4.80
O2 TLN A 5 -4.84 5.57 -5.93
C3' TLN A 5 -6.54 9.86 -5.51
C2' TLN A 5 -5.98 8.77 -6.42
O2' TLN A 5 -5.63 9.49 -7.63
O3' TLN A 5 -7.71 10.49 -6.02
C6' TLN A 5 -5.16 10.79 -7.20
H5' TLN A 5 -4.16 12.51 -5.23
H5'' TLN A 5 -5.91 12.69 -5.27
H1' TLN A 5 -3.94 7.97 -6.43
H6 TLN A 5 -4.86 9.02 -3.00
H71 TLN A 5 -6.33 7.75 -0.47
H72 TLN A 5 -4.77 6.99 -0.02
H73 TLN A 5 -4.80 8.65 -0.65
H3 TLN A 5 -5.26 4.20 -3.98
H3' TLN A 5 -6.73 9.54 -4.46
H2' TLN A 5 -6.66 7.92 -6.61
HO3' TLN A 5 -8.41 9.83 -5.99
H6'1 TLN A 5 -5.84 11.58 -7.52
H6'2 TLN A 5 -4.14 11.00 -7.52
O5' TLN B 1 5.79 -12.67 1.72
C5' TLN B 1 4.62 -11.84 1.79
C4' TLN B 1 4.63 -10.99 3.07
O4' TLN B 1 5.81 -10.12 3.12
C1' TLN B 1 5.51 -9.07 4.08
N1 TLN B 1 5.63 -7.67 3.55
C6 TLN B 1 5.70 -7.43 2.09
C5 TLN B 1 5.95 -6.19 1.60
C5M TLN B 1 6.18 -5.95 0.13
C4 TLN B 1 6.06 -5.01 2.62
O4 TLN B 1 6.22 -3.85 2.28
N3 TLN B 1 5.94 -5.34 3.95
C2 TLN B 1 5.73 -6.60 4.43
O2 TLN B 1 5.66 -6.73 5.65
C3' TLN B 1 3.46 -10.03 3.21
C2' TLN B 1 4.09 -9.51 4.51
O2' TLN B 1 4.22 -10.70 5.33
O3' TLN B 1 2.18 -10.67 3.40
C6' TLN B 1 4.56 -11.77 4.42
H5' TLN B 1 3.72 -12.49 1.75
H5'' TLN B 1 4.60 -11.20 0.89
H1' TLN B 1 6.20 -9.18 4.93
H6 TLN B 1 5.56 -8.30 1.43
H71 TLN B 1 5.74 -4.99 -0.20
H72 TLN B 1 7.26 -5.92 -0.11
H73 TLN B 1 5.72 -6.73 -0.51
H3 TLN B 1 6.01 -4.56 4.63
H3' TLN B 1 3.39 -9.25 2.42
H2' TLN B 1 3.52 -8.71 4.97
H6'1 TLN B 1 3.79 -12.55 4.42
H6'2 TLN B 1 5.52 -12.24 4.68
HO5' TLN B 1 6.54 -12.07 1.75
P LCG B 2 0.76 -9.88 3.49
OP1 LCG B 2 -0.38 -10.88 3.66
O5' LCG B 2 0.77 -8.87 4.75
C5' LCG B 2 0.88 -9.27 6.13
C3' LCG B 2 0.09 -6.92 6.86
C6' LCG B 2 1.31 -8.15 8.50
N9 LCG B 2 2.29 -5.23 5.54
C8 LCG B 2 2.26 -5.72 4.23
C4 LCG B 2 2.49 -3.88 5.25
N7 LCG B 2 2.43 -4.91 3.14
C5 LCG B 2 2.57 -3.73 3.83
C6 LCG B 2 2.83 -2.36 3.19
C2' LCG B 2 1.00 -5.99 7.66
O6 LCG B 2 2.90 -2.20 1.97
C4' LCG B 2 1.16 -8.02 6.98
C1' LCG B 2 2.32 -6.00 6.82
C2 LCG B 2 2.88 -1.52 5.56
N1 LCG B 2 2.98 -1.32 4.08
O4' LCG B 2 2.41 -7.41 6.55
OP2 LCG B 2 0.55 -9.07 2.21
N2 LCG B 2 3.02 -0.46 6.46
N3 LCG B 2 2.66 -2.70 6.06
O2' LCG B 2 1.24 -6.75 8.89
O3' LCG B 2 -1.15 -7.27 7.53
H5' LCG B 2 1.68 -10.02 6.25
H5'' LCG B 2 -0.06 -9.75 6.46
H3' LCG B 2 -0.10 -6.58 5.83
H6'1 LCG B 2 0.49 -8.72 8.95
H6'2 LCG B 2 2.27 -8.62 8.81
H8 LCG B 2 2.16 -6.78 4.05
H2' LCG B 2 0.60 -4.99 7.84
H1' LCG B 2 3.17 -5.67 7.44
H1 LCG B 2 3.15 -0.41 3.64
H21 LCG B 2 3.20 0.48 6.08
H22 LCG B 2 2.94 -0.63 7.47
P LCG B 3 -2.51 -6.42 7.37
OP1 LCG B 3 -3.64 -7.11 8.15
O5' LCG B 3 -2.28 -4.93 7.94
C5' LCG B 3 -2.03 -4.61 9.32
C3' LCG B 3 -2.73 -2.22 8.87
C6' LCG B 3 -1.31 -2.51 10.77
N9 LCG B 3 -0.74 -1.44 6.67
C8 LCG B 3 -0.98 -2.45 5.77
C4 LCG B 3 -0.46 -0.40 5.77
N7 LCG B 3 -0.91 -2.26 4.41
C5 LCG B 3 -0.56 -0.94 4.44
C6 LCG B 3 -0.23 -0.06 3.21
C2' LCG B 3 -1.75 -1.07 9.01
O6 LCG B 3 -0.27 -0.51 2.07
C4' LCG B 3 -1.62 -3.14 9.41
C1' LCG B 3 -0.54 -1.52 8.16
C2 LCG B 3 0.15 1.76 4.90
N1 LCG B 3 0.12 1.23 3.50
O4' LCG B 3 -0.46 -2.90 8.57
OP2 LCG B 3 -2.91 -6.33 5.89
N2 LCG B 3 0.41 3.11 5.16
N3 LCG B 3 -0.09 0.98 5.91
O2' LCG B 3 -1.36 -1.10 10.42
O3' LCG B 3 -3.89 -2.16 9.73
H5' LCG B 3 -1.20 -5.22 9.73
H5'' LCG B 3 -2.94 -4.76 9.93
H3' LCG B 3 -3.00 -2.47 7.83
H6'1 LCG B 3 -2.08 -2.75 11.54
H6'2 LCG B 3 -0.32 -2.80 11.17
H8 LCG B 3 -1.21 -3.44 6.13
H2' LCG B 3 -2.21 -0.12 8.72
H1' LCG B 3 0.39 -0.99 8.45
H1 LCG B 3 0.30 1.80 2.66
H21 LCG B 3 0.59 3.74 4.35
H22 LCG B 3 0.42 3.45 6.13
P LCG B 4 -5.27 -1.43 9.32
OP1 LCG B 4 -6.31 -1.65 10.42
O5' LCG B 4 -5.02 0.15 9.12
C5' LCG B 4 -4.61 1.06 10.16
C3' LCG B 4 -5.28 3.03 8.62
C6' LCG B 4 -3.75 3.56 10.37
N9 LCG B 4 -3.43 2.52 6.21
C8 LCG B 4 -3.70 1.19 5.91
C4 LCG B 4 -3.23 3.01 4.93
N7 LCG B 4 -3.67 0.73 4.63
C5 LCG B 4 -3.36 1.91 4.02
C6 LCG B 4 -3.13 2.10 2.50
C2' LCG B 4 -4.24 4.04 8.14
O6 LCG B 4 -3.22 1.17 1.71
C4' LCG B 4 -4.19 2.37 9.49
C1' LCG B 4 -3.13 3.13 7.55
C2 LCG B 4 -2.75 4.51 3.10
N1 LCG B 4 -2.83 3.39 2.12
O4' LCG B 4 -3.08 2.12 8.58
OP2 LCG B 4 -5.79 -2.03 8.01
N2 LCG B 4 -2.52 5.82 2.66
N3 LCG B 4 -2.92 4.30 4.37
O2' LCG B 4 -3.74 4.63 9.38
O3' LCG B 4 -6.36 3.60 9.37
H5' LCG B 4 -3.78 0.63 10.74
H5'' LCG B 4 -5.45 1.21 10.86
H3' LCG B 4 -5.65 2.36 7.82
H6'1 LCG B 4 -4.45 3.78 11.19
H6'2 LCG B 4 -2.75 3.42 10.81
H8 LCG B 4 -3.88 0.49 6.71
H2' LCG B 4 -4.63 4.78 7.43
H1' LCG B 4 -2.17 3.67 7.50
H1 LCG B 4 -2.72 3.50 1.10
H21 LCG B 4 -2.38 5.99 1.66
H22 LCG B 4 -2.49 6.59 3.34
P TLN B 5 -7.88 3.63 8.82
OP1 TLN B 5 -8.79 4.29 9.86
OP2 TLN B 5 -8.36 2.20 8.57
O5' TLN B 5 -7.94 4.46 7.44
C5' TLN B 5 -7.63 5.86 7.36
C4' TLN B 5 -7.38 6.25 5.90
O4' TLN B 5 -6.25 5.54 5.34
C1' TLN B 5 -6.40 5.60 3.89
N1 TLN B 5 -6.52 4.25 3.26
C6 TLN B 5 -6.84 3.08 4.11
C5 TLN B 5 -6.86 1.85 3.57
C5M TLN B 5 -7.14 0.67 4.47
C4 TLN B 5 -6.61 1.69 2.03
O4 TLN B 5 -6.60 0.60 1.47
N3 TLN B 5 -6.37 2.84 1.33
C2 TLN B 5 -6.32 4.09 1.90
O2 TLN B 5 -6.06 5.03 1.16
C3' TLN B 5 -8.53 6.01 4.90
C2' TLN B 5 -7.64 6.53 3.78
O2' TLN B 5 -7.24 7.86 4.24
O3' TLN B 5 -9.71 6.79 5.12
C6' TLN B 5 -7.11 7.74 5.69
H5' TLN B 5 -6.75 6.11 7.97
H5'' TLN B 5 -8.47 6.47 7.78
H1' TLN B 5 -5.50 6.12 3.47
H6 TLN B 5 -7.04 3.21 5.17
H71 TLN B 5 -6.66 -0.25 4.10
H72 TLN B 5 -6.75 0.85 5.49
H73 TLN B 5 -8.23 0.50 4.56
H3 TLN B 5 -6.19 2.76 0.33
H3' TLN B 5 -8.81 4.94 4.79
H2' TLN B 5 -8.10 6.56 2.78
HO3' TLN B 5 -10.26 6.65 4.34
H6'1 TLN B 5 -7.87 8.33 6.21
H6'2 TLN B 5 -6.10 8.00 6.04
O5' TLN C 1 8.82 10.08 -0.02
C5' TLN C 1 9.50 8.83 0.12
C4' TLN C 1 9.43 7.98 -1.17
O4' TLN C 1 10.08 6.69 -0.96
C1' TLN C 1 9.62 5.81 -2.02
N1 TLN C 1 8.99 4.53 -1.54
C6 TLN C 1 8.60 4.38 -0.12
C5 TLN C 1 8.17 3.18 0.34
C5M TLN C 1 7.89 2.96 1.81
C4 TLN C 1 8.01 2.00 -0.67
O4 TLN C 1 7.56 0.91 -0.35
N3 TLN C 1 8.37 2.26 -1.96
C2 TLN C 1 8.85 3.45 -2.42
O2 TLN C 1 9.14 3.52 -3.61
C3' TLN C 1 8.02 7.59 -1.65
C2' TLN C 1 8.68 6.78 -2.77
O2' TLN C 1 9.50 7.75 -3.47
O3' TLN C 1 7.23 8.70 -2.13
C6' TLN C 1 10.03 8.62 -2.45
H5' TLN C 1 9.06 8.27 0.96
H5'' TLN C 1 10.56 9.01 0.40
H1' TLN C 1 10.48 5.56 -2.67
H6 TLN C 1 8.67 5.25 0.51
H71 TLN C 1 7.66 3.90 2.36
H72 TLN C 1 7.04 2.28 1.98
H73 TLN C 1 8.76 2.50 2.32
H3 TLN C 1 8.27 1.49 -2.65
H3' TLN C 1 7.45 6.97 -0.93
H2' TLN C 1 7.95 6.26 -3.40
H6'1 TLN C 1 9.69 9.66 -2.61
H6'2 TLN C 1 11.13 8.62 -2.44
HO5' TLN C 1 7.91 9.86 -0.24
P LCG C 2 5.68 8.57 -2.60
OP1 LCG C 2 5.15 9.95 -2.99
O5' LCG C 2 5.57 7.57 -3.87
C5' LCG C 2 6.17 7.81 -5.16
C3' LCG C 2 4.68 5.96 -6.18
C6' LCG C 2 6.67 6.46 -7.39
N9 LCG C 2 5.55 3.59 -4.43
C8 LCG C 2 5.39 4.12 -3.16
C4 LCG C 2 5.11 2.29 -4.19
N7 LCG C 2 4.92 3.37 -2.12
C5 LCG C 2 4.75 2.20 -2.79
C6 LCG C 2 4.25 0.87 -2.19
C2' LCG C 2 5.28 4.69 -6.76
O6 LCG C 2 3.95 0.77 -1.00
C4' LCG C 2 6.11 6.49 -5.96
C1' LCG C 2 6.22 4.19 -5.63
C2 LCG C 2 4.56 -0.03 -4.51
N1 LCG C 2 4.18 -0.18 -3.07
O4' LCG C 2 6.82 5.45 -5.26
OP2 LCG C 2 4.84 8.01 -1.45
N2 LCG C 2 4.48 -1.12 -5.40
N3 LCG C 2 4.98 1.09 -4.98
O2' LCG C 2 6.12 5.19 -7.86
O3' LCG C 2 3.91 6.77 -7.11
H5' LCG C 2 7.23 8.15 -5.04
H5'' LCG C 2 5.64 8.61 -5.68
H3' LCG C 2 4.12 5.79 -5.24
H6'1 LCG C 2 6.31 7.31 -8.01
H6'2 LCG C 2 7.78 6.46 -7.43
H8 LCG C 2 5.68 5.14 -2.97
H2' LCG C 2 4.56 3.94 -7.09
H1' LCG C 2 6.98 3.50 -6.03
H1 LCG C 2 3.86 -1.07 -2.64
H21 LCG C 2 4.15 -2.03 -5.04
H22 LCG C 2 4.73 -0.98 -6.39
P LCG C 3 2.33 6.57 -7.36
OP1 LCG C 3 1.83 7.61 -8.36
O5' LCG C 3 2.05 5.09 -7.93
C5' LCG C 3 2.49 4.60 -9.22
C3' LCG C 3 0.76 2.76 -9.08
C6' LCG C 3 2.58 2.32 -10.57
N9 LCG C 3 1.64 1.33 -6.51
C8 LCG C 3 1.60 2.41 -5.64
C4 LCG C 3 1.23 0.33 -5.62
N7 LCG C 3 1.26 2.27 -4.33
C5 LCG C 3 1.03 0.92 -4.34
C6 LCG C 3 0.65 0.07 -3.11
C2' LCG C 3 1.16 1.30 -9.05
O6 LCG C 3 0.52 0.56 -1.99
C4' LCG C 3 2.24 3.10 -9.28
C1' LCG C 3 2.20 1.25 -7.89
C2 LCG C 3 0.65 -1.84 -4.75
N1 LCG C 3 0.50 -1.27 -3.37
O4' LCG C 3 2.95 2.44 -8.20
OP2 LCG C 3 1.57 6.73 -6.04
N2 LCG C 3 0.39 -3.20 -5.00
N3 LCG C 3 1.02 -1.09 -5.73
O2' LCG C 3 1.86 1.09 -10.31
O3' LCG C 3 -0.07 3.13 -10.21
H5' LCG C 3 3.55 4.80 -9.38
H5'' LCG C 3 1.90 5.09 -10.03
H3' LCG C 3 0.36 3.15 -8.13
H6'1 LCG C 3 2.20 2.81 -11.48
H6'2 LCG C 3 3.66 2.14 -10.69
H8 LCG C 3 1.92 3.38 -5.99
H2' LCG C 3 0.30 0.65 -8.93
H1' LCG C 3 2.86 0.35 -7.97
H1 LCG C 3 0.21 -1.82 -2.54
H21 LCG C 3 0.09 -3.79 -4.22
H22 LCG C 3 0.50 -3.55 -5.95
P LCG C 4 -1.69 3.06 -10.18
OP1 LCG C 4 -2.24 3.64 -11.49
O5' LCG C 4 -2.18 1.54 -10.01
C5' LCG C 4 -1.95 0.50 -10.97
C3' LCG C 4 -3.72 -0.93 -9.75
C6' LCG C 4 -2.19 -2.16 -11.10
N9 LCG C 4 -2.47 -1.12 -6.94
C8 LCG C 4 -2.24 0.21 -6.64
C4 LCG C 4 -2.82 -1.58 -5.67
N7 LCG C 4 -2.33 0.69 -5.36
C5 LCG C 4 -2.70 -0.48 -4.76
C6 LCG C 4 -2.95 -0.67 -3.25
C2' LCG C 4 -3.36 -2.25 -9.09
O6 LCG C 4 -2.83 0.27 -2.45
C4' LCG C 4 -2.29 -0.85 -10.29
C1' LCG C 4 -2.15 -1.87 -8.20
C2 LCG C 4 -3.47 -3.04 -3.87
N1 LCG C 4 -3.31 -1.94 -2.88
O4' LCG C 4 -1.43 -1.03 -9.13
OP2 LCG C 4 -2.21 3.90 -9.00
N2 LCG C 4 -3.91 -4.31 -3.45
N3 LCG C 4 -3.21 -2.85 -5.13
O2' LCG C 4 -2.87 -3.08 -10.20
O3' LCG C 4 -4.74 -1.05 -10.77
H5' LCG C 4 -0.90 0.51 -11.31
H5'' LCG C 4 -2.58 0.66 -11.86
H3' LCG C 4 -3.96 -0.13 -9.03
H6'1 LCG C 4 -2.70 -2.10 -12.08
H6'2 LCG C 4 -1.14 -2.46 -11.28
H8 LCG C 4 -1.91 0.89 -7.42
H2' LCG C 4 -4.17 -2.74 -8.53
H1' LCG C 4 -1.54 -2.76 -7.95
H1 LCG C 4 -3.52 -2.03 -1.87
H21 LCG C 4 -4.11 -4.46 -2.46
H22 LCG C 4 -4.02 -5.06 -4.15
P TLN C 5 -6.22 -0.42 -10.59
OP1 TLN C 5 -7.04 -0.70 -11.85
OP2 TLN C 5 -6.11 1.09 -10.37
O5' TLN C 5 -6.94 -1.09 -9.32
C5' TLN C 5 -7.27 -2.49 -9.25
C4' TLN C 5 -7.57 -2.87 -7.79
O4' TLN C 5 -6.41 -2.67 -6.93
C1' TLN C 5 -6.93 -2.60 -5.57
N1 TLN C 5 -6.64 -1.29 -4.92
C6 TLN C 5 -6.23 -0.13 -5.74
C5 TLN C 5 -5.87 1.03 -5.16
C5M TLN C 5 -5.41 2.17 -6.02
C4 TLN C 5 -5.97 1.14 -3.60
O4 TLN C 5 -5.64 2.15 -2.98
N3 TLN C 5 -6.39 0.03 -2.93
C2 TLN C 5 -6.72 -1.15 -3.53
O2 TLN C 5 -7.06 -2.09 -2.81
C3' TLN C 5 -8.71 -2.13 -7.09
C2' TLN C 5 -8.41 -2.93 -5.82
O2' TLN C 5 -8.50 -4.32 -6.25
O3' TLN C 5 -10.02 -2.37 -7.63
C6' TLN C 5 -7.98 -4.33 -7.60
H5' TLN C 5 -6.44 -3.12 -9.64
H5'' TLN C 5 -8.14 -2.71 -9.89
H1' TLN C 5 -6.46 -3.41 -4.97
H6 TLN C 5 -6.19 -0.22 -6.83
H71 TLN C 5 -4.69 2.82 -5.49
H72 TLN C 5 -4.89 1.80 -6.93
H73 TLN C 5 -6.27 2.78 -6.36
H3 TLN C 5 -6.46 0.08 -1.90
H3' TLN C 5 -8.54 -1.05 -6.99
H2' TLN C 5 -9.10 -2.72 -4.97
HO3' TLN C 5 -10.63 -1.97 -7.00
H6'1 TLN C 5 -8.76 -4.59 -8.33
H6'2 TLN C 5 -7.11 -5.00 -7.72
O5' TLN D 1 7.25 -2.34 -10.77
C5' TLN D 1 8.06 -2.50 -9.61
C4' TLN D 1 7.67 -3.76 -8.81
O4' TLN D 1 8.48 -3.87 -7.60
C1' TLN D 1 7.80 -4.78 -6.70
N1 TLN D 1 7.49 -4.22 -5.34
C6 TLN D 1 7.62 -2.77 -5.09
C5 TLN D 1 7.48 -2.27 -3.84
C5M TLN D 1 7.76 -0.81 -3.53
C4 TLN D 1 7.09 -3.26 -2.69
O4 TLN D 1 6.88 -2.89 -1.54
N3 TLN D 1 6.97 -4.57 -3.03
C2 TLN D 1 7.16 -5.08 -4.29
O2 TLN D 1 7.02 -6.29 -4.45
C3' TLN D 1 6.23 -3.80 -8.26
C2' TLN D 1 6.57 -5.12 -7.57
O2' TLN D 1 7.02 -5.98 -8.66
O3' TLN D 1 5.21 -3.93 -9.30
C6' TLN D 1 7.76 -5.12 -9.56
H5' TLN D 1 7.98 -1.60 -8.98
H5'' TLN D 1 9.12 -2.57 -9.93
H1' TLN D 1 8.43 -5.68 -6.58
H6 TLN D 1 7.83 -2.13 -5.94
H71 TLN D 1 7.63 -0.16 -4.42
H72 TLN D 1 7.09 -0.42 -2.76
H73 TLN D 1 8.80 -0.68 -3.16
H3 TLN D 1 6.71 -5.23 -2.29
H3' TLN D 1 5.97 -2.99 -7.55
H2' TLN D 1 5.74 -5.52 -6.99
H6'1 TLN D 1 7.28 -5.09 -10.55
H6'2 TLN D 1 8.80 -5.46 -9.68
HO5' TLN D 1 6.34 -2.27 -10.46
P LCG D 2 3.62 -3.90 -9.00
OP1 LCG D 2 2.85 -4.01 -10.32
O5' LCG D 2 3.20 -5.12 -8.03
C5' LCG D 2 3.33 -6.52 -8.37
C3' LCG D 2 1.79 -7.14 -6.38
C6' LCG D 2 3.24 -8.87 -7.12
N9 LCG D 2 3.39 -5.86 -4.09
C8 LCG D 2 3.59 -4.57 -4.58
C4 LCG D 2 3.18 -5.55 -2.75
N7 LCG D 2 3.55 -3.47 -3.78
C5 LCG D 2 3.28 -4.12 -2.59
C6 LCG D 2 3.14 -3.45 -1.22
C2' LCG D 2 2.31 -7.94 -5.19
O6 LCG D 2 3.24 -2.23 -1.07
C4' LCG D 2 3.15 -7.33 -7.07
C1' LCG D 2 3.59 -7.17 -4.79
C2 LCG D 2 2.78 -5.78 -0.39
N1 LCG D 2 2.90 -4.31 -0.17
O4' LCG D 2 4.15 -6.94 -6.09
OP2 LCG D 2 3.25 -2.58 -8.31
N2 LCG D 2 2.52 -6.65 0.69
N3 LCG D 2 2.92 -6.32 -1.56
O2' LCG D 2 2.72 -9.20 -5.81
O3' LCG D 2 0.69 -7.74 -7.09
H5' LCG D 2 4.32 -6.72 -8.82
H5'' LCG D 2 2.58 -6.80 -9.11
H3' LCG D 2 1.56 -6.08 -6.13
H6'1 LCG D 2 2.63 -9.30 -7.93
H6'2 LCG D 2 4.28 -9.23 -7.25
H8 LCG D 2 3.83 -4.43 -5.63
H2' LCG D 2 1.60 -8.07 -4.37
H1' LCG D 2 4.27 -7.81 -4.20
H1 LCG D 2 2.82 -3.84 0.74
H21 LCG D 2 2.41 -6.24 1.64
H22 LCG D 2 2.43 -7.66 0.52
P LCG D 3 -0.87 -7.46 -6.77
OP1 LCG D 3 -1.75 -8.20 -7.77
O5' LCG D 3 -1.20 -7.97 -5.27
C5' LCG D 3 -1.16 -9.35 -4.85
C3' LCG D 3 -2.53 -8.75 -2.80
C6' LCG D 3 -1.21 -10.73 -2.59
N9 LCG D 3 -0.73 -6.61 -1.50
C8 LCG D 3 -0.62 -5.73 -2.57
C4 LCG D 3 -0.74 -5.69 -0.46
N7 LCG D 3 -0.54 -4.38 -2.39
C5 LCG D 3 -0.62 -4.37 -1.03
C6 LCG D 3 -0.50 -3.13 -0.12
C2' LCG D 3 -1.94 -8.88 -1.40
O6 LCG D 3 -0.34 -2.00 -0.58
C4' LCG D 3 -1.24 -9.38 -3.33
C1' LCG D 3 -0.61 -8.11 -1.48
C2 LCG D 3 -0.77 -4.76 1.76
N1 LCG D 3 -0.58 -3.38 1.22
O4' LCG D 3 -0.15 -8.59 -2.76
OP2 LCG D 3 -1.14 -5.95 -6.86
N2 LCG D 3 -0.95 -4.98 3.13
N3 LCG D 3 -0.81 -5.78 0.98
O2' LCG D 3 -1.66 -10.30 -1.27
O3' LCG D 3 -3.72 -9.54 -3.03
H5' LCG D 3 -0.23 -9.83 -5.17
H5'' LCG D 3 -2.03 -9.89 -5.25
H3' LCG D 3 -2.66 -7.70 -3.15
H6'1 LCG D 3 -1.93 -11.45 -3.03
H6'2 LCG D 3 -0.22 -11.19 -2.55
H8 LCG D 3 -0.56 -6.12 -3.57
H2' LCG D 3 -2.64 -8.52 -0.65
H1' LCG D 3 0.08 -8.41 -0.68
H1 LCG D 3 -0.51 -2.53 1.80
H21 LCG D 3 -0.94 -4.16 3.77
H22 LCG D 3 -1.09 -5.94 3.48
P LCG D 4 -5.22 -9.02 -2.73
OP1 LCG D 4 -6.22 -10.08 -3.20
O5' LCG D 4 -5.42 -8.75 -1.15
C5' LCG D 4 -5.36 -9.76 -0.13
C3' LCG D 4 -6.38 -8.08 1.57
C6' LCG D 4 -5.14 -9.86 2.53
N9 LCG D 4 -4.36 -5.80 1.40
C8 LCG D 4 -4.28 -5.54 0.04
C4 LCG D 4 -4.32 -4.50 1.88
N7 LCG D 4 -4.16 -4.27 -0.45
C5 LCG D 4 -4.16 -3.62 0.75
C6 LCG D 4 -3.96 -2.10 0.97
C2' LCG D 4 -5.60 -7.59 2.78
O6 LCG D 4 -3.78 -1.32 0.02
C4' LCG D 4 -5.23 -9.04 1.23
C1' LCG D 4 -4.27 -7.11 2.14
C2 LCG D 4 -4.25 -2.63 3.39
N1 LCG D 4 -4.01 -1.68 2.27
O4' LCG D 4 -4.05 -8.20 1.22
OP2 LCG D 4 -5.48 -7.72 -3.49
N2 LCG D 4 -4.41 -2.17 4.72
N3 LCG D 4 -4.36 -3.90 3.18
O2' LCG D 4 -5.32 -8.83 3.53
O3' LCG D 4 -7.64 -8.69 1.96
H5' LCG D 4 -4.49 -10.41 -0.29
H5'' LCG D 4 -6.26 -10.40 -0.17
H3' LCG D 4 -6.55 -7.30 0.81
H6'1 LCG D 4 -5.93 -10.63 2.61
H6'2 LCG D 4 -4.16 -10.38 2.64
H8 LCG D 4 -4.27 -6.36 -0.67
H2' LCG D 4 -6.10 -6.83 3.39
H1' LCG D 4 -3.46 -7.07 2.88
H1 LCG D 4 -3.85 -0.66 2.39
H21 LCG D 4 -4.29 -1.16 4.90
H22 LCG D 4 -4.60 -2.85 5.46
P TLN D 5 -8.86 -9.01 0.95
OP1 TLN D 5 -9.02 -10.52 0.81
OP2 TLN D 5 -8.61 -8.38 -0.43
O5' TLN D 5 -10.23 -8.39 1.57
C5' TLN D 5 -10.58 -8.50 2.96
C4' TLN D 5 -10.32 -7.17 3.71
O4' TLN D 5 -8.93 -6.75 3.64
C1' TLN D 5 -8.90 -5.34 4.00
N1 TLN D 5 -8.38 -4.46 2.91
C6 TLN D 5 -8.35 -4.96 1.51
C5 TLN D 5 -7.95 -4.16 0.50
C5M TLN D 5 -7.93 -4.67 -0.91
C4 TLN D 5 -7.54 -2.69 0.85
O4 TLN D 5 -7.17 -1.87 0.00
N3 TLN D 5 -7.60 -2.33 2.16
C2 TLN D 5 -7.99 -3.15 3.18
O2 TLN D 5 -7.99 -2.69 4.33
C3' TLN D 5 -11.12 -5.94 3.27
C2' TLN D 5 -10.40 -5.12 4.35
O2' TLN D 5 -10.66 -5.86 5.58
O3' TLN D 5 -12.53 -6.01 3.47
C6' TLN D 5 -10.68 -7.25 5.19
H5' TLN D 5 -10.02 -9.33 3.45
H5'' TLN D 5 -11.64 -8.79 3.05
H1' TLN D 5 -8.28 -5.22 4.90
H6 TLN D 5 -8.68 -5.98 1.30
H71 TLN D 5 -8.84 -4.31 -1.45
H72 TLN D 5 -7.04 -4.33 -1.45
H73 TLN D 5 -7.94 -5.78 -0.95
H3 TLN D 5 -7.32 -1.37 2.41
H3' TLN D 5 -10.90 -5.61 2.24
H2' TLN D 5 -10.70 -4.06 4.42
HO3' TLN D 5 -12.87 -5.13 3.30
H6'1 TLN D 5 -11.68 -7.69 5.31
H6'2 TLN D 5 -9.94 -7.85 5.76
#